data_2LRI
#
_entry.id   2LRI
#
loop_
_entity.id
_entity.type
_entity.pdbx_description
1 polymer 'Autoimmune regulator'
2 non-polymer 'ZINC ION'
#
_entity_poly.entity_id   1
_entity_poly.type   'polypeptide(L)'
_entity_poly.pdbx_seq_one_letter_code
;GAMEGQQNLAPGARCGVCGDGTDVLRCTHCAAAFHWRCHFPAGTSRPGTGLRCRSCSGDVTPAPVE
;
_entity_poly.pdbx_strand_id   C
#
# COMPACT_ATOMS: atom_id res chain seq x y z
N GLY A 1 -11.96 0.52 -25.29
CA GLY A 1 -12.06 1.93 -25.74
C GLY A 1 -11.24 2.85 -24.85
N ALA A 2 -11.93 3.54 -23.95
CA ALA A 2 -11.27 4.45 -23.03
C ALA A 2 -12.02 4.48 -21.70
N MET A 3 -12.59 3.36 -21.31
CA MET A 3 -13.36 3.28 -20.08
C MET A 3 -13.23 1.88 -19.45
N GLU A 4 -12.07 1.29 -19.62
CA GLU A 4 -11.82 -0.03 -19.06
C GLU A 4 -11.33 0.11 -17.61
N GLY A 5 -10.94 1.32 -17.25
CA GLY A 5 -10.49 1.59 -15.90
C GLY A 5 -11.53 2.34 -15.10
N GLN A 6 -12.78 2.25 -15.50
CA GLN A 6 -13.87 2.91 -14.79
C GLN A 6 -14.01 2.34 -13.39
N GLN A 7 -13.94 1.02 -13.28
CA GLN A 7 -13.98 0.36 -12.00
C GLN A 7 -12.56 0.10 -11.51
N ASN A 8 -11.85 1.19 -11.23
CA ASN A 8 -10.49 1.11 -10.71
C ASN A 8 -10.53 1.01 -9.18
N LEU A 9 -11.73 0.80 -8.66
CA LEU A 9 -11.93 0.66 -7.23
C LEU A 9 -11.74 -0.80 -6.84
N ALA A 10 -10.53 -1.12 -6.39
CA ALA A 10 -10.17 -2.50 -6.06
C ALA A 10 -11.07 -3.08 -4.98
N PRO A 11 -11.60 -4.30 -5.20
CA PRO A 11 -12.49 -4.97 -4.24
C PRO A 11 -11.81 -5.22 -2.89
N GLY A 12 -12.21 -4.45 -1.89
CA GLY A 12 -11.65 -4.61 -0.56
C GLY A 12 -10.25 -4.04 -0.44
N ALA A 13 -9.88 -3.22 -1.40
CA ALA A 13 -8.55 -2.63 -1.41
C ALA A 13 -8.63 -1.15 -1.77
N ARG A 14 -8.58 -0.31 -0.75
CA ARG A 14 -8.62 1.13 -0.92
C ARG A 14 -7.63 1.78 0.03
N CYS A 15 -7.31 3.05 -0.24
CA CYS A 15 -6.45 3.80 0.65
C CYS A 15 -7.15 4.03 1.99
N GLY A 16 -6.72 3.31 3.01
CA GLY A 16 -7.37 3.38 4.31
C GLY A 16 -7.34 4.78 4.91
N VAL A 17 -6.39 5.59 4.45
CA VAL A 17 -6.27 6.96 4.92
C VAL A 17 -7.36 7.85 4.32
N CYS A 18 -7.76 7.54 3.08
CA CYS A 18 -8.72 8.37 2.36
C CYS A 18 -10.11 7.74 2.32
N GLY A 19 -10.16 6.43 2.16
CA GLY A 19 -11.44 5.74 2.00
C GLY A 19 -11.75 5.48 0.54
N ASP A 20 -11.05 6.18 -0.33
CA ASP A 20 -11.23 6.03 -1.76
C ASP A 20 -10.15 5.11 -2.34
N GLY A 21 -10.47 4.50 -3.47
CA GLY A 21 -9.51 3.67 -4.17
C GLY A 21 -9.21 4.23 -5.53
N THR A 22 -9.69 5.45 -5.77
CA THR A 22 -9.48 6.13 -7.03
C THR A 22 -8.00 6.42 -7.25
N ASP A 23 -7.45 5.84 -8.32
CA ASP A 23 -6.03 5.99 -8.65
C ASP A 23 -5.15 5.58 -7.49
N VAL A 24 -5.47 4.43 -6.92
CA VAL A 24 -4.75 3.94 -5.77
C VAL A 24 -3.55 3.10 -6.23
N LEU A 25 -2.43 3.23 -5.54
CA LEU A 25 -1.21 2.55 -5.96
C LEU A 25 -1.19 1.12 -5.43
N ARG A 26 -0.65 0.21 -6.22
CA ARG A 26 -0.55 -1.19 -5.84
C ARG A 26 0.88 -1.52 -5.46
N CYS A 27 1.05 -2.44 -4.51
CA CYS A 27 2.37 -2.90 -4.13
C CYS A 27 2.83 -3.97 -5.11
N THR A 28 4.13 -4.01 -5.36
CA THR A 28 4.70 -4.97 -6.30
C THR A 28 5.16 -6.25 -5.59
N HIS A 29 5.56 -6.12 -4.33
CA HIS A 29 6.05 -7.27 -3.56
C HIS A 29 4.90 -7.96 -2.84
N CYS A 30 3.78 -7.27 -2.70
CA CYS A 30 2.60 -7.84 -2.08
C CYS A 30 1.35 -7.19 -2.68
N ALA A 31 0.20 -7.50 -2.13
CA ALA A 31 -1.05 -6.95 -2.61
C ALA A 31 -1.54 -5.87 -1.65
N ALA A 32 -1.60 -4.63 -2.13
CA ALA A 32 -2.00 -3.52 -1.30
C ALA A 32 -2.52 -2.38 -2.16
N ALA A 33 -3.32 -1.52 -1.56
CA ALA A 33 -3.86 -0.35 -2.24
C ALA A 33 -3.76 0.86 -1.34
N PHE A 34 -2.91 1.79 -1.73
CA PHE A 34 -2.68 3.00 -0.95
C PHE A 34 -2.16 4.10 -1.85
N HIS A 35 -2.31 5.34 -1.42
CA HIS A 35 -1.68 6.45 -2.11
C HIS A 35 -0.33 6.70 -1.48
N TRP A 36 0.71 6.85 -2.29
CA TRP A 36 2.07 6.95 -1.79
C TRP A 36 2.18 7.99 -0.66
N ARG A 37 1.69 9.19 -0.92
CA ARG A 37 1.80 10.30 0.03
C ARG A 37 1.05 10.00 1.33
N CYS A 38 0.04 9.15 1.24
CA CYS A 38 -0.78 8.81 2.40
C CYS A 38 -0.04 7.83 3.31
N HIS A 39 0.92 7.11 2.74
CA HIS A 39 1.72 6.16 3.52
C HIS A 39 3.07 6.75 3.86
N PHE A 40 3.68 7.45 2.91
CA PHE A 40 4.98 8.05 3.11
C PHE A 40 4.89 9.57 2.98
N PRO A 41 4.42 10.26 4.04
CA PRO A 41 4.24 11.71 4.03
C PRO A 41 5.50 12.46 4.43
N ALA A 42 6.60 11.72 4.58
CA ALA A 42 7.86 12.28 5.03
C ALA A 42 8.64 12.91 3.88
N GLY A 43 8.04 12.94 2.70
CA GLY A 43 8.72 13.48 1.54
C GLY A 43 9.51 12.42 0.81
N THR A 44 9.06 11.18 0.94
CA THR A 44 9.69 10.05 0.26
C THR A 44 9.29 10.06 -1.21
N SER A 45 10.22 9.73 -2.09
CA SER A 45 9.97 9.75 -3.51
C SER A 45 9.42 8.41 -3.97
N ARG A 46 8.38 8.45 -4.80
CA ARG A 46 7.75 7.23 -5.32
C ARG A 46 8.63 6.59 -6.38
N PRO A 47 9.18 5.39 -6.08
CA PRO A 47 10.04 4.67 -7.02
C PRO A 47 9.25 4.07 -8.17
N GLY A 48 9.76 4.26 -9.39
CA GLY A 48 9.13 3.66 -10.55
C GLY A 48 9.57 2.23 -10.72
N THR A 49 10.66 1.87 -10.05
CA THR A 49 11.19 0.53 -10.08
C THR A 49 10.76 -0.27 -8.86
N GLY A 50 9.51 -0.68 -8.85
CA GLY A 50 9.02 -1.50 -7.76
C GLY A 50 8.32 -0.70 -6.68
N LEU A 51 7.03 -0.45 -6.89
CA LEU A 51 6.21 0.22 -5.89
C LEU A 51 6.13 -0.64 -4.63
N ARG A 52 6.50 -0.07 -3.50
CA ARG A 52 6.60 -0.81 -2.26
C ARG A 52 5.78 -0.15 -1.16
N CYS A 53 4.95 -0.95 -0.48
CA CYS A 53 4.16 -0.46 0.64
C CYS A 53 5.03 -0.30 1.88
N ARG A 54 4.44 0.11 2.99
CA ARG A 54 5.20 0.38 4.21
C ARG A 54 5.93 -0.88 4.69
N SER A 55 5.22 -2.00 4.71
CA SER A 55 5.78 -3.24 5.21
C SER A 55 6.91 -3.74 4.30
N CYS A 56 6.69 -3.75 2.99
CA CYS A 56 7.70 -4.23 2.05
C CYS A 56 8.91 -3.29 2.01
N SER A 57 8.71 -2.03 2.39
CA SER A 57 9.78 -1.06 2.39
C SER A 57 10.58 -1.13 3.70
N GLY A 58 10.14 -1.98 4.61
CA GLY A 58 10.84 -2.14 5.87
C GLY A 58 12.26 -2.63 5.68
N ASP A 59 12.40 -3.87 5.25
CA ASP A 59 13.70 -4.45 4.97
C ASP A 59 13.86 -4.67 3.47
N VAL A 60 14.76 -3.92 2.86
CA VAL A 60 15.02 -4.05 1.44
C VAL A 60 16.53 -4.13 1.20
N THR A 61 17.08 -5.30 1.42
CA THR A 61 18.51 -5.52 1.23
C THR A 61 18.74 -6.55 0.12
N PRO A 62 19.18 -6.09 -1.07
CA PRO A 62 19.42 -6.97 -2.21
C PRO A 62 20.62 -7.89 -2.00
N ALA A 63 20.68 -8.95 -2.79
CA ALA A 63 21.80 -9.89 -2.71
C ALA A 63 22.87 -9.53 -3.73
N PRO A 64 24.06 -9.17 -3.26
CA PRO A 64 25.18 -8.76 -4.12
C PRO A 64 25.58 -9.84 -5.12
N VAL A 65 25.11 -9.70 -6.36
CA VAL A 65 25.45 -10.62 -7.41
C VAL A 65 26.72 -10.15 -8.13
N GLU A 66 27.68 -11.06 -8.26
CA GLU A 66 28.96 -10.72 -8.86
C GLU A 66 29.08 -11.32 -10.25
N GLY A 1 -0.92 -7.33 14.92
CA GLY A 1 -1.93 -8.22 14.30
C GLY A 1 -1.85 -8.18 12.78
N ALA A 2 -2.62 -9.04 12.12
CA ALA A 2 -2.66 -9.11 10.66
C ALA A 2 -1.29 -9.47 10.07
N MET A 3 -0.49 -10.18 10.85
CA MET A 3 0.84 -10.55 10.43
C MET A 3 0.98 -12.06 10.31
N GLU A 4 0.36 -12.78 11.24
CA GLU A 4 0.42 -14.23 11.27
C GLU A 4 -0.47 -14.83 10.20
N GLY A 5 -1.60 -14.19 9.95
CA GLY A 5 -2.52 -14.68 8.93
C GLY A 5 -1.93 -14.54 7.54
N GLN A 6 -2.30 -15.45 6.65
CA GLN A 6 -1.83 -15.42 5.27
C GLN A 6 -2.61 -14.38 4.48
N GLN A 7 -3.87 -14.18 4.87
CA GLN A 7 -4.70 -13.17 4.24
C GLN A 7 -4.57 -11.85 4.99
N ASN A 8 -5.02 -10.78 4.36
CA ASN A 8 -5.00 -9.46 4.98
C ASN A 8 -6.38 -8.82 4.86
N LEU A 9 -6.84 -8.20 5.94
CA LEU A 9 -8.13 -7.52 5.94
C LEU A 9 -8.01 -6.18 5.20
N ALA A 10 -7.75 -6.25 3.91
CA ALA A 10 -7.66 -5.07 3.08
C ALA A 10 -9.01 -4.79 2.42
N PRO A 11 -9.43 -3.52 2.37
CA PRO A 11 -10.71 -3.12 1.77
C PRO A 11 -10.71 -3.22 0.24
N GLY A 12 -10.12 -4.29 -0.29
CA GLY A 12 -10.02 -4.46 -1.72
C GLY A 12 -9.20 -3.37 -2.37
N ALA A 13 -9.70 -2.82 -3.46
CA ALA A 13 -9.02 -1.74 -4.15
C ALA A 13 -9.42 -0.40 -3.55
N ARG A 14 -8.92 -0.13 -2.35
CA ARG A 14 -9.19 1.11 -1.68
C ARG A 14 -8.10 1.42 -0.67
N CYS A 15 -7.64 2.65 -0.65
CA CYS A 15 -6.59 3.08 0.26
C CYS A 15 -7.19 3.40 1.62
N GLY A 16 -6.98 2.50 2.57
CA GLY A 16 -7.61 2.61 3.88
C GLY A 16 -7.01 3.69 4.75
N VAL A 17 -5.99 4.35 4.24
CA VAL A 17 -5.34 5.43 4.98
C VAL A 17 -6.18 6.71 4.90
N CYS A 18 -6.92 6.86 3.80
CA CYS A 18 -7.77 8.03 3.62
C CYS A 18 -9.22 7.63 3.41
N GLY A 19 -9.43 6.51 2.73
CA GLY A 19 -10.78 6.06 2.44
C GLY A 19 -11.09 6.09 0.95
N ASP A 20 -10.23 6.74 0.19
CA ASP A 20 -10.40 6.85 -1.25
C ASP A 20 -9.57 5.79 -1.98
N GLY A 21 -10.07 5.31 -3.09
CA GLY A 21 -9.36 4.32 -3.87
C GLY A 21 -9.13 4.78 -5.30
N THR A 22 -9.28 6.07 -5.53
CA THR A 22 -9.10 6.63 -6.86
C THR A 22 -7.61 6.84 -7.13
N ASP A 23 -7.16 6.41 -8.31
CA ASP A 23 -5.75 6.43 -8.67
C ASP A 23 -4.94 5.74 -7.58
N VAL A 24 -5.30 4.50 -7.31
CA VAL A 24 -4.71 3.76 -6.22
C VAL A 24 -3.50 2.98 -6.70
N LEU A 25 -2.45 2.99 -5.90
CA LEU A 25 -1.21 2.30 -6.23
C LEU A 25 -1.23 0.90 -5.65
N ARG A 26 -0.59 -0.03 -6.35
CA ARG A 26 -0.55 -1.41 -5.93
C ARG A 26 0.87 -1.81 -5.57
N CYS A 27 1.03 -2.52 -4.47
CA CYS A 27 2.34 -2.95 -4.01
C CYS A 27 2.92 -3.99 -4.99
N THR A 28 4.20 -3.86 -5.31
CA THR A 28 4.84 -4.79 -6.21
C THR A 28 5.43 -5.99 -5.47
N HIS A 29 5.48 -5.87 -4.15
CA HIS A 29 6.02 -6.95 -3.32
C HIS A 29 4.88 -7.75 -2.68
N CYS A 30 3.72 -7.14 -2.55
CA CYS A 30 2.56 -7.83 -2.00
C CYS A 30 1.28 -7.24 -2.58
N ALA A 31 0.15 -7.65 -2.06
CA ALA A 31 -1.13 -7.18 -2.55
C ALA A 31 -1.70 -6.11 -1.62
N ALA A 32 -1.80 -4.89 -2.13
CA ALA A 32 -2.30 -3.77 -1.35
C ALA A 32 -2.67 -2.60 -2.25
N ALA A 33 -3.78 -1.94 -1.92
CA ALA A 33 -4.21 -0.76 -2.64
C ALA A 33 -4.08 0.46 -1.73
N PHE A 34 -3.17 1.34 -2.08
CA PHE A 34 -2.87 2.49 -1.24
C PHE A 34 -2.39 3.67 -2.07
N HIS A 35 -2.35 4.84 -1.47
CA HIS A 35 -1.78 6.01 -2.12
C HIS A 35 -0.41 6.30 -1.52
N TRP A 36 0.54 6.63 -2.40
CA TRP A 36 1.90 6.93 -1.99
C TRP A 36 1.93 8.16 -1.09
N ARG A 37 1.04 9.10 -1.35
CA ARG A 37 0.95 10.33 -0.55
C ARG A 37 0.42 10.01 0.84
N CYS A 38 -0.51 9.07 0.92
CA CYS A 38 -1.11 8.69 2.19
C CYS A 38 -0.14 7.88 3.04
N HIS A 39 0.83 7.26 2.38
CA HIS A 39 1.84 6.49 3.09
C HIS A 39 3.06 7.34 3.40
N PHE A 40 3.62 7.96 2.38
CA PHE A 40 4.85 8.72 2.50
C PHE A 40 4.57 10.20 2.27
N PRO A 41 5.26 11.08 3.01
CA PRO A 41 5.11 12.53 2.87
C PRO A 41 5.60 13.03 1.50
N ALA A 42 5.21 14.26 1.19
CA ALA A 42 5.44 14.84 -0.14
C ALA A 42 6.91 14.99 -0.49
N GLY A 43 7.78 14.87 0.50
CA GLY A 43 9.21 14.98 0.26
C GLY A 43 9.84 13.65 -0.14
N THR A 44 9.05 12.59 -0.06
CA THR A 44 9.55 11.26 -0.39
C THR A 44 9.31 10.93 -1.87
N SER A 45 10.37 10.47 -2.54
CA SER A 45 10.28 10.09 -3.93
C SER A 45 9.91 8.62 -4.03
N ARG A 46 9.22 8.25 -5.11
CA ARG A 46 8.84 6.87 -5.32
C ARG A 46 10.04 6.08 -5.86
N PRO A 47 10.33 4.92 -5.29
CA PRO A 47 11.48 4.11 -5.69
C PRO A 47 11.28 3.49 -7.07
N GLY A 48 12.27 3.62 -7.93
CA GLY A 48 12.17 3.09 -9.28
C GLY A 48 12.31 1.58 -9.33
N THR A 49 12.55 0.99 -8.17
CA THR A 49 12.72 -0.43 -8.05
C THR A 49 11.39 -1.13 -7.79
N GLY A 50 10.32 -0.35 -7.68
CA GLY A 50 9.01 -0.91 -7.46
C GLY A 50 8.24 -0.19 -6.36
N LEU A 51 6.93 -0.13 -6.52
CA LEU A 51 6.07 0.52 -5.55
C LEU A 51 5.93 -0.35 -4.29
N ARG A 52 6.27 0.20 -3.14
CA ARG A 52 6.28 -0.56 -1.91
C ARG A 52 5.31 0.01 -0.89
N CYS A 53 4.52 -0.85 -0.28
CA CYS A 53 3.66 -0.44 0.83
C CYS A 53 4.50 -0.30 2.10
N ARG A 54 3.85 -0.04 3.23
CA ARG A 54 4.58 0.25 4.46
C ARG A 54 5.45 -0.92 4.90
N SER A 55 4.84 -2.10 5.01
CA SER A 55 5.54 -3.28 5.51
C SER A 55 6.68 -3.68 4.59
N CYS A 56 6.45 -3.64 3.28
CA CYS A 56 7.47 -4.03 2.32
C CYS A 56 8.61 -3.00 2.25
N SER A 57 8.34 -1.80 2.76
CA SER A 57 9.34 -0.74 2.79
C SER A 57 10.24 -0.86 4.02
N GLY A 58 9.93 -1.82 4.88
CA GLY A 58 10.73 -2.04 6.07
C GLY A 58 10.02 -1.58 7.33
N ASP A 59 8.90 -0.90 7.16
CA ASP A 59 8.13 -0.42 8.29
C ASP A 59 7.07 -1.43 8.70
N VAL A 60 7.52 -2.55 9.24
CA VAL A 60 6.63 -3.59 9.70
C VAL A 60 6.26 -3.35 11.16
N THR A 61 5.02 -2.95 11.39
CA THR A 61 4.55 -2.68 12.75
C THR A 61 4.50 -3.95 13.59
N PRO A 62 5.33 -4.04 14.63
CA PRO A 62 5.40 -5.22 15.49
C PRO A 62 4.29 -5.25 16.53
N ALA A 63 3.83 -6.44 16.87
CA ALA A 63 2.78 -6.61 17.85
C ALA A 63 3.33 -7.25 19.12
N PRO A 64 2.92 -6.75 20.30
CA PRO A 64 3.29 -7.36 21.59
C PRO A 64 2.54 -8.67 21.80
N VAL A 65 2.93 -9.69 21.04
CA VAL A 65 2.25 -10.98 21.07
C VAL A 65 3.24 -12.10 21.39
N GLU A 66 2.80 -13.02 22.22
CA GLU A 66 3.65 -14.14 22.64
C GLU A 66 2.96 -15.46 22.31
N GLY A 1 -35.25 -6.19 -5.66
CA GLY A 1 -35.55 -5.05 -6.55
C GLY A 1 -34.31 -4.34 -7.01
N ALA A 2 -34.12 -4.27 -8.33
CA ALA A 2 -32.96 -3.63 -8.96
C ALA A 2 -31.69 -4.44 -8.73
N MET A 3 -31.20 -4.43 -7.49
CA MET A 3 -30.03 -5.20 -7.12
C MET A 3 -30.23 -5.78 -5.73
N GLU A 4 -30.18 -7.10 -5.63
CA GLU A 4 -30.39 -7.78 -4.36
C GLU A 4 -29.12 -7.77 -3.53
N GLY A 5 -27.99 -7.86 -4.20
CA GLY A 5 -26.73 -7.81 -3.50
C GLY A 5 -25.69 -8.72 -4.12
N GLN A 6 -24.67 -8.12 -4.70
CA GLN A 6 -23.57 -8.88 -5.28
C GLN A 6 -22.28 -8.63 -4.51
N GLN A 7 -22.37 -7.80 -3.47
CA GLN A 7 -21.23 -7.48 -2.63
C GLN A 7 -20.96 -8.62 -1.64
N ASN A 8 -20.56 -9.76 -2.18
CA ASN A 8 -20.24 -10.91 -1.36
C ASN A 8 -18.96 -10.65 -0.59
N LEU A 9 -17.99 -10.08 -1.29
CA LEU A 9 -16.74 -9.69 -0.68
C LEU A 9 -16.74 -8.20 -0.42
N ALA A 10 -16.59 -7.82 0.83
CA ALA A 10 -16.48 -6.42 1.19
C ALA A 10 -15.20 -5.84 0.62
N PRO A 11 -15.28 -4.77 -0.18
CA PRO A 11 -14.12 -4.13 -0.80
C PRO A 11 -13.13 -3.60 0.23
N GLY A 12 -12.19 -4.46 0.62
CA GLY A 12 -11.16 -4.07 1.56
C GLY A 12 -9.90 -3.63 0.86
N ALA A 13 -9.79 -3.99 -0.42
CA ALA A 13 -8.68 -3.55 -1.24
C ALA A 13 -8.90 -2.12 -1.67
N ARG A 14 -8.71 -1.21 -0.73
CA ARG A 14 -8.96 0.21 -0.93
C ARG A 14 -8.22 0.99 0.14
N CYS A 15 -7.68 2.14 -0.23
CA CYS A 15 -6.91 2.94 0.70
C CYS A 15 -7.82 3.60 1.73
N GLY A 16 -7.83 3.06 2.93
CA GLY A 16 -8.65 3.59 3.99
C GLY A 16 -7.96 4.74 4.70
N VAL A 17 -6.70 4.95 4.37
CA VAL A 17 -5.93 6.04 4.93
C VAL A 17 -6.56 7.38 4.56
N CYS A 18 -6.93 7.53 3.29
CA CYS A 18 -7.60 8.74 2.84
C CYS A 18 -9.09 8.47 2.68
N GLY A 19 -9.42 7.21 2.38
CA GLY A 19 -10.81 6.83 2.21
C GLY A 19 -11.21 6.77 0.76
N ASP A 20 -10.22 6.57 -0.11
CA ASP A 20 -10.43 6.59 -1.54
C ASP A 20 -9.57 5.53 -2.22
N GLY A 21 -10.08 4.98 -3.31
CA GLY A 21 -9.35 3.98 -4.06
C GLY A 21 -9.17 4.40 -5.51
N THR A 22 -9.36 5.68 -5.78
CA THR A 22 -9.24 6.21 -7.12
C THR A 22 -7.77 6.45 -7.47
N ASP A 23 -7.31 5.77 -8.53
CA ASP A 23 -5.91 5.82 -8.94
C ASP A 23 -5.00 5.48 -7.78
N VAL A 24 -5.31 4.37 -7.15
CA VAL A 24 -4.60 3.93 -5.96
C VAL A 24 -3.42 3.06 -6.36
N LEU A 25 -2.33 3.15 -5.62
CA LEU A 25 -1.14 2.39 -5.93
C LEU A 25 -1.19 1.04 -5.23
N ARG A 26 -0.46 0.09 -5.78
CA ARG A 26 -0.45 -1.27 -5.26
C ARG A 26 1.00 -1.66 -4.94
N CYS A 27 1.20 -2.56 -3.99
CA CYS A 27 2.55 -3.05 -3.73
C CYS A 27 3.00 -3.92 -4.89
N THR A 28 4.24 -3.77 -5.29
CA THR A 28 4.79 -4.55 -6.38
C THR A 28 5.22 -5.94 -5.91
N HIS A 29 5.24 -6.11 -4.58
CA HIS A 29 5.63 -7.38 -3.98
C HIS A 29 4.48 -7.99 -3.20
N CYS A 30 3.40 -7.24 -3.05
CA CYS A 30 2.22 -7.72 -2.32
C CYS A 30 0.96 -7.26 -3.02
N ALA A 31 -0.17 -7.65 -2.46
CA ALA A 31 -1.45 -7.15 -2.89
C ALA A 31 -1.98 -6.16 -1.87
N ALA A 32 -2.07 -4.89 -2.25
CA ALA A 32 -2.54 -3.85 -1.35
C ALA A 32 -2.88 -2.59 -2.12
N ALA A 33 -3.91 -1.88 -1.66
CA ALA A 33 -4.30 -0.63 -2.28
C ALA A 33 -4.02 0.54 -1.34
N PHE A 34 -3.08 1.37 -1.73
CA PHE A 34 -2.68 2.52 -0.93
C PHE A 34 -2.03 3.58 -1.82
N HIS A 35 -2.25 4.84 -1.49
CA HIS A 35 -1.59 5.92 -2.22
C HIS A 35 -0.23 6.20 -1.60
N TRP A 36 0.71 6.67 -2.39
CA TRP A 36 2.05 6.92 -1.90
C TRP A 36 2.03 7.99 -0.80
N ARG A 37 1.38 9.11 -1.08
CA ARG A 37 1.31 10.22 -0.15
C ARG A 37 0.46 9.89 1.08
N CYS A 38 -0.30 8.82 0.99
CA CYS A 38 -1.09 8.35 2.11
C CYS A 38 -0.22 7.54 3.06
N HIS A 39 0.90 7.04 2.54
CA HIS A 39 1.86 6.28 3.33
C HIS A 39 3.07 7.12 3.71
N PHE A 40 3.53 7.93 2.76
CA PHE A 40 4.73 8.73 2.94
C PHE A 40 4.43 10.21 2.68
N PRO A 41 5.27 11.11 3.21
CA PRO A 41 5.15 12.55 2.94
C PRO A 41 5.56 12.86 1.49
N ALA A 42 5.10 14.01 1.00
CA ALA A 42 5.34 14.41 -0.39
C ALA A 42 6.82 14.59 -0.67
N GLY A 43 7.61 14.76 0.39
CA GLY A 43 9.04 14.90 0.24
C GLY A 43 9.73 13.60 -0.13
N THR A 44 8.99 12.50 0.00
CA THR A 44 9.50 11.20 -0.37
C THR A 44 9.21 10.93 -1.86
N SER A 45 10.18 10.34 -2.56
CA SER A 45 10.03 10.08 -3.98
C SER A 45 9.39 8.71 -4.19
N ARG A 46 8.46 8.64 -5.12
CA ARG A 46 7.75 7.40 -5.40
C ARG A 46 8.42 6.60 -6.50
N PRO A 47 8.82 5.35 -6.22
CA PRO A 47 9.42 4.45 -7.21
C PRO A 47 8.37 3.97 -8.22
N GLY A 48 8.76 3.97 -9.49
CA GLY A 48 7.84 3.58 -10.54
C GLY A 48 7.66 2.07 -10.62
N THR A 49 8.76 1.35 -10.58
CA THR A 49 8.72 -0.10 -10.74
C THR A 49 8.82 -0.80 -9.39
N GLY A 50 9.29 -0.06 -8.39
CA GLY A 50 9.48 -0.64 -7.07
C GLY A 50 8.59 -0.01 -6.03
N LEU A 51 7.30 0.08 -6.33
CA LEU A 51 6.34 0.64 -5.39
C LEU A 51 6.15 -0.34 -4.22
N ARG A 52 6.40 0.13 -3.01
CA ARG A 52 6.46 -0.75 -1.85
C ARG A 52 5.38 -0.41 -0.83
N CYS A 53 4.80 -1.45 -0.24
CA CYS A 53 3.92 -1.28 0.90
C CYS A 53 4.78 -1.02 2.14
N ARG A 54 4.17 -0.66 3.27
CA ARG A 54 4.95 -0.23 4.44
C ARG A 54 5.96 -1.29 4.87
N SER A 55 5.56 -2.55 4.80
CA SER A 55 6.44 -3.65 5.21
C SER A 55 7.62 -3.80 4.24
N CYS A 56 7.35 -3.64 2.94
CA CYS A 56 8.39 -3.75 1.94
C CYS A 56 9.32 -2.55 1.98
N SER A 57 8.81 -1.42 2.47
CA SER A 57 9.60 -0.22 2.61
C SER A 57 10.19 -0.13 4.02
N GLY A 58 10.24 -1.27 4.71
CA GLY A 58 10.78 -1.31 6.06
C GLY A 58 12.28 -1.46 6.06
N ASP A 59 12.88 -1.30 4.89
CA ASP A 59 14.32 -1.38 4.75
C ASP A 59 14.96 -0.01 4.93
N VAL A 60 16.23 0.01 5.30
CA VAL A 60 16.94 1.25 5.51
C VAL A 60 18.17 1.32 4.61
N THR A 61 18.17 2.25 3.68
CA THR A 61 19.31 2.46 2.81
C THR A 61 20.21 3.54 3.40
N PRO A 62 21.46 3.18 3.74
CA PRO A 62 22.41 4.12 4.35
C PRO A 62 22.78 5.25 3.42
N ALA A 63 22.76 6.47 3.94
CA ALA A 63 23.13 7.64 3.17
C ALA A 63 24.62 7.90 3.28
N PRO A 64 25.34 7.93 2.15
CA PRO A 64 26.78 8.22 2.13
C PRO A 64 27.10 9.62 2.64
N VAL A 65 27.24 9.73 3.95
CA VAL A 65 27.55 11.01 4.58
C VAL A 65 29.05 11.21 4.73
N GLU A 66 29.44 12.41 5.11
CA GLU A 66 30.84 12.75 5.26
C GLU A 66 31.30 12.47 6.69
N GLY A 1 -19.25 3.65 24.20
CA GLY A 1 -18.04 3.54 23.35
C GLY A 1 -17.39 2.18 23.49
N ALA A 2 -16.10 2.12 23.19
CA ALA A 2 -15.33 0.88 23.26
C ALA A 2 -15.94 -0.21 22.39
N MET A 3 -16.01 0.07 21.10
CA MET A 3 -16.51 -0.89 20.13
C MET A 3 -15.40 -1.88 19.78
N GLU A 4 -15.77 -3.12 19.54
CA GLU A 4 -14.81 -4.16 19.21
C GLU A 4 -14.30 -3.99 17.78
N GLY A 5 -13.37 -3.06 17.61
CA GLY A 5 -12.81 -2.80 16.30
C GLY A 5 -11.63 -1.86 16.38
N GLN A 6 -10.46 -2.42 16.67
CA GLN A 6 -9.26 -1.61 16.86
C GLN A 6 -8.28 -1.84 15.72
N GLN A 7 -8.73 -2.55 14.69
CA GLN A 7 -7.87 -2.88 13.56
C GLN A 7 -8.12 -1.88 12.42
N ASN A 8 -7.20 -0.95 12.24
CA ASN A 8 -7.33 0.04 11.19
C ASN A 8 -6.90 -0.54 9.84
N LEU A 9 -7.79 -1.30 9.22
CA LEU A 9 -7.52 -1.93 7.95
C LEU A 9 -8.77 -1.94 7.08
N ALA A 10 -8.61 -1.54 5.82
CA ALA A 10 -9.73 -1.50 4.89
C ALA A 10 -10.01 -2.89 4.33
N PRO A 11 -11.30 -3.24 4.19
CA PRO A 11 -11.73 -4.55 3.67
C PRO A 11 -11.49 -4.71 2.17
N GLY A 12 -10.24 -4.56 1.76
CA GLY A 12 -9.89 -4.75 0.38
C GLY A 12 -8.75 -3.87 -0.07
N ALA A 13 -8.75 -3.50 -1.34
CA ALA A 13 -7.68 -2.70 -1.91
C ALA A 13 -8.04 -1.22 -1.93
N ARG A 14 -7.83 -0.54 -0.80
CA ARG A 14 -8.07 0.89 -0.70
C ARG A 14 -7.08 1.54 0.25
N CYS A 15 -6.80 2.82 0.00
CA CYS A 15 -5.93 3.60 0.87
C CYS A 15 -6.56 3.75 2.24
N GLY A 16 -5.95 3.15 3.25
CA GLY A 16 -6.52 3.16 4.59
C GLY A 16 -6.62 4.56 5.19
N VAL A 17 -5.86 5.49 4.65
CA VAL A 17 -5.88 6.86 5.12
C VAL A 17 -7.08 7.61 4.54
N CYS A 18 -7.49 7.22 3.34
CA CYS A 18 -8.55 7.93 2.64
C CYS A 18 -9.86 7.13 2.58
N GLY A 19 -9.76 5.82 2.70
CA GLY A 19 -10.92 4.96 2.55
C GLY A 19 -11.35 4.85 1.10
N ASP A 20 -10.44 5.23 0.21
CA ASP A 20 -10.72 5.32 -1.21
C ASP A 20 -9.60 4.68 -2.02
N GLY A 21 -9.91 4.26 -3.24
CA GLY A 21 -8.92 3.62 -4.07
C GLY A 21 -8.83 4.23 -5.46
N THR A 22 -9.28 5.47 -5.60
CA THR A 22 -9.22 6.16 -6.88
C THR A 22 -7.80 6.62 -7.17
N ASP A 23 -7.28 6.22 -8.34
CA ASP A 23 -5.91 6.52 -8.72
C ASP A 23 -4.95 6.02 -7.66
N VAL A 24 -5.18 4.80 -7.20
CA VAL A 24 -4.40 4.23 -6.13
C VAL A 24 -3.21 3.45 -6.68
N LEU A 25 -2.15 3.39 -5.90
CA LEU A 25 -0.96 2.66 -6.31
C LEU A 25 -0.98 1.26 -5.72
N ARG A 26 -0.38 0.32 -6.43
CA ARG A 26 -0.40 -1.08 -6.03
C ARG A 26 0.96 -1.51 -5.51
N CYS A 27 0.98 -2.53 -4.67
CA CYS A 27 2.24 -3.05 -4.16
C CYS A 27 2.77 -4.12 -5.11
N THR A 28 4.07 -4.13 -5.31
CA THR A 28 4.72 -5.09 -6.19
C THR A 28 5.13 -6.35 -5.42
N HIS A 29 5.39 -6.18 -4.13
CA HIS A 29 5.84 -7.30 -3.30
C HIS A 29 4.67 -8.04 -2.68
N CYS A 30 3.52 -7.37 -2.61
CA CYS A 30 2.31 -8.00 -2.11
C CYS A 30 1.10 -7.35 -2.78
N ALA A 31 -0.08 -7.68 -2.33
CA ALA A 31 -1.30 -7.12 -2.88
C ALA A 31 -1.85 -6.05 -1.94
N ALA A 32 -1.84 -4.80 -2.40
CA ALA A 32 -2.31 -3.69 -1.58
C ALA A 32 -2.54 -2.45 -2.44
N ALA A 33 -3.45 -1.61 -1.99
CA ALA A 33 -3.71 -0.34 -2.65
C ALA A 33 -3.43 0.81 -1.69
N PHE A 34 -2.52 1.68 -2.08
CA PHE A 34 -2.11 2.76 -1.22
C PHE A 34 -1.75 4.00 -2.03
N HIS A 35 -1.99 5.16 -1.46
CA HIS A 35 -1.47 6.40 -2.04
C HIS A 35 -0.08 6.63 -1.45
N TRP A 36 0.89 6.81 -2.33
CA TRP A 36 2.28 7.00 -1.92
C TRP A 36 2.42 8.18 -0.97
N ARG A 37 1.67 9.25 -1.21
CA ARG A 37 1.74 10.44 -0.37
C ARG A 37 1.10 10.20 1.00
N CYS A 38 0.20 9.22 1.06
CA CYS A 38 -0.47 8.89 2.31
C CYS A 38 0.37 7.93 3.14
N HIS A 39 1.26 7.20 2.49
CA HIS A 39 2.10 6.22 3.17
C HIS A 39 3.51 6.75 3.38
N PHE A 40 3.92 7.70 2.55
CA PHE A 40 5.26 8.28 2.66
C PHE A 40 5.17 9.81 2.62
N PRO A 41 4.54 10.41 3.65
CA PRO A 41 4.31 11.86 3.71
C PRO A 41 5.56 12.63 4.15
N ALA A 42 6.67 11.91 4.30
CA ALA A 42 7.92 12.51 4.74
C ALA A 42 8.65 13.17 3.59
N GLY A 43 8.04 13.18 2.41
CA GLY A 43 8.64 13.82 1.26
C GLY A 43 9.29 12.85 0.30
N THR A 44 9.07 11.56 0.55
CA THR A 44 9.61 10.52 -0.30
C THR A 44 8.92 10.56 -1.67
N SER A 45 9.71 10.56 -2.74
CA SER A 45 9.17 10.64 -4.09
C SER A 45 8.91 9.24 -4.64
N ARG A 46 7.90 9.12 -5.50
CA ARG A 46 7.52 7.82 -6.04
C ARG A 46 8.46 7.38 -7.16
N PRO A 47 9.10 6.22 -7.00
CA PRO A 47 9.98 5.66 -8.02
C PRO A 47 9.20 5.15 -9.22
N GLY A 48 9.86 5.09 -10.36
CA GLY A 48 9.23 4.60 -11.57
C GLY A 48 9.05 3.09 -11.53
N THR A 49 9.81 2.44 -10.68
CA THR A 49 9.69 1.01 -10.47
C THR A 49 9.99 0.66 -9.02
N GLY A 50 9.25 -0.30 -8.48
CA GLY A 50 9.49 -0.74 -7.13
C GLY A 50 8.54 -0.09 -6.14
N LEU A 51 7.25 -0.17 -6.43
CA LEU A 51 6.24 0.36 -5.53
C LEU A 51 5.99 -0.61 -4.38
N ARG A 52 6.18 -0.12 -3.16
CA ARG A 52 6.03 -0.95 -1.98
C ARG A 52 5.08 -0.29 -0.98
N CYS A 53 4.21 -1.09 -0.40
CA CYS A 53 3.30 -0.61 0.62
C CYS A 53 4.09 -0.37 1.92
N ARG A 54 3.41 0.01 2.99
CA ARG A 54 4.11 0.38 4.21
C ARG A 54 4.80 -0.83 4.83
N SER A 55 4.12 -1.97 4.80
CA SER A 55 4.63 -3.19 5.40
C SER A 55 5.85 -3.72 4.64
N CYS A 56 5.79 -3.70 3.31
CA CYS A 56 6.90 -4.16 2.49
C CYS A 56 8.05 -3.16 2.55
N SER A 57 7.76 -1.94 2.98
CA SER A 57 8.78 -0.92 3.14
C SER A 57 9.41 -1.02 4.53
N GLY A 58 9.27 -2.18 5.17
CA GLY A 58 9.96 -2.44 6.41
C GLY A 58 11.46 -2.51 6.18
N ASP A 59 11.83 -3.14 5.08
CA ASP A 59 13.22 -3.18 4.64
C ASP A 59 13.48 -2.03 3.68
N VAL A 60 13.57 -0.84 4.24
CA VAL A 60 13.81 0.35 3.44
C VAL A 60 15.19 0.93 3.72
N THR A 61 15.99 1.07 2.69
CA THR A 61 17.30 1.68 2.81
C THR A 61 17.22 3.15 2.39
N PRO A 62 17.47 4.07 3.34
CA PRO A 62 17.42 5.50 3.07
C PRO A 62 18.34 5.90 1.92
N ALA A 63 17.81 6.69 1.01
CA ALA A 63 18.54 7.10 -0.18
C ALA A 63 19.37 8.35 0.10
N PRO A 64 20.59 8.42 -0.46
CA PRO A 64 21.47 9.56 -0.28
C PRO A 64 21.04 10.79 -1.09
N VAL A 65 19.81 11.23 -0.84
CA VAL A 65 19.27 12.41 -1.51
C VAL A 65 19.19 13.59 -0.55
N GLU A 66 19.26 14.80 -1.09
CA GLU A 66 19.20 15.99 -0.25
C GLU A 66 17.88 16.71 -0.43
N GLY A 1 -20.49 11.64 -22.94
CA GLY A 1 -21.27 11.93 -21.71
C GLY A 1 -20.46 11.68 -20.46
N ALA A 2 -21.09 11.86 -19.31
CA ALA A 2 -20.43 11.66 -18.04
C ALA A 2 -20.42 10.17 -17.68
N MET A 3 -19.22 9.63 -17.48
CA MET A 3 -19.07 8.22 -17.17
C MET A 3 -19.24 7.99 -15.67
N GLU A 4 -20.40 8.35 -15.16
CA GLU A 4 -20.71 8.17 -13.75
C GLU A 4 -21.42 6.85 -13.52
N GLY A 5 -20.69 5.78 -13.71
CA GLY A 5 -21.24 4.45 -13.57
C GLY A 5 -20.40 3.43 -14.29
N GLN A 6 -19.09 3.48 -14.07
CA GLN A 6 -18.14 2.64 -14.79
C GLN A 6 -18.10 1.23 -14.19
N GLN A 7 -18.67 1.09 -13.00
CA GLN A 7 -18.71 -0.17 -12.28
C GLN A 7 -17.29 -0.69 -12.03
N ASN A 8 -16.49 0.13 -11.37
CA ASN A 8 -15.12 -0.25 -11.06
C ASN A 8 -14.94 -0.38 -9.55
N LEU A 9 -15.12 -1.60 -9.06
CA LEU A 9 -14.95 -1.88 -7.64
C LEU A 9 -13.62 -2.56 -7.41
N ALA A 10 -13.01 -2.28 -6.27
CA ALA A 10 -11.76 -2.91 -5.90
C ALA A 10 -12.04 -4.15 -5.04
N PRO A 11 -11.42 -5.29 -5.39
CA PRO A 11 -11.60 -6.54 -4.65
C PRO A 11 -10.90 -6.53 -3.29
N GLY A 12 -11.37 -5.66 -2.40
CA GLY A 12 -10.75 -5.55 -1.09
C GLY A 12 -9.39 -4.89 -1.19
N ALA A 13 -9.30 -3.86 -2.01
CA ALA A 13 -8.06 -3.18 -2.26
C ALA A 13 -8.29 -1.67 -2.39
N ARG A 14 -8.52 -1.03 -1.25
CA ARG A 14 -8.76 0.39 -1.22
C ARG A 14 -7.86 1.06 -0.20
N CYS A 15 -7.38 2.24 -0.55
CA CYS A 15 -6.52 3.02 0.33
C CYS A 15 -7.30 3.40 1.59
N GLY A 16 -7.03 2.71 2.68
CA GLY A 16 -7.81 2.89 3.89
C GLY A 16 -7.35 4.08 4.70
N VAL A 17 -6.15 4.55 4.42
CA VAL A 17 -5.59 5.69 5.14
C VAL A 17 -6.44 6.95 4.95
N CYS A 18 -6.95 7.13 3.74
CA CYS A 18 -7.78 8.29 3.44
C CYS A 18 -9.23 7.87 3.24
N GLY A 19 -9.43 6.64 2.78
CA GLY A 19 -10.77 6.13 2.55
C GLY A 19 -11.13 6.15 1.07
N ASP A 20 -10.34 6.87 0.29
CA ASP A 20 -10.59 7.01 -1.13
C ASP A 20 -9.82 5.98 -1.94
N GLY A 21 -10.46 5.45 -2.97
CA GLY A 21 -9.83 4.45 -3.80
C GLY A 21 -9.60 4.94 -5.22
N THR A 22 -9.60 6.26 -5.39
CA THR A 22 -9.39 6.84 -6.71
C THR A 22 -7.92 6.83 -7.09
N ASP A 23 -7.58 6.09 -8.15
CA ASP A 23 -6.22 5.96 -8.62
C ASP A 23 -5.27 5.50 -7.52
N VAL A 24 -5.48 4.27 -7.07
CA VAL A 24 -4.65 3.67 -6.04
C VAL A 24 -3.47 2.92 -6.66
N LEU A 25 -2.31 3.02 -6.03
CA LEU A 25 -1.14 2.29 -6.47
C LEU A 25 -1.13 0.92 -5.80
N ARG A 26 -0.67 -0.09 -6.51
CA ARG A 26 -0.63 -1.43 -5.96
C ARG A 26 0.80 -1.85 -5.67
N CYS A 27 0.99 -2.45 -4.50
CA CYS A 27 2.29 -2.91 -4.07
C CYS A 27 2.81 -4.00 -5.01
N THR A 28 4.10 -3.98 -5.29
CA THR A 28 4.71 -4.99 -6.15
C THR A 28 5.20 -6.18 -5.35
N HIS A 29 5.51 -5.96 -4.07
CA HIS A 29 6.04 -7.02 -3.22
C HIS A 29 4.92 -7.77 -2.53
N CYS A 30 3.77 -7.13 -2.43
CA CYS A 30 2.59 -7.78 -1.85
C CYS A 30 1.35 -7.17 -2.49
N ALA A 31 0.19 -7.51 -1.99
CA ALA A 31 -1.05 -6.98 -2.52
C ALA A 31 -1.59 -5.89 -1.62
N ALA A 32 -1.62 -4.66 -2.13
CA ALA A 32 -2.11 -3.51 -1.38
C ALA A 32 -2.33 -2.35 -2.31
N ALA A 33 -3.55 -1.83 -2.33
CA ALA A 33 -3.87 -0.65 -3.12
C ALA A 33 -3.92 0.57 -2.22
N PHE A 34 -2.98 1.47 -2.41
CA PHE A 34 -2.84 2.62 -1.54
C PHE A 34 -2.30 3.81 -2.33
N HIS A 35 -2.45 4.99 -1.77
CA HIS A 35 -1.84 6.16 -2.37
C HIS A 35 -0.49 6.38 -1.72
N TRP A 36 0.52 6.64 -2.55
CA TRP A 36 1.87 6.89 -2.06
C TRP A 36 1.87 7.98 -0.98
N ARG A 37 1.17 9.08 -1.24
CA ARG A 37 1.17 10.23 -0.33
C ARG A 37 0.32 9.98 0.91
N CYS A 38 -0.39 8.85 0.95
CA CYS A 38 -1.15 8.46 2.12
C CYS A 38 -0.29 7.61 3.06
N HIS A 39 0.75 6.99 2.52
CA HIS A 39 1.66 6.21 3.33
C HIS A 39 2.95 6.97 3.59
N PHE A 40 3.45 7.62 2.55
CA PHE A 40 4.70 8.36 2.63
C PHE A 40 4.45 9.82 2.32
N PRO A 41 5.07 10.72 3.09
CA PRO A 41 4.87 12.17 2.93
C PRO A 41 5.51 12.72 1.67
N ALA A 42 5.34 14.01 1.42
CA ALA A 42 5.84 14.63 0.20
C ALA A 42 7.36 14.48 0.07
N GLY A 43 8.05 14.57 1.20
CA GLY A 43 9.50 14.52 1.18
C GLY A 43 10.06 13.19 0.71
N THR A 44 9.26 12.15 0.78
CA THR A 44 9.70 10.83 0.33
C THR A 44 9.43 10.66 -1.15
N SER A 45 10.44 10.18 -1.89
CA SER A 45 10.35 10.09 -3.33
C SER A 45 9.75 8.75 -3.76
N ARG A 46 8.87 8.81 -4.75
CA ARG A 46 8.19 7.62 -5.25
C ARG A 46 9.15 6.78 -6.10
N PRO A 47 9.43 5.55 -5.67
CA PRO A 47 10.28 4.63 -6.43
C PRO A 47 9.59 4.14 -7.71
N GLY A 48 10.30 4.19 -8.82
CA GLY A 48 9.76 3.71 -10.06
C GLY A 48 9.88 2.21 -10.17
N THR A 49 11.00 1.70 -9.71
CA THR A 49 11.25 0.28 -9.77
C THR A 49 10.91 -0.38 -8.44
N GLY A 50 9.88 -1.21 -8.44
CA GLY A 50 9.50 -1.93 -7.25
C GLY A 50 8.77 -1.06 -6.24
N LEU A 51 7.64 -0.51 -6.66
CA LEU A 51 6.81 0.28 -5.76
C LEU A 51 6.29 -0.62 -4.63
N ARG A 52 6.58 -0.27 -3.40
CA ARG A 52 6.26 -1.12 -2.27
C ARG A 52 5.61 -0.33 -1.15
N CYS A 53 4.68 -0.97 -0.45
CA CYS A 53 3.96 -0.35 0.64
C CYS A 53 4.85 -0.19 1.87
N ARG A 54 4.32 0.42 2.92
CA ARG A 54 5.09 0.70 4.14
C ARG A 54 5.71 -0.58 4.71
N SER A 55 4.89 -1.61 4.84
CA SER A 55 5.35 -2.87 5.42
C SER A 55 6.50 -3.45 4.59
N CYS A 56 6.34 -3.40 3.27
CA CYS A 56 7.37 -3.92 2.36
C CYS A 56 8.61 -3.02 2.31
N SER A 57 8.43 -1.74 2.56
CA SER A 57 9.55 -0.80 2.43
C SER A 57 10.50 -0.90 3.62
N GLY A 58 10.13 -1.70 4.61
CA GLY A 58 10.96 -1.87 5.78
C GLY A 58 10.90 -3.29 6.32
N ASP A 59 11.06 -3.43 7.61
CA ASP A 59 11.01 -4.74 8.25
C ASP A 59 9.60 -5.04 8.72
N VAL A 60 9.36 -6.30 9.07
CA VAL A 60 8.08 -6.71 9.62
C VAL A 60 8.27 -7.41 10.96
N THR A 61 9.16 -6.87 11.77
CA THR A 61 9.42 -7.44 13.08
C THR A 61 8.33 -7.02 14.07
N PRO A 62 7.77 -7.98 14.81
CA PRO A 62 6.74 -7.70 15.81
C PRO A 62 7.23 -6.74 16.87
N ALA A 63 6.43 -5.73 17.18
CA ALA A 63 6.80 -4.73 18.17
C ALA A 63 6.04 -4.96 19.46
N PRO A 64 6.76 -5.05 20.60
CA PRO A 64 6.14 -5.22 21.92
C PRO A 64 5.23 -4.04 22.28
N VAL A 65 3.94 -4.22 22.07
CA VAL A 65 2.97 -3.17 22.36
C VAL A 65 2.49 -3.28 23.80
N GLU A 66 2.28 -4.50 24.23
CA GLU A 66 1.82 -4.77 25.57
C GLU A 66 3.00 -4.94 26.50
N GLY A 1 -10.64 -25.37 7.89
CA GLY A 1 -9.23 -25.04 8.22
C GLY A 1 -8.88 -23.62 7.84
N ALA A 2 -7.96 -23.01 8.58
CA ALA A 2 -7.57 -21.62 8.36
C ALA A 2 -6.83 -21.45 7.04
N MET A 3 -6.30 -22.55 6.52
CA MET A 3 -5.59 -22.53 5.23
C MET A 3 -6.57 -22.39 4.07
N GLU A 4 -7.86 -22.56 4.34
CA GLU A 4 -8.87 -22.44 3.30
C GLU A 4 -9.28 -20.98 3.13
N GLY A 5 -8.50 -20.26 2.33
CA GLY A 5 -8.76 -18.85 2.14
C GLY A 5 -8.73 -18.46 0.68
N GLN A 6 -9.16 -19.35 -0.19
CA GLN A 6 -9.15 -19.09 -1.62
C GLN A 6 -10.27 -18.13 -2.01
N GLN A 7 -11.35 -18.16 -1.24
CA GLN A 7 -12.50 -17.30 -1.52
C GLN A 7 -12.78 -16.37 -0.35
N ASN A 8 -11.72 -15.94 0.32
CA ASN A 8 -11.85 -15.06 1.47
C ASN A 8 -11.25 -13.69 1.18
N LEU A 9 -11.18 -13.35 -0.10
CA LEU A 9 -10.59 -12.09 -0.52
C LEU A 9 -11.67 -11.07 -0.84
N ALA A 10 -12.25 -10.50 0.21
CA ALA A 10 -13.28 -9.47 0.03
C ALA A 10 -12.65 -8.22 -0.60
N PRO A 11 -13.24 -7.75 -1.72
CA PRO A 11 -12.72 -6.60 -2.46
C PRO A 11 -12.57 -5.34 -1.59
N GLY A 12 -11.37 -5.13 -1.07
CA GLY A 12 -11.10 -3.97 -0.27
C GLY A 12 -9.92 -3.19 -0.79
N ALA A 13 -9.86 -3.06 -2.12
CA ALA A 13 -8.74 -2.39 -2.77
C ALA A 13 -8.96 -0.89 -2.83
N ARG A 14 -8.64 -0.21 -1.74
CA ARG A 14 -8.71 1.25 -1.68
C ARG A 14 -7.81 1.75 -0.56
N CYS A 15 -7.36 3.00 -0.69
CA CYS A 15 -6.54 3.64 0.33
C CYS A 15 -7.30 3.74 1.64
N GLY A 16 -6.91 2.91 2.60
CA GLY A 16 -7.60 2.87 3.88
C GLY A 16 -7.52 4.19 4.62
N VAL A 17 -6.48 4.97 4.32
CA VAL A 17 -6.31 6.29 4.92
C VAL A 17 -7.40 7.25 4.45
N CYS A 18 -7.90 7.03 3.25
CA CYS A 18 -8.91 7.91 2.66
C CYS A 18 -10.29 7.25 2.61
N GLY A 19 -10.32 5.95 2.42
CA GLY A 19 -11.56 5.24 2.19
C GLY A 19 -11.92 5.22 0.72
N ASP A 20 -10.99 5.71 -0.09
CA ASP A 20 -11.19 5.84 -1.52
C ASP A 20 -9.98 5.29 -2.27
N GLY A 21 -10.22 4.72 -3.44
CA GLY A 21 -9.15 4.12 -4.22
C GLY A 21 -9.04 4.71 -5.62
N THR A 22 -9.38 5.97 -5.75
CA THR A 22 -9.27 6.67 -7.02
C THR A 22 -7.80 6.99 -7.29
N ASP A 23 -7.30 6.56 -8.45
CA ASP A 23 -5.88 6.72 -8.80
C ASP A 23 -5.01 6.12 -7.70
N VAL A 24 -5.30 4.88 -7.34
CA VAL A 24 -4.62 4.25 -6.23
C VAL A 24 -3.37 3.52 -6.72
N LEU A 25 -2.38 3.41 -5.84
CA LEU A 25 -1.15 2.70 -6.17
C LEU A 25 -1.16 1.32 -5.53
N ARG A 26 -0.52 0.37 -6.20
CA ARG A 26 -0.52 -1.02 -5.77
C ARG A 26 0.88 -1.46 -5.39
N CYS A 27 0.99 -2.22 -4.30
CA CYS A 27 2.29 -2.76 -3.89
C CYS A 27 2.67 -3.92 -4.80
N THR A 28 3.95 -4.03 -5.10
CA THR A 28 4.44 -5.06 -6.00
C THR A 28 4.83 -6.33 -5.27
N HIS A 29 5.28 -6.18 -4.02
CA HIS A 29 5.72 -7.33 -3.23
C HIS A 29 4.58 -7.90 -2.41
N CYS A 30 3.50 -7.14 -2.28
CA CYS A 30 2.33 -7.62 -1.55
C CYS A 30 1.09 -6.98 -2.14
N ALA A 31 -0.04 -7.23 -1.50
CA ALA A 31 -1.31 -6.72 -1.97
C ALA A 31 -1.73 -5.55 -1.13
N ALA A 32 -1.78 -4.37 -1.75
CA ALA A 32 -2.13 -3.15 -1.03
C ALA A 32 -2.47 -2.04 -2.01
N ALA A 33 -3.64 -1.48 -1.82
CA ALA A 33 -4.07 -0.30 -2.59
C ALA A 33 -4.03 0.91 -1.68
N PHE A 34 -3.11 1.82 -1.97
CA PHE A 34 -2.94 3.01 -1.15
C PHE A 34 -2.42 4.16 -1.98
N HIS A 35 -2.59 5.37 -1.48
CA HIS A 35 -2.00 6.54 -2.11
C HIS A 35 -0.62 6.78 -1.52
N TRP A 36 0.36 7.05 -2.36
CA TRP A 36 1.74 7.18 -1.91
C TRP A 36 1.86 8.15 -0.73
N ARG A 37 1.30 9.34 -0.89
CA ARG A 37 1.37 10.40 0.10
C ARG A 37 0.71 10.01 1.43
N CYS A 38 -0.26 9.12 1.35
CA CYS A 38 -1.02 8.71 2.52
C CYS A 38 -0.25 7.70 3.35
N HIS A 39 0.68 7.01 2.72
CA HIS A 39 1.52 6.04 3.42
C HIS A 39 2.88 6.63 3.75
N PHE A 40 3.39 7.45 2.84
CA PHE A 40 4.69 8.08 3.03
C PHE A 40 4.54 9.60 3.06
N PRO A 41 4.23 10.16 4.23
CA PRO A 41 3.94 11.59 4.39
C PRO A 41 5.19 12.46 4.47
N ALA A 42 6.35 11.83 4.51
CA ALA A 42 7.61 12.58 4.59
C ALA A 42 8.07 13.03 3.22
N GLY A 43 7.26 12.77 2.21
CA GLY A 43 7.61 13.16 0.85
C GLY A 43 8.54 12.18 0.20
N THR A 44 8.38 10.90 0.55
CA THR A 44 9.21 9.84 0.01
C THR A 44 9.04 9.73 -1.51
N SER A 45 10.14 9.45 -2.20
CA SER A 45 10.11 9.34 -3.64
C SER A 45 9.77 7.91 -4.05
N ARG A 46 8.88 7.79 -5.02
CA ARG A 46 8.39 6.48 -5.46
C ARG A 46 9.52 5.71 -6.13
N PRO A 47 9.78 4.48 -5.66
CA PRO A 47 10.83 3.63 -6.21
C PRO A 47 10.50 3.13 -7.63
N GLY A 48 11.50 3.15 -8.50
CA GLY A 48 11.32 2.70 -9.86
C GLY A 48 11.68 1.25 -10.03
N THR A 49 12.06 0.61 -8.92
CA THR A 49 12.42 -0.80 -8.94
C THR A 49 11.31 -1.64 -8.32
N GLY A 50 10.09 -1.13 -8.39
CA GLY A 50 8.96 -1.81 -7.79
C GLY A 50 8.31 -0.98 -6.70
N LEU A 51 7.04 -0.69 -6.85
CA LEU A 51 6.29 0.07 -5.85
C LEU A 51 6.18 -0.74 -4.56
N ARG A 52 6.65 -0.18 -3.47
CA ARG A 52 6.69 -0.89 -2.19
C ARG A 52 5.98 -0.12 -1.10
N CYS A 53 5.15 -0.81 -0.33
CA CYS A 53 4.55 -0.23 0.86
C CYS A 53 5.60 -0.17 1.97
N ARG A 54 5.27 0.38 3.14
CA ARG A 54 6.26 0.55 4.20
C ARG A 54 6.87 -0.77 4.63
N SER A 55 6.03 -1.79 4.73
CA SER A 55 6.48 -3.11 5.17
C SER A 55 7.46 -3.72 4.17
N CYS A 56 7.11 -3.66 2.88
CA CYS A 56 7.96 -4.22 1.84
C CYS A 56 9.22 -3.36 1.63
N SER A 57 9.19 -2.13 2.11
CA SER A 57 10.35 -1.24 1.99
C SER A 57 11.27 -1.41 3.19
N GLY A 58 10.77 -2.07 4.23
CA GLY A 58 11.54 -2.23 5.45
C GLY A 58 12.07 -3.63 5.61
N ASP A 59 13.33 -3.83 5.28
CA ASP A 59 14.01 -5.11 5.48
C ASP A 59 14.64 -5.16 6.87
N VAL A 60 13.90 -4.66 7.85
CA VAL A 60 14.42 -4.49 9.18
C VAL A 60 13.36 -4.88 10.22
N THR A 61 13.82 -5.41 11.34
CA THR A 61 12.94 -5.74 12.45
C THR A 61 12.34 -4.45 13.04
N PRO A 62 11.03 -4.45 13.31
CA PRO A 62 10.32 -3.27 13.80
C PRO A 62 10.86 -2.78 15.15
N ALA A 63 11.08 -1.49 15.24
CA ALA A 63 11.63 -0.88 16.44
C ALA A 63 10.52 -0.37 17.35
N PRO A 64 10.56 -0.72 18.64
CA PRO A 64 9.62 -0.18 19.63
C PRO A 64 9.85 1.31 19.88
N VAL A 65 9.12 2.13 19.13
CA VAL A 65 9.26 3.58 19.24
C VAL A 65 8.30 4.14 20.27
N GLU A 66 8.82 4.87 21.24
CA GLU A 66 8.01 5.51 22.26
C GLU A 66 8.63 6.85 22.64
N GLY A 1 -16.22 -35.58 4.11
CA GLY A 1 -16.05 -34.23 4.67
C GLY A 1 -16.40 -33.15 3.66
N ALA A 2 -16.42 -31.91 4.10
CA ALA A 2 -16.73 -30.79 3.23
C ALA A 2 -15.48 -29.96 2.97
N MET A 3 -15.24 -29.62 1.72
CA MET A 3 -14.08 -28.83 1.35
C MET A 3 -14.50 -27.58 0.57
N GLU A 4 -15.80 -27.32 0.55
CA GLU A 4 -16.33 -26.21 -0.20
C GLU A 4 -16.36 -24.94 0.65
N GLY A 5 -15.19 -24.38 0.91
CA GLY A 5 -15.09 -23.17 1.70
C GLY A 5 -15.82 -22.02 1.05
N GLN A 6 -15.62 -21.87 -0.26
CA GLN A 6 -16.32 -20.87 -1.06
C GLN A 6 -16.06 -19.48 -0.51
N GLN A 7 -14.80 -19.16 -0.29
CA GLN A 7 -14.41 -17.88 0.26
C GLN A 7 -13.81 -17.00 -0.83
N ASN A 8 -14.69 -16.26 -1.50
CA ASN A 8 -14.28 -15.41 -2.61
C ASN A 8 -13.70 -14.10 -2.10
N LEU A 9 -12.39 -14.07 -1.90
CA LEU A 9 -11.71 -12.88 -1.42
C LEU A 9 -11.46 -11.91 -2.57
N ALA A 10 -12.25 -10.85 -2.62
CA ALA A 10 -12.11 -9.83 -3.65
C ALA A 10 -11.17 -8.73 -3.17
N PRO A 11 -10.15 -8.38 -3.97
CA PRO A 11 -9.20 -7.32 -3.63
C PRO A 11 -9.88 -5.97 -3.46
N GLY A 12 -9.95 -5.50 -2.21
CA GLY A 12 -10.54 -4.21 -1.93
C GLY A 12 -9.66 -3.07 -2.41
N ALA A 13 -9.94 -2.56 -3.59
CA ALA A 13 -9.16 -1.47 -4.16
C ALA A 13 -9.57 -0.14 -3.54
N ARG A 14 -9.12 0.07 -2.31
CA ARG A 14 -9.39 1.32 -1.61
C ARG A 14 -8.24 1.65 -0.68
N CYS A 15 -7.76 2.87 -0.76
CA CYS A 15 -6.73 3.35 0.14
C CYS A 15 -7.40 3.79 1.44
N GLY A 16 -7.29 2.93 2.46
CA GLY A 16 -8.00 3.15 3.70
C GLY A 16 -7.40 4.27 4.53
N VAL A 17 -6.20 4.69 4.16
CA VAL A 17 -5.50 5.73 4.89
C VAL A 17 -6.23 7.06 4.75
N CYS A 18 -6.93 7.24 3.64
CA CYS A 18 -7.71 8.44 3.42
C CYS A 18 -9.19 8.09 3.30
N GLY A 19 -9.48 7.02 2.57
CA GLY A 19 -10.85 6.59 2.38
C GLY A 19 -11.22 6.47 0.92
N ASP A 20 -10.36 6.97 0.05
CA ASP A 20 -10.63 6.96 -1.39
C ASP A 20 -9.91 5.82 -2.09
N GLY A 21 -10.53 5.31 -3.14
CA GLY A 21 -9.92 4.27 -3.94
C GLY A 21 -9.60 4.76 -5.34
N THR A 22 -9.60 6.08 -5.51
CA THR A 22 -9.31 6.69 -6.78
C THR A 22 -7.81 6.60 -7.10
N ASP A 23 -7.49 5.86 -8.16
CA ASP A 23 -6.11 5.68 -8.61
C ASP A 23 -5.22 5.19 -7.47
N VAL A 24 -5.48 3.98 -7.02
CA VAL A 24 -4.71 3.39 -5.94
C VAL A 24 -3.51 2.62 -6.47
N LEU A 25 -2.38 2.80 -5.82
CA LEU A 25 -1.16 2.10 -6.21
C LEU A 25 -1.13 0.74 -5.54
N ARG A 26 -0.59 -0.24 -6.26
CA ARG A 26 -0.45 -1.59 -5.74
C ARG A 26 0.99 -1.84 -5.35
N CYS A 27 1.18 -2.65 -4.31
CA CYS A 27 2.50 -3.04 -3.89
C CYS A 27 3.08 -4.04 -4.89
N THR A 28 4.37 -3.92 -5.17
CA THR A 28 5.04 -4.80 -6.10
C THR A 28 5.44 -6.11 -5.45
N HIS A 29 5.64 -6.08 -4.14
CA HIS A 29 6.06 -7.27 -3.41
C HIS A 29 4.88 -8.02 -2.82
N CYS A 30 3.82 -7.29 -2.52
CA CYS A 30 2.63 -7.93 -1.95
C CYS A 30 1.38 -7.23 -2.50
N ALA A 31 0.23 -7.61 -1.98
CA ALA A 31 -1.04 -7.07 -2.48
C ALA A 31 -1.56 -6.00 -1.55
N ALA A 32 -1.64 -4.77 -2.06
CA ALA A 32 -2.12 -3.64 -1.29
C ALA A 32 -2.54 -2.51 -2.22
N ALA A 33 -3.66 -1.87 -1.90
CA ALA A 33 -4.13 -0.73 -2.66
C ALA A 33 -4.08 0.52 -1.79
N PHE A 34 -3.20 1.45 -2.14
CA PHE A 34 -2.99 2.63 -1.32
C PHE A 34 -2.41 3.77 -2.15
N HIS A 35 -2.44 4.97 -1.59
CA HIS A 35 -1.76 6.09 -2.20
C HIS A 35 -0.41 6.28 -1.54
N TRP A 36 0.62 6.49 -2.35
CA TRP A 36 1.97 6.68 -1.86
C TRP A 36 2.04 7.88 -0.92
N ARG A 37 1.32 8.95 -1.27
CA ARG A 37 1.32 10.17 -0.47
C ARG A 37 0.52 10.01 0.82
N CYS A 38 -0.30 8.98 0.89
CA CYS A 38 -1.04 8.68 2.12
C CYS A 38 -0.16 7.85 3.06
N HIS A 39 0.83 7.18 2.48
CA HIS A 39 1.73 6.33 3.25
C HIS A 39 3.02 7.05 3.59
N PHE A 40 3.70 7.53 2.56
CA PHE A 40 5.02 8.12 2.71
C PHE A 40 4.92 9.64 2.53
N PRO A 41 5.59 10.41 3.41
CA PRO A 41 5.55 11.88 3.36
C PRO A 41 6.31 12.45 2.18
N ALA A 42 6.26 13.77 2.03
CA ALA A 42 6.92 14.45 0.91
C ALA A 42 8.42 14.16 0.88
N GLY A 43 9.00 13.93 2.05
CA GLY A 43 10.41 13.64 2.15
C GLY A 43 10.80 12.34 1.47
N THR A 44 9.83 11.45 1.31
CA THR A 44 10.06 10.18 0.64
C THR A 44 9.59 10.28 -0.81
N SER A 45 10.45 9.89 -1.74
CA SER A 45 10.15 10.04 -3.15
C SER A 45 9.45 8.80 -3.70
N ARG A 46 8.44 9.03 -4.53
CA ARG A 46 7.73 7.94 -5.20
C ARG A 46 8.57 7.38 -6.33
N PRO A 47 8.98 6.11 -6.24
CA PRO A 47 9.75 5.45 -7.29
C PRO A 47 8.88 5.15 -8.51
N GLY A 48 9.40 5.48 -9.68
CA GLY A 48 8.69 5.23 -10.92
C GLY A 48 8.47 3.75 -11.14
N THR A 49 9.40 2.95 -10.66
CA THR A 49 9.29 1.50 -10.74
C THR A 49 9.60 0.88 -9.38
N GLY A 50 8.86 -0.16 -9.02
CA GLY A 50 9.10 -0.83 -7.76
C GLY A 50 8.36 -0.18 -6.61
N LEU A 51 7.05 -0.01 -6.78
CA LEU A 51 6.22 0.61 -5.77
C LEU A 51 6.07 -0.33 -4.57
N ARG A 52 6.44 0.14 -3.40
CA ARG A 52 6.42 -0.68 -2.19
C ARG A 52 5.44 -0.11 -1.17
N CYS A 53 4.80 -1.00 -0.43
CA CYS A 53 3.92 -0.57 0.65
C CYS A 53 4.75 -0.34 1.91
N ARG A 54 4.09 -0.02 3.02
CA ARG A 54 4.79 0.35 4.24
C ARG A 54 5.66 -0.81 4.76
N SER A 55 5.07 -1.98 4.84
CA SER A 55 5.74 -3.15 5.39
C SER A 55 6.91 -3.59 4.52
N CYS A 56 6.70 -3.64 3.21
CA CYS A 56 7.74 -4.09 2.28
C CYS A 56 8.86 -3.05 2.13
N SER A 57 8.53 -1.78 2.30
CA SER A 57 9.51 -0.72 2.06
C SER A 57 10.29 -0.37 3.33
N GLY A 58 9.83 -0.85 4.47
CA GLY A 58 10.52 -0.57 5.71
C GLY A 58 9.86 -1.19 6.92
N ASP A 59 9.30 -0.35 7.77
CA ASP A 59 8.72 -0.81 9.03
C ASP A 59 7.23 -0.55 9.03
N VAL A 60 6.47 -1.42 9.69
CA VAL A 60 5.03 -1.27 9.74
C VAL A 60 4.52 -1.35 11.18
N THR A 61 3.82 -0.33 11.61
CA THR A 61 3.19 -0.33 12.90
C THR A 61 1.67 -0.42 12.74
N PRO A 62 1.08 -1.60 13.00
CA PRO A 62 -0.35 -1.83 12.81
C PRO A 62 -1.20 -0.99 13.74
N ALA A 63 -2.27 -0.42 13.19
CA ALA A 63 -3.17 0.43 13.95
C ALA A 63 -4.14 -0.42 14.77
N PRO A 64 -4.69 0.12 15.87
CA PRO A 64 -5.62 -0.59 16.75
C PRO A 64 -7.00 -0.80 16.11
N VAL A 65 -7.02 -0.78 14.80
CA VAL A 65 -8.23 -1.05 14.03
C VAL A 65 -7.97 -2.21 13.08
N GLU A 66 -6.81 -2.82 13.23
CA GLU A 66 -6.40 -3.94 12.39
C GLU A 66 -6.30 -5.21 13.22
N GLY A 1 -4.68 -5.36 -24.30
CA GLY A 1 -4.05 -6.59 -23.77
C GLY A 1 -4.68 -7.03 -22.47
N ALA A 2 -4.34 -8.22 -22.02
CA ALA A 2 -4.94 -8.77 -20.82
C ALA A 2 -4.27 -8.23 -19.56
N MET A 3 -2.98 -8.48 -19.41
CA MET A 3 -2.27 -8.15 -18.19
C MET A 3 -1.90 -6.67 -18.10
N GLU A 4 -2.82 -5.81 -18.52
CA GLU A 4 -2.67 -4.38 -18.34
C GLU A 4 -3.83 -3.84 -17.52
N GLY A 5 -4.79 -4.72 -17.24
CA GLY A 5 -5.95 -4.34 -16.47
C GLY A 5 -6.63 -5.52 -15.81
N GLN A 6 -7.41 -6.27 -16.58
CA GLN A 6 -8.18 -7.41 -16.06
C GLN A 6 -9.10 -6.94 -14.95
N GLN A 7 -9.65 -5.75 -15.12
CA GLN A 7 -10.46 -5.09 -14.10
C GLN A 7 -9.63 -4.93 -12.82
N ASN A 8 -8.64 -4.04 -12.88
CA ASN A 8 -7.76 -3.81 -11.75
C ASN A 8 -8.42 -2.88 -10.75
N LEU A 9 -9.45 -3.39 -10.10
CA LEU A 9 -10.16 -2.65 -9.08
C LEU A 9 -10.72 -3.61 -8.05
N ALA A 10 -10.04 -3.72 -6.93
CA ALA A 10 -10.46 -4.62 -5.88
C ALA A 10 -11.44 -3.91 -4.95
N PRO A 11 -12.64 -4.49 -4.79
CA PRO A 11 -13.71 -3.89 -3.98
C PRO A 11 -13.34 -3.80 -2.50
N GLY A 12 -12.46 -4.68 -2.07
CA GLY A 12 -12.04 -4.71 -0.69
C GLY A 12 -10.67 -4.11 -0.48
N ALA A 13 -10.24 -3.26 -1.40
CA ALA A 13 -8.93 -2.62 -1.32
C ALA A 13 -9.02 -1.15 -1.65
N ARG A 14 -8.89 -0.32 -0.62
CA ARG A 14 -8.91 1.13 -0.78
C ARG A 14 -7.82 1.75 0.07
N CYS A 15 -7.49 3.01 -0.19
CA CYS A 15 -6.54 3.74 0.63
C CYS A 15 -7.15 4.00 2.00
N GLY A 16 -6.68 3.27 3.01
CA GLY A 16 -7.24 3.36 4.35
C GLY A 16 -7.17 4.76 4.93
N VAL A 17 -6.25 5.57 4.41
CA VAL A 17 -6.11 6.94 4.84
C VAL A 17 -7.22 7.82 4.26
N CYS A 18 -7.71 7.46 3.09
CA CYS A 18 -8.68 8.27 2.38
C CYS A 18 -10.09 7.66 2.37
N GLY A 19 -10.16 6.37 2.08
CA GLY A 19 -11.45 5.73 1.90
C GLY A 19 -11.76 5.51 0.44
N ASP A 20 -11.05 6.23 -0.43
CA ASP A 20 -11.20 6.09 -1.87
C ASP A 20 -10.22 5.07 -2.42
N GLY A 21 -10.62 4.41 -3.50
CA GLY A 21 -9.73 3.49 -4.19
C GLY A 21 -9.33 4.04 -5.54
N THR A 22 -9.69 5.29 -5.79
CA THR A 22 -9.39 5.97 -7.03
C THR A 22 -7.90 6.31 -7.11
N ASP A 23 -7.30 6.08 -8.29
CA ASP A 23 -5.86 6.27 -8.54
C ASP A 23 -5.03 5.72 -7.38
N VAL A 24 -5.37 4.51 -6.98
CA VAL A 24 -4.73 3.86 -5.86
C VAL A 24 -3.51 3.08 -6.34
N LEU A 25 -2.44 3.12 -5.58
CA LEU A 25 -1.22 2.43 -5.95
C LEU A 25 -1.21 1.03 -5.38
N ARG A 26 -0.64 0.11 -6.14
CA ARG A 26 -0.58 -1.28 -5.75
C ARG A 26 0.86 -1.66 -5.41
N CYS A 27 1.02 -2.60 -4.50
CA CYS A 27 2.35 -3.01 -4.07
C CYS A 27 2.93 -4.04 -5.04
N THR A 28 4.20 -3.87 -5.36
CA THR A 28 4.89 -4.73 -6.32
C THR A 28 5.44 -6.00 -5.67
N HIS A 29 5.30 -6.10 -4.35
CA HIS A 29 5.79 -7.26 -3.63
C HIS A 29 4.70 -7.97 -2.86
N CYS A 30 3.56 -7.30 -2.69
CA CYS A 30 2.41 -7.90 -2.03
C CYS A 30 1.13 -7.28 -2.55
N ALA A 31 0.02 -7.54 -1.86
CA ALA A 31 -1.27 -6.99 -2.24
C ALA A 31 -1.64 -5.85 -1.29
N ALA A 32 -1.72 -4.65 -1.82
CA ALA A 32 -2.07 -3.47 -1.03
C ALA A 32 -2.58 -2.35 -1.93
N ALA A 33 -3.52 -1.58 -1.41
CA ALA A 33 -4.05 -0.43 -2.12
C ALA A 33 -3.94 0.82 -1.26
N PHE A 34 -3.09 1.75 -1.70
CA PHE A 34 -2.87 2.98 -0.95
C PHE A 34 -2.32 4.05 -1.89
N HIS A 35 -2.39 5.31 -1.47
CA HIS A 35 -1.76 6.38 -2.23
C HIS A 35 -0.38 6.65 -1.64
N TRP A 36 0.61 6.86 -2.49
CA TRP A 36 1.99 7.02 -2.03
C TRP A 36 2.09 8.05 -0.91
N ARG A 37 1.55 9.24 -1.16
CA ARG A 37 1.67 10.37 -0.24
C ARG A 37 0.92 10.12 1.07
N CYS A 38 0.00 9.15 1.06
CA CYS A 38 -0.80 8.83 2.23
C CYS A 38 -0.04 7.87 3.15
N HIS A 39 0.92 7.15 2.58
CA HIS A 39 1.73 6.23 3.36
C HIS A 39 3.10 6.82 3.63
N PHE A 40 3.61 7.59 2.68
CA PHE A 40 4.91 8.21 2.81
C PHE A 40 4.78 9.72 2.62
N PRO A 41 5.39 10.51 3.52
CA PRO A 41 5.38 11.97 3.43
C PRO A 41 5.93 12.45 2.09
N ALA A 42 5.50 13.65 1.70
CA ALA A 42 5.82 14.20 0.38
C ALA A 42 7.31 14.36 0.15
N GLY A 43 8.08 14.39 1.24
CA GLY A 43 9.52 14.46 1.13
C GLY A 43 10.12 13.14 0.66
N THR A 44 9.35 12.07 0.79
CA THR A 44 9.79 10.76 0.36
C THR A 44 9.49 10.57 -1.13
N SER A 45 10.51 10.23 -1.89
CA SER A 45 10.38 10.10 -3.33
C SER A 45 9.96 8.69 -3.70
N ARG A 46 9.02 8.59 -4.63
CA ARG A 46 8.52 7.30 -5.10
C ARG A 46 9.60 6.58 -5.90
N PRO A 47 9.95 5.35 -5.49
CA PRO A 47 11.00 4.58 -6.15
C PRO A 47 10.59 4.07 -7.52
N GLY A 48 11.53 4.06 -8.46
CA GLY A 48 11.27 3.51 -9.77
C GLY A 48 11.61 2.03 -9.84
N THR A 49 11.96 1.47 -8.70
CA THR A 49 12.30 0.06 -8.59
C THR A 49 11.08 -0.76 -8.20
N GLY A 50 9.91 -0.18 -8.41
CA GLY A 50 8.68 -0.84 -8.01
C GLY A 50 8.08 -0.21 -6.77
N LEU A 51 6.78 0.01 -6.79
CA LEU A 51 6.08 0.62 -5.67
C LEU A 51 6.04 -0.36 -4.49
N ARG A 52 6.54 0.07 -3.35
CA ARG A 52 6.57 -0.77 -2.15
C ARG A 52 5.73 -0.17 -1.05
N CYS A 53 4.98 -1.01 -0.36
CA CYS A 53 4.20 -0.57 0.79
C CYS A 53 5.10 -0.50 2.03
N ARG A 54 4.52 -0.17 3.18
CA ARG A 54 5.28 -0.02 4.40
C ARG A 54 6.06 -1.29 4.74
N SER A 55 5.36 -2.41 4.76
CA SER A 55 5.96 -3.68 5.16
C SER A 55 7.08 -4.08 4.20
N CYS A 56 6.81 -4.00 2.90
CA CYS A 56 7.79 -4.43 1.89
C CYS A 56 8.97 -3.46 1.79
N SER A 57 8.81 -2.23 2.30
CA SER A 57 9.91 -1.28 2.28
C SER A 57 10.86 -1.54 3.45
N GLY A 58 10.40 -2.36 4.39
CA GLY A 58 11.22 -2.73 5.53
C GLY A 58 11.55 -4.21 5.52
N ASP A 59 11.09 -4.93 6.53
CA ASP A 59 11.37 -6.36 6.62
C ASP A 59 10.23 -7.08 7.34
N VAL A 60 9.93 -8.29 6.91
CA VAL A 60 8.85 -9.07 7.48
C VAL A 60 9.36 -9.90 8.65
N THR A 61 9.11 -9.41 9.85
CA THR A 61 9.60 -10.05 11.07
C THR A 61 8.50 -10.87 11.74
N PRO A 62 8.58 -12.21 11.64
CA PRO A 62 7.64 -13.10 12.32
C PRO A 62 7.82 -13.04 13.85
N ALA A 63 6.71 -13.12 14.57
CA ALA A 63 6.75 -13.08 16.02
C ALA A 63 7.35 -14.36 16.59
N PRO A 64 8.46 -14.25 17.34
CA PRO A 64 9.13 -15.41 17.93
C PRO A 64 8.46 -15.86 19.22
N VAL A 65 7.14 -15.87 19.23
CA VAL A 65 6.37 -16.27 20.40
C VAL A 65 5.55 -17.51 20.07
N GLU A 66 6.06 -18.66 20.46
CA GLU A 66 5.41 -19.92 20.17
C GLU A 66 5.40 -20.82 21.40
N GLY A 1 -33.46 -3.17 -8.34
CA GLY A 1 -34.55 -2.34 -8.88
C GLY A 1 -34.08 -0.95 -9.26
N ALA A 2 -34.40 -0.55 -10.50
CA ALA A 2 -34.02 0.76 -11.04
C ALA A 2 -32.50 0.91 -11.14
N MET A 3 -31.88 1.36 -10.05
CA MET A 3 -30.43 1.53 -10.02
C MET A 3 -29.93 1.51 -8.58
N GLU A 4 -29.72 0.31 -8.06
CA GLU A 4 -29.21 0.16 -6.71
C GLU A 4 -27.73 -0.18 -6.74
N GLY A 5 -26.93 0.76 -7.22
CA GLY A 5 -25.50 0.57 -7.32
C GLY A 5 -24.75 1.76 -6.75
N GLN A 6 -25.27 2.30 -5.67
CA GLN A 6 -24.63 3.45 -5.03
C GLN A 6 -23.49 2.99 -4.14
N GLN A 7 -23.57 1.75 -3.69
CA GLN A 7 -22.50 1.14 -2.93
C GLN A 7 -21.43 0.61 -3.88
N ASN A 8 -20.29 1.27 -3.90
CA ASN A 8 -19.20 0.90 -4.80
C ASN A 8 -18.03 0.33 -4.00
N LEU A 9 -18.05 -0.98 -3.79
CA LEU A 9 -16.99 -1.65 -3.06
C LEU A 9 -15.82 -1.96 -4.01
N ALA A 10 -14.67 -1.38 -3.71
CA ALA A 10 -13.48 -1.59 -4.53
C ALA A 10 -12.92 -2.99 -4.31
N PRO A 11 -12.47 -3.65 -5.39
CA PRO A 11 -11.94 -5.02 -5.32
C PRO A 11 -10.58 -5.09 -4.63
N GLY A 12 -10.58 -4.87 -3.33
CA GLY A 12 -9.35 -4.90 -2.56
C GLY A 12 -8.40 -3.81 -2.97
N ALA A 13 -8.96 -2.66 -3.33
CA ALA A 13 -8.16 -1.56 -3.85
C ALA A 13 -8.71 -0.22 -3.36
N ARG A 14 -8.47 0.10 -2.11
CA ARG A 14 -8.94 1.35 -1.53
C ARG A 14 -7.96 1.86 -0.47
N CYS A 15 -7.56 3.12 -0.61
CA CYS A 15 -6.67 3.76 0.36
C CYS A 15 -7.41 3.95 1.68
N GLY A 16 -6.98 3.22 2.70
CA GLY A 16 -7.66 3.26 3.99
C GLY A 16 -7.57 4.61 4.65
N VAL A 17 -6.47 5.32 4.40
CA VAL A 17 -6.28 6.65 4.97
C VAL A 17 -7.33 7.63 4.45
N CYS A 18 -7.69 7.49 3.18
CA CYS A 18 -8.65 8.39 2.57
C CYS A 18 -10.07 7.81 2.59
N GLY A 19 -10.16 6.54 2.27
CA GLY A 19 -11.46 5.90 2.10
C GLY A 19 -11.82 5.78 0.65
N ASP A 20 -10.91 6.23 -0.22
CA ASP A 20 -11.12 6.19 -1.65
C ASP A 20 -10.08 5.30 -2.32
N GLY A 21 -10.51 4.58 -3.35
CA GLY A 21 -9.60 3.71 -4.06
C GLY A 21 -9.29 4.23 -5.45
N THR A 22 -9.74 5.44 -5.73
CA THR A 22 -9.48 6.07 -7.03
C THR A 22 -8.02 6.48 -7.12
N ASP A 23 -7.39 6.16 -8.27
CA ASP A 23 -5.97 6.44 -8.50
C ASP A 23 -5.12 5.86 -7.39
N VAL A 24 -5.37 4.59 -7.06
CA VAL A 24 -4.69 3.95 -5.96
C VAL A 24 -3.42 3.24 -6.44
N LEU A 25 -2.39 3.25 -5.61
CA LEU A 25 -1.13 2.61 -5.96
C LEU A 25 -1.08 1.20 -5.37
N ARG A 26 -0.41 0.31 -6.08
CA ARG A 26 -0.33 -1.09 -5.70
C ARG A 26 1.09 -1.47 -5.30
N CYS A 27 1.20 -2.44 -4.39
CA CYS A 27 2.49 -2.95 -4.00
C CYS A 27 2.95 -3.99 -5.02
N THR A 28 4.20 -3.91 -5.44
CA THR A 28 4.68 -4.80 -6.48
C THR A 28 5.17 -6.13 -5.89
N HIS A 29 5.31 -6.18 -4.57
CA HIS A 29 5.78 -7.40 -3.91
C HIS A 29 4.66 -8.11 -3.15
N CYS A 30 3.58 -7.39 -2.88
CA CYS A 30 2.43 -7.99 -2.20
C CYS A 30 1.15 -7.28 -2.63
N ALA A 31 0.07 -7.52 -1.93
CA ALA A 31 -1.21 -6.92 -2.27
C ALA A 31 -1.53 -5.78 -1.31
N ALA A 32 -1.56 -4.57 -1.85
CA ALA A 32 -1.83 -3.38 -1.05
C ALA A 32 -2.34 -2.26 -1.93
N ALA A 33 -3.23 -1.44 -1.37
CA ALA A 33 -3.81 -0.33 -2.10
C ALA A 33 -3.77 0.93 -1.25
N PHE A 34 -2.96 1.89 -1.67
CA PHE A 34 -2.81 3.13 -0.94
C PHE A 34 -2.33 4.22 -1.88
N HIS A 35 -2.43 5.46 -1.44
CA HIS A 35 -1.83 6.56 -2.18
C HIS A 35 -0.48 6.86 -1.57
N TRP A 36 0.52 7.10 -2.40
CA TRP A 36 1.90 7.28 -1.94
C TRP A 36 1.99 8.25 -0.76
N ARG A 37 1.40 9.43 -0.92
CA ARG A 37 1.48 10.47 0.10
C ARG A 37 0.84 10.04 1.43
N CYS A 38 -0.19 9.22 1.33
CA CYS A 38 -0.95 8.80 2.49
C CYS A 38 -0.15 7.84 3.35
N HIS A 39 0.85 7.21 2.75
CA HIS A 39 1.72 6.30 3.46
C HIS A 39 3.07 6.93 3.74
N PHE A 40 3.62 7.61 2.74
CA PHE A 40 4.95 8.19 2.84
C PHE A 40 4.88 9.72 2.80
N PRO A 41 5.75 10.39 3.58
CA PRO A 41 5.83 11.86 3.62
C PRO A 41 5.88 12.49 2.23
N ALA A 42 5.33 13.69 2.13
CA ALA A 42 5.15 14.38 0.85
C ALA A 42 6.48 14.71 0.16
N GLY A 43 7.57 14.65 0.92
CA GLY A 43 8.87 14.90 0.35
C GLY A 43 9.57 13.62 -0.09
N THR A 44 8.79 12.57 -0.25
CA THR A 44 9.32 11.29 -0.68
C THR A 44 8.93 11.01 -2.13
N SER A 45 9.90 10.63 -2.95
CA SER A 45 9.64 10.34 -4.35
C SER A 45 9.26 8.87 -4.51
N ARG A 46 8.20 8.61 -5.27
CA ARG A 46 7.73 7.26 -5.48
C ARG A 46 8.57 6.55 -6.55
N PRO A 47 9.05 5.34 -6.24
CA PRO A 47 9.83 4.54 -7.19
C PRO A 47 8.97 3.97 -8.31
N GLY A 48 9.57 3.85 -9.50
CA GLY A 48 8.87 3.27 -10.62
C GLY A 48 9.16 1.79 -10.74
N THR A 49 10.40 1.43 -10.51
CA THR A 49 10.81 0.04 -10.54
C THR A 49 10.92 -0.51 -9.12
N GLY A 50 9.80 -0.94 -8.57
CA GLY A 50 9.80 -1.52 -7.26
C GLY A 50 9.00 -0.72 -6.25
N LEU A 51 7.69 -0.63 -6.48
CA LEU A 51 6.81 0.06 -5.53
C LEU A 51 6.56 -0.87 -4.34
N ARG A 52 6.91 -0.40 -3.15
CA ARG A 52 6.84 -1.23 -1.96
C ARG A 52 6.01 -0.55 -0.88
N CYS A 53 5.08 -1.29 -0.29
CA CYS A 53 4.30 -0.79 0.83
C CYS A 53 5.17 -0.74 2.08
N ARG A 54 4.60 -0.29 3.20
CA ARG A 54 5.38 -0.09 4.42
C ARG A 54 6.03 -1.39 4.89
N SER A 55 5.28 -2.47 4.83
CA SER A 55 5.79 -3.76 5.28
C SER A 55 6.92 -4.26 4.39
N CYS A 56 6.73 -4.17 3.08
CA CYS A 56 7.74 -4.66 2.14
C CYS A 56 8.98 -3.77 2.10
N SER A 57 8.79 -2.47 2.31
CA SER A 57 9.92 -1.53 2.29
C SER A 57 10.61 -1.50 3.64
N GLY A 58 9.98 -2.10 4.64
CA GLY A 58 10.53 -2.14 5.97
C GLY A 58 10.85 -3.54 6.40
N ASP A 59 11.91 -4.10 5.86
CA ASP A 59 12.32 -5.45 6.19
C ASP A 59 13.25 -5.43 7.39
N VAL A 60 13.01 -6.34 8.33
CA VAL A 60 13.81 -6.42 9.53
C VAL A 60 13.99 -7.88 9.94
N THR A 61 15.15 -8.20 10.47
CA THR A 61 15.43 -9.54 10.94
C THR A 61 15.11 -9.66 12.43
N PRO A 62 13.99 -10.31 12.76
CA PRO A 62 13.53 -10.42 14.15
C PRO A 62 14.37 -11.39 14.96
N ALA A 63 14.61 -11.03 16.21
CA ALA A 63 15.42 -11.86 17.10
C ALA A 63 14.62 -13.08 17.54
N PRO A 64 15.25 -14.27 17.51
CA PRO A 64 14.61 -15.52 17.94
C PRO A 64 14.40 -15.58 19.44
N VAL A 65 13.53 -14.71 19.94
CA VAL A 65 13.24 -14.61 21.35
C VAL A 65 11.74 -14.56 21.57
N GLU A 66 11.29 -15.07 22.70
CA GLU A 66 9.88 -15.13 23.01
C GLU A 66 9.46 -13.96 23.90
N GLY A 1 -5.93 -25.11 6.14
CA GLY A 1 -5.40 -24.45 4.94
C GLY A 1 -5.34 -22.94 5.09
N ALA A 2 -5.11 -22.24 3.98
CA ALA A 2 -5.00 -20.79 3.97
C ALA A 2 -3.89 -20.31 4.90
N MET A 3 -2.67 -20.30 4.39
CA MET A 3 -1.51 -19.83 5.15
C MET A 3 -1.63 -18.33 5.37
N GLU A 4 -2.32 -17.67 4.45
CA GLU A 4 -2.65 -16.25 4.54
C GLU A 4 -1.39 -15.38 4.62
N GLY A 5 -1.01 -14.95 5.82
CA GLY A 5 0.16 -14.11 5.97
C GLY A 5 -0.07 -12.70 5.45
N GLN A 6 1.03 -12.02 5.15
CA GLN A 6 1.01 -10.63 4.72
C GLN A 6 0.32 -10.45 3.36
N GLN A 7 0.34 -11.50 2.54
CA GLN A 7 -0.22 -11.43 1.19
C GLN A 7 -1.74 -11.55 1.21
N ASN A 8 -2.30 -11.87 2.38
CA ASN A 8 -3.74 -12.04 2.51
C ASN A 8 -4.43 -10.68 2.59
N LEU A 9 -4.82 -10.15 1.44
CA LEU A 9 -5.51 -8.87 1.38
C LEU A 9 -7.02 -9.08 1.56
N ALA A 10 -7.57 -8.40 2.54
CA ALA A 10 -8.99 -8.48 2.85
C ALA A 10 -9.85 -7.99 1.68
N PRO A 11 -11.15 -8.38 1.64
CA PRO A 11 -12.09 -7.94 0.60
C PRO A 11 -12.44 -6.45 0.71
N GLY A 12 -11.42 -5.63 0.63
CA GLY A 12 -11.59 -4.20 0.69
C GLY A 12 -10.33 -3.49 0.25
N ALA A 13 -9.92 -3.73 -0.99
CA ALA A 13 -8.72 -3.13 -1.53
C ALA A 13 -8.92 -1.64 -1.75
N ARG A 14 -8.64 -0.86 -0.72
CA ARG A 14 -8.80 0.58 -0.78
C ARG A 14 -7.79 1.24 0.14
N CYS A 15 -7.40 2.45 -0.21
CA CYS A 15 -6.47 3.21 0.61
C CYS A 15 -7.14 3.60 1.92
N GLY A 16 -6.77 2.89 2.99
CA GLY A 16 -7.47 3.04 4.26
C GLY A 16 -7.10 4.28 5.01
N VAL A 17 -6.06 4.98 4.55
CA VAL A 17 -5.63 6.21 5.19
C VAL A 17 -6.63 7.35 4.93
N CYS A 18 -7.14 7.41 3.71
CA CYS A 18 -8.04 8.49 3.33
C CYS A 18 -9.46 7.98 3.09
N GLY A 19 -9.57 6.67 2.85
CA GLY A 19 -10.87 6.08 2.61
C GLY A 19 -11.31 6.21 1.16
N ASP A 20 -10.38 6.62 0.31
CA ASP A 20 -10.67 6.83 -1.10
C ASP A 20 -9.97 5.76 -1.93
N GLY A 21 -10.60 5.37 -3.04
CA GLY A 21 -10.04 4.33 -3.88
C GLY A 21 -9.79 4.80 -5.30
N THR A 22 -9.76 6.10 -5.49
CA THR A 22 -9.51 6.68 -6.79
C THR A 22 -8.01 6.72 -7.08
N ASP A 23 -7.59 6.02 -8.13
CA ASP A 23 -6.18 5.99 -8.55
C ASP A 23 -5.30 5.45 -7.43
N VAL A 24 -5.53 4.19 -7.06
CA VAL A 24 -4.73 3.55 -6.04
C VAL A 24 -3.51 2.87 -6.63
N LEU A 25 -2.40 2.98 -5.93
CA LEU A 25 -1.17 2.35 -6.35
C LEU A 25 -1.06 0.97 -5.74
N ARG A 26 -0.47 0.05 -6.48
CA ARG A 26 -0.34 -1.33 -6.02
C ARG A 26 1.10 -1.67 -5.68
N CYS A 27 1.26 -2.43 -4.62
CA CYS A 27 2.58 -2.91 -4.23
C CYS A 27 3.07 -3.92 -5.25
N THR A 28 4.28 -3.73 -5.76
CA THR A 28 4.85 -4.66 -6.74
C THR A 28 5.52 -5.82 -6.02
N HIS A 29 5.62 -5.70 -4.71
CA HIS A 29 6.25 -6.72 -3.89
C HIS A 29 5.20 -7.61 -3.22
N CYS A 30 4.01 -7.06 -2.98
CA CYS A 30 2.93 -7.85 -2.39
C CYS A 30 1.58 -7.29 -2.83
N ALA A 31 0.52 -7.63 -2.10
CA ALA A 31 -0.82 -7.20 -2.42
C ALA A 31 -1.26 -6.06 -1.52
N ALA A 32 -1.58 -4.91 -2.13
CA ALA A 32 -2.04 -3.74 -1.39
C ALA A 32 -2.47 -2.65 -2.36
N ALA A 33 -3.55 -1.95 -2.00
CA ALA A 33 -4.03 -0.82 -2.78
C ALA A 33 -4.04 0.43 -1.90
N PHE A 34 -3.18 1.38 -2.21
CA PHE A 34 -3.01 2.55 -1.38
C PHE A 34 -2.47 3.73 -2.18
N HIS A 35 -2.48 4.90 -1.58
CA HIS A 35 -1.87 6.08 -2.18
C HIS A 35 -0.52 6.35 -1.54
N TRP A 36 0.46 6.63 -2.38
CA TRP A 36 1.82 6.89 -1.93
C TRP A 36 1.85 8.15 -1.07
N ARG A 37 1.02 9.13 -1.42
CA ARG A 37 0.97 10.40 -0.71
C ARG A 37 0.22 10.29 0.62
N CYS A 38 -0.56 9.22 0.78
CA CYS A 38 -1.27 8.97 2.02
C CYS A 38 -0.36 8.22 3.01
N HIS A 39 0.63 7.53 2.48
CA HIS A 39 1.58 6.79 3.30
C HIS A 39 2.80 7.65 3.60
N PHE A 40 3.38 8.22 2.56
CA PHE A 40 4.57 9.04 2.68
C PHE A 40 4.26 10.46 2.26
N PRO A 41 4.99 11.45 2.80
CA PRO A 41 4.90 12.83 2.35
C PRO A 41 5.21 12.93 0.86
N ALA A 42 4.57 13.89 0.20
CA ALA A 42 4.70 14.06 -1.25
C ALA A 42 6.13 14.42 -1.65
N GLY A 43 6.94 14.76 -0.66
CA GLY A 43 8.35 15.04 -0.91
C GLY A 43 9.19 13.77 -0.87
N THR A 44 8.54 12.63 -0.77
CA THR A 44 9.23 11.35 -0.74
C THR A 44 9.33 10.78 -2.16
N SER A 45 10.46 10.18 -2.48
CA SER A 45 10.67 9.61 -3.80
C SER A 45 10.16 8.17 -3.84
N ARG A 46 9.60 7.78 -4.97
CA ARG A 46 9.05 6.45 -5.13
C ARG A 46 10.13 5.51 -5.64
N PRO A 47 10.31 4.35 -4.98
CA PRO A 47 11.39 3.42 -5.29
C PRO A 47 11.33 2.89 -6.71
N GLY A 48 12.48 2.91 -7.39
CA GLY A 48 12.57 2.39 -8.73
C GLY A 48 12.76 0.90 -8.73
N THR A 49 13.02 0.36 -7.55
CA THR A 49 13.17 -1.07 -7.37
C THR A 49 11.81 -1.72 -7.06
N GLY A 50 10.76 -1.06 -7.51
CA GLY A 50 9.43 -1.56 -7.28
C GLY A 50 8.72 -0.78 -6.20
N LEU A 51 7.49 -0.37 -6.48
CA LEU A 51 6.69 0.36 -5.51
C LEU A 51 6.43 -0.50 -4.29
N ARG A 52 6.82 -0.03 -3.13
CA ARG A 52 6.68 -0.80 -1.90
C ARG A 52 5.61 -0.18 -1.01
N CYS A 53 4.93 -1.04 -0.28
CA CYS A 53 3.93 -0.61 0.68
C CYS A 53 4.59 -0.43 2.05
N ARG A 54 3.77 -0.24 3.08
CA ARG A 54 4.28 -0.04 4.43
C ARG A 54 5.07 -1.26 4.90
N SER A 55 4.49 -2.45 4.76
CA SER A 55 5.10 -3.68 5.27
C SER A 55 6.36 -4.05 4.51
N CYS A 56 6.36 -3.82 3.21
CA CYS A 56 7.53 -4.11 2.38
C CYS A 56 8.65 -3.09 2.62
N SER A 57 8.30 -1.98 3.24
CA SER A 57 9.29 -0.98 3.63
C SER A 57 9.67 -1.17 5.11
N GLY A 58 9.16 -2.24 5.70
CA GLY A 58 9.37 -2.52 7.11
C GLY A 58 8.13 -3.15 7.70
N ASP A 59 8.29 -4.03 8.68
CA ASP A 59 7.17 -4.84 9.12
C ASP A 59 6.34 -4.08 10.15
N VAL A 60 5.03 -4.07 9.91
CA VAL A 60 4.10 -3.37 10.79
C VAL A 60 3.65 -4.29 11.90
N THR A 61 4.51 -4.45 12.89
CA THR A 61 4.20 -5.28 14.04
C THR A 61 3.26 -4.54 14.99
N PRO A 62 2.04 -5.07 15.18
CA PRO A 62 1.06 -4.47 16.08
C PRO A 62 1.60 -4.34 17.50
N ALA A 63 1.40 -3.17 18.09
CA ALA A 63 1.84 -2.93 19.45
C ALA A 63 0.87 -3.55 20.45
N PRO A 64 1.40 -4.19 21.50
CA PRO A 64 0.58 -4.84 22.52
C PRO A 64 -0.16 -3.84 23.41
N VAL A 65 -1.18 -3.21 22.85
CA VAL A 65 -2.00 -2.28 23.61
C VAL A 65 -3.24 -3.01 24.13
N GLU A 66 -3.04 -4.29 24.45
CA GLU A 66 -4.11 -5.12 24.96
C GLU A 66 -4.16 -5.02 26.48
N GLY A 1 0.05 -6.11 -11.44
CA GLY A 1 -0.60 -6.89 -12.51
C GLY A 1 -1.97 -7.37 -12.12
N ALA A 2 -2.63 -8.08 -13.02
CA ALA A 2 -3.94 -8.63 -12.73
C ALA A 2 -3.81 -9.92 -11.93
N MET A 3 -4.85 -10.26 -11.20
CA MET A 3 -4.82 -11.47 -10.38
C MET A 3 -5.70 -12.56 -10.99
N GLU A 4 -5.14 -13.24 -11.99
CA GLU A 4 -5.85 -14.32 -12.66
C GLU A 4 -5.85 -15.57 -11.80
N GLY A 5 -6.97 -16.27 -11.82
CA GLY A 5 -7.15 -17.43 -10.97
C GLY A 5 -8.45 -17.33 -10.21
N GLN A 6 -8.77 -18.35 -9.45
CA GLN A 6 -10.00 -18.35 -8.66
C GLN A 6 -9.74 -17.76 -7.28
N GLN A 7 -9.01 -16.66 -7.26
CA GLN A 7 -8.63 -15.99 -6.04
C GLN A 7 -9.60 -14.88 -5.69
N ASN A 8 -10.60 -15.20 -4.87
CA ASN A 8 -11.56 -14.21 -4.43
C ASN A 8 -11.00 -13.41 -3.26
N LEU A 9 -9.86 -13.86 -2.75
CA LEU A 9 -9.19 -13.19 -1.65
C LEU A 9 -8.42 -11.97 -2.14
N ALA A 10 -9.15 -11.03 -2.72
CA ALA A 10 -8.57 -9.81 -3.26
C ALA A 10 -8.64 -8.69 -2.23
N PRO A 11 -7.54 -7.93 -2.05
CA PRO A 11 -7.51 -6.77 -1.16
C PRO A 11 -8.38 -5.64 -1.66
N GLY A 12 -8.82 -5.76 -2.91
CA GLY A 12 -9.68 -4.76 -3.51
C GLY A 12 -8.89 -3.64 -4.14
N ALA A 13 -9.44 -2.44 -4.09
CA ALA A 13 -8.76 -1.27 -4.61
C ALA A 13 -9.26 -0.01 -3.90
N ARG A 14 -8.83 0.15 -2.65
CA ARG A 14 -9.21 1.32 -1.88
C ARG A 14 -8.15 1.65 -0.85
N CYS A 15 -7.80 2.91 -0.77
CA CYS A 15 -6.82 3.39 0.19
C CYS A 15 -7.53 3.79 1.48
N GLY A 16 -7.43 2.93 2.49
CA GLY A 16 -8.20 3.11 3.71
C GLY A 16 -7.59 4.14 4.65
N VAL A 17 -6.42 4.64 4.29
CA VAL A 17 -5.75 5.65 5.10
C VAL A 17 -6.49 6.98 4.99
N CYS A 18 -7.09 7.22 3.84
CA CYS A 18 -7.83 8.45 3.62
C CYS A 18 -9.32 8.14 3.39
N GLY A 19 -9.58 7.08 2.64
CA GLY A 19 -10.94 6.69 2.37
C GLY A 19 -11.24 6.58 0.88
N ASP A 20 -10.36 7.15 0.07
CA ASP A 20 -10.56 7.16 -1.38
C ASP A 20 -9.89 5.95 -2.03
N GLY A 21 -10.55 5.38 -3.02
CA GLY A 21 -10.00 4.26 -3.74
C GLY A 21 -9.64 4.62 -5.17
N THR A 22 -9.80 5.88 -5.51
CA THR A 22 -9.46 6.37 -6.82
C THR A 22 -7.95 6.63 -6.92
N ASP A 23 -7.36 6.18 -8.03
CA ASP A 23 -5.94 6.40 -8.32
C ASP A 23 -5.07 5.78 -7.22
N VAL A 24 -5.35 4.53 -6.90
CA VAL A 24 -4.57 3.81 -5.90
C VAL A 24 -3.38 3.10 -6.53
N LEU A 25 -2.28 3.05 -5.81
CA LEU A 25 -1.09 2.39 -6.27
C LEU A 25 -0.99 0.99 -5.66
N ARG A 26 -0.31 0.09 -6.36
CA ARG A 26 -0.20 -1.29 -5.92
C ARG A 26 1.21 -1.56 -5.40
N CYS A 27 1.33 -2.54 -4.52
CA CYS A 27 2.63 -2.96 -4.03
C CYS A 27 3.18 -4.04 -4.95
N THR A 28 4.49 -4.03 -5.16
CA THR A 28 5.12 -5.02 -6.03
C THR A 28 5.53 -6.27 -5.24
N HIS A 29 5.72 -6.10 -3.94
CA HIS A 29 6.15 -7.22 -3.08
C HIS A 29 4.96 -7.89 -2.43
N CYS A 30 3.83 -7.20 -2.39
CA CYS A 30 2.61 -7.77 -1.86
C CYS A 30 1.41 -7.15 -2.56
N ALA A 31 0.22 -7.52 -2.15
CA ALA A 31 -1.00 -7.02 -2.76
C ALA A 31 -1.66 -5.97 -1.89
N ALA A 32 -1.79 -4.77 -2.41
CA ALA A 32 -2.39 -3.67 -1.67
C ALA A 32 -2.70 -2.52 -2.61
N ALA A 33 -3.74 -1.77 -2.28
CA ALA A 33 -4.09 -0.57 -3.03
C ALA A 33 -4.08 0.63 -2.11
N PHE A 34 -3.13 1.53 -2.33
CA PHE A 34 -2.92 2.65 -1.44
C PHE A 34 -2.32 3.83 -2.17
N HIS A 35 -2.43 5.00 -1.57
CA HIS A 35 -1.78 6.18 -2.12
C HIS A 35 -0.39 6.31 -1.52
N TRP A 36 0.57 6.64 -2.37
CA TRP A 36 1.95 6.84 -1.94
C TRP A 36 2.02 7.99 -0.93
N ARG A 37 1.17 8.99 -1.14
CA ARG A 37 1.12 10.15 -0.24
C ARG A 37 0.48 9.80 1.10
N CYS A 38 -0.32 8.73 1.12
CA CYS A 38 -1.00 8.33 2.34
C CYS A 38 -0.16 7.36 3.16
N HIS A 39 0.76 6.65 2.50
CA HIS A 39 1.61 5.69 3.19
C HIS A 39 3.01 6.25 3.45
N PHE A 40 3.39 7.26 2.68
CA PHE A 40 4.69 7.88 2.81
C PHE A 40 4.56 9.38 2.89
N PRO A 41 5.47 10.06 3.60
CA PRO A 41 5.51 11.53 3.66
C PRO A 41 5.61 12.13 2.26
N ALA A 42 4.99 13.30 2.12
CA ALA A 42 4.83 13.95 0.82
C ALA A 42 6.16 14.23 0.13
N GLY A 43 7.23 14.33 0.91
CA GLY A 43 8.54 14.60 0.35
C GLY A 43 9.17 13.37 -0.28
N THR A 44 8.57 12.21 -0.04
CA THR A 44 9.07 10.96 -0.58
C THR A 44 8.80 10.87 -2.08
N SER A 45 9.82 10.55 -2.86
CA SER A 45 9.67 10.46 -4.30
C SER A 45 9.25 9.05 -4.68
N ARG A 46 8.30 8.96 -5.60
CA ARG A 46 7.75 7.67 -6.00
C ARG A 46 8.68 6.97 -6.97
N PRO A 47 9.07 5.71 -6.68
CA PRO A 47 9.94 4.93 -7.57
C PRO A 47 9.22 4.54 -8.85
N GLY A 48 9.92 4.69 -9.97
CA GLY A 48 9.33 4.37 -11.26
C GLY A 48 9.10 2.88 -11.42
N THR A 49 9.91 2.09 -10.75
CA THR A 49 9.77 0.65 -10.76
C THR A 49 10.03 0.09 -9.36
N GLY A 50 9.15 -0.80 -8.91
CA GLY A 50 9.32 -1.40 -7.61
C GLY A 50 8.62 -0.62 -6.52
N LEU A 51 7.31 -0.44 -6.69
CA LEU A 51 6.50 0.24 -5.70
C LEU A 51 6.40 -0.61 -4.43
N ARG A 52 6.78 -0.04 -3.30
CA ARG A 52 6.77 -0.76 -2.03
C ARG A 52 5.82 -0.10 -1.05
N CYS A 53 5.08 -0.90 -0.30
CA CYS A 53 4.28 -0.39 0.79
C CYS A 53 5.15 -0.32 2.04
N ARG A 54 4.70 0.32 3.11
CA ARG A 54 5.56 0.52 4.28
C ARG A 54 5.96 -0.82 4.91
N SER A 55 5.05 -1.79 4.86
CA SER A 55 5.30 -3.09 5.43
C SER A 55 6.44 -3.80 4.71
N CYS A 56 6.42 -3.75 3.38
CA CYS A 56 7.49 -4.37 2.57
C CYS A 56 8.78 -3.57 2.68
N SER A 57 8.68 -2.33 3.14
CA SER A 57 9.83 -1.46 3.30
C SER A 57 10.46 -1.65 4.67
N GLY A 58 10.10 -2.73 5.34
CA GLY A 58 10.64 -3.02 6.65
C GLY A 58 9.80 -2.40 7.75
N ASP A 59 10.46 -1.80 8.72
CA ASP A 59 9.77 -1.14 9.82
C ASP A 59 10.22 0.31 9.92
N VAL A 60 9.69 1.15 9.06
CA VAL A 60 10.06 2.54 9.02
C VAL A 60 9.15 3.37 9.93
N THR A 61 9.55 3.47 11.18
CA THR A 61 8.80 4.25 12.15
C THR A 61 9.54 5.54 12.49
N PRO A 62 8.91 6.70 12.25
CA PRO A 62 9.47 8.01 12.61
C PRO A 62 9.83 8.05 14.09
N ALA A 63 11.00 8.57 14.39
CA ALA A 63 11.50 8.64 15.76
C ALA A 63 10.57 9.48 16.62
N PRO A 64 10.00 8.87 17.68
CA PRO A 64 9.09 9.57 18.60
C PRO A 64 9.82 10.58 19.47
N VAL A 65 9.90 11.81 18.99
CA VAL A 65 10.53 12.88 19.74
C VAL A 65 9.58 14.07 19.89
N GLU A 66 9.72 14.78 21.01
CA GLU A 66 8.92 15.97 21.24
C GLU A 66 9.64 17.21 20.74
N GLY A 1 -24.61 -10.35 -7.91
CA GLY A 1 -25.70 -10.14 -6.92
C GLY A 1 -26.19 -8.70 -6.92
N ALA A 2 -27.34 -8.48 -7.52
CA ALA A 2 -27.92 -7.14 -7.64
C ALA A 2 -28.58 -6.72 -6.33
N MET A 3 -29.19 -7.69 -5.64
CA MET A 3 -29.92 -7.40 -4.42
C MET A 3 -28.97 -7.13 -3.26
N GLU A 4 -27.85 -7.85 -3.23
CA GLU A 4 -26.89 -7.72 -2.14
C GLU A 4 -26.00 -6.48 -2.33
N GLY A 5 -25.93 -5.99 -3.56
CA GLY A 5 -25.12 -4.82 -3.84
C GLY A 5 -24.07 -5.10 -4.88
N GLN A 6 -23.81 -4.13 -5.76
CA GLN A 6 -22.85 -4.31 -6.83
C GLN A 6 -21.43 -4.12 -6.31
N GLN A 7 -21.13 -2.92 -5.83
CA GLN A 7 -19.82 -2.62 -5.28
C GLN A 7 -19.82 -1.23 -4.63
N ASN A 8 -20.14 -1.19 -3.35
CA ASN A 8 -19.98 0.02 -2.55
C ASN A 8 -18.66 -0.05 -1.81
N LEU A 9 -18.33 -1.24 -1.34
CA LEU A 9 -17.05 -1.50 -0.71
C LEU A 9 -16.16 -2.25 -1.68
N ALA A 10 -15.18 -1.56 -2.23
CA ALA A 10 -14.25 -2.16 -3.19
C ALA A 10 -13.52 -3.34 -2.55
N PRO A 11 -13.42 -4.46 -3.27
CA PRO A 11 -12.79 -5.68 -2.75
C PRO A 11 -11.28 -5.56 -2.61
N GLY A 12 -10.86 -4.75 -1.66
CA GLY A 12 -9.45 -4.59 -1.38
C GLY A 12 -8.81 -3.48 -2.19
N ALA A 13 -9.48 -3.06 -3.25
CA ALA A 13 -8.96 -2.01 -4.12
C ALA A 13 -9.40 -0.64 -3.63
N ARG A 14 -8.81 -0.19 -2.54
CA ARG A 14 -9.11 1.10 -1.95
C ARG A 14 -8.10 1.46 -0.87
N CYS A 15 -7.64 2.70 -0.87
CA CYS A 15 -6.71 3.19 0.12
C CYS A 15 -7.45 3.57 1.40
N GLY A 16 -7.34 2.72 2.41
CA GLY A 16 -8.10 2.89 3.64
C GLY A 16 -7.58 4.04 4.48
N VAL A 17 -6.41 4.55 4.14
CA VAL A 17 -5.80 5.65 4.87
C VAL A 17 -6.62 6.93 4.70
N CYS A 18 -7.31 7.04 3.57
CA CYS A 18 -8.15 8.19 3.29
C CYS A 18 -9.58 7.76 2.99
N GLY A 19 -9.73 6.62 2.33
CA GLY A 19 -11.04 6.12 1.98
C GLY A 19 -11.28 6.13 0.49
N ASP A 20 -10.34 6.69 -0.26
CA ASP A 20 -10.45 6.77 -1.71
C ASP A 20 -9.59 5.72 -2.39
N GLY A 21 -10.07 5.20 -3.50
CA GLY A 21 -9.27 4.30 -4.30
C GLY A 21 -8.83 4.94 -5.60
N THR A 22 -9.18 6.21 -5.75
CA THR A 22 -8.83 6.98 -6.94
C THR A 22 -7.31 7.11 -7.07
N ASP A 23 -6.78 6.62 -8.19
CA ASP A 23 -5.34 6.65 -8.46
C ASP A 23 -4.59 5.95 -7.34
N VAL A 24 -5.00 4.73 -7.06
CA VAL A 24 -4.45 3.97 -5.96
C VAL A 24 -3.24 3.15 -6.43
N LEU A 25 -2.27 2.98 -5.55
CA LEU A 25 -1.08 2.20 -5.87
C LEU A 25 -1.19 0.81 -5.27
N ARG A 26 -0.38 -0.10 -5.77
CA ARG A 26 -0.42 -1.50 -5.36
C ARG A 26 1.00 -2.00 -5.14
N CYS A 27 1.24 -2.71 -4.03
CA CYS A 27 2.57 -3.24 -3.79
C CYS A 27 2.91 -4.30 -4.83
N THR A 28 4.15 -4.29 -5.27
CA THR A 28 4.63 -5.26 -6.25
C THR A 28 5.00 -6.58 -5.58
N HIS A 29 5.15 -6.54 -4.26
CA HIS A 29 5.49 -7.74 -3.50
C HIS A 29 4.33 -8.19 -2.62
N CYS A 30 3.31 -7.35 -2.54
CA CYS A 30 2.15 -7.64 -1.70
C CYS A 30 0.88 -7.22 -2.40
N ALA A 31 -0.24 -7.55 -1.78
CA ALA A 31 -1.51 -7.06 -2.25
C ALA A 31 -2.00 -5.98 -1.31
N ALA A 32 -2.03 -4.75 -1.80
CA ALA A 32 -2.45 -3.62 -1.00
C ALA A 32 -2.70 -2.42 -1.89
N ALA A 33 -3.88 -1.86 -1.78
CA ALA A 33 -4.23 -0.64 -2.49
C ALA A 33 -4.09 0.55 -1.55
N PHE A 34 -3.11 1.39 -1.82
CA PHE A 34 -2.82 2.51 -0.96
C PHE A 34 -2.25 3.67 -1.75
N HIS A 35 -2.31 4.86 -1.18
CA HIS A 35 -1.65 6.01 -1.78
C HIS A 35 -0.32 6.24 -1.10
N TRP A 36 0.70 6.47 -1.92
CA TRP A 36 2.04 6.75 -1.43
C TRP A 36 2.05 8.05 -0.64
N ARG A 37 1.18 8.97 -1.06
CA ARG A 37 1.02 10.25 -0.37
C ARG A 37 0.30 10.06 0.97
N CYS A 38 -0.54 9.03 1.05
CA CYS A 38 -1.24 8.72 2.29
C CYS A 38 -0.33 7.96 3.25
N HIS A 39 0.67 7.30 2.70
CA HIS A 39 1.62 6.54 3.51
C HIS A 39 2.77 7.44 3.94
N PHE A 40 3.29 8.22 3.00
CA PHE A 40 4.42 9.08 3.26
C PHE A 40 4.08 10.54 2.97
N PRO A 41 3.35 11.20 3.90
CA PRO A 41 2.94 12.59 3.74
C PRO A 41 4.11 13.55 3.92
N ALA A 42 5.27 13.01 4.29
CA ALA A 42 6.46 13.80 4.51
C ALA A 42 7.10 14.26 3.20
N GLY A 43 6.59 13.73 2.09
CA GLY A 43 7.10 14.12 0.80
C GLY A 43 8.10 13.13 0.24
N THR A 44 8.01 11.90 0.71
CA THR A 44 8.88 10.84 0.23
C THR A 44 8.61 10.53 -1.24
N SER A 45 9.67 10.27 -2.00
CA SER A 45 9.54 9.97 -3.41
C SER A 45 9.34 8.47 -3.61
N ARG A 46 8.34 8.12 -4.41
CA ARG A 46 8.01 6.72 -4.65
C ARG A 46 9.07 6.03 -5.51
N PRO A 47 9.37 4.76 -5.20
CA PRO A 47 10.36 3.98 -5.94
C PRO A 47 9.88 3.58 -7.34
N GLY A 48 10.82 3.46 -8.26
CA GLY A 48 10.49 3.02 -9.61
C GLY A 48 10.90 1.59 -9.85
N THR A 49 11.59 1.01 -8.87
CA THR A 49 12.03 -0.37 -8.94
C THR A 49 10.96 -1.29 -8.38
N GLY A 50 9.72 -1.05 -8.81
CA GLY A 50 8.59 -1.74 -8.25
C GLY A 50 8.02 -0.97 -7.07
N LEU A 51 6.75 -0.61 -7.16
CA LEU A 51 6.09 0.12 -6.09
C LEU A 51 6.03 -0.76 -4.84
N ARG A 52 6.54 -0.23 -3.75
CA ARG A 52 6.66 -0.99 -2.52
C ARG A 52 5.74 -0.41 -1.46
N CYS A 53 5.15 -1.29 -0.66
CA CYS A 53 4.29 -0.87 0.45
C CYS A 53 5.15 -0.41 1.62
N ARG A 54 4.53 -0.03 2.72
CA ARG A 54 5.27 0.46 3.88
C ARG A 54 6.21 -0.60 4.42
N SER A 55 5.70 -1.82 4.53
CA SER A 55 6.48 -2.93 5.06
C SER A 55 7.69 -3.23 4.15
N CYS A 56 7.46 -3.20 2.84
CA CYS A 56 8.54 -3.43 1.88
C CYS A 56 9.54 -2.29 1.88
N SER A 57 9.06 -1.07 2.10
CA SER A 57 9.94 0.08 2.14
C SER A 57 10.69 0.12 3.47
N GLY A 58 10.23 -0.69 4.42
CA GLY A 58 10.89 -0.81 5.69
C GLY A 58 10.70 0.39 6.58
N ASP A 59 11.80 1.04 6.91
CA ASP A 59 11.78 2.22 7.76
C ASP A 59 12.91 3.15 7.35
N VAL A 60 12.56 4.25 6.70
CA VAL A 60 13.56 5.21 6.25
C VAL A 60 13.45 6.48 7.09
N THR A 61 13.76 6.34 8.37
CA THR A 61 13.73 7.46 9.30
C THR A 61 15.01 8.27 9.17
N PRO A 62 14.89 9.60 8.98
CA PRO A 62 16.06 10.48 8.91
C PRO A 62 16.80 10.54 10.23
N ALA A 63 18.12 10.60 10.15
CA ALA A 63 18.94 10.69 11.35
C ALA A 63 18.94 12.11 11.89
N PRO A 64 18.65 12.27 13.20
CA PRO A 64 18.64 13.58 13.86
C PRO A 64 20.05 14.14 14.07
N VAL A 65 20.84 14.15 13.00
CA VAL A 65 22.17 14.71 13.02
C VAL A 65 22.52 15.23 11.63
N GLU A 66 22.90 16.49 11.55
CA GLU A 66 23.21 17.12 10.27
C GLU A 66 24.72 17.19 10.07
N GLY A 1 -14.17 -23.56 11.17
CA GLY A 1 -13.16 -22.65 11.77
C GLY A 1 -13.34 -21.22 11.31
N ALA A 2 -12.56 -20.31 11.87
CA ALA A 2 -12.68 -18.90 11.54
C ALA A 2 -11.83 -18.54 10.32
N MET A 3 -12.05 -19.24 9.21
CA MET A 3 -11.30 -19.01 8.00
C MET A 3 -12.15 -19.28 6.76
N GLU A 4 -13.44 -18.98 6.87
CA GLU A 4 -14.37 -19.19 5.77
C GLU A 4 -14.40 -17.98 4.83
N GLY A 5 -13.23 -17.59 4.36
CA GLY A 5 -13.13 -16.46 3.46
C GLY A 5 -12.27 -15.36 4.02
N GLN A 6 -12.56 -14.13 3.65
CA GLN A 6 -11.81 -12.98 4.12
C GLN A 6 -12.79 -11.88 4.51
N GLN A 7 -13.60 -12.17 5.53
CA GLN A 7 -14.58 -11.24 6.06
C GLN A 7 -15.59 -10.83 4.99
N ASN A 8 -16.03 -11.82 4.21
CA ASN A 8 -16.98 -11.60 3.11
C ASN A 8 -16.42 -10.58 2.13
N LEU A 9 -15.31 -10.96 1.49
CA LEU A 9 -14.63 -10.11 0.52
C LEU A 9 -14.37 -8.71 1.06
N ALA A 10 -13.53 -8.64 2.08
CA ALA A 10 -13.12 -7.36 2.65
C ALA A 10 -12.42 -6.51 1.58
N PRO A 11 -12.66 -5.20 1.59
CA PRO A 11 -12.05 -4.27 0.62
C PRO A 11 -10.57 -4.08 0.86
N GLY A 12 -9.77 -5.07 0.45
CA GLY A 12 -8.34 -4.99 0.59
C GLY A 12 -7.75 -3.96 -0.35
N ALA A 13 -8.39 -3.79 -1.49
CA ALA A 13 -7.97 -2.80 -2.46
C ALA A 13 -8.55 -1.44 -2.09
N ARG A 14 -8.00 -0.83 -1.06
CA ARG A 14 -8.45 0.47 -0.60
C ARG A 14 -7.36 1.13 0.22
N CYS A 15 -7.07 2.39 -0.09
CA CYS A 15 -6.09 3.15 0.67
C CYS A 15 -6.71 3.56 2.01
N GLY A 16 -6.31 2.86 3.07
CA GLY A 16 -6.98 3.00 4.35
C GLY A 16 -6.67 4.28 5.07
N VAL A 17 -5.64 4.97 4.62
CA VAL A 17 -5.23 6.23 5.23
C VAL A 17 -6.29 7.31 4.99
N CYS A 18 -6.89 7.29 3.80
CA CYS A 18 -7.89 8.29 3.45
C CYS A 18 -9.26 7.64 3.30
N GLY A 19 -9.28 6.37 2.94
CA GLY A 19 -10.53 5.65 2.75
C GLY A 19 -10.93 5.57 1.30
N ASP A 20 -10.08 6.09 0.42
CA ASP A 20 -10.38 6.14 -1.00
C ASP A 20 -9.49 5.18 -1.79
N GLY A 21 -9.96 4.75 -2.96
CA GLY A 21 -9.19 3.86 -3.79
C GLY A 21 -9.12 4.33 -5.24
N THR A 22 -9.36 5.62 -5.43
CA THR A 22 -9.32 6.23 -6.75
C THR A 22 -7.88 6.51 -7.14
N ASP A 23 -7.45 5.99 -8.29
CA ASP A 23 -6.07 6.14 -8.75
C ASP A 23 -5.12 5.63 -7.67
N VAL A 24 -5.35 4.40 -7.25
CA VAL A 24 -4.64 3.83 -6.14
C VAL A 24 -3.42 3.05 -6.61
N LEU A 25 -2.33 3.15 -5.87
CA LEU A 25 -1.10 2.47 -6.25
C LEU A 25 -1.12 1.03 -5.74
N ARG A 26 -0.37 0.18 -6.42
CA ARG A 26 -0.34 -1.24 -6.11
C ARG A 26 1.06 -1.66 -5.66
N CYS A 27 1.12 -2.52 -4.66
CA CYS A 27 2.40 -3.06 -4.20
C CYS A 27 2.92 -4.08 -5.20
N THR A 28 4.21 -4.05 -5.46
CA THR A 28 4.81 -4.98 -6.39
C THR A 28 5.27 -6.26 -5.69
N HIS A 29 5.52 -6.16 -4.39
CA HIS A 29 6.01 -7.29 -3.62
C HIS A 29 4.86 -8.05 -2.96
N CYS A 30 3.72 -7.40 -2.81
CA CYS A 30 2.53 -8.05 -2.28
C CYS A 30 1.30 -7.36 -2.85
N ALA A 31 0.13 -7.71 -2.37
CA ALA A 31 -1.11 -7.12 -2.86
C ALA A 31 -1.59 -6.05 -1.90
N ALA A 32 -1.60 -4.81 -2.35
CA ALA A 32 -2.02 -3.70 -1.51
C ALA A 32 -2.35 -2.48 -2.35
N ALA A 33 -3.47 -1.85 -2.03
CA ALA A 33 -3.86 -0.61 -2.68
C ALA A 33 -3.69 0.55 -1.72
N PHE A 34 -2.91 1.53 -2.14
CA PHE A 34 -2.61 2.67 -1.29
C PHE A 34 -2.15 3.86 -2.12
N HIS A 35 -2.35 5.06 -1.61
CA HIS A 35 -1.78 6.25 -2.23
C HIS A 35 -0.46 6.56 -1.56
N TRP A 36 0.57 6.77 -2.38
CA TRP A 36 1.90 7.07 -1.89
C TRP A 36 1.90 8.36 -1.07
N ARG A 37 1.06 9.30 -1.47
CA ARG A 37 0.95 10.58 -0.77
C ARG A 37 0.34 10.40 0.61
N CYS A 38 -0.64 9.52 0.72
CA CYS A 38 -1.28 9.24 2.00
C CYS A 38 -0.31 8.49 2.92
N HIS A 39 0.61 7.75 2.33
CA HIS A 39 1.54 6.91 3.08
C HIS A 39 2.80 7.67 3.47
N PHE A 40 3.46 8.26 2.48
CA PHE A 40 4.75 8.86 2.69
C PHE A 40 4.69 10.37 2.48
N PRO A 41 5.45 11.12 3.30
CA PRO A 41 5.53 12.58 3.19
C PRO A 41 6.19 13.03 1.91
N ALA A 42 6.10 14.33 1.64
CA ALA A 42 6.59 14.92 0.40
C ALA A 42 8.11 14.83 0.28
N GLY A 43 8.77 14.62 1.42
CA GLY A 43 10.21 14.41 1.42
C GLY A 43 10.60 13.10 0.78
N THR A 44 9.70 12.11 0.89
CA THR A 44 9.94 10.79 0.34
C THR A 44 9.67 10.80 -1.16
N SER A 45 10.56 10.17 -1.92
CA SER A 45 10.44 10.13 -3.37
C SER A 45 9.61 8.90 -3.79
N ARG A 46 8.95 9.02 -4.93
CA ARG A 46 8.13 7.93 -5.44
C ARG A 46 8.98 7.02 -6.32
N PRO A 47 9.16 5.76 -5.91
CA PRO A 47 9.98 4.80 -6.67
C PRO A 47 9.39 4.51 -8.04
N GLY A 48 10.25 4.57 -9.05
CA GLY A 48 9.83 4.26 -10.41
C GLY A 48 9.71 2.78 -10.63
N THR A 49 10.48 2.02 -9.86
CA THR A 49 10.50 0.58 -9.97
C THR A 49 10.40 -0.07 -8.58
N GLY A 50 9.64 -1.14 -8.47
CA GLY A 50 9.53 -1.84 -7.22
C GLY A 50 8.74 -1.06 -6.19
N LEU A 51 7.56 -0.61 -6.57
CA LEU A 51 6.68 0.14 -5.67
C LEU A 51 6.30 -0.75 -4.48
N ARG A 52 6.60 -0.27 -3.28
CA ARG A 52 6.36 -1.05 -2.07
C ARG A 52 5.32 -0.37 -1.18
N CYS A 53 4.48 -1.18 -0.56
CA CYS A 53 3.47 -0.68 0.35
C CYS A 53 4.08 -0.37 1.71
N ARG A 54 3.24 -0.06 2.69
CA ARG A 54 3.72 0.31 4.01
C ARG A 54 4.52 -0.83 4.65
N SER A 55 3.93 -2.01 4.69
CA SER A 55 4.54 -3.16 5.34
C SER A 55 5.84 -3.58 4.64
N CYS A 56 5.83 -3.61 3.31
CA CYS A 56 7.00 -4.02 2.54
C CYS A 56 8.12 -2.97 2.61
N SER A 57 7.75 -1.71 2.81
CA SER A 57 8.74 -0.65 2.94
C SER A 57 9.18 -0.51 4.38
N GLY A 58 8.44 -1.13 5.29
CA GLY A 58 8.75 -1.04 6.69
C GLY A 58 9.21 -2.37 7.25
N ASP A 59 10.13 -3.02 6.56
CA ASP A 59 10.68 -4.28 7.04
C ASP A 59 11.89 -4.01 7.92
N VAL A 60 11.69 -4.15 9.21
CA VAL A 60 12.77 -3.97 10.17
C VAL A 60 13.47 -5.30 10.38
N THR A 61 14.56 -5.49 9.68
CA THR A 61 15.34 -6.71 9.76
C THR A 61 15.95 -6.87 11.15
N PRO A 62 15.52 -7.87 11.92
CA PRO A 62 16.01 -8.10 13.27
C PRO A 62 17.39 -8.75 13.25
N ALA A 63 18.24 -8.34 14.19
CA ALA A 63 19.55 -8.93 14.35
C ALA A 63 19.40 -10.39 14.78
N PRO A 64 19.98 -11.31 14.01
CA PRO A 64 19.82 -12.75 14.27
C PRO A 64 20.37 -13.15 15.63
N VAL A 65 19.47 -13.43 16.56
CA VAL A 65 19.86 -13.84 17.90
C VAL A 65 19.97 -15.35 17.97
N GLU A 66 19.54 -16.01 16.90
CA GLU A 66 19.63 -17.45 16.79
C GLU A 66 20.97 -17.83 16.16
N GLY A 1 -32.24 -7.81 -3.01
CA GLY A 1 -31.22 -6.97 -2.35
C GLY A 1 -30.61 -5.97 -3.32
N ALA A 2 -29.31 -5.77 -3.22
CA ALA A 2 -28.61 -4.83 -4.08
C ALA A 2 -27.95 -5.56 -5.25
N MET A 3 -28.74 -6.28 -6.02
CA MET A 3 -28.23 -7.01 -7.18
C MET A 3 -27.78 -6.03 -8.26
N GLU A 4 -28.45 -4.89 -8.31
CA GLU A 4 -28.10 -3.85 -9.26
C GLU A 4 -28.03 -2.50 -8.56
N GLY A 5 -27.15 -1.64 -9.05
CA GLY A 5 -27.01 -0.32 -8.49
C GLY A 5 -26.37 0.62 -9.49
N GLN A 6 -26.24 1.88 -9.13
CA GLN A 6 -25.61 2.84 -10.01
C GLN A 6 -24.19 3.14 -9.54
N GLN A 7 -24.07 3.63 -8.31
CA GLN A 7 -22.77 3.96 -7.75
C GLN A 7 -22.29 2.84 -6.84
N ASN A 8 -22.21 1.64 -7.39
CA ASN A 8 -21.72 0.50 -6.64
C ASN A 8 -20.21 0.41 -6.74
N LEU A 9 -19.53 0.72 -5.66
CA LEU A 9 -18.09 0.67 -5.61
C LEU A 9 -17.63 -0.55 -4.81
N ALA A 10 -16.80 -1.38 -5.41
CA ALA A 10 -16.26 -2.54 -4.73
C ALA A 10 -15.10 -2.14 -3.82
N PRO A 11 -15.19 -2.44 -2.52
CA PRO A 11 -14.16 -2.08 -1.54
C PRO A 11 -12.88 -2.91 -1.66
N GLY A 12 -12.52 -3.28 -2.88
CA GLY A 12 -11.30 -4.02 -3.09
C GLY A 12 -10.12 -3.10 -3.26
N ALA A 13 -10.07 -2.41 -4.40
CA ALA A 13 -9.05 -1.42 -4.65
C ALA A 13 -9.41 -0.12 -3.96
N ARG A 14 -9.14 -0.06 -2.67
CA ARG A 14 -9.48 1.10 -1.87
C ARG A 14 -8.37 1.39 -0.86
N CYS A 15 -7.89 2.62 -0.86
CA CYS A 15 -6.87 3.04 0.09
C CYS A 15 -7.47 3.14 1.49
N GLY A 16 -6.94 2.33 2.40
CA GLY A 16 -7.48 2.27 3.75
C GLY A 16 -7.31 3.58 4.52
N VAL A 17 -6.26 4.32 4.19
CA VAL A 17 -5.99 5.57 4.89
C VAL A 17 -6.94 6.68 4.43
N CYS A 18 -7.13 6.81 3.13
CA CYS A 18 -7.91 7.91 2.58
C CYS A 18 -9.38 7.55 2.46
N GLY A 19 -9.66 6.29 2.15
CA GLY A 19 -11.03 5.86 1.97
C GLY A 19 -11.40 5.74 0.50
N ASP A 20 -10.64 6.43 -0.34
CA ASP A 20 -10.87 6.43 -1.78
C ASP A 20 -9.94 5.43 -2.46
N GLY A 21 -10.39 4.87 -3.57
CA GLY A 21 -9.58 3.91 -4.31
C GLY A 21 -9.28 4.38 -5.72
N THR A 22 -9.57 5.63 -6.00
CA THR A 22 -9.32 6.20 -7.31
C THR A 22 -7.86 6.58 -7.44
N ASP A 23 -7.24 6.20 -8.57
CA ASP A 23 -5.83 6.46 -8.79
C ASP A 23 -5.01 5.85 -7.66
N VAL A 24 -5.30 4.59 -7.38
CA VAL A 24 -4.69 3.92 -6.26
C VAL A 24 -3.40 3.22 -6.68
N LEU A 25 -2.41 3.30 -5.81
CA LEU A 25 -1.12 2.67 -6.04
C LEU A 25 -1.11 1.29 -5.40
N ARG A 26 -0.45 0.35 -6.04
CA ARG A 26 -0.48 -1.04 -5.58
C ARG A 26 0.92 -1.51 -5.20
N CYS A 27 1.00 -2.31 -4.16
CA CYS A 27 2.29 -2.84 -3.73
C CYS A 27 2.74 -3.91 -4.72
N THR A 28 4.01 -3.83 -5.12
CA THR A 28 4.57 -4.78 -6.07
C THR A 28 5.06 -6.03 -5.37
N HIS A 29 5.22 -5.95 -4.05
CA HIS A 29 5.72 -7.08 -3.27
C HIS A 29 4.60 -7.83 -2.57
N CYS A 30 3.47 -7.16 -2.40
CA CYS A 30 2.32 -7.79 -1.75
C CYS A 30 1.03 -7.17 -2.28
N ALA A 31 -0.07 -7.42 -1.61
CA ALA A 31 -1.35 -6.87 -2.01
C ALA A 31 -1.76 -5.73 -1.09
N ALA A 32 -1.83 -4.54 -1.64
CA ALA A 32 -2.21 -3.35 -0.88
C ALA A 32 -2.62 -2.22 -1.81
N ALA A 33 -3.79 -1.67 -1.56
CA ALA A 33 -4.26 -0.51 -2.29
C ALA A 33 -4.05 0.74 -1.44
N PHE A 34 -3.15 1.60 -1.88
CA PHE A 34 -2.78 2.78 -1.11
C PHE A 34 -2.30 3.89 -2.03
N HIS A 35 -1.85 4.98 -1.46
CA HIS A 35 -1.25 6.05 -2.25
C HIS A 35 0.09 6.42 -1.64
N TRP A 36 0.93 7.08 -2.40
CA TRP A 36 2.25 7.47 -1.91
C TRP A 36 2.14 8.34 -0.66
N ARG A 37 1.35 9.42 -0.75
CA ARG A 37 1.26 10.43 0.32
C ARG A 37 0.85 9.83 1.67
N CYS A 38 -0.16 8.97 1.66
CA CYS A 38 -0.74 8.44 2.89
C CYS A 38 0.24 7.54 3.64
N HIS A 39 1.25 7.01 2.94
CA HIS A 39 2.22 6.14 3.58
C HIS A 39 3.59 6.82 3.70
N PHE A 40 3.95 7.62 2.70
CA PHE A 40 5.27 8.23 2.66
C PHE A 40 5.16 9.74 2.48
N PRO A 41 5.99 10.50 3.21
CA PRO A 41 6.04 11.96 3.09
C PRO A 41 6.54 12.39 1.71
N ALA A 42 6.17 13.61 1.35
CA ALA A 42 6.44 14.15 0.02
C ALA A 42 7.92 14.27 -0.28
N GLY A 43 8.75 14.19 0.75
CA GLY A 43 10.18 14.21 0.56
C GLY A 43 10.71 12.91 -0.01
N THR A 44 9.90 11.88 0.05
CA THR A 44 10.25 10.58 -0.48
C THR A 44 9.95 10.52 -1.98
N SER A 45 10.86 9.98 -2.76
CA SER A 45 10.67 9.92 -4.21
C SER A 45 9.94 8.64 -4.59
N ARG A 46 8.85 8.79 -5.32
CA ARG A 46 8.01 7.66 -5.70
C ARG A 46 8.61 6.89 -6.86
N PRO A 47 8.87 5.59 -6.66
CA PRO A 47 9.36 4.70 -7.72
C PRO A 47 8.31 4.51 -8.82
N GLY A 48 8.77 4.47 -10.07
CA GLY A 48 7.86 4.35 -11.19
C GLY A 48 7.38 2.93 -11.40
N THR A 49 8.21 1.97 -11.00
CA THR A 49 7.89 0.55 -11.18
C THR A 49 8.35 -0.25 -9.96
N GLY A 50 7.80 0.07 -8.81
CA GLY A 50 8.20 -0.61 -7.60
C GLY A 50 7.54 -0.03 -6.36
N LEU A 51 6.24 0.21 -6.45
CA LEU A 51 5.49 0.73 -5.32
C LEU A 51 5.46 -0.27 -4.18
N ARG A 52 5.92 0.16 -3.02
CA ARG A 52 6.02 -0.70 -1.86
C ARG A 52 5.29 -0.10 -0.68
N CYS A 53 4.48 -0.91 -0.02
CA CYS A 53 3.80 -0.49 1.19
C CYS A 53 4.80 -0.40 2.34
N ARG A 54 4.35 -0.01 3.52
CA ARG A 54 5.27 0.27 4.64
C ARG A 54 6.12 -0.95 4.99
N SER A 55 5.54 -2.15 4.93
CA SER A 55 6.26 -3.36 5.28
C SER A 55 7.31 -3.70 4.22
N CYS A 56 6.89 -3.73 2.95
CA CYS A 56 7.76 -4.14 1.85
C CYS A 56 8.82 -3.09 1.51
N SER A 57 8.61 -1.85 1.93
CA SER A 57 9.51 -0.76 1.56
C SER A 57 10.80 -0.80 2.35
N GLY A 58 10.81 -1.59 3.42
CA GLY A 58 11.98 -1.67 4.24
C GLY A 58 12.16 -3.05 4.86
N ASP A 59 13.10 -3.14 5.78
CA ASP A 59 13.36 -4.39 6.48
C ASP A 59 12.51 -4.47 7.74
N VAL A 60 11.24 -4.10 7.60
CA VAL A 60 10.34 -4.03 8.74
C VAL A 60 9.65 -5.37 8.96
N THR A 61 10.24 -6.18 9.82
CA THR A 61 9.66 -7.47 10.17
C THR A 61 9.38 -7.53 11.67
N PRO A 62 8.11 -7.45 12.08
CA PRO A 62 7.72 -7.43 13.50
C PRO A 62 8.17 -8.69 14.24
N ALA A 63 8.47 -8.52 15.52
CA ALA A 63 8.92 -9.63 16.35
C ALA A 63 7.77 -10.16 17.19
N PRO A 64 7.52 -11.47 17.13
CA PRO A 64 6.45 -12.10 17.91
C PRO A 64 6.81 -12.19 19.40
N VAL A 65 5.86 -11.86 20.25
CA VAL A 65 6.07 -11.94 21.69
C VAL A 65 5.68 -13.33 22.18
N GLU A 66 6.63 -14.24 22.16
CA GLU A 66 6.39 -15.62 22.54
C GLU A 66 6.72 -15.83 24.01
N GLY A 1 -3.05 -22.28 13.25
CA GLY A 1 -4.25 -21.49 12.90
C GLY A 1 -3.91 -20.20 12.20
N ALA A 2 -3.70 -19.15 12.99
CA ALA A 2 -3.37 -17.82 12.47
C ALA A 2 -4.43 -17.35 11.46
N MET A 3 -5.69 -17.41 11.87
CA MET A 3 -6.79 -17.02 10.99
C MET A 3 -7.32 -15.63 11.36
N GLU A 4 -6.99 -15.18 12.56
CA GLU A 4 -7.42 -13.88 13.04
C GLU A 4 -6.30 -13.21 13.82
N GLY A 5 -6.50 -11.96 14.20
CA GLY A 5 -5.50 -11.23 14.96
C GLY A 5 -5.17 -9.89 14.34
N GLN A 6 -3.91 -9.71 13.97
CA GLN A 6 -3.45 -8.45 13.39
C GLN A 6 -3.69 -8.44 11.89
N GLN A 7 -4.12 -9.57 11.35
CA GLN A 7 -4.37 -9.71 9.93
C GLN A 7 -5.77 -9.23 9.56
N ASN A 8 -6.09 -8.00 9.93
CA ASN A 8 -7.38 -7.41 9.63
C ASN A 8 -7.34 -6.72 8.28
N LEU A 9 -7.18 -7.51 7.22
CA LEU A 9 -7.07 -6.99 5.87
C LEU A 9 -8.43 -6.53 5.37
N ALA A 10 -8.51 -5.28 4.95
CA ALA A 10 -9.74 -4.73 4.41
C ALA A 10 -10.06 -5.37 3.06
N PRO A 11 -11.27 -5.94 2.92
CA PRO A 11 -11.72 -6.57 1.67
C PRO A 11 -12.03 -5.56 0.56
N GLY A 12 -11.13 -4.61 0.36
CA GLY A 12 -11.33 -3.59 -0.65
C GLY A 12 -10.04 -2.93 -1.03
N ALA A 13 -9.84 -2.72 -2.33
CA ALA A 13 -8.63 -2.09 -2.83
C ALA A 13 -8.76 -0.57 -2.73
N ARG A 14 -8.65 -0.07 -1.51
CA ARG A 14 -8.80 1.35 -1.25
C ARG A 14 -7.73 1.83 -0.29
N CYS A 15 -7.38 3.11 -0.41
CA CYS A 15 -6.45 3.75 0.49
C CYS A 15 -7.09 3.93 1.86
N GLY A 16 -6.56 3.24 2.86
CA GLY A 16 -7.16 3.26 4.20
C GLY A 16 -7.18 4.64 4.82
N VAL A 17 -6.29 5.51 4.36
CA VAL A 17 -6.24 6.88 4.85
C VAL A 17 -7.41 7.70 4.31
N CYS A 18 -7.87 7.35 3.12
CA CYS A 18 -8.91 8.12 2.45
C CYS A 18 -10.26 7.39 2.42
N GLY A 19 -10.21 6.07 2.43
CA GLY A 19 -11.43 5.27 2.28
C GLY A 19 -11.85 5.18 0.83
N ASP A 20 -10.96 5.63 -0.04
CA ASP A 20 -11.22 5.70 -1.47
C ASP A 20 -10.11 5.00 -2.26
N GLY A 21 -10.48 4.38 -3.37
CA GLY A 21 -9.50 3.67 -4.16
C GLY A 21 -9.33 4.25 -5.55
N THR A 22 -9.65 5.53 -5.70
CA THR A 22 -9.52 6.21 -6.97
C THR A 22 -8.05 6.56 -7.22
N ASP A 23 -7.52 6.07 -8.35
CA ASP A 23 -6.12 6.27 -8.70
C ASP A 23 -5.22 5.77 -7.57
N VAL A 24 -5.49 4.57 -7.11
CA VAL A 24 -4.76 4.02 -5.99
C VAL A 24 -3.53 3.26 -6.46
N LEU A 25 -2.46 3.31 -5.69
CA LEU A 25 -1.23 2.63 -6.05
C LEU A 25 -1.21 1.24 -5.43
N ARG A 26 -0.60 0.30 -6.14
CA ARG A 26 -0.55 -1.07 -5.71
C ARG A 26 0.87 -1.45 -5.32
N CYS A 27 1.01 -2.34 -4.35
CA CYS A 27 2.31 -2.85 -3.98
C CYS A 27 2.74 -3.90 -5.00
N THR A 28 4.00 -3.89 -5.38
CA THR A 28 4.51 -4.89 -6.32
C THR A 28 5.02 -6.11 -5.58
N HIS A 29 5.40 -5.93 -4.32
CA HIS A 29 5.97 -7.01 -3.53
C HIS A 29 4.87 -7.77 -2.79
N CYS A 30 3.72 -7.14 -2.61
CA CYS A 30 2.57 -7.78 -2.01
C CYS A 30 1.30 -7.15 -2.57
N ALA A 31 0.16 -7.50 -2.02
CA ALA A 31 -1.11 -6.97 -2.48
C ALA A 31 -1.62 -5.91 -1.52
N ALA A 32 -1.71 -4.68 -2.01
CA ALA A 32 -2.16 -3.55 -1.20
C ALA A 32 -2.55 -2.37 -2.09
N ALA A 33 -3.44 -1.54 -1.59
CA ALA A 33 -3.88 -0.36 -2.31
C ALA A 33 -3.78 0.87 -1.40
N PHE A 34 -2.97 1.83 -1.82
CA PHE A 34 -2.77 3.05 -1.05
C PHE A 34 -2.27 4.17 -1.95
N HIS A 35 -2.53 5.40 -1.56
CA HIS A 35 -1.95 6.55 -2.25
C HIS A 35 -0.59 6.84 -1.65
N TRP A 36 0.43 7.03 -2.48
CA TRP A 36 1.80 7.19 -2.00
C TRP A 36 1.88 8.22 -0.88
N ARG A 37 1.35 9.41 -1.13
CA ARG A 37 1.44 10.53 -0.19
C ARG A 37 0.73 10.24 1.13
N CYS A 38 -0.21 9.32 1.10
CA CYS A 38 -0.99 8.98 2.29
C CYS A 38 -0.22 8.04 3.22
N HIS A 39 0.75 7.33 2.65
CA HIS A 39 1.60 6.44 3.43
C HIS A 39 2.97 7.06 3.66
N PHE A 40 3.52 7.63 2.60
CA PHE A 40 4.85 8.23 2.65
C PHE A 40 4.76 9.71 2.34
N PRO A 41 5.48 10.55 3.11
CA PRO A 41 5.53 11.99 2.85
C PRO A 41 6.22 12.29 1.52
N ALA A 42 5.93 13.47 0.98
CA ALA A 42 6.42 13.86 -0.34
C ALA A 42 7.93 14.03 -0.36
N GLY A 43 8.55 14.05 0.81
CA GLY A 43 10.00 14.07 0.89
C GLY A 43 10.58 12.73 0.50
N THR A 44 9.80 11.68 0.67
CA THR A 44 10.19 10.34 0.32
C THR A 44 9.92 10.08 -1.16
N SER A 45 10.94 9.67 -1.89
CA SER A 45 10.81 9.44 -3.32
C SER A 45 10.33 8.02 -3.59
N ARG A 46 9.32 7.91 -4.44
CA ARG A 46 8.72 6.62 -4.75
C ARG A 46 9.68 5.77 -5.58
N PRO A 47 9.85 4.49 -5.18
CA PRO A 47 10.75 3.56 -5.85
C PRO A 47 10.29 3.23 -7.27
N GLY A 48 11.23 3.29 -8.21
CA GLY A 48 10.91 2.99 -9.60
C GLY A 48 11.15 1.53 -9.91
N THR A 49 11.82 0.84 -9.00
CA THR A 49 12.10 -0.58 -9.15
C THR A 49 10.99 -1.43 -8.56
N GLY A 50 9.89 -0.78 -8.21
CA GLY A 50 8.77 -1.50 -7.64
C GLY A 50 8.12 -0.73 -6.51
N LEU A 51 6.86 -0.35 -6.69
CA LEU A 51 6.13 0.36 -5.65
C LEU A 51 5.98 -0.53 -4.42
N ARG A 52 6.45 -0.04 -3.28
CA ARG A 52 6.49 -0.84 -2.07
C ARG A 52 5.67 -0.20 -0.96
N CYS A 53 4.85 -1.00 -0.29
CA CYS A 53 4.15 -0.55 0.90
C CYS A 53 5.11 -0.58 2.08
N ARG A 54 4.77 0.12 3.17
CA ARG A 54 5.68 0.30 4.31
C ARG A 54 6.31 -1.02 4.76
N SER A 55 5.54 -2.10 4.74
CA SER A 55 6.03 -3.41 5.16
C SER A 55 7.13 -3.89 4.23
N CYS A 56 6.87 -3.84 2.93
CA CYS A 56 7.81 -4.34 1.93
C CYS A 56 9.02 -3.41 1.78
N SER A 57 8.82 -2.13 2.03
CA SER A 57 9.90 -1.15 1.95
C SER A 57 10.71 -1.14 3.23
N GLY A 58 10.33 -2.00 4.18
CA GLY A 58 11.07 -2.13 5.41
C GLY A 58 12.37 -2.89 5.21
N ASP A 59 12.43 -3.63 4.11
CA ASP A 59 13.64 -4.35 3.76
C ASP A 59 14.49 -3.50 2.81
N VAL A 60 15.23 -2.57 3.40
CA VAL A 60 16.09 -1.69 2.62
C VAL A 60 17.46 -2.31 2.45
N THR A 61 17.82 -2.62 1.21
CA THR A 61 19.12 -3.17 0.92
C THR A 61 20.20 -2.11 1.07
N PRO A 62 21.12 -2.28 2.04
CA PRO A 62 22.17 -1.30 2.31
C PRO A 62 23.29 -1.33 1.29
N ALA A 63 23.93 -0.20 1.11
CA ALA A 63 25.08 -0.10 0.22
C ALA A 63 26.35 0.12 1.03
N PRO A 64 27.31 -0.82 0.97
CA PRO A 64 28.58 -0.72 1.69
C PRO A 64 29.49 0.37 1.12
N VAL A 65 29.02 1.61 1.14
CA VAL A 65 29.79 2.75 0.67
C VAL A 65 30.52 3.40 1.83
N GLU A 66 31.58 4.13 1.54
CA GLU A 66 32.38 4.77 2.56
C GLU A 66 32.42 6.28 2.33
N GLY A 1 -19.79 6.33 -3.47
CA GLY A 1 -19.72 4.86 -3.54
C GLY A 1 -19.14 4.38 -4.85
N ALA A 2 -18.32 3.35 -4.79
CA ALA A 2 -17.70 2.77 -5.99
C ALA A 2 -18.67 1.83 -6.68
N MET A 3 -19.66 2.40 -7.35
CA MET A 3 -20.68 1.62 -8.04
C MET A 3 -20.46 1.63 -9.55
N GLU A 4 -19.43 2.35 -9.99
CA GLU A 4 -19.07 2.37 -11.40
C GLU A 4 -17.83 1.53 -11.64
N GLY A 5 -17.96 0.54 -12.51
CA GLY A 5 -16.86 -0.36 -12.80
C GLY A 5 -16.99 -1.66 -12.04
N GLN A 6 -18.12 -1.84 -11.36
CA GLN A 6 -18.36 -3.04 -10.57
C GLN A 6 -18.61 -4.24 -11.48
N GLN A 7 -19.19 -3.99 -12.64
CA GLN A 7 -19.47 -5.04 -13.61
C GLN A 7 -18.23 -5.33 -14.45
N ASN A 8 -17.15 -4.64 -14.11
CA ASN A 8 -15.87 -4.82 -14.78
C ASN A 8 -14.86 -5.39 -13.79
N LEU A 9 -15.37 -6.20 -12.87
CA LEU A 9 -14.57 -6.81 -11.81
C LEU A 9 -13.85 -5.75 -10.98
N ALA A 10 -14.47 -5.37 -9.88
CA ALA A 10 -13.85 -4.42 -8.96
C ALA A 10 -12.72 -5.10 -8.18
N PRO A 11 -11.50 -4.54 -8.26
CA PRO A 11 -10.32 -5.14 -7.64
C PRO A 11 -10.32 -5.05 -6.12
N GLY A 12 -11.16 -4.17 -5.60
CA GLY A 12 -11.23 -3.96 -4.16
C GLY A 12 -10.09 -3.10 -3.65
N ALA A 13 -9.42 -2.41 -4.58
CA ALA A 13 -8.28 -1.58 -4.23
C ALA A 13 -8.74 -0.22 -3.72
N ARG A 14 -8.53 0.02 -2.43
CA ARG A 14 -8.95 1.26 -1.80
C ARG A 14 -8.00 1.66 -0.69
N CYS A 15 -7.55 2.91 -0.72
CA CYS A 15 -6.68 3.46 0.31
C CYS A 15 -7.45 3.63 1.61
N GLY A 16 -7.16 2.78 2.59
CA GLY A 16 -7.87 2.81 3.86
C GLY A 16 -7.70 4.10 4.60
N VAL A 17 -6.60 4.79 4.34
CA VAL A 17 -6.33 6.08 4.97
C VAL A 17 -7.34 7.13 4.50
N CYS A 18 -7.81 6.99 3.27
CA CYS A 18 -8.69 7.99 2.69
C CYS A 18 -10.12 7.48 2.55
N GLY A 19 -10.26 6.19 2.32
CA GLY A 19 -11.57 5.62 2.05
C GLY A 19 -11.90 5.66 0.58
N ASP A 20 -10.86 5.87 -0.23
CA ASP A 20 -11.01 6.01 -1.67
C ASP A 20 -9.91 5.25 -2.40
N GLY A 21 -10.25 4.67 -3.54
CA GLY A 21 -9.27 3.93 -4.31
C GLY A 21 -9.00 4.54 -5.67
N THR A 22 -9.26 5.82 -5.81
CA THR A 22 -9.00 6.53 -7.04
C THR A 22 -7.53 6.89 -7.14
N ASP A 23 -6.91 6.53 -8.27
CA ASP A 23 -5.49 6.76 -8.49
C ASP A 23 -4.69 6.10 -7.36
N VAL A 24 -5.03 4.86 -7.07
CA VAL A 24 -4.42 4.14 -5.96
C VAL A 24 -3.16 3.42 -6.41
N LEU A 25 -2.16 3.39 -5.56
CA LEU A 25 -0.94 2.67 -5.85
C LEU A 25 -1.02 1.26 -5.30
N ARG A 26 -0.43 0.33 -6.03
CA ARG A 26 -0.48 -1.08 -5.67
C ARG A 26 0.91 -1.56 -5.31
N CYS A 27 1.03 -2.35 -4.26
CA CYS A 27 2.32 -2.91 -3.89
C CYS A 27 2.74 -3.95 -4.91
N THR A 28 4.02 -3.95 -5.26
CA THR A 28 4.54 -4.88 -6.25
C THR A 28 5.04 -6.16 -5.61
N HIS A 29 5.28 -6.12 -4.31
CA HIS A 29 5.81 -7.29 -3.60
C HIS A 29 4.70 -7.98 -2.81
N CYS A 30 3.60 -7.27 -2.59
CA CYS A 30 2.44 -7.85 -1.93
C CYS A 30 1.19 -7.16 -2.43
N ALA A 31 0.06 -7.46 -1.82
CA ALA A 31 -1.20 -6.87 -2.23
C ALA A 31 -1.62 -5.78 -1.25
N ALA A 32 -1.64 -4.54 -1.73
CA ALA A 32 -2.00 -3.40 -0.91
C ALA A 32 -2.46 -2.25 -1.79
N ALA A 33 -3.41 -1.47 -1.29
CA ALA A 33 -3.94 -0.34 -2.02
C ALA A 33 -3.84 0.92 -1.16
N PHE A 34 -3.01 1.84 -1.59
CA PHE A 34 -2.78 3.07 -0.85
C PHE A 34 -2.28 4.14 -1.80
N HIS A 35 -2.42 5.40 -1.38
CA HIS A 35 -1.82 6.49 -2.12
C HIS A 35 -0.45 6.77 -1.53
N TRP A 36 0.52 7.12 -2.36
CA TRP A 36 1.90 7.32 -1.92
C TRP A 36 1.96 8.21 -0.67
N ARG A 37 1.34 9.38 -0.74
CA ARG A 37 1.38 10.38 0.33
C ARG A 37 0.77 9.85 1.64
N CYS A 38 -0.04 8.82 1.52
CA CYS A 38 -0.77 8.29 2.66
C CYS A 38 0.09 7.30 3.45
N HIS A 39 1.13 6.77 2.81
CA HIS A 39 2.04 5.86 3.48
C HIS A 39 3.44 6.46 3.60
N PHE A 40 3.83 7.25 2.62
CA PHE A 40 5.16 7.83 2.58
C PHE A 40 5.07 9.33 2.40
N PRO A 41 6.03 10.08 2.96
CA PRO A 41 6.09 11.52 2.80
C PRO A 41 6.41 11.93 1.37
N ALA A 42 5.85 13.06 0.96
CA ALA A 42 6.01 13.55 -0.41
C ALA A 42 7.44 13.95 -0.71
N GLY A 43 8.26 14.04 0.33
CA GLY A 43 9.68 14.26 0.15
C GLY A 43 10.34 13.06 -0.51
N THR A 44 9.79 11.88 -0.26
CA THR A 44 10.26 10.66 -0.89
C THR A 44 9.64 10.53 -2.27
N SER A 45 10.42 10.11 -3.25
CA SER A 45 9.95 10.06 -4.62
C SER A 45 9.29 8.72 -4.89
N ARG A 46 8.20 8.76 -5.65
CA ARG A 46 7.45 7.57 -6.00
C ARG A 46 8.22 6.75 -7.03
N PRO A 47 8.71 5.57 -6.63
CA PRO A 47 9.52 4.71 -7.50
C PRO A 47 8.69 4.05 -8.60
N GLY A 48 9.30 3.89 -9.75
CA GLY A 48 8.66 3.19 -10.86
C GLY A 48 9.32 1.86 -11.13
N THR A 49 10.21 1.48 -10.23
CA THR A 49 10.95 0.23 -10.36
C THR A 49 10.65 -0.70 -9.19
N GLY A 50 9.42 -0.65 -8.70
CA GLY A 50 9.03 -1.50 -7.61
C GLY A 50 8.37 -0.73 -6.48
N LEU A 51 7.12 -0.38 -6.66
CA LEU A 51 6.34 0.31 -5.64
C LEU A 51 6.13 -0.64 -4.45
N ARG A 52 6.57 -0.22 -3.28
CA ARG A 52 6.45 -1.04 -2.09
C ARG A 52 5.62 -0.34 -1.03
N CYS A 53 4.78 -1.10 -0.34
CA CYS A 53 4.05 -0.56 0.78
C CYS A 53 5.00 -0.41 1.97
N ARG A 54 4.50 0.14 3.08
CA ARG A 54 5.36 0.46 4.21
C ARG A 54 6.04 -0.78 4.77
N SER A 55 5.29 -1.88 4.85
CA SER A 55 5.81 -3.14 5.37
C SER A 55 6.91 -3.70 4.48
N CYS A 56 6.67 -3.71 3.17
CA CYS A 56 7.66 -4.22 2.22
C CYS A 56 8.86 -3.28 2.10
N SER A 57 8.67 -2.04 2.54
CA SER A 57 9.74 -1.05 2.51
C SER A 57 10.56 -1.12 3.80
N GLY A 58 10.12 -1.95 4.74
CA GLY A 58 10.79 -2.07 6.00
C GLY A 58 11.69 -3.28 6.07
N ASP A 59 12.95 -3.08 6.45
CA ASP A 59 13.92 -4.15 6.54
C ASP A 59 14.06 -4.62 7.99
N VAL A 60 13.43 -5.75 8.30
CA VAL A 60 13.52 -6.32 9.62
C VAL A 60 14.46 -7.53 9.61
N THR A 61 15.40 -7.55 10.54
CA THR A 61 16.35 -8.65 10.63
C THR A 61 15.82 -9.73 11.57
N PRO A 62 15.50 -10.92 11.04
CA PRO A 62 15.03 -12.03 11.86
C PRO A 62 16.12 -12.54 12.80
N ALA A 63 15.75 -12.74 14.06
CA ALA A 63 16.70 -13.19 15.06
C ALA A 63 17.04 -14.66 14.86
N PRO A 64 18.33 -14.96 14.60
CA PRO A 64 18.81 -16.33 14.43
C PRO A 64 18.45 -17.22 15.61
N VAL A 65 17.79 -18.33 15.34
CA VAL A 65 17.33 -19.23 16.39
C VAL A 65 18.41 -20.25 16.71
N GLU A 66 19.30 -20.47 15.76
CA GLU A 66 20.38 -21.42 15.93
C GLU A 66 21.63 -20.91 15.23
N GLY A 1 -9.89 -13.82 17.87
CA GLY A 1 -9.69 -14.75 16.74
C GLY A 1 -9.93 -14.08 15.40
N ALA A 2 -8.85 -13.79 14.71
CA ALA A 2 -8.94 -13.17 13.39
C ALA A 2 -8.05 -13.91 12.39
N MET A 3 -8.02 -15.23 12.52
CA MET A 3 -7.15 -16.07 11.70
C MET A 3 -7.60 -16.05 10.24
N GLU A 4 -8.86 -15.70 10.00
CA GLU A 4 -9.38 -15.61 8.65
C GLU A 4 -8.91 -14.33 7.96
N GLY A 5 -8.43 -13.39 8.75
CA GLY A 5 -7.97 -12.12 8.21
C GLY A 5 -6.47 -11.95 8.34
N GLN A 6 -5.76 -13.06 8.34
CA GLN A 6 -4.31 -13.05 8.45
C GLN A 6 -3.69 -12.87 7.07
N GLN A 7 -4.30 -13.53 6.09
CA GLN A 7 -3.88 -13.42 4.70
C GLN A 7 -5.11 -13.60 3.82
N ASN A 8 -5.88 -12.54 3.69
CA ASN A 8 -7.15 -12.59 2.96
C ASN A 8 -7.37 -11.30 2.19
N LEU A 9 -7.89 -11.41 0.98
CA LEU A 9 -8.23 -10.26 0.17
C LEU A 9 -9.47 -9.58 0.72
N ALA A 10 -9.29 -8.72 1.71
CA ALA A 10 -10.38 -8.02 2.35
C ALA A 10 -11.11 -7.12 1.35
N PRO A 11 -12.44 -6.97 1.51
CA PRO A 11 -13.25 -6.10 0.66
C PRO A 11 -12.99 -4.62 0.90
N GLY A 12 -11.73 -4.26 1.00
CA GLY A 12 -11.34 -2.89 1.24
C GLY A 12 -10.08 -2.54 0.51
N ALA A 13 -10.00 -2.94 -0.75
CA ALA A 13 -8.84 -2.63 -1.58
C ALA A 13 -8.89 -1.18 -2.02
N ARG A 14 -8.57 -0.30 -1.10
CA ARG A 14 -8.58 1.13 -1.33
C ARG A 14 -7.76 1.80 -0.23
N CYS A 15 -7.27 3.01 -0.50
CA CYS A 15 -6.43 3.72 0.46
C CYS A 15 -7.15 3.89 1.78
N GLY A 16 -6.71 3.13 2.80
CA GLY A 16 -7.35 3.16 4.10
C GLY A 16 -7.22 4.52 4.78
N VAL A 17 -6.29 5.33 4.30
CA VAL A 17 -6.07 6.65 4.84
C VAL A 17 -7.14 7.63 4.32
N CYS A 18 -7.62 7.38 3.12
CA CYS A 18 -8.59 8.27 2.49
C CYS A 18 -9.99 7.67 2.43
N GLY A 19 -10.05 6.34 2.45
CA GLY A 19 -11.33 5.66 2.32
C GLY A 19 -11.77 5.61 0.86
N ASP A 20 -10.84 5.89 -0.03
CA ASP A 20 -11.11 5.95 -1.45
C ASP A 20 -10.07 5.17 -2.23
N GLY A 21 -10.51 4.40 -3.21
CA GLY A 21 -9.59 3.61 -4.02
C GLY A 21 -9.43 4.16 -5.41
N THR A 22 -9.84 5.40 -5.61
CA THR A 22 -9.69 6.06 -6.90
C THR A 22 -8.25 6.51 -7.09
N ASP A 23 -7.68 6.20 -8.25
CA ASP A 23 -6.28 6.51 -8.54
C ASP A 23 -5.38 5.90 -7.48
N VAL A 24 -5.65 4.64 -7.17
CA VAL A 24 -4.93 3.96 -6.11
C VAL A 24 -3.73 3.22 -6.69
N LEU A 25 -2.68 3.10 -5.89
CA LEU A 25 -1.47 2.42 -6.31
C LEU A 25 -1.43 1.02 -5.72
N ARG A 26 -0.67 0.14 -6.37
CA ARG A 26 -0.57 -1.24 -5.96
C ARG A 26 0.87 -1.56 -5.55
N CYS A 27 1.02 -2.40 -4.54
CA CYS A 27 2.34 -2.82 -4.08
C CYS A 27 2.88 -3.92 -4.99
N THR A 28 4.16 -3.87 -5.29
CA THR A 28 4.79 -4.84 -6.16
C THR A 28 5.14 -6.13 -5.43
N HIS A 29 5.41 -6.01 -4.14
CA HIS A 29 5.83 -7.16 -3.34
C HIS A 29 4.67 -7.81 -2.62
N CYS A 30 3.56 -7.09 -2.50
CA CYS A 30 2.39 -7.63 -1.83
C CYS A 30 1.12 -7.02 -2.41
N ALA A 31 0.00 -7.30 -1.78
CA ALA A 31 -1.28 -6.78 -2.21
C ALA A 31 -1.72 -5.66 -1.29
N ALA A 32 -1.78 -4.46 -1.83
CA ALA A 32 -2.16 -3.29 -1.04
C ALA A 32 -2.53 -2.14 -1.96
N ALA A 33 -3.76 -1.67 -1.83
CA ALA A 33 -4.23 -0.52 -2.58
C ALA A 33 -4.15 0.72 -1.70
N PHE A 34 -3.26 1.63 -2.05
CA PHE A 34 -3.04 2.83 -1.27
C PHE A 34 -2.49 3.94 -2.15
N HIS A 35 -2.48 5.16 -1.61
CA HIS A 35 -1.82 6.26 -2.30
C HIS A 35 -0.43 6.43 -1.70
N TRP A 36 0.55 6.64 -2.56
CA TRP A 36 1.96 6.76 -2.17
C TRP A 36 2.15 7.88 -1.14
N ARG A 37 1.42 8.97 -1.34
CA ARG A 37 1.52 10.13 -0.46
C ARG A 37 1.00 9.82 0.95
N CYS A 38 0.09 8.86 1.02
CA CYS A 38 -0.60 8.57 2.27
C CYS A 38 0.17 7.57 3.12
N HIS A 39 1.05 6.79 2.48
CA HIS A 39 1.88 5.85 3.22
C HIS A 39 3.25 6.45 3.51
N PHE A 40 3.73 7.32 2.63
CA PHE A 40 5.02 7.96 2.83
C PHE A 40 4.90 9.47 2.68
N PRO A 41 4.41 10.15 3.73
CA PRO A 41 4.20 11.60 3.72
C PRO A 41 5.49 12.38 3.95
N ALA A 42 6.31 11.91 4.87
CA ALA A 42 7.56 12.59 5.21
C ALA A 42 8.69 12.16 4.28
N GLY A 43 8.93 10.86 4.21
CA GLY A 43 9.99 10.35 3.37
C GLY A 43 9.49 10.01 1.98
N THR A 44 8.95 11.00 1.30
CA THR A 44 8.38 10.78 -0.01
C THR A 44 9.44 10.76 -1.10
N SER A 45 9.86 9.55 -1.45
CA SER A 45 10.76 9.37 -2.57
C SER A 45 10.35 8.12 -3.33
N ARG A 46 9.52 8.30 -4.35
CA ARG A 46 8.94 7.19 -5.10
C ARG A 46 10.02 6.30 -5.70
N PRO A 47 10.05 5.02 -5.29
CA PRO A 47 11.06 4.07 -5.76
C PRO A 47 10.86 3.67 -7.22
N GLY A 48 11.94 3.69 -7.98
CA GLY A 48 11.88 3.30 -9.37
C GLY A 48 12.01 1.79 -9.53
N THR A 49 12.37 1.12 -8.45
CA THR A 49 12.52 -0.33 -8.45
C THR A 49 11.25 -1.01 -7.98
N GLY A 50 10.10 -0.43 -8.33
CA GLY A 50 8.83 -0.99 -7.93
C GLY A 50 8.23 -0.28 -6.74
N LEU A 51 6.93 0.00 -6.82
CA LEU A 51 6.24 0.69 -5.74
C LEU A 51 6.09 -0.25 -4.55
N ARG A 52 6.61 0.18 -3.41
CA ARG A 52 6.65 -0.66 -2.22
C ARG A 52 5.93 0.01 -1.07
N CYS A 53 5.04 -0.73 -0.41
CA CYS A 53 4.33 -0.23 0.74
C CYS A 53 5.27 -0.18 1.95
N ARG A 54 4.74 0.27 3.09
CA ARG A 54 5.57 0.46 4.28
C ARG A 54 6.22 -0.84 4.73
N SER A 55 5.42 -1.90 4.84
CA SER A 55 5.93 -3.18 5.33
C SER A 55 6.98 -3.75 4.39
N CYS A 56 6.75 -3.65 3.07
CA CYS A 56 7.71 -4.16 2.10
C CYS A 56 8.95 -3.26 2.04
N SER A 57 8.83 -2.05 2.54
CA SER A 57 9.95 -1.13 2.60
C SER A 57 10.72 -1.30 3.91
N GLY A 58 10.28 -2.25 4.72
CA GLY A 58 11.00 -2.56 5.95
C GLY A 58 12.36 -3.16 5.66
N ASP A 59 12.51 -3.71 4.47
CA ASP A 59 13.78 -4.28 4.02
C ASP A 59 14.59 -3.22 3.27
N VAL A 60 13.99 -2.05 3.14
CA VAL A 60 14.61 -0.94 2.44
C VAL A 60 15.20 0.05 3.45
N THR A 61 16.51 0.03 3.58
CA THR A 61 17.19 0.95 4.47
C THR A 61 17.57 2.22 3.71
N PRO A 62 16.94 3.36 4.04
CA PRO A 62 17.19 4.63 3.36
C PRO A 62 18.67 5.01 3.41
N ALA A 63 19.20 5.42 2.27
CA ALA A 63 20.61 5.78 2.17
C ALA A 63 20.87 7.10 2.88
N PRO A 64 22.00 7.19 3.60
CA PRO A 64 22.38 8.41 4.32
C PRO A 64 22.88 9.51 3.38
N VAL A 65 22.08 9.82 2.36
CA VAL A 65 22.43 10.84 1.39
C VAL A 65 21.88 12.20 1.83
N GLU A 66 22.77 13.17 1.95
CA GLU A 66 22.38 14.51 2.35
C GLU A 66 22.78 15.52 1.29
N GLY A 1 -30.98 -0.13 15.52
CA GLY A 1 -30.09 0.80 14.79
C GLY A 1 -28.65 0.36 14.84
N ALA A 2 -27.77 1.14 14.21
CA ALA A 2 -26.33 0.83 14.16
C ALA A 2 -26.09 -0.52 13.47
N MET A 3 -24.92 -1.10 13.74
CA MET A 3 -24.55 -2.41 13.16
C MET A 3 -24.43 -2.30 11.64
N GLU A 4 -24.12 -1.11 11.17
CA GLU A 4 -23.99 -0.85 9.73
C GLU A 4 -22.68 -1.45 9.22
N GLY A 5 -21.72 -1.55 10.11
CA GLY A 5 -20.46 -2.18 9.80
C GLY A 5 -20.39 -3.57 10.38
N GLN A 6 -21.43 -4.36 10.15
CA GLN A 6 -21.51 -5.71 10.67
C GLN A 6 -20.33 -6.53 10.17
N GLN A 7 -20.05 -6.40 8.88
CA GLN A 7 -18.94 -7.09 8.26
C GLN A 7 -18.15 -6.10 7.42
N ASN A 8 -17.10 -5.54 7.99
CA ASN A 8 -16.27 -4.58 7.27
C ASN A 8 -15.38 -5.28 6.26
N LEU A 9 -15.95 -5.55 5.10
CA LEU A 9 -15.22 -6.17 4.00
C LEU A 9 -14.36 -5.12 3.30
N ALA A 10 -13.11 -5.45 3.07
CA ALA A 10 -12.22 -4.58 2.32
C ALA A 10 -12.46 -4.79 0.83
N PRO A 11 -12.78 -3.72 0.09
CA PRO A 11 -13.08 -3.80 -1.34
C PRO A 11 -11.89 -4.30 -2.17
N GLY A 12 -10.71 -4.21 -1.58
CA GLY A 12 -9.52 -4.67 -2.26
C GLY A 12 -8.70 -3.52 -2.80
N ALA A 13 -9.36 -2.65 -3.55
CA ALA A 13 -8.71 -1.48 -4.10
C ALA A 13 -9.26 -0.22 -3.46
N ARG A 14 -8.86 0.03 -2.23
CA ARG A 14 -9.25 1.24 -1.52
C ARG A 14 -8.21 1.58 -0.46
N CYS A 15 -7.72 2.81 -0.50
CA CYS A 15 -6.70 3.28 0.42
C CYS A 15 -7.35 3.72 1.73
N GLY A 16 -7.21 2.89 2.75
CA GLY A 16 -7.90 3.11 4.02
C GLY A 16 -7.32 4.26 4.83
N VAL A 17 -6.18 4.78 4.38
CA VAL A 17 -5.54 5.89 5.06
C VAL A 17 -6.35 7.18 4.86
N CYS A 18 -7.02 7.27 3.73
CA CYS A 18 -7.85 8.43 3.44
C CYS A 18 -9.31 8.01 3.24
N GLY A 19 -9.50 6.83 2.66
CA GLY A 19 -10.85 6.33 2.42
C GLY A 19 -11.15 6.24 0.93
N ASP A 20 -10.29 6.86 0.14
CA ASP A 20 -10.46 6.89 -1.30
C ASP A 20 -9.64 5.79 -1.98
N GLY A 21 -10.07 5.33 -3.13
CA GLY A 21 -9.37 4.27 -3.83
C GLY A 21 -9.15 4.57 -5.30
N THR A 22 -9.34 5.82 -5.70
CA THR A 22 -9.12 6.21 -7.08
C THR A 22 -7.63 6.46 -7.32
N ASP A 23 -7.12 5.95 -8.45
CA ASP A 23 -5.70 6.05 -8.77
C ASP A 23 -4.87 5.46 -7.62
N VAL A 24 -5.25 4.27 -7.21
CA VAL A 24 -4.64 3.65 -6.06
C VAL A 24 -3.43 2.83 -6.50
N LEU A 25 -2.35 2.93 -5.74
CA LEU A 25 -1.10 2.28 -6.09
C LEU A 25 -1.09 0.84 -5.60
N ARG A 26 -0.38 -0.01 -6.34
CA ARG A 26 -0.32 -1.43 -6.01
C ARG A 26 1.11 -1.83 -5.67
N CYS A 27 1.27 -2.51 -4.54
CA CYS A 27 2.57 -3.01 -4.13
C CYS A 27 3.07 -4.06 -5.11
N THR A 28 4.37 -4.03 -5.42
CA THR A 28 4.94 -5.00 -6.34
C THR A 28 5.41 -6.24 -5.63
N HIS A 29 5.62 -6.13 -4.32
CA HIS A 29 6.12 -7.24 -3.52
C HIS A 29 4.96 -8.01 -2.88
N CYS A 30 3.82 -7.35 -2.75
CA CYS A 30 2.64 -7.99 -2.19
C CYS A 30 1.40 -7.33 -2.77
N ALA A 31 0.25 -7.62 -2.21
CA ALA A 31 -1.00 -7.03 -2.67
C ALA A 31 -1.45 -5.95 -1.70
N ALA A 32 -1.46 -4.72 -2.18
CA ALA A 32 -1.85 -3.59 -1.35
C ALA A 32 -2.32 -2.44 -2.21
N ALA A 33 -3.47 -1.88 -1.85
CA ALA A 33 -4.00 -0.71 -2.51
C ALA A 33 -3.92 0.48 -1.56
N PHE A 34 -3.07 1.43 -1.90
CA PHE A 34 -2.87 2.60 -1.07
C PHE A 34 -2.35 3.75 -1.92
N HIS A 35 -2.38 4.95 -1.36
CA HIS A 35 -1.74 6.09 -2.00
C HIS A 35 -0.42 6.37 -1.31
N TRP A 36 0.62 6.57 -2.11
CA TRP A 36 1.96 6.84 -1.59
C TRP A 36 1.97 8.08 -0.70
N ARG A 37 1.24 9.11 -1.11
CA ARG A 37 1.17 10.36 -0.35
C ARG A 37 0.45 10.17 0.97
N CYS A 38 -0.46 9.21 1.01
CA CYS A 38 -1.20 8.89 2.24
C CYS A 38 -0.30 8.13 3.21
N HIS A 39 0.74 7.50 2.67
CA HIS A 39 1.67 6.74 3.50
C HIS A 39 2.90 7.57 3.86
N PHE A 40 3.57 8.06 2.83
CA PHE A 40 4.82 8.77 3.01
C PHE A 40 4.66 10.24 2.62
N PRO A 41 5.41 11.13 3.29
CA PRO A 41 5.38 12.57 2.99
C PRO A 41 5.95 12.86 1.59
N ALA A 42 5.66 14.06 1.12
CA ALA A 42 5.97 14.46 -0.26
C ALA A 42 7.47 14.49 -0.54
N GLY A 43 8.27 14.46 0.52
CA GLY A 43 9.71 14.43 0.36
C GLY A 43 10.19 13.04 -0.02
N THR A 44 9.33 12.05 0.19
CA THR A 44 9.63 10.68 -0.20
C THR A 44 9.17 10.44 -1.64
N SER A 45 10.07 9.93 -2.47
CA SER A 45 9.78 9.80 -3.88
C SER A 45 9.10 8.47 -4.19
N ARG A 46 8.09 8.53 -5.05
CA ARG A 46 7.33 7.34 -5.43
C ARG A 46 8.12 6.49 -6.41
N PRO A 47 8.40 5.22 -6.05
CA PRO A 47 9.12 4.31 -6.94
C PRO A 47 8.28 3.93 -8.15
N GLY A 48 8.88 4.03 -9.32
CA GLY A 48 8.18 3.67 -10.54
C GLY A 48 8.31 2.20 -10.85
N THR A 49 9.51 1.67 -10.65
CA THR A 49 9.78 0.27 -10.88
C THR A 49 10.14 -0.43 -9.57
N GLY A 50 9.14 -0.60 -8.72
CA GLY A 50 9.35 -1.22 -7.43
C GLY A 50 8.55 -0.54 -6.34
N LEU A 51 7.26 -0.38 -6.59
CA LEU A 51 6.36 0.27 -5.64
C LEU A 51 6.19 -0.62 -4.41
N ARG A 52 6.51 -0.08 -3.25
CA ARG A 52 6.43 -0.84 -2.00
C ARG A 52 5.42 -0.22 -1.05
N CYS A 53 4.63 -1.08 -0.43
CA CYS A 53 3.73 -0.65 0.63
C CYS A 53 4.52 -0.42 1.91
N ARG A 54 3.84 -0.03 2.98
CA ARG A 54 4.52 0.29 4.23
C ARG A 54 5.34 -0.90 4.72
N SER A 55 4.75 -2.08 4.67
CA SER A 55 5.39 -3.30 5.17
C SER A 55 6.64 -3.66 4.35
N CYS A 56 6.48 -3.74 3.03
CA CYS A 56 7.57 -4.14 2.15
C CYS A 56 8.63 -3.05 2.04
N SER A 57 8.28 -1.83 2.44
CA SER A 57 9.23 -0.72 2.44
C SER A 57 10.09 -0.74 3.71
N GLY A 58 9.93 -1.80 4.50
CA GLY A 58 10.73 -1.95 5.69
C GLY A 58 10.01 -1.58 6.96
N ASP A 59 8.79 -2.09 7.13
CA ASP A 59 8.06 -1.89 8.38
C ASP A 59 8.42 -3.02 9.34
N VAL A 60 8.93 -4.09 8.76
CA VAL A 60 9.38 -5.23 9.53
C VAL A 60 10.85 -5.05 9.89
N THR A 61 11.17 -3.88 10.41
CA THR A 61 12.52 -3.53 10.77
C THR A 61 12.69 -3.52 12.29
N PRO A 62 13.63 -4.30 12.82
CA PRO A 62 13.93 -4.32 14.24
C PRO A 62 14.28 -2.93 14.76
N ALA A 63 13.69 -2.54 15.88
CA ALA A 63 13.91 -1.23 16.45
C ALA A 63 15.34 -1.06 16.95
N PRO A 64 16.00 0.04 16.58
CA PRO A 64 17.33 0.38 17.09
C PRO A 64 17.31 0.57 18.60
N VAL A 65 17.94 -0.34 19.31
CA VAL A 65 17.98 -0.27 20.76
C VAL A 65 19.39 -0.50 21.28
N GLU A 66 19.78 0.24 22.29
CA GLU A 66 21.11 0.12 22.85
C GLU A 66 21.10 -0.93 23.96
N GLY A 1 -3.44 -21.50 7.63
CA GLY A 1 -2.43 -20.93 8.56
C GLY A 1 -2.90 -19.63 9.19
N ALA A 2 -2.95 -19.60 10.51
CA ALA A 2 -3.46 -18.43 11.24
C ALA A 2 -2.37 -17.38 11.42
N MET A 3 -1.21 -17.63 10.84
CA MET A 3 -0.11 -16.68 10.89
C MET A 3 0.23 -16.25 9.46
N GLU A 4 -0.77 -16.30 8.60
CA GLU A 4 -0.58 -15.95 7.21
C GLU A 4 -1.22 -14.61 6.89
N GLY A 5 -0.38 -13.61 6.69
CA GLY A 5 -0.85 -12.30 6.32
C GLY A 5 -0.03 -11.72 5.18
N GLN A 6 0.86 -12.55 4.63
CA GLN A 6 1.72 -12.13 3.54
C GLN A 6 1.14 -12.62 2.21
N GLN A 7 0.81 -13.90 2.16
CA GLN A 7 0.19 -14.48 0.98
C GLN A 7 -1.30 -14.28 1.02
N ASN A 8 -1.81 -14.03 2.22
CA ASN A 8 -3.24 -13.83 2.41
C ASN A 8 -3.61 -12.38 2.14
N LEU A 9 -4.59 -12.18 1.27
CA LEU A 9 -5.04 -10.86 0.91
C LEU A 9 -5.96 -10.29 1.98
N ALA A 10 -5.46 -9.29 2.70
CA ALA A 10 -6.24 -8.64 3.74
C ALA A 10 -7.40 -7.87 3.13
N PRO A 11 -8.64 -8.16 3.56
CA PRO A 11 -9.84 -7.51 3.01
C PRO A 11 -9.81 -5.99 3.18
N GLY A 12 -9.62 -5.29 2.07
CA GLY A 12 -9.63 -3.84 2.11
C GLY A 12 -8.58 -3.25 1.20
N ALA A 13 -8.79 -3.37 -0.11
CA ALA A 13 -7.86 -2.80 -1.07
C ALA A 13 -8.20 -1.34 -1.32
N ARG A 14 -7.89 -0.51 -0.33
CA ARG A 14 -8.14 0.92 -0.40
C ARG A 14 -7.14 1.65 0.48
N CYS A 15 -6.88 2.90 0.15
CA CYS A 15 -5.99 3.73 0.95
C CYS A 15 -6.59 3.92 2.34
N GLY A 16 -5.96 3.32 3.34
CA GLY A 16 -6.46 3.37 4.70
C GLY A 16 -6.63 4.78 5.24
N VAL A 17 -5.81 5.70 4.76
CA VAL A 17 -5.89 7.11 5.18
C VAL A 17 -7.13 7.77 4.59
N CYS A 18 -7.51 7.38 3.39
CA CYS A 18 -8.62 8.03 2.69
C CYS A 18 -9.91 7.23 2.79
N GLY A 19 -9.80 5.91 2.84
CA GLY A 19 -10.97 5.06 2.73
C GLY A 19 -11.44 5.01 1.30
N ASP A 20 -10.50 5.13 0.38
CA ASP A 20 -10.80 5.26 -1.04
C ASP A 20 -9.71 4.61 -1.89
N GLY A 21 -10.08 4.19 -3.10
CA GLY A 21 -9.11 3.58 -3.99
C GLY A 21 -9.05 4.26 -5.34
N THR A 22 -9.35 5.56 -5.37
CA THR A 22 -9.28 6.33 -6.59
C THR A 22 -7.84 6.71 -6.89
N ASP A 23 -7.37 6.42 -8.11
CA ASP A 23 -5.98 6.67 -8.49
C ASP A 23 -5.04 6.01 -7.50
N VAL A 24 -5.34 4.76 -7.20
CA VAL A 24 -4.62 4.03 -6.16
C VAL A 24 -3.41 3.33 -6.75
N LEU A 25 -2.37 3.17 -5.94
CA LEU A 25 -1.16 2.49 -6.37
C LEU A 25 -1.15 1.06 -5.84
N ARG A 26 -0.47 0.19 -6.57
CA ARG A 26 -0.43 -1.22 -6.22
C ARG A 26 0.99 -1.61 -5.77
N CYS A 27 1.08 -2.36 -4.69
CA CYS A 27 2.37 -2.85 -4.21
C CYS A 27 2.94 -3.85 -5.23
N THR A 28 4.25 -3.83 -5.41
CA THR A 28 4.88 -4.69 -6.40
C THR A 28 5.36 -6.00 -5.80
N HIS A 29 5.64 -6.03 -4.50
CA HIS A 29 6.13 -7.23 -3.86
C HIS A 29 4.97 -7.99 -3.19
N CYS A 30 3.85 -7.30 -3.02
CA CYS A 30 2.65 -7.93 -2.49
C CYS A 30 1.44 -7.23 -3.07
N ALA A 31 0.25 -7.59 -2.62
CA ALA A 31 -0.97 -6.99 -3.12
C ALA A 31 -1.52 -6.00 -2.09
N ALA A 32 -1.52 -4.73 -2.46
CA ALA A 32 -2.04 -3.67 -1.61
C ALA A 32 -2.39 -2.45 -2.45
N ALA A 33 -3.46 -1.77 -2.08
CA ALA A 33 -3.90 -0.57 -2.78
C ALA A 33 -3.86 0.62 -1.84
N PHE A 34 -3.02 1.60 -2.15
CA PHE A 34 -2.86 2.78 -1.31
C PHE A 34 -2.34 3.95 -2.12
N HIS A 35 -2.39 5.14 -1.52
CA HIS A 35 -1.76 6.32 -2.11
C HIS A 35 -0.41 6.52 -1.47
N TRP A 36 0.63 6.56 -2.30
CA TRP A 36 2.00 6.71 -1.85
C TRP A 36 2.17 7.99 -1.03
N ARG A 37 1.41 9.00 -1.39
CA ARG A 37 1.49 10.31 -0.75
C ARG A 37 0.81 10.31 0.61
N CYS A 38 -0.06 9.35 0.83
CA CYS A 38 -0.74 9.22 2.12
C CYS A 38 0.11 8.38 3.08
N HIS A 39 1.00 7.58 2.50
CA HIS A 39 1.94 6.80 3.29
C HIS A 39 3.23 7.59 3.53
N PHE A 40 3.81 8.07 2.44
CA PHE A 40 5.06 8.81 2.50
C PHE A 40 4.84 10.24 2.04
N PRO A 41 5.54 11.21 2.65
CA PRO A 41 5.39 12.62 2.32
C PRO A 41 6.05 13.00 1.00
N ALA A 42 6.08 14.29 0.69
CA ALA A 42 6.65 14.77 -0.57
C ALA A 42 8.16 14.54 -0.61
N GLY A 43 8.77 14.50 0.56
CA GLY A 43 10.21 14.26 0.65
C GLY A 43 10.60 12.88 0.14
N THR A 44 9.62 11.98 0.05
CA THR A 44 9.86 10.64 -0.42
C THR A 44 9.48 10.50 -1.89
N SER A 45 10.37 9.95 -2.69
CA SER A 45 10.11 9.77 -4.10
C SER A 45 9.45 8.42 -4.35
N ARG A 46 8.64 8.36 -5.39
CA ARG A 46 7.90 7.15 -5.71
C ARG A 46 8.73 6.23 -6.60
N PRO A 47 9.01 5.01 -6.15
CA PRO A 47 9.74 4.01 -6.94
C PRO A 47 8.91 3.51 -8.12
N GLY A 48 9.54 3.44 -9.28
CA GLY A 48 8.84 3.06 -10.49
C GLY A 48 8.58 1.56 -10.57
N THR A 49 9.59 0.78 -10.23
CA THR A 49 9.47 -0.67 -10.34
C THR A 49 9.44 -1.34 -8.97
N GLY A 50 9.81 -0.59 -7.93
CA GLY A 50 9.85 -1.15 -6.59
C GLY A 50 8.86 -0.46 -5.67
N LEU A 51 7.60 -0.46 -6.04
CA LEU A 51 6.57 0.20 -5.25
C LEU A 51 6.23 -0.66 -4.03
N ARG A 52 6.40 -0.10 -2.85
CA ARG A 52 6.24 -0.87 -1.63
C ARG A 52 5.19 -0.26 -0.72
N CYS A 53 4.29 -1.11 -0.23
CA CYS A 53 3.32 -0.69 0.77
C CYS A 53 4.01 -0.53 2.12
N ARG A 54 3.26 -0.16 3.15
CA ARG A 54 3.85 0.13 4.45
C ARG A 54 4.61 -1.08 5.00
N SER A 55 4.06 -2.27 4.81
CA SER A 55 4.67 -3.49 5.32
C SER A 55 5.96 -3.81 4.55
N CYS A 56 5.89 -3.76 3.22
CA CYS A 56 7.03 -4.11 2.38
C CYS A 56 8.12 -3.04 2.43
N SER A 57 7.75 -1.82 2.81
CA SER A 57 8.71 -0.74 2.96
C SER A 57 9.02 -0.53 4.43
N GLY A 58 8.67 -1.52 5.24
CA GLY A 58 8.92 -1.44 6.66
C GLY A 58 10.37 -1.66 7.01
N ASP A 59 11.02 -0.62 7.51
CA ASP A 59 12.43 -0.70 7.83
C ASP A 59 12.61 -1.18 9.26
N VAL A 60 13.40 -2.23 9.43
CA VAL A 60 13.63 -2.81 10.74
C VAL A 60 14.98 -2.35 11.28
N THR A 61 15.05 -2.15 12.59
CA THR A 61 16.28 -1.75 13.26
C THR A 61 17.17 -2.97 13.53
N PRO A 62 18.33 -3.06 12.86
CA PRO A 62 19.27 -4.16 13.07
C PRO A 62 19.98 -4.05 14.42
N ALA A 63 20.40 -5.18 14.97
CA ALA A 63 21.09 -5.20 16.24
C ALA A 63 22.60 -5.31 16.02
N PRO A 64 23.38 -4.35 16.53
CA PRO A 64 24.85 -4.35 16.42
C PRO A 64 25.48 -5.54 17.15
N VAL A 65 26.20 -6.36 16.40
CA VAL A 65 26.85 -7.54 16.98
C VAL A 65 28.33 -7.29 17.23
N GLU A 66 28.69 -6.02 17.35
CA GLU A 66 30.08 -5.64 17.59
C GLU A 66 30.36 -5.57 19.08
N GLY A 1 -18.62 6.48 -15.11
CA GLY A 1 -18.71 6.36 -13.64
C GLY A 1 -18.58 4.92 -13.18
N ALA A 2 -18.77 4.70 -11.89
CA ALA A 2 -18.69 3.37 -11.30
C ALA A 2 -17.31 2.75 -11.53
N MET A 3 -16.27 3.53 -11.21
CA MET A 3 -14.89 3.05 -11.35
C MET A 3 -14.62 1.87 -10.44
N GLU A 4 -14.93 2.05 -9.16
CA GLU A 4 -14.67 1.04 -8.15
C GLU A 4 -15.95 0.27 -7.85
N GLY A 5 -17.02 0.63 -8.55
CA GLY A 5 -18.29 -0.06 -8.37
C GLY A 5 -18.41 -1.28 -9.26
N GLN A 6 -19.47 -1.34 -10.05
CA GLN A 6 -19.72 -2.45 -10.97
C GLN A 6 -19.93 -3.76 -10.20
N GLN A 7 -20.33 -3.63 -8.94
CA GLN A 7 -20.58 -4.77 -8.05
C GLN A 7 -19.29 -5.57 -7.82
N ASN A 8 -18.16 -4.91 -8.05
CA ASN A 8 -16.86 -5.55 -7.85
C ASN A 8 -16.41 -5.40 -6.42
N LEU A 9 -16.57 -6.46 -5.64
CA LEU A 9 -16.21 -6.43 -4.24
C LEU A 9 -14.69 -6.49 -4.08
N ALA A 10 -14.11 -5.43 -3.54
CA ALA A 10 -12.67 -5.37 -3.35
C ALA A 10 -12.27 -5.97 -2.00
N PRO A 11 -11.40 -6.98 -2.02
CA PRO A 11 -10.91 -7.65 -0.80
C PRO A 11 -9.94 -6.80 0.00
N GLY A 12 -10.38 -5.64 0.45
CA GLY A 12 -9.52 -4.75 1.20
C GLY A 12 -8.53 -4.02 0.32
N ALA A 13 -8.87 -3.92 -0.96
CA ALA A 13 -8.01 -3.23 -1.91
C ALA A 13 -8.43 -1.78 -2.07
N ARG A 14 -8.10 -0.97 -1.08
CA ARG A 14 -8.44 0.44 -1.08
C ARG A 14 -7.56 1.18 -0.08
N CYS A 15 -7.17 2.40 -0.41
CA CYS A 15 -6.33 3.19 0.47
C CYS A 15 -7.10 3.56 1.73
N GLY A 16 -6.78 2.89 2.83
CA GLY A 16 -7.53 3.06 4.06
C GLY A 16 -7.23 4.37 4.76
N VAL A 17 -6.10 4.97 4.44
CA VAL A 17 -5.69 6.23 5.06
C VAL A 17 -6.71 7.34 4.78
N CYS A 18 -7.16 7.42 3.54
CA CYS A 18 -8.09 8.48 3.15
C CYS A 18 -9.49 7.92 2.92
N GLY A 19 -9.56 6.67 2.49
CA GLY A 19 -10.83 6.05 2.22
C GLY A 19 -11.12 5.98 0.73
N ASP A 20 -10.32 6.68 -0.05
CA ASP A 20 -10.49 6.70 -1.50
C ASP A 20 -9.56 5.70 -2.16
N GLY A 21 -10.02 5.09 -3.25
CA GLY A 21 -9.22 4.13 -3.96
C GLY A 21 -8.96 4.56 -5.40
N THR A 22 -9.18 5.84 -5.67
CA THR A 22 -8.92 6.39 -6.99
C THR A 22 -7.42 6.66 -7.14
N ASP A 23 -6.88 6.29 -8.30
CA ASP A 23 -5.45 6.46 -8.57
C ASP A 23 -4.64 5.81 -7.46
N VAL A 24 -5.00 4.58 -7.14
CA VAL A 24 -4.40 3.88 -6.03
C VAL A 24 -3.15 3.12 -6.49
N LEU A 25 -2.18 3.02 -5.61
CA LEU A 25 -0.95 2.32 -5.93
C LEU A 25 -1.04 0.86 -5.51
N ARG A 26 -0.27 0.02 -6.18
CA ARG A 26 -0.30 -1.41 -5.95
C ARG A 26 1.08 -1.89 -5.55
N CYS A 27 1.16 -2.66 -4.47
CA CYS A 27 2.43 -3.21 -4.05
C CYS A 27 2.90 -4.26 -5.05
N THR A 28 4.18 -4.21 -5.38
CA THR A 28 4.75 -5.17 -6.31
C THR A 28 5.25 -6.41 -5.58
N HIS A 29 5.45 -6.28 -4.27
CA HIS A 29 5.94 -7.40 -3.47
C HIS A 29 4.80 -8.19 -2.85
N CYS A 30 3.65 -7.54 -2.68
CA CYS A 30 2.48 -8.20 -2.13
C CYS A 30 1.22 -7.54 -2.67
N ALA A 31 0.09 -7.80 -2.04
CA ALA A 31 -1.17 -7.21 -2.45
C ALA A 31 -1.55 -6.07 -1.52
N ALA A 32 -1.58 -4.85 -2.04
CA ALA A 32 -1.92 -3.68 -1.24
C ALA A 32 -2.34 -2.54 -2.15
N ALA A 33 -3.37 -1.82 -1.73
CA ALA A 33 -3.86 -0.66 -2.45
C ALA A 33 -3.83 0.55 -1.52
N PHE A 34 -2.96 1.49 -1.84
CA PHE A 34 -2.77 2.66 -1.00
C PHE A 34 -2.23 3.82 -1.83
N HIS A 35 -2.20 5.00 -1.24
CA HIS A 35 -1.58 6.15 -1.89
C HIS A 35 -0.24 6.44 -1.23
N TRP A 36 0.77 6.66 -2.05
CA TRP A 36 2.10 7.02 -1.57
C TRP A 36 2.04 8.32 -0.79
N ARG A 37 1.19 9.22 -1.24
CA ARG A 37 1.01 10.52 -0.59
C ARG A 37 0.34 10.35 0.77
N CYS A 38 -0.55 9.37 0.87
CA CYS A 38 -1.22 9.08 2.12
C CYS A 38 -0.29 8.34 3.08
N HIS A 39 0.73 7.69 2.52
CA HIS A 39 1.68 6.92 3.33
C HIS A 39 2.85 7.79 3.76
N PHE A 40 3.36 8.60 2.85
CA PHE A 40 4.54 9.41 3.10
C PHE A 40 4.23 10.90 2.93
N PRO A 41 3.56 11.51 3.93
CA PRO A 41 3.19 12.94 3.89
C PRO A 41 4.39 13.85 4.13
N ALA A 42 5.56 13.25 4.26
CA ALA A 42 6.79 13.99 4.47
C ALA A 42 7.35 14.52 3.15
N GLY A 43 6.74 14.11 2.05
CA GLY A 43 7.19 14.55 0.75
C GLY A 43 8.17 13.58 0.12
N THR A 44 8.03 12.31 0.48
CA THR A 44 8.86 11.27 -0.09
C THR A 44 8.51 11.04 -1.56
N SER A 45 9.49 10.75 -2.38
CA SER A 45 9.27 10.62 -3.80
C SER A 45 8.87 9.19 -4.15
N ARG A 46 7.97 9.06 -5.12
CA ARG A 46 7.40 7.78 -5.49
C ARG A 46 8.19 7.13 -6.62
N PRO A 47 8.77 5.95 -6.37
CA PRO A 47 9.47 5.17 -7.39
C PRO A 47 8.49 4.58 -8.41
N GLY A 48 8.82 4.73 -9.69
CA GLY A 48 7.94 4.23 -10.73
C GLY A 48 8.34 2.85 -11.21
N THR A 49 9.33 2.26 -10.56
CA THR A 49 9.81 0.94 -10.92
C THR A 49 9.04 -0.15 -10.17
N GLY A 50 9.37 -0.29 -8.90
CA GLY A 50 8.71 -1.27 -8.07
C GLY A 50 8.17 -0.66 -6.80
N LEU A 51 6.87 -0.40 -6.77
CA LEU A 51 6.23 0.22 -5.64
C LEU A 51 6.12 -0.78 -4.47
N ARG A 52 6.59 -0.35 -3.30
CA ARG A 52 6.52 -1.18 -2.11
C ARG A 52 5.58 -0.56 -1.08
N CYS A 53 4.73 -1.39 -0.49
CA CYS A 53 3.87 -0.93 0.59
C CYS A 53 4.69 -0.74 1.87
N ARG A 54 4.07 -0.27 2.93
CA ARG A 54 4.80 0.03 4.16
C ARG A 54 5.52 -1.22 4.70
N SER A 55 4.82 -2.35 4.69
CA SER A 55 5.36 -3.58 5.24
C SER A 55 6.55 -4.08 4.42
N CYS A 56 6.41 -4.08 3.10
CA CYS A 56 7.48 -4.54 2.22
C CYS A 56 8.63 -3.54 2.16
N SER A 57 8.35 -2.28 2.47
CA SER A 57 9.38 -1.25 2.48
C SER A 57 10.16 -1.30 3.80
N GLY A 58 9.61 -2.02 4.76
CA GLY A 58 10.27 -2.18 6.03
C GLY A 58 10.16 -3.61 6.53
N ASP A 59 10.47 -4.55 5.65
CA ASP A 59 10.36 -5.97 6.00
C ASP A 59 11.73 -6.57 6.22
N VAL A 60 11.94 -7.09 7.42
CA VAL A 60 13.19 -7.73 7.75
C VAL A 60 12.95 -9.19 8.14
N THR A 61 13.72 -10.08 7.52
CA THR A 61 13.63 -11.50 7.83
C THR A 61 14.47 -11.82 9.06
N PRO A 62 13.93 -12.60 10.00
CA PRO A 62 14.62 -12.98 11.24
C PRO A 62 15.99 -13.61 10.95
N ALA A 63 16.99 -13.17 11.69
CA ALA A 63 18.33 -13.68 11.52
C ALA A 63 18.59 -14.85 12.46
N PRO A 64 19.03 -16.00 11.91
CA PRO A 64 19.37 -17.17 12.71
C PRO A 64 20.70 -16.99 13.45
N VAL A 65 20.73 -16.05 14.37
CA VAL A 65 21.95 -15.75 15.10
C VAL A 65 22.04 -16.61 16.35
N GLU A 66 23.15 -17.31 16.49
CA GLU A 66 23.37 -18.19 17.62
C GLU A 66 24.68 -17.84 18.29
N GLY A 1 -18.78 2.68 -8.46
CA GLY A 1 -19.11 1.66 -7.43
C GLY A 1 -20.60 1.40 -7.36
N ALA A 2 -20.99 0.52 -6.44
CA ALA A 2 -22.40 0.18 -6.22
C ALA A 2 -23.01 -0.49 -7.44
N MET A 3 -22.15 -1.07 -8.28
CA MET A 3 -22.60 -1.74 -9.48
C MET A 3 -21.99 -3.14 -9.54
N GLU A 4 -22.65 -4.08 -8.88
CA GLU A 4 -22.17 -5.46 -8.85
C GLU A 4 -22.32 -6.11 -10.23
N GLY A 5 -21.22 -6.62 -10.75
CA GLY A 5 -21.24 -7.24 -12.05
C GLY A 5 -20.22 -6.64 -12.99
N GLN A 6 -20.41 -5.37 -13.33
CA GLN A 6 -19.48 -4.66 -14.20
C GLN A 6 -18.33 -4.08 -13.37
N GLN A 7 -18.69 -3.34 -12.33
CA GLN A 7 -17.70 -2.72 -11.47
C GLN A 7 -17.42 -3.62 -10.28
N ASN A 8 -16.57 -4.61 -10.49
CA ASN A 8 -16.23 -5.58 -9.45
C ASN A 8 -15.13 -5.05 -8.54
N LEU A 9 -15.24 -3.77 -8.20
CA LEU A 9 -14.27 -3.13 -7.32
C LEU A 9 -14.46 -3.60 -5.89
N ALA A 10 -13.48 -4.34 -5.39
CA ALA A 10 -13.53 -4.85 -4.04
C ALA A 10 -13.20 -3.75 -3.03
N PRO A 11 -14.09 -3.52 -2.05
CA PRO A 11 -13.90 -2.48 -1.03
C PRO A 11 -12.71 -2.76 -0.13
N GLY A 12 -12.21 -3.98 -0.20
CA GLY A 12 -11.01 -4.35 0.54
C GLY A 12 -9.78 -3.73 -0.07
N ALA A 13 -9.84 -3.46 -1.36
CA ALA A 13 -8.73 -2.83 -2.06
C ALA A 13 -8.95 -1.32 -2.12
N ARG A 14 -8.74 -0.66 -0.98
CA ARG A 14 -8.96 0.77 -0.87
C ARG A 14 -7.93 1.39 0.05
N CYS A 15 -7.49 2.60 -0.27
CA CYS A 15 -6.56 3.33 0.57
C CYS A 15 -7.29 3.87 1.79
N GLY A 16 -7.07 3.24 2.94
CA GLY A 16 -7.84 3.55 4.12
C GLY A 16 -7.40 4.82 4.83
N VAL A 17 -6.23 5.33 4.45
CA VAL A 17 -5.73 6.57 5.04
C VAL A 17 -6.60 7.76 4.66
N CYS A 18 -7.02 7.80 3.40
CA CYS A 18 -7.82 8.91 2.91
C CYS A 18 -9.27 8.48 2.71
N GLY A 19 -9.46 7.20 2.41
CA GLY A 19 -10.81 6.68 2.20
C GLY A 19 -11.13 6.53 0.72
N ASP A 20 -10.18 6.86 -0.13
CA ASP A 20 -10.39 6.80 -1.56
C ASP A 20 -9.66 5.62 -2.19
N GLY A 21 -10.25 5.08 -3.24
CA GLY A 21 -9.62 4.02 -3.99
C GLY A 21 -9.31 4.47 -5.40
N THR A 22 -9.63 5.74 -5.68
CA THR A 22 -9.38 6.33 -6.98
C THR A 22 -7.89 6.58 -7.17
N ASP A 23 -7.38 6.21 -8.34
CA ASP A 23 -5.97 6.41 -8.69
C ASP A 23 -5.09 5.75 -7.64
N VAL A 24 -5.43 4.52 -7.31
CA VAL A 24 -4.77 3.80 -6.23
C VAL A 24 -3.57 3.03 -6.75
N LEU A 25 -2.56 2.89 -5.91
CA LEU A 25 -1.35 2.17 -6.28
C LEU A 25 -1.37 0.76 -5.73
N ARG A 26 -0.63 -0.13 -6.37
CA ARG A 26 -0.52 -1.51 -5.95
C ARG A 26 0.90 -1.79 -5.50
N CYS A 27 1.07 -2.77 -4.63
CA CYS A 27 2.38 -3.10 -4.11
C CYS A 27 3.05 -4.15 -5.01
N THR A 28 4.35 -3.99 -5.20
CA THR A 28 5.12 -4.88 -6.07
C THR A 28 5.51 -6.18 -5.36
N HIS A 29 5.61 -6.13 -4.04
CA HIS A 29 6.04 -7.30 -3.28
C HIS A 29 4.87 -8.00 -2.60
N CYS A 30 3.73 -7.31 -2.53
CA CYS A 30 2.55 -7.91 -1.93
C CYS A 30 1.28 -7.32 -2.56
N ALA A 31 0.13 -7.69 -2.02
CA ALA A 31 -1.13 -7.23 -2.55
C ALA A 31 -1.71 -6.14 -1.67
N ALA A 32 -1.83 -4.94 -2.21
CA ALA A 32 -2.32 -3.81 -1.44
C ALA A 32 -2.72 -2.66 -2.36
N ALA A 33 -3.87 -2.07 -2.08
CA ALA A 33 -4.30 -0.86 -2.77
C ALA A 33 -4.20 0.32 -1.83
N PHE A 34 -3.27 1.21 -2.12
CA PHE A 34 -3.01 2.36 -1.26
C PHE A 34 -2.37 3.48 -2.06
N HIS A 35 -2.28 4.64 -1.46
CA HIS A 35 -1.55 5.75 -2.07
C HIS A 35 -0.23 5.96 -1.33
N TRP A 36 0.85 6.04 -2.09
CA TRP A 36 2.16 6.28 -1.54
C TRP A 36 2.19 7.59 -0.76
N ARG A 37 1.46 8.57 -1.27
CA ARG A 37 1.41 9.88 -0.65
C ARG A 37 0.63 9.85 0.67
N CYS A 38 -0.28 8.89 0.80
CA CYS A 38 -1.05 8.75 2.03
C CYS A 38 -0.27 7.94 3.06
N HIS A 39 0.62 7.07 2.60
CA HIS A 39 1.42 6.25 3.50
C HIS A 39 2.72 6.95 3.86
N PHE A 40 3.20 7.79 2.96
CA PHE A 40 4.44 8.53 3.18
C PHE A 40 4.21 10.03 2.94
N PRO A 41 3.48 10.69 3.86
CA PRO A 41 3.12 12.11 3.73
C PRO A 41 4.22 13.03 4.23
N ALA A 42 5.41 12.49 4.45
CA ALA A 42 6.54 13.29 4.94
C ALA A 42 7.27 13.98 3.80
N GLY A 43 6.74 13.84 2.59
CA GLY A 43 7.40 14.40 1.43
C GLY A 43 8.29 13.38 0.75
N THR A 44 8.05 12.11 1.07
CA THR A 44 8.84 11.02 0.51
C THR A 44 8.47 10.77 -0.96
N SER A 45 9.47 10.71 -1.81
CA SER A 45 9.25 10.47 -3.24
C SER A 45 9.25 8.97 -3.51
N ARG A 46 8.32 8.53 -4.36
CA ARG A 46 8.15 7.11 -4.61
C ARG A 46 9.30 6.56 -5.46
N PRO A 47 9.83 5.38 -5.09
CA PRO A 47 10.98 4.77 -5.74
C PRO A 47 10.67 4.27 -7.14
N GLY A 48 11.67 4.30 -8.01
CA GLY A 48 11.47 3.84 -9.38
C GLY A 48 11.87 2.40 -9.57
N THR A 49 11.96 1.67 -8.47
CA THR A 49 12.30 0.26 -8.51
C THR A 49 11.13 -0.59 -8.01
N GLY A 50 9.93 -0.17 -8.35
CA GLY A 50 8.75 -0.86 -7.90
C GLY A 50 8.15 -0.20 -6.68
N LEU A 51 6.85 0.05 -6.72
CA LEU A 51 6.15 0.69 -5.62
C LEU A 51 6.04 -0.30 -4.45
N ARG A 52 6.52 0.11 -3.30
CA ARG A 52 6.49 -0.74 -2.11
C ARG A 52 5.62 -0.12 -1.03
N CYS A 53 4.80 -0.94 -0.40
CA CYS A 53 4.12 -0.51 0.81
C CYS A 53 5.14 -0.46 1.95
N ARG A 54 4.84 0.22 3.04
CA ARG A 54 5.86 0.45 4.06
C ARG A 54 6.40 -0.87 4.62
N SER A 55 5.55 -1.89 4.67
CA SER A 55 5.95 -3.20 5.17
C SER A 55 7.00 -3.82 4.25
N CYS A 56 6.79 -3.74 2.94
CA CYS A 56 7.73 -4.30 1.97
C CYS A 56 9.00 -3.47 1.87
N SER A 57 8.95 -2.23 2.34
CA SER A 57 10.15 -1.40 2.35
C SER A 57 10.91 -1.60 3.66
N GLY A 58 10.26 -2.23 4.62
CA GLY A 58 10.90 -2.50 5.90
C GLY A 58 10.09 -1.94 7.05
N ASP A 59 10.74 -1.13 7.86
CA ASP A 59 10.08 -0.52 9.02
C ASP A 59 10.36 0.97 9.04
N VAL A 60 9.50 1.71 9.71
CA VAL A 60 9.65 3.16 9.81
C VAL A 60 10.05 3.54 11.23
N THR A 61 11.07 4.36 11.34
CA THR A 61 11.57 4.80 12.65
C THR A 61 10.93 6.11 13.07
N PRO A 62 10.44 6.17 14.32
CA PRO A 62 9.89 7.40 14.89
C PRO A 62 10.97 8.46 15.06
N ALA A 63 10.60 9.71 14.83
CA ALA A 63 11.55 10.82 14.96
C ALA A 63 11.97 11.00 16.40
N PRO A 64 13.28 10.86 16.68
CA PRO A 64 13.83 10.93 18.05
C PRO A 64 13.49 12.24 18.74
N VAL A 65 13.07 12.15 20.00
CA VAL A 65 12.75 13.35 20.79
C VAL A 65 13.91 13.72 21.71
N GLU A 66 14.97 12.93 21.66
CA GLU A 66 16.14 13.17 22.49
C GLU A 66 17.31 13.59 21.62
N GLY A 1 -14.01 -19.62 -10.02
CA GLY A 1 -15.12 -20.45 -9.49
C GLY A 1 -14.62 -21.55 -8.56
N ALA A 2 -15.48 -21.97 -7.64
CA ALA A 2 -15.16 -23.01 -6.66
C ALA A 2 -13.97 -22.61 -5.80
N MET A 3 -13.79 -21.32 -5.61
CA MET A 3 -12.68 -20.80 -4.83
C MET A 3 -13.16 -19.73 -3.86
N GLU A 4 -13.65 -18.63 -4.40
CA GLU A 4 -14.18 -17.56 -3.58
C GLU A 4 -15.66 -17.81 -3.26
N GLY A 5 -15.92 -18.90 -2.55
CA GLY A 5 -17.27 -19.26 -2.19
C GLY A 5 -17.91 -18.25 -1.29
N GLN A 6 -17.14 -17.72 -0.35
CA GLN A 6 -17.63 -16.70 0.55
C GLN A 6 -17.56 -15.34 -0.13
N GLN A 7 -16.36 -14.98 -0.60
CA GLN A 7 -16.13 -13.69 -1.23
C GLN A 7 -16.66 -12.57 -0.35
N ASN A 8 -16.22 -12.59 0.91
CA ASN A 8 -16.70 -11.66 1.92
C ASN A 8 -15.54 -11.16 2.78
N LEU A 9 -14.46 -11.92 2.80
CA LEU A 9 -13.31 -11.60 3.63
C LEU A 9 -12.26 -10.85 2.82
N ALA A 10 -12.69 -9.76 2.20
CA ALA A 10 -11.79 -8.93 1.41
C ALA A 10 -10.77 -8.24 2.31
N PRO A 11 -9.49 -8.23 1.88
CA PRO A 11 -8.41 -7.66 2.67
C PRO A 11 -8.46 -6.14 2.74
N GLY A 12 -9.23 -5.55 1.83
CA GLY A 12 -9.38 -4.12 1.80
C GLY A 12 -8.51 -3.48 0.74
N ALA A 13 -8.81 -3.75 -0.52
CA ALA A 13 -8.07 -3.16 -1.63
C ALA A 13 -8.47 -1.69 -1.81
N ARG A 14 -7.98 -0.86 -0.91
CA ARG A 14 -8.30 0.55 -0.91
C ARG A 14 -7.40 1.27 0.09
N CYS A 15 -7.05 2.50 -0.22
CA CYS A 15 -6.22 3.29 0.67
C CYS A 15 -6.99 3.62 1.94
N GLY A 16 -6.65 2.92 3.02
CA GLY A 16 -7.38 3.08 4.27
C GLY A 16 -6.92 4.28 5.06
N VAL A 17 -5.90 4.96 4.56
CA VAL A 17 -5.36 6.14 5.21
C VAL A 17 -6.32 7.32 5.05
N CYS A 18 -6.86 7.46 3.84
CA CYS A 18 -7.79 8.55 3.58
C CYS A 18 -9.20 8.00 3.40
N GLY A 19 -9.30 6.77 2.93
CA GLY A 19 -10.60 6.14 2.74
C GLY A 19 -10.99 6.08 1.28
N ASP A 20 -10.20 6.73 0.43
CA ASP A 20 -10.50 6.79 -0.99
C ASP A 20 -9.73 5.72 -1.76
N GLY A 21 -10.34 5.22 -2.83
CA GLY A 21 -9.72 4.20 -3.65
C GLY A 21 -9.45 4.67 -5.06
N THR A 22 -9.51 5.98 -5.28
CA THR A 22 -9.27 6.55 -6.59
C THR A 22 -7.77 6.67 -6.85
N ASP A 23 -7.33 6.15 -7.99
CA ASP A 23 -5.91 6.21 -8.38
C ASP A 23 -5.04 5.54 -7.32
N VAL A 24 -5.34 4.29 -7.02
CA VAL A 24 -4.58 3.55 -6.03
C VAL A 24 -3.41 2.83 -6.68
N LEU A 25 -2.26 2.91 -6.03
CA LEU A 25 -1.06 2.25 -6.50
C LEU A 25 -1.04 0.82 -5.97
N ARG A 26 -0.27 -0.02 -6.63
CA ARG A 26 -0.20 -1.43 -6.27
C ARG A 26 1.19 -1.81 -5.82
N CYS A 27 1.28 -2.55 -4.73
CA CYS A 27 2.56 -3.03 -4.24
C CYS A 27 3.11 -4.07 -5.21
N THR A 28 4.41 -4.01 -5.48
CA THR A 28 5.04 -4.96 -6.36
C THR A 28 5.56 -6.16 -5.59
N HIS A 29 5.76 -5.98 -4.29
CA HIS A 29 6.27 -7.04 -3.44
C HIS A 29 5.12 -7.87 -2.86
N CYS A 30 3.96 -7.27 -2.77
CA CYS A 30 2.77 -7.97 -2.28
C CYS A 30 1.52 -7.38 -2.93
N ALA A 31 0.36 -7.75 -2.42
CA ALA A 31 -0.89 -7.26 -2.96
C ALA A 31 -1.49 -6.21 -2.04
N ALA A 32 -1.57 -4.98 -2.52
CA ALA A 32 -2.10 -3.87 -1.73
C ALA A 32 -2.40 -2.68 -2.62
N ALA A 33 -3.54 -2.04 -2.37
CA ALA A 33 -3.93 -0.85 -3.09
C ALA A 33 -3.95 0.34 -2.14
N PHE A 34 -3.16 1.36 -2.45
CA PHE A 34 -3.02 2.50 -1.55
C PHE A 34 -2.50 3.72 -2.29
N HIS A 35 -2.45 4.85 -1.60
CA HIS A 35 -1.84 6.05 -2.13
C HIS A 35 -0.49 6.28 -1.46
N TRP A 36 0.54 6.40 -2.27
CA TRP A 36 1.88 6.68 -1.78
C TRP A 36 1.90 8.02 -1.07
N ARG A 37 1.06 8.94 -1.52
CA ARG A 37 0.97 10.27 -0.96
C ARG A 37 0.31 10.25 0.42
N CYS A 38 -0.50 9.23 0.68
CA CYS A 38 -1.13 9.07 1.99
C CYS A 38 -0.22 8.28 2.93
N HIS A 39 0.68 7.50 2.35
CA HIS A 39 1.58 6.67 3.14
C HIS A 39 2.87 7.41 3.46
N PHE A 40 3.40 8.13 2.49
CA PHE A 40 4.67 8.83 2.65
C PHE A 40 4.51 10.32 2.38
N PRO A 41 5.29 11.16 3.08
CA PRO A 41 5.28 12.60 2.90
C PRO A 41 5.82 13.01 1.53
N ALA A 42 5.65 14.29 1.20
CA ALA A 42 6.06 14.81 -0.10
C ALA A 42 7.58 14.80 -0.26
N GLY A 43 8.28 14.68 0.86
CA GLY A 43 9.73 14.58 0.83
C GLY A 43 10.20 13.21 0.38
N THR A 44 9.27 12.25 0.37
CA THR A 44 9.60 10.89 -0.04
C THR A 44 9.32 10.70 -1.53
N SER A 45 10.28 10.11 -2.22
CA SER A 45 10.16 9.92 -3.66
C SER A 45 9.47 8.59 -3.96
N ARG A 46 8.55 8.62 -4.91
CA ARG A 46 7.80 7.44 -5.30
C ARG A 46 8.61 6.59 -6.28
N PRO A 47 8.87 5.32 -5.93
CA PRO A 47 9.61 4.41 -6.81
C PRO A 47 8.77 4.02 -8.03
N GLY A 48 9.46 3.76 -9.14
CA GLY A 48 8.75 3.50 -10.38
C GLY A 48 8.65 2.02 -10.70
N THR A 49 9.65 1.25 -10.32
CA THR A 49 9.66 -0.18 -10.61
C THR A 49 9.37 -1.00 -9.35
N GLY A 50 9.91 -0.55 -8.25
CA GLY A 50 9.74 -1.26 -6.99
C GLY A 50 8.81 -0.55 -6.04
N LEU A 51 7.53 -0.57 -6.36
CA LEU A 51 6.53 0.08 -5.53
C LEU A 51 6.28 -0.76 -4.28
N ARG A 52 6.49 -0.17 -3.12
CA ARG A 52 6.37 -0.90 -1.86
C ARG A 52 5.35 -0.24 -0.95
N CYS A 53 4.49 -1.07 -0.36
CA CYS A 53 3.55 -0.61 0.64
C CYS A 53 4.28 -0.35 1.95
N ARG A 54 3.59 0.14 2.97
CA ARG A 54 4.24 0.46 4.23
C ARG A 54 4.87 -0.78 4.85
N SER A 55 4.19 -1.91 4.70
CA SER A 55 4.66 -3.18 5.23
C SER A 55 5.96 -3.62 4.54
N CYS A 56 5.96 -3.64 3.20
CA CYS A 56 7.15 -4.03 2.45
C CYS A 56 8.23 -2.95 2.52
N SER A 57 7.85 -1.74 2.86
CA SER A 57 8.81 -0.64 2.98
C SER A 57 9.54 -0.75 4.31
N GLY A 58 9.01 -1.56 5.20
CA GLY A 58 9.69 -1.86 6.43
C GLY A 58 10.56 -3.09 6.29
N ASP A 59 11.62 -2.96 5.50
CA ASP A 59 12.45 -4.10 5.16
C ASP A 59 13.55 -4.31 6.19
N VAL A 60 13.71 -5.56 6.60
CA VAL A 60 14.70 -5.92 7.60
C VAL A 60 15.82 -6.74 6.96
N THR A 61 17.05 -6.33 7.18
CA THR A 61 18.20 -7.06 6.70
C THR A 61 18.83 -7.86 7.84
N PRO A 62 19.31 -9.08 7.54
CA PRO A 62 19.99 -9.91 8.53
C PRO A 62 21.38 -9.38 8.84
N ALA A 63 21.81 -9.52 10.08
CA ALA A 63 23.13 -9.07 10.49
C ALA A 63 24.18 -10.10 10.13
N PRO A 64 25.35 -9.65 9.62
CA PRO A 64 26.45 -10.54 9.24
C PRO A 64 27.21 -11.06 10.46
N VAL A 65 26.47 -11.60 11.42
CA VAL A 65 27.06 -12.15 12.62
C VAL A 65 26.97 -13.68 12.58
N GLU A 66 27.96 -14.29 11.96
CA GLU A 66 27.96 -15.74 11.77
C GLU A 66 29.39 -16.25 11.73
N GLY A 1 -4.79 -24.10 -9.35
CA GLY A 1 -5.29 -23.48 -8.09
C GLY A 1 -6.57 -22.70 -8.33
N ALA A 2 -7.47 -22.74 -7.36
CA ALA A 2 -8.76 -22.06 -7.47
C ALA A 2 -8.60 -20.57 -7.22
N MET A 3 -8.60 -19.80 -8.31
CA MET A 3 -8.44 -18.34 -8.25
C MET A 3 -7.10 -17.94 -7.64
N GLU A 4 -6.11 -18.81 -7.79
CA GLU A 4 -4.79 -18.55 -7.22
C GLU A 4 -3.96 -17.73 -8.18
N GLY A 5 -2.99 -17.00 -7.65
CA GLY A 5 -2.18 -16.14 -8.47
C GLY A 5 -2.79 -14.76 -8.62
N GLN A 6 -3.44 -14.31 -7.55
CA GLN A 6 -4.11 -12.99 -7.52
C GLN A 6 -5.16 -12.92 -8.62
N GLN A 7 -5.82 -14.05 -8.88
CA GLN A 7 -6.77 -14.15 -9.96
C GLN A 7 -8.17 -13.71 -9.50
N ASN A 8 -8.31 -13.52 -8.20
CA ASN A 8 -9.57 -13.07 -7.64
C ASN A 8 -9.55 -11.56 -7.44
N LEU A 9 -10.63 -10.90 -7.82
CA LEU A 9 -10.75 -9.46 -7.63
C LEU A 9 -11.41 -9.17 -6.29
N ALA A 10 -10.58 -9.09 -5.26
CA ALA A 10 -11.07 -8.82 -3.91
C ALA A 10 -11.33 -7.33 -3.73
N PRO A 11 -12.40 -6.97 -3.00
CA PRO A 11 -12.74 -5.57 -2.70
C PRO A 11 -11.75 -4.92 -1.72
N GLY A 12 -10.47 -5.12 -1.96
CA GLY A 12 -9.45 -4.53 -1.13
C GLY A 12 -8.77 -3.39 -1.82
N ALA A 13 -9.28 -3.02 -2.99
CA ALA A 13 -8.72 -1.93 -3.76
C ALA A 13 -9.22 -0.59 -3.22
N ARG A 14 -8.69 -0.21 -2.07
CA ARG A 14 -9.06 1.03 -1.42
C ARG A 14 -7.96 1.46 -0.46
N CYS A 15 -7.51 2.69 -0.61
CA CYS A 15 -6.51 3.24 0.29
C CYS A 15 -7.19 3.70 1.58
N GLY A 16 -7.03 2.89 2.63
CA GLY A 16 -7.77 3.11 3.87
C GLY A 16 -7.33 4.34 4.62
N VAL A 17 -6.14 4.83 4.30
CA VAL A 17 -5.58 5.98 4.98
C VAL A 17 -6.42 7.24 4.73
N CYS A 18 -7.01 7.32 3.54
CA CYS A 18 -7.83 8.47 3.19
C CYS A 18 -9.27 8.05 2.93
N GLY A 19 -9.44 6.85 2.37
CA GLY A 19 -10.76 6.35 2.07
C GLY A 19 -11.01 6.24 0.58
N ASP A 20 -10.13 6.85 -0.21
CA ASP A 20 -10.26 6.82 -1.66
C ASP A 20 -9.56 5.59 -2.23
N GLY A 21 -10.25 4.88 -3.11
CA GLY A 21 -9.66 3.77 -3.80
C GLY A 21 -9.43 4.08 -5.26
N THR A 22 -9.82 5.27 -5.66
CA THR A 22 -9.61 5.73 -7.02
C THR A 22 -8.17 6.15 -7.23
N ASP A 23 -7.59 5.73 -8.34
CA ASP A 23 -6.21 6.05 -8.69
C ASP A 23 -5.28 5.57 -7.58
N VAL A 24 -5.52 4.35 -7.14
CA VAL A 24 -4.78 3.78 -6.03
C VAL A 24 -3.54 3.07 -6.54
N LEU A 25 -2.50 3.03 -5.72
CA LEU A 25 -1.25 2.38 -6.09
C LEU A 25 -1.20 0.97 -5.52
N ARG A 26 -0.59 0.07 -6.26
CA ARG A 26 -0.54 -1.34 -5.88
C ARG A 26 0.89 -1.74 -5.55
N CYS A 27 1.06 -2.43 -4.44
CA CYS A 27 2.37 -2.93 -4.05
C CYS A 27 2.86 -3.95 -5.09
N THR A 28 4.08 -3.79 -5.57
CA THR A 28 4.63 -4.71 -6.55
C THR A 28 5.26 -5.93 -5.89
N HIS A 29 5.32 -5.90 -4.57
CA HIS A 29 5.93 -6.98 -3.81
C HIS A 29 4.88 -7.81 -3.08
N CYS A 30 3.72 -7.22 -2.85
CA CYS A 30 2.62 -7.93 -2.22
C CYS A 30 1.28 -7.34 -2.68
N ALA A 31 0.22 -7.64 -1.96
CA ALA A 31 -1.10 -7.12 -2.29
C ALA A 31 -1.46 -6.00 -1.32
N ALA A 32 -1.60 -4.79 -1.86
CA ALA A 32 -1.94 -3.62 -1.05
C ALA A 32 -2.35 -2.47 -1.94
N ALA A 33 -3.51 -1.89 -1.64
CA ALA A 33 -4.01 -0.72 -2.34
C ALA A 33 -3.88 0.50 -1.46
N PHE A 34 -3.01 1.42 -1.84
CA PHE A 34 -2.73 2.60 -1.03
C PHE A 34 -2.23 3.74 -1.92
N HIS A 35 -2.18 4.94 -1.37
CA HIS A 35 -1.56 6.05 -2.06
C HIS A 35 -0.23 6.36 -1.40
N TRP A 36 0.78 6.64 -2.22
CA TRP A 36 2.12 6.94 -1.74
C TRP A 36 2.11 8.19 -0.87
N ARG A 37 1.23 9.13 -1.21
CA ARG A 37 1.11 10.38 -0.45
C ARG A 37 0.41 10.15 0.88
N CYS A 38 -0.41 9.13 0.95
CA CYS A 38 -1.13 8.81 2.18
C CYS A 38 -0.25 7.98 3.12
N HIS A 39 0.74 7.31 2.55
CA HIS A 39 1.63 6.47 3.33
C HIS A 39 2.92 7.21 3.69
N PHE A 40 3.56 7.82 2.70
CA PHE A 40 4.86 8.42 2.90
C PHE A 40 4.77 9.95 2.81
N PRO A 41 5.65 10.66 3.54
CA PRO A 41 5.75 12.10 3.46
C PRO A 41 6.29 12.54 2.10
N ALA A 42 6.01 13.79 1.74
CA ALA A 42 6.41 14.32 0.45
C ALA A 42 7.93 14.46 0.35
N GLY A 43 8.61 14.26 1.46
CA GLY A 43 10.07 14.25 1.45
C GLY A 43 10.61 12.94 0.92
N THR A 44 9.73 11.95 0.79
CA THR A 44 10.11 10.66 0.24
C THR A 44 9.79 10.61 -1.26
N SER A 45 10.73 10.10 -2.03
CA SER A 45 10.59 10.04 -3.48
C SER A 45 9.89 8.75 -3.92
N ARG A 46 8.96 8.89 -4.86
CA ARG A 46 8.18 7.75 -5.33
C ARG A 46 8.96 6.96 -6.37
N PRO A 47 9.08 5.63 -6.18
CA PRO A 47 9.77 4.75 -7.12
C PRO A 47 8.99 4.57 -8.42
N GLY A 48 9.71 4.54 -9.53
CA GLY A 48 9.08 4.37 -10.82
C GLY A 48 8.86 2.92 -11.16
N THR A 49 9.73 2.07 -10.65
CA THR A 49 9.65 0.65 -10.93
C THR A 49 9.89 -0.16 -9.66
N GLY A 50 8.90 -0.17 -8.78
CA GLY A 50 9.01 -0.92 -7.55
C GLY A 50 8.23 -0.28 -6.42
N LEU A 51 6.93 -0.19 -6.61
CA LEU A 51 6.04 0.40 -5.61
C LEU A 51 5.99 -0.50 -4.37
N ARG A 52 6.33 0.07 -3.22
CA ARG A 52 6.39 -0.68 -1.98
C ARG A 52 5.39 -0.14 -0.98
N CYS A 53 4.65 -1.03 -0.35
CA CYS A 53 3.79 -0.65 0.76
C CYS A 53 4.65 -0.55 2.02
N ARG A 54 4.06 0.00 3.09
CA ARG A 54 4.81 0.27 4.31
C ARG A 54 5.57 -0.97 4.80
N SER A 55 4.87 -2.09 4.82
CA SER A 55 5.44 -3.33 5.32
C SER A 55 6.63 -3.80 4.48
N CYS A 56 6.48 -3.76 3.16
CA CYS A 56 7.53 -4.22 2.26
C CYS A 56 8.71 -3.25 2.25
N SER A 57 8.43 -1.97 2.45
CA SER A 57 9.48 -0.96 2.46
C SER A 57 10.12 -0.84 3.84
N GLY A 58 9.74 -1.75 4.75
CA GLY A 58 10.22 -1.70 6.11
C GLY A 58 11.71 -1.95 6.22
N ASP A 59 12.49 -0.88 6.18
CA ASP A 59 13.93 -0.96 6.35
C ASP A 59 14.31 -0.45 7.73
N VAL A 60 14.95 -1.30 8.52
CA VAL A 60 15.33 -0.92 9.87
C VAL A 60 16.71 -0.28 9.86
N THR A 61 16.81 0.91 10.44
CA THR A 61 18.08 1.62 10.50
C THR A 61 18.81 1.29 11.79
N PRO A 62 20.01 0.71 11.69
CA PRO A 62 20.84 0.38 12.86
C PRO A 62 21.49 1.61 13.47
N ALA A 63 21.61 1.63 14.78
CA ALA A 63 22.21 2.74 15.49
C ALA A 63 23.73 2.63 15.48
N PRO A 64 24.43 3.73 15.15
CA PRO A 64 25.89 3.74 15.10
C PRO A 64 26.51 3.51 16.48
N VAL A 65 27.09 2.35 16.67
CA VAL A 65 27.71 2.01 17.94
C VAL A 65 29.19 2.35 17.90
N GLU A 66 29.54 3.49 18.48
CA GLU A 66 30.92 3.93 18.52
C GLU A 66 31.45 3.84 19.95
N GLY A 1 -14.37 7.09 -7.88
CA GLY A 1 -15.26 6.46 -8.88
C GLY A 1 -16.51 5.90 -8.25
N ALA A 2 -17.64 6.12 -8.91
CA ALA A 2 -18.92 5.66 -8.39
C ALA A 2 -19.19 4.22 -8.80
N MET A 3 -19.46 3.37 -7.82
CA MET A 3 -19.74 1.96 -8.07
C MET A 3 -21.16 1.61 -7.67
N GLU A 4 -21.99 1.27 -8.64
CA GLU A 4 -23.37 0.91 -8.35
C GLU A 4 -23.47 -0.49 -7.76
N GLY A 5 -22.43 -1.27 -7.99
CA GLY A 5 -22.37 -2.60 -7.44
C GLY A 5 -20.95 -3.04 -7.17
N GLN A 6 -20.80 -4.19 -6.52
CA GLN A 6 -19.48 -4.76 -6.21
C GLN A 6 -18.69 -3.84 -5.25
N GLN A 7 -19.41 -2.93 -4.60
CA GLN A 7 -18.76 -1.98 -3.70
C GLN A 7 -18.49 -2.61 -2.35
N ASN A 8 -19.23 -3.67 -2.05
CA ASN A 8 -19.05 -4.43 -0.83
C ASN A 8 -18.14 -5.63 -1.10
N LEU A 9 -17.75 -5.76 -2.36
CA LEU A 9 -16.87 -6.84 -2.78
C LEU A 9 -15.69 -6.24 -3.54
N ALA A 10 -15.12 -5.19 -2.97
CA ALA A 10 -14.02 -4.48 -3.60
C ALA A 10 -12.76 -5.33 -3.61
N PRO A 11 -11.97 -5.26 -4.69
CA PRO A 11 -10.74 -6.04 -4.85
C PRO A 11 -9.59 -5.58 -3.94
N GLY A 12 -9.93 -4.96 -2.82
CA GLY A 12 -8.93 -4.45 -1.92
C GLY A 12 -8.18 -3.27 -2.49
N ALA A 13 -8.81 -2.58 -3.43
CA ALA A 13 -8.20 -1.45 -4.10
C ALA A 13 -8.74 -0.14 -3.55
N ARG A 14 -8.31 0.21 -2.35
CA ARG A 14 -8.78 1.42 -1.70
C ARG A 14 -7.78 1.88 -0.64
N CYS A 15 -7.42 3.15 -0.70
CA CYS A 15 -6.50 3.75 0.26
C CYS A 15 -7.18 3.85 1.62
N GLY A 16 -6.70 3.07 2.58
CA GLY A 16 -7.29 3.03 3.90
C GLY A 16 -7.28 4.38 4.59
N VAL A 17 -6.26 5.18 4.31
CA VAL A 17 -6.14 6.50 4.91
C VAL A 17 -7.25 7.44 4.41
N CYS A 18 -7.60 7.31 3.14
CA CYS A 18 -8.58 8.20 2.53
C CYS A 18 -9.99 7.61 2.55
N GLY A 19 -10.09 6.31 2.29
CA GLY A 19 -11.38 5.68 2.16
C GLY A 19 -11.85 5.68 0.72
N ASP A 20 -10.98 6.11 -0.18
CA ASP A 20 -11.29 6.18 -1.60
C ASP A 20 -10.35 5.30 -2.40
N GLY A 21 -10.84 4.77 -3.50
CA GLY A 21 -10.04 3.88 -4.32
C GLY A 21 -9.59 4.51 -5.63
N THR A 22 -9.76 5.83 -5.74
CA THR A 22 -9.37 6.54 -6.94
C THR A 22 -7.86 6.80 -6.96
N ASP A 23 -7.23 6.42 -8.06
CA ASP A 23 -5.79 6.63 -8.27
C ASP A 23 -4.97 5.96 -7.17
N VAL A 24 -5.25 4.68 -6.95
CA VAL A 24 -4.52 3.91 -5.96
C VAL A 24 -3.30 3.23 -6.57
N LEU A 25 -2.26 3.14 -5.76
CA LEU A 25 -1.05 2.43 -6.15
C LEU A 25 -1.04 1.06 -5.49
N ARG A 26 -0.54 0.07 -6.20
CA ARG A 26 -0.51 -1.30 -5.69
C ARG A 26 0.92 -1.72 -5.40
N CYS A 27 1.11 -2.38 -4.27
CA CYS A 27 2.42 -2.92 -3.92
C CYS A 27 2.79 -3.99 -4.94
N THR A 28 4.01 -3.96 -5.42
CA THR A 28 4.47 -4.93 -6.40
C THR A 28 5.00 -6.18 -5.72
N HIS A 29 5.33 -6.06 -4.44
CA HIS A 29 5.91 -7.17 -3.70
C HIS A 29 4.85 -7.91 -2.89
N CYS A 30 3.72 -7.26 -2.68
CA CYS A 30 2.61 -7.88 -1.97
C CYS A 30 1.29 -7.28 -2.47
N ALA A 31 0.20 -7.57 -1.77
CA ALA A 31 -1.10 -7.06 -2.16
C ALA A 31 -1.53 -5.93 -1.24
N ALA A 32 -1.65 -4.74 -1.82
CA ALA A 32 -2.05 -3.55 -1.07
C ALA A 32 -2.28 -2.39 -2.03
N ALA A 33 -3.36 -1.65 -1.80
CA ALA A 33 -3.68 -0.49 -2.62
C ALA A 33 -3.78 0.74 -1.75
N PHE A 34 -2.98 1.74 -2.07
CA PHE A 34 -2.91 2.96 -1.27
C PHE A 34 -2.32 4.09 -2.09
N HIS A 35 -2.41 5.29 -1.56
CA HIS A 35 -1.73 6.43 -2.16
C HIS A 35 -0.40 6.61 -1.45
N TRP A 36 0.65 6.74 -2.22
CA TRP A 36 2.02 6.86 -1.71
C TRP A 36 2.15 8.04 -0.74
N ARG A 37 1.45 9.13 -1.04
CA ARG A 37 1.52 10.34 -0.23
C ARG A 37 0.80 10.16 1.11
N CYS A 38 -0.01 9.12 1.21
CA CYS A 38 -0.77 8.84 2.42
C CYS A 38 0.01 7.93 3.35
N HIS A 39 0.96 7.19 2.78
CA HIS A 39 1.85 6.35 3.59
C HIS A 39 3.14 7.10 3.90
N PHE A 40 3.66 7.82 2.92
CA PHE A 40 4.89 8.57 3.09
C PHE A 40 4.63 10.05 2.83
N PRO A 41 4.08 10.76 3.83
CA PRO A 41 3.69 12.16 3.69
C PRO A 41 4.84 13.13 3.90
N ALA A 42 6.06 12.58 3.95
CA ALA A 42 7.25 13.40 4.16
C ALA A 42 7.77 13.95 2.83
N GLY A 43 7.09 13.64 1.75
CA GLY A 43 7.53 14.05 0.44
C GLY A 43 8.48 13.04 -0.18
N THR A 44 8.38 11.81 0.28
CA THR A 44 9.21 10.71 -0.19
C THR A 44 8.99 10.47 -1.69
N SER A 45 10.02 10.01 -2.38
CA SER A 45 9.94 9.82 -3.81
C SER A 45 9.41 8.42 -4.13
N ARG A 46 8.31 8.38 -4.87
CA ARG A 46 7.67 7.13 -5.25
C ARG A 46 8.58 6.32 -6.17
N PRO A 47 8.95 5.10 -5.75
CA PRO A 47 9.81 4.23 -6.56
C PRO A 47 9.14 3.80 -7.86
N GLY A 48 9.86 3.92 -8.96
CA GLY A 48 9.33 3.55 -10.24
C GLY A 48 9.75 2.14 -10.63
N THR A 49 10.75 1.62 -9.95
CA THR A 49 11.25 0.28 -10.21
C THR A 49 10.64 -0.73 -9.24
N GLY A 50 9.37 -0.53 -8.91
CA GLY A 50 8.69 -1.41 -7.99
C GLY A 50 8.14 -0.67 -6.80
N LEU A 51 6.83 -0.62 -6.71
CA LEU A 51 6.16 0.10 -5.64
C LEU A 51 6.10 -0.76 -4.38
N ARG A 52 6.64 -0.25 -3.29
CA ARG A 52 6.65 -0.98 -2.03
C ARG A 52 5.75 -0.30 -1.01
N CYS A 53 5.16 -1.10 -0.14
CA CYS A 53 4.35 -0.58 0.95
C CYS A 53 5.23 -0.45 2.20
N ARG A 54 4.67 0.04 3.29
CA ARG A 54 5.46 0.25 4.51
C ARG A 54 6.09 -1.07 4.99
N SER A 55 5.38 -2.16 4.79
CA SER A 55 5.88 -3.48 5.18
C SER A 55 7.05 -3.91 4.31
N CYS A 56 6.87 -3.86 2.98
CA CYS A 56 7.89 -4.30 2.04
C CYS A 56 9.07 -3.33 2.00
N SER A 57 8.86 -2.11 2.51
CA SER A 57 9.93 -1.14 2.65
C SER A 57 10.56 -1.25 4.04
N GLY A 58 10.02 -2.14 4.85
CA GLY A 58 10.51 -2.33 6.19
C GLY A 58 11.80 -3.16 6.22
N ASP A 59 12.92 -2.47 6.13
CA ASP A 59 14.22 -3.14 6.11
C ASP A 59 14.74 -3.32 7.52
N VAL A 60 14.02 -2.75 8.47
CA VAL A 60 14.42 -2.79 9.86
C VAL A 60 13.87 -4.04 10.55
N THR A 61 14.45 -5.18 10.21
CA THR A 61 14.05 -6.44 10.79
C THR A 61 14.41 -6.49 12.27
N PRO A 62 13.42 -6.70 13.14
CA PRO A 62 13.62 -6.71 14.59
C PRO A 62 14.61 -7.79 15.02
N ALA A 63 15.46 -7.45 15.98
CA ALA A 63 16.46 -8.37 16.49
C ALA A 63 15.79 -9.42 17.36
N PRO A 64 16.23 -10.69 17.23
CA PRO A 64 15.70 -11.80 18.03
C PRO A 64 16.26 -11.82 19.44
N VAL A 65 16.45 -10.64 20.01
CA VAL A 65 16.99 -10.49 21.35
C VAL A 65 15.97 -9.81 22.25
N GLU A 66 15.53 -10.52 23.27
CA GLU A 66 14.56 -9.99 24.21
C GLU A 66 15.27 -9.29 25.35
N GLY A 1 -21.77 -7.14 20.44
CA GLY A 1 -22.52 -7.93 19.45
C GLY A 1 -21.62 -8.83 18.63
N ALA A 2 -22.16 -9.94 18.15
CA ALA A 2 -21.41 -10.87 17.34
C ALA A 2 -21.29 -10.35 15.90
N MET A 3 -20.27 -9.55 15.67
CA MET A 3 -20.02 -8.99 14.34
C MET A 3 -19.06 -9.87 13.58
N GLU A 4 -18.08 -10.40 14.29
CA GLU A 4 -17.08 -11.28 13.71
C GLU A 4 -17.71 -12.62 13.35
N GLY A 5 -17.37 -13.15 12.19
CA GLY A 5 -17.93 -14.40 11.72
C GLY A 5 -19.28 -14.21 11.06
N GLN A 6 -20.11 -13.36 11.66
CA GLN A 6 -21.43 -13.04 11.12
C GLN A 6 -21.29 -12.28 9.80
N GLN A 7 -20.27 -11.43 9.73
CA GLN A 7 -20.00 -10.67 8.53
C GLN A 7 -18.83 -11.26 7.77
N ASN A 8 -18.70 -10.89 6.52
CA ASN A 8 -17.57 -11.32 5.70
C ASN A 8 -16.85 -10.11 5.15
N LEU A 9 -15.71 -9.79 5.73
CA LEU A 9 -14.95 -8.61 5.33
C LEU A 9 -14.21 -8.86 4.03
N ALA A 10 -14.70 -8.23 2.96
CA ALA A 10 -14.06 -8.31 1.67
C ALA A 10 -12.98 -7.23 1.57
N PRO A 11 -11.75 -7.60 1.19
CA PRO A 11 -10.63 -6.65 1.06
C PRO A 11 -10.81 -5.70 -0.12
N GLY A 12 -11.60 -4.66 0.07
CA GLY A 12 -11.74 -3.64 -0.94
C GLY A 12 -10.44 -2.89 -1.15
N ALA A 13 -10.01 -2.80 -2.40
CA ALA A 13 -8.73 -2.16 -2.72
C ALA A 13 -8.86 -0.64 -2.68
N ARG A 14 -8.90 -0.10 -1.47
CA ARG A 14 -9.02 1.34 -1.28
C ARG A 14 -7.96 1.82 -0.30
N CYS A 15 -7.45 3.03 -0.53
CA CYS A 15 -6.50 3.65 0.38
C CYS A 15 -7.17 3.88 1.72
N GLY A 16 -6.80 3.07 2.71
CA GLY A 16 -7.42 3.12 4.03
C GLY A 16 -7.37 4.49 4.66
N VAL A 17 -6.32 5.26 4.37
CA VAL A 17 -6.17 6.61 4.89
C VAL A 17 -7.25 7.53 4.33
N CYS A 18 -7.63 7.31 3.09
CA CYS A 18 -8.59 8.18 2.41
C CYS A 18 -9.99 7.57 2.37
N GLY A 19 -10.07 6.27 2.18
CA GLY A 19 -11.34 5.61 2.03
C GLY A 19 -11.68 5.35 0.58
N ASP A 20 -10.87 5.91 -0.31
CA ASP A 20 -11.10 5.79 -1.75
C ASP A 20 -10.02 4.93 -2.40
N GLY A 21 -10.42 4.20 -3.42
CA GLY A 21 -9.47 3.42 -4.21
C GLY A 21 -9.25 4.05 -5.57
N THR A 22 -9.72 5.28 -5.71
CA THR A 22 -9.56 6.03 -6.93
C THR A 22 -8.12 6.50 -7.09
N ASP A 23 -7.54 6.22 -8.26
CA ASP A 23 -6.16 6.60 -8.55
C ASP A 23 -5.23 6.03 -7.49
N VAL A 24 -5.43 4.76 -7.19
CA VAL A 24 -4.71 4.10 -6.11
C VAL A 24 -3.48 3.37 -6.64
N LEU A 25 -2.49 3.21 -5.78
CA LEU A 25 -1.29 2.47 -6.14
C LEU A 25 -1.27 1.13 -5.42
N ARG A 26 -0.77 0.13 -6.09
CA ARG A 26 -0.69 -1.22 -5.52
C ARG A 26 0.75 -1.60 -5.25
N CYS A 27 0.96 -2.33 -4.17
CA CYS A 27 2.29 -2.82 -3.85
C CYS A 27 2.73 -3.86 -4.87
N THR A 28 3.99 -3.82 -5.27
CA THR A 28 4.49 -4.78 -6.24
C THR A 28 5.05 -6.02 -5.54
N HIS A 29 5.35 -5.87 -4.25
CA HIS A 29 5.88 -6.98 -3.47
C HIS A 29 4.78 -7.75 -2.77
N CYS A 30 3.65 -7.09 -2.54
CA CYS A 30 2.50 -7.73 -1.93
C CYS A 30 1.22 -7.07 -2.44
N ALA A 31 0.08 -7.43 -1.87
CA ALA A 31 -1.19 -6.88 -2.32
C ALA A 31 -1.65 -5.79 -1.36
N ALA A 32 -1.79 -4.57 -1.88
CA ALA A 32 -2.18 -3.43 -1.08
C ALA A 32 -2.52 -2.24 -1.98
N ALA A 33 -3.61 -1.57 -1.66
CA ALA A 33 -4.04 -0.40 -2.41
C ALA A 33 -3.98 0.84 -1.54
N PHE A 34 -3.07 1.74 -1.88
CA PHE A 34 -2.87 2.95 -1.11
C PHE A 34 -2.30 4.04 -2.00
N HIS A 35 -2.32 5.27 -1.52
CA HIS A 35 -1.67 6.36 -2.24
C HIS A 35 -0.29 6.59 -1.63
N TRP A 36 0.70 6.85 -2.46
CA TRP A 36 2.09 6.98 -2.01
C TRP A 36 2.19 7.92 -0.81
N ARG A 37 1.65 9.13 -0.95
CA ARG A 37 1.79 10.17 0.06
C ARG A 37 0.96 9.89 1.30
N CYS A 38 0.15 8.84 1.25
CA CYS A 38 -0.68 8.46 2.37
C CYS A 38 0.04 7.47 3.28
N HIS A 39 1.04 6.79 2.72
CA HIS A 39 1.86 5.86 3.50
C HIS A 39 3.26 6.42 3.73
N PHE A 40 3.72 7.25 2.80
CA PHE A 40 5.05 7.81 2.86
C PHE A 40 4.99 9.33 2.84
N PRO A 41 5.81 9.98 3.67
CA PRO A 41 5.95 11.44 3.64
C PRO A 41 6.49 11.92 2.30
N ALA A 42 6.08 13.12 1.91
CA ALA A 42 6.40 13.68 0.60
C ALA A 42 7.92 13.84 0.41
N GLY A 43 8.66 13.84 1.51
CA GLY A 43 10.10 13.91 1.44
C GLY A 43 10.70 12.63 0.88
N THR A 44 9.90 11.58 0.86
CA THR A 44 10.30 10.32 0.27
C THR A 44 9.90 10.28 -1.20
N SER A 45 10.84 9.92 -2.06
CA SER A 45 10.62 9.97 -3.49
C SER A 45 10.01 8.67 -4.00
N ARG A 46 9.12 8.79 -4.98
CA ARG A 46 8.41 7.64 -5.51
C ARG A 46 9.30 6.85 -6.46
N PRO A 47 9.44 5.54 -6.20
CA PRO A 47 10.28 4.65 -7.02
C PRO A 47 9.67 4.37 -8.38
N GLY A 48 10.49 3.88 -9.30
CA GLY A 48 10.00 3.53 -10.62
C GLY A 48 10.32 2.09 -10.98
N THR A 49 10.85 1.35 -10.01
CA THR A 49 11.24 -0.03 -10.22
C THR A 49 10.28 -0.98 -9.51
N GLY A 50 9.32 -0.43 -8.80
CA GLY A 50 8.39 -1.22 -8.05
C GLY A 50 7.87 -0.49 -6.83
N LEU A 51 6.56 -0.31 -6.76
CA LEU A 51 5.94 0.42 -5.67
C LEU A 51 5.88 -0.47 -4.43
N ARG A 52 6.47 -0.01 -3.33
CA ARG A 52 6.50 -0.77 -2.10
C ARG A 52 5.63 -0.12 -1.04
N CYS A 53 4.84 -0.92 -0.36
CA CYS A 53 4.12 -0.46 0.82
C CYS A 53 5.11 -0.35 1.98
N ARG A 54 4.73 0.31 3.08
CA ARG A 54 5.69 0.58 4.15
C ARG A 54 6.20 -0.73 4.77
N SER A 55 5.34 -1.75 4.77
CA SER A 55 5.72 -3.04 5.30
C SER A 55 6.83 -3.68 4.48
N CYS A 56 6.70 -3.64 3.16
CA CYS A 56 7.70 -4.21 2.26
C CYS A 56 8.98 -3.37 2.22
N SER A 57 8.85 -2.06 2.40
CA SER A 57 10.00 -1.17 2.31
C SER A 57 10.76 -1.11 3.63
N GLY A 58 10.27 -1.83 4.63
CA GLY A 58 10.90 -1.83 5.93
C GLY A 58 10.04 -1.14 6.96
N ASP A 59 9.31 -1.93 7.74
CA ASP A 59 8.40 -1.36 8.73
C ASP A 59 9.13 -1.14 10.05
N VAL A 60 9.75 0.01 10.15
CA VAL A 60 10.44 0.43 11.35
C VAL A 60 10.40 1.95 11.44
N THR A 61 10.12 2.46 12.63
CA THR A 61 10.05 3.90 12.83
C THR A 61 11.44 4.52 12.82
N PRO A 62 11.70 5.41 11.86
CA PRO A 62 12.99 6.11 11.76
C PRO A 62 13.09 7.23 12.79
N ALA A 63 14.27 7.36 13.38
CA ALA A 63 14.51 8.36 14.41
C ALA A 63 14.35 9.77 13.84
N PRO A 64 13.48 10.59 14.44
CA PRO A 64 13.26 11.97 14.02
C PRO A 64 14.42 12.88 14.38
N VAL A 65 15.57 12.62 13.80
CA VAL A 65 16.77 13.38 14.06
C VAL A 65 17.24 14.14 12.83
N GLU A 66 16.34 14.28 11.86
CA GLU A 66 16.66 14.92 10.60
C GLU A 66 15.59 15.95 10.24
N GLY A 1 -34.54 5.10 -6.14
CA GLY A 1 -33.10 5.28 -5.86
C GLY A 1 -32.29 4.07 -6.27
N ALA A 2 -30.97 4.23 -6.30
CA ALA A 2 -30.07 3.14 -6.67
C ALA A 2 -28.89 3.07 -5.71
N MET A 3 -29.10 2.40 -4.59
CA MET A 3 -28.05 2.25 -3.58
C MET A 3 -27.02 1.23 -4.03
N GLU A 4 -27.48 0.01 -4.28
CA GLU A 4 -26.60 -1.08 -4.69
C GLU A 4 -26.01 -0.80 -6.07
N GLY A 5 -26.77 -0.08 -6.89
CA GLY A 5 -26.31 0.28 -8.21
C GLY A 5 -25.05 1.13 -8.19
N GLN A 6 -24.86 1.88 -7.11
CA GLN A 6 -23.69 2.73 -6.97
C GLN A 6 -22.60 2.05 -6.15
N GLN A 7 -22.83 0.79 -5.79
CA GLN A 7 -21.87 0.03 -5.01
C GLN A 7 -20.92 -0.75 -5.91
N ASN A 8 -20.61 -0.16 -7.06
CA ASN A 8 -19.67 -0.78 -8.00
C ASN A 8 -18.24 -0.49 -7.56
N LEU A 9 -18.10 0.36 -6.56
CA LEU A 9 -16.80 0.67 -5.98
C LEU A 9 -16.67 -0.05 -4.63
N ALA A 10 -16.37 -1.33 -4.69
CA ALA A 10 -16.25 -2.14 -3.48
C ALA A 10 -15.07 -1.68 -2.63
N PRO A 11 -15.32 -1.36 -1.35
CA PRO A 11 -14.27 -0.92 -0.42
C PRO A 11 -13.34 -2.06 0.00
N GLY A 12 -13.20 -3.07 -0.84
CA GLY A 12 -12.33 -4.19 -0.55
C GLY A 12 -10.90 -3.88 -0.88
N ALA A 13 -10.69 -3.21 -2.01
CA ALA A 13 -9.38 -2.77 -2.41
C ALA A 13 -9.36 -1.24 -2.49
N ARG A 14 -9.34 -0.61 -1.33
CA ARG A 14 -9.39 0.84 -1.26
C ARG A 14 -8.33 1.34 -0.27
N CYS A 15 -7.76 2.50 -0.56
CA CYS A 15 -6.81 3.12 0.36
C CYS A 15 -7.56 3.63 1.59
N GLY A 16 -7.44 2.88 2.68
CA GLY A 16 -8.20 3.18 3.88
C GLY A 16 -7.56 4.28 4.70
N VAL A 17 -6.46 4.81 4.21
CA VAL A 17 -5.78 5.90 4.88
C VAL A 17 -6.52 7.22 4.66
N CYS A 18 -7.20 7.30 3.52
CA CYS A 18 -7.95 8.50 3.19
C CYS A 18 -9.42 8.17 2.91
N GLY A 19 -9.65 7.00 2.32
CA GLY A 19 -11.00 6.60 1.98
C GLY A 19 -11.25 6.61 0.49
N ASP A 20 -10.21 6.93 -0.29
CA ASP A 20 -10.34 6.95 -1.74
C ASP A 20 -9.62 5.77 -2.38
N GLY A 21 -10.24 5.20 -3.41
CA GLY A 21 -9.61 4.14 -4.17
C GLY A 21 -9.21 4.60 -5.55
N THR A 22 -9.53 5.85 -5.86
CA THR A 22 -9.18 6.45 -7.13
C THR A 22 -7.68 6.77 -7.16
N ASP A 23 -7.02 6.44 -8.26
CA ASP A 23 -5.57 6.65 -8.41
C ASP A 23 -4.82 5.88 -7.34
N VAL A 24 -5.26 4.65 -7.09
CA VAL A 24 -4.71 3.85 -6.01
C VAL A 24 -3.51 3.06 -6.50
N LEU A 25 -2.54 2.87 -5.61
CA LEU A 25 -1.32 2.16 -5.96
C LEU A 25 -1.31 0.77 -5.34
N ARG A 26 -0.49 -0.10 -5.90
CA ARG A 26 -0.41 -1.47 -5.45
C ARG A 26 1.05 -1.82 -5.14
N CYS A 27 1.27 -2.61 -4.11
CA CYS A 27 2.62 -3.10 -3.85
C CYS A 27 3.01 -4.11 -4.93
N THR A 28 4.28 -4.13 -5.29
CA THR A 28 4.78 -5.09 -6.26
C THR A 28 5.12 -6.41 -5.60
N HIS A 29 5.46 -6.35 -4.32
CA HIS A 29 5.82 -7.54 -3.56
C HIS A 29 4.64 -8.06 -2.75
N CYS A 30 3.60 -7.24 -2.64
CA CYS A 30 2.41 -7.61 -1.88
C CYS A 30 1.17 -7.16 -2.61
N ALA A 31 0.02 -7.57 -2.10
CA ALA A 31 -1.25 -7.12 -2.60
C ALA A 31 -1.85 -6.11 -1.63
N ALA A 32 -1.97 -4.87 -2.08
CA ALA A 32 -2.52 -3.80 -1.24
C ALA A 32 -2.85 -2.59 -2.09
N ALA A 33 -4.03 -2.04 -1.84
CA ALA A 33 -4.45 -0.80 -2.48
C ALA A 33 -4.26 0.37 -1.54
N PHE A 34 -3.32 1.24 -1.87
CA PHE A 34 -2.99 2.37 -1.01
C PHE A 34 -2.38 3.48 -1.84
N HIS A 35 -2.32 4.67 -1.26
CA HIS A 35 -1.67 5.80 -1.92
C HIS A 35 -0.31 6.04 -1.27
N TRP A 36 0.68 6.32 -2.09
CA TRP A 36 2.03 6.62 -1.62
C TRP A 36 2.00 7.91 -0.81
N ARG A 37 1.14 8.84 -1.20
CA ARG A 37 1.02 10.12 -0.53
C ARG A 37 0.24 9.98 0.78
N CYS A 38 -0.45 8.87 0.94
CA CYS A 38 -1.17 8.57 2.17
C CYS A 38 -0.29 7.77 3.12
N HIS A 39 0.70 7.10 2.57
CA HIS A 39 1.61 6.27 3.36
C HIS A 39 2.87 7.04 3.75
N PHE A 40 3.39 7.81 2.82
CA PHE A 40 4.67 8.46 2.99
C PHE A 40 4.54 9.98 2.90
N PRO A 41 5.38 10.71 3.65
CA PRO A 41 5.46 12.17 3.58
C PRO A 41 5.98 12.63 2.22
N ALA A 42 5.79 13.91 1.94
CA ALA A 42 6.12 14.49 0.64
C ALA A 42 7.62 14.47 0.36
N GLY A 43 8.41 14.24 1.41
CA GLY A 43 9.84 14.15 1.24
C GLY A 43 10.29 12.79 0.74
N THR A 44 9.37 11.83 0.73
CA THR A 44 9.69 10.48 0.29
C THR A 44 9.52 10.36 -1.22
N SER A 45 10.47 9.67 -1.85
CA SER A 45 10.46 9.52 -3.30
C SER A 45 9.68 8.27 -3.70
N ARG A 46 8.79 8.43 -4.67
CA ARG A 46 7.98 7.33 -5.17
C ARG A 46 8.67 6.61 -6.33
N PRO A 47 8.90 5.30 -6.20
CA PRO A 47 9.44 4.48 -7.28
C PRO A 47 8.41 4.28 -8.39
N GLY A 48 8.84 4.47 -9.63
CA GLY A 48 7.94 4.42 -10.76
C GLY A 48 7.54 3.02 -11.14
N THR A 49 8.52 2.13 -11.24
CA THR A 49 8.28 0.76 -11.63
C THR A 49 8.69 -0.21 -10.53
N GLY A 50 8.07 -0.06 -9.38
CA GLY A 50 8.41 -0.88 -8.23
C GLY A 50 7.86 -0.29 -6.96
N LEU A 51 6.54 -0.10 -6.92
CA LEU A 51 5.88 0.53 -5.79
C LEU A 51 5.94 -0.37 -4.55
N ARG A 52 6.47 0.18 -3.47
CA ARG A 52 6.64 -0.56 -2.24
C ARG A 52 5.62 -0.13 -1.19
N CYS A 53 5.17 -1.08 -0.39
CA CYS A 53 4.23 -0.79 0.68
C CYS A 53 4.98 -0.42 1.96
N ARG A 54 4.26 -0.34 3.07
CA ARG A 54 4.86 0.04 4.35
C ARG A 54 5.95 -0.95 4.74
N SER A 55 5.61 -2.24 4.75
CA SER A 55 6.56 -3.28 5.13
C SER A 55 7.77 -3.30 4.19
N CYS A 56 7.51 -3.16 2.90
CA CYS A 56 8.56 -3.25 1.90
C CYS A 56 9.48 -2.01 1.93
N SER A 57 9.02 -0.95 2.56
CA SER A 57 9.84 0.25 2.71
C SER A 57 10.45 0.32 4.10
N GLY A 58 10.23 -0.72 4.89
CA GLY A 58 10.76 -0.77 6.23
C GLY A 58 11.94 -1.70 6.35
N ASP A 59 11.94 -2.52 7.39
CA ASP A 59 13.03 -3.44 7.64
C ASP A 59 12.74 -4.78 6.98
N VAL A 60 13.04 -4.88 5.69
CA VAL A 60 12.83 -6.11 4.94
C VAL A 60 14.06 -7.00 5.05
N THR A 61 13.92 -8.10 5.75
CA THR A 61 14.99 -9.08 5.87
C THR A 61 15.26 -9.76 4.54
N PRO A 62 16.40 -9.46 3.90
CA PRO A 62 16.73 -10.00 2.58
C PRO A 62 17.13 -11.47 2.63
N ALA A 63 16.58 -12.25 1.71
CA ALA A 63 16.93 -13.64 1.57
C ALA A 63 18.22 -13.77 0.78
N PRO A 64 19.07 -14.75 1.13
CA PRO A 64 20.35 -14.96 0.44
C PRO A 64 20.16 -15.44 -1.00
N VAL A 65 20.14 -14.49 -1.93
CA VAL A 65 19.92 -14.79 -3.34
C VAL A 65 21.22 -14.74 -4.13
N GLU A 66 22.32 -14.47 -3.45
CA GLU A 66 23.62 -14.37 -4.10
C GLU A 66 24.29 -15.73 -4.16
N GLY A 1 -26.64 -17.76 -14.44
CA GLY A 1 -26.73 -17.38 -15.87
C GLY A 1 -25.44 -17.65 -16.60
N ALA A 2 -24.76 -16.58 -17.00
CA ALA A 2 -23.51 -16.71 -17.73
C ALA A 2 -22.33 -16.39 -16.82
N MET A 3 -21.16 -16.21 -17.41
CA MET A 3 -19.99 -15.81 -16.64
C MET A 3 -20.25 -14.49 -15.93
N GLU A 4 -20.47 -13.43 -16.72
CA GLU A 4 -20.89 -12.13 -16.21
C GLU A 4 -19.85 -11.53 -15.25
N GLY A 5 -20.14 -10.34 -14.75
CA GLY A 5 -19.25 -9.67 -13.83
C GLY A 5 -19.45 -8.17 -13.84
N GLN A 6 -19.58 -7.58 -12.66
CA GLN A 6 -19.77 -6.14 -12.54
C GLN A 6 -18.71 -5.54 -11.63
N GLN A 7 -17.45 -5.83 -11.92
CA GLN A 7 -16.35 -5.31 -11.12
C GLN A 7 -15.12 -5.07 -11.98
N ASN A 8 -14.22 -4.25 -11.46
CA ASN A 8 -12.95 -3.96 -12.11
C ASN A 8 -11.87 -3.80 -11.06
N LEU A 9 -12.14 -2.90 -10.11
CA LEU A 9 -11.26 -2.72 -8.98
C LEU A 9 -11.87 -3.37 -7.75
N ALA A 10 -11.04 -3.81 -6.83
CA ALA A 10 -11.52 -4.44 -5.62
C ALA A 10 -11.78 -3.40 -4.55
N PRO A 11 -13.03 -3.32 -4.05
CA PRO A 11 -13.41 -2.33 -3.04
C PRO A 11 -12.76 -2.61 -1.69
N GLY A 12 -12.21 -3.81 -1.55
CA GLY A 12 -11.53 -4.17 -0.32
C GLY A 12 -10.12 -3.63 -0.27
N ALA A 13 -9.62 -3.23 -1.43
CA ALA A 13 -8.27 -2.68 -1.53
C ALA A 13 -8.34 -1.20 -1.88
N ARG A 14 -8.22 -0.37 -0.85
CA ARG A 14 -8.27 1.07 -1.03
C ARG A 14 -7.36 1.76 -0.03
N CYS A 15 -7.07 3.04 -0.27
CA CYS A 15 -6.25 3.82 0.64
C CYS A 15 -6.97 3.97 1.97
N GLY A 16 -6.52 3.25 2.99
CA GLY A 16 -7.16 3.27 4.29
C GLY A 16 -7.17 4.65 4.91
N VAL A 17 -6.18 5.45 4.57
CA VAL A 17 -6.07 6.81 5.08
C VAL A 17 -7.22 7.69 4.57
N CYS A 18 -7.68 7.41 3.36
CA CYS A 18 -8.71 8.23 2.72
C CYS A 18 -10.06 7.51 2.70
N GLY A 19 -10.04 6.21 2.48
CA GLY A 19 -11.26 5.44 2.32
C GLY A 19 -11.57 5.20 0.86
N ASP A 20 -11.04 6.07 0.01
CA ASP A 20 -11.27 5.98 -1.42
C ASP A 20 -10.26 5.05 -2.09
N GLY A 21 -10.69 4.41 -3.16
CA GLY A 21 -9.81 3.54 -3.91
C GLY A 21 -9.45 4.15 -5.26
N THR A 22 -9.75 5.42 -5.43
CA THR A 22 -9.46 6.11 -6.67
C THR A 22 -7.96 6.41 -6.80
N ASP A 23 -7.38 5.93 -7.90
CA ASP A 23 -5.96 6.16 -8.22
C ASP A 23 -5.06 5.69 -7.09
N VAL A 24 -5.04 4.37 -6.88
CA VAL A 24 -4.24 3.79 -5.82
C VAL A 24 -3.04 3.03 -6.38
N LEU A 25 -1.92 3.14 -5.67
CA LEU A 25 -0.71 2.44 -6.06
C LEU A 25 -0.73 1.00 -5.58
N ARG A 26 -0.17 0.12 -6.39
CA ARG A 26 -0.15 -1.30 -6.09
C ARG A 26 1.23 -1.71 -5.62
N CYS A 27 1.28 -2.66 -4.71
CA CYS A 27 2.56 -3.15 -4.21
C CYS A 27 3.09 -4.24 -5.14
N THR A 28 4.38 -4.18 -5.42
CA THR A 28 5.00 -5.13 -6.34
C THR A 28 5.50 -6.37 -5.59
N HIS A 29 5.40 -6.35 -4.27
CA HIS A 29 5.86 -7.47 -3.46
C HIS A 29 4.69 -8.16 -2.78
N CYS A 30 3.57 -7.45 -2.66
CA CYS A 30 2.38 -8.00 -2.05
C CYS A 30 1.15 -7.34 -2.66
N ALA A 31 -0.01 -7.61 -2.10
CA ALA A 31 -1.24 -7.03 -2.59
C ALA A 31 -1.68 -5.90 -1.67
N ALA A 32 -1.69 -4.69 -2.21
CA ALA A 32 -2.04 -3.51 -1.43
C ALA A 32 -2.44 -2.37 -2.34
N ALA A 33 -3.24 -1.46 -1.81
CA ALA A 33 -3.68 -0.29 -2.55
C ALA A 33 -3.67 0.93 -1.65
N PHE A 34 -2.96 1.97 -2.05
CA PHE A 34 -2.84 3.18 -1.25
C PHE A 34 -2.34 4.32 -2.10
N HIS A 35 -2.53 5.54 -1.62
CA HIS A 35 -1.96 6.71 -2.27
C HIS A 35 -0.58 6.96 -1.67
N TRP A 36 0.45 7.07 -2.49
CA TRP A 36 1.82 7.19 -2.01
C TRP A 36 1.94 8.21 -0.88
N ARG A 37 1.45 9.42 -1.10
CA ARG A 37 1.60 10.52 -0.14
C ARG A 37 0.95 10.19 1.20
N CYS A 38 -0.10 9.39 1.17
CA CYS A 38 -0.84 9.06 2.38
C CYS A 38 -0.05 8.08 3.25
N HIS A 39 0.87 7.37 2.63
CA HIS A 39 1.71 6.42 3.34
C HIS A 39 3.11 6.99 3.55
N PHE A 40 3.65 7.57 2.50
CA PHE A 40 5.01 8.09 2.53
C PHE A 40 5.00 9.61 2.33
N PRO A 41 5.56 10.35 3.29
CA PRO A 41 5.62 11.81 3.23
C PRO A 41 6.54 12.30 2.12
N ALA A 42 6.59 13.62 1.96
CA ALA A 42 7.34 14.24 0.87
C ALA A 42 8.84 14.01 1.00
N GLY A 43 9.26 13.51 2.16
CA GLY A 43 10.65 13.14 2.35
C GLY A 43 11.02 11.93 1.52
N THR A 44 10.03 11.09 1.23
CA THR A 44 10.23 9.90 0.44
C THR A 44 9.75 10.13 -1.00
N SER A 45 10.55 9.69 -1.97
CA SER A 45 10.21 9.88 -3.36
C SER A 45 9.38 8.71 -3.88
N ARG A 46 8.59 8.97 -4.91
CA ARG A 46 7.72 7.96 -5.49
C ARG A 46 8.46 7.18 -6.58
N PRO A 47 8.73 5.88 -6.35
CA PRO A 47 9.38 5.02 -7.33
C PRO A 47 8.46 4.69 -8.50
N GLY A 48 9.04 4.63 -9.69
CA GLY A 48 8.28 4.26 -10.87
C GLY A 48 8.19 2.76 -11.01
N THR A 49 9.22 2.07 -10.57
CA THR A 49 9.24 0.61 -10.58
C THR A 49 9.55 0.09 -9.18
N GLY A 50 9.06 -1.10 -8.86
CA GLY A 50 9.30 -1.68 -7.55
C GLY A 50 8.58 -0.92 -6.45
N LEU A 51 7.35 -0.51 -6.75
CA LEU A 51 6.54 0.22 -5.79
C LEU A 51 6.25 -0.67 -4.58
N ARG A 52 6.59 -0.18 -3.40
CA ARG A 52 6.41 -0.94 -2.18
C ARG A 52 5.44 -0.26 -1.25
N CYS A 53 4.71 -1.05 -0.48
CA CYS A 53 3.84 -0.53 0.55
C CYS A 53 4.66 -0.27 1.82
N ARG A 54 4.00 0.16 2.89
CA ARG A 54 4.70 0.47 4.14
C ARG A 54 5.37 -0.79 4.70
N SER A 55 4.68 -1.91 4.59
CA SER A 55 5.18 -3.17 5.11
C SER A 55 6.43 -3.63 4.35
N CYS A 56 6.32 -3.72 3.02
CA CYS A 56 7.42 -4.24 2.20
C CYS A 56 8.59 -3.26 2.10
N SER A 57 8.38 -2.01 2.44
CA SER A 57 9.44 -1.00 2.38
C SER A 57 9.89 -0.62 3.79
N GLY A 58 9.58 -1.47 4.75
CA GLY A 58 9.93 -1.16 6.12
C GLY A 58 10.61 -2.31 6.81
N ASP A 59 10.08 -2.70 7.96
CA ASP A 59 10.70 -3.69 8.81
C ASP A 59 10.26 -5.10 8.43
N VAL A 60 9.31 -5.18 7.54
CA VAL A 60 8.74 -6.46 7.13
C VAL A 60 9.38 -6.94 5.84
N THR A 61 9.68 -8.23 5.80
CA THR A 61 10.19 -8.86 4.58
C THR A 61 9.11 -9.73 3.97
N PRO A 62 8.50 -9.27 2.86
CA PRO A 62 7.36 -9.95 2.24
C PRO A 62 7.76 -11.26 1.56
N ALA A 63 6.91 -12.25 1.71
CA ALA A 63 7.11 -13.52 1.04
C ALA A 63 6.40 -13.51 -0.30
N PRO A 64 7.10 -13.85 -1.38
CA PRO A 64 6.52 -13.87 -2.73
C PRO A 64 5.60 -15.09 -2.93
N VAL A 65 4.58 -15.19 -2.10
CA VAL A 65 3.68 -16.33 -2.13
C VAL A 65 2.53 -16.09 -3.09
N GLU A 66 2.26 -17.07 -3.94
CA GLU A 66 1.15 -17.00 -4.86
C GLU A 66 0.10 -18.02 -4.45
N GLY A 1 -18.93 -17.38 7.65
CA GLY A 1 -18.83 -17.60 6.19
C GLY A 1 -19.65 -18.78 5.73
N ALA A 2 -20.95 -18.57 5.53
CA ALA A 2 -21.86 -19.63 5.11
C ALA A 2 -22.00 -19.66 3.59
N MET A 3 -21.56 -18.61 2.93
CA MET A 3 -21.65 -18.51 1.49
C MET A 3 -20.62 -17.51 0.97
N GLU A 4 -20.66 -17.25 -0.34
CA GLU A 4 -19.76 -16.30 -0.99
C GLU A 4 -18.32 -16.81 -0.94
N GLY A 5 -18.12 -18.02 -1.46
CA GLY A 5 -16.80 -18.60 -1.51
C GLY A 5 -16.01 -18.12 -2.71
N GLN A 6 -14.69 -18.20 -2.61
CA GLN A 6 -13.79 -17.77 -3.67
C GLN A 6 -14.08 -16.32 -4.08
N GLN A 7 -14.05 -15.44 -3.10
CA GLN A 7 -14.28 -14.03 -3.34
C GLN A 7 -12.99 -13.35 -3.77
N ASN A 8 -12.88 -13.08 -5.07
CA ASN A 8 -11.69 -12.43 -5.62
C ASN A 8 -11.67 -10.95 -5.31
N LEU A 9 -11.43 -10.65 -4.04
CA LEU A 9 -11.29 -9.28 -3.59
C LEU A 9 -10.39 -9.26 -2.35
N ALA A 10 -9.46 -8.34 -2.32
CA ALA A 10 -8.60 -8.18 -1.16
C ALA A 10 -9.29 -7.33 -0.11
N PRO A 11 -9.45 -7.87 1.11
CA PRO A 11 -10.07 -7.16 2.22
C PRO A 11 -9.29 -5.90 2.62
N GLY A 12 -9.82 -4.75 2.28
CA GLY A 12 -9.18 -3.49 2.63
C GLY A 12 -8.29 -2.96 1.53
N ALA A 13 -8.57 -3.36 0.28
CA ALA A 13 -7.77 -2.92 -0.84
C ALA A 13 -8.22 -1.54 -1.33
N ARG A 14 -7.88 -0.53 -0.54
CA ARG A 14 -8.15 0.86 -0.88
C ARG A 14 -7.45 1.73 0.14
N CYS A 15 -7.09 2.95 -0.24
CA CYS A 15 -6.35 3.84 0.66
C CYS A 15 -7.13 4.08 1.94
N GLY A 16 -6.66 3.47 3.02
CA GLY A 16 -7.34 3.59 4.30
C GLY A 16 -7.33 5.00 4.84
N VAL A 17 -6.31 5.77 4.46
CA VAL A 17 -6.21 7.17 4.89
C VAL A 17 -7.34 8.00 4.31
N CYS A 18 -7.69 7.71 3.06
CA CYS A 18 -8.73 8.47 2.38
C CYS A 18 -10.08 7.76 2.43
N GLY A 19 -10.03 6.45 2.66
CA GLY A 19 -11.23 5.65 2.63
C GLY A 19 -11.72 5.45 1.21
N ASP A 20 -10.80 5.56 0.27
CA ASP A 20 -11.13 5.57 -1.14
C ASP A 20 -10.03 4.87 -1.94
N GLY A 21 -10.42 4.18 -3.00
CA GLY A 21 -9.46 3.45 -3.81
C GLY A 21 -9.38 3.96 -5.24
N THR A 22 -9.76 5.22 -5.43
CA THR A 22 -9.67 5.85 -6.74
C THR A 22 -8.24 6.29 -7.00
N ASP A 23 -7.70 5.91 -8.17
CA ASP A 23 -6.32 6.27 -8.53
C ASP A 23 -5.37 5.80 -7.45
N VAL A 24 -5.43 4.50 -7.16
CA VAL A 24 -4.70 3.93 -6.05
C VAL A 24 -3.45 3.20 -6.53
N LEU A 25 -2.42 3.20 -5.70
CA LEU A 25 -1.17 2.54 -6.04
C LEU A 25 -1.14 1.13 -5.47
N ARG A 26 -0.42 0.26 -6.15
CA ARG A 26 -0.34 -1.14 -5.77
C ARG A 26 1.09 -1.51 -5.41
N CYS A 27 1.24 -2.50 -4.55
CA CYS A 27 2.57 -2.97 -4.17
C CYS A 27 3.09 -3.94 -5.22
N THR A 28 4.36 -3.83 -5.57
CA THR A 28 4.96 -4.66 -6.60
C THR A 28 5.35 -6.03 -6.06
N HIS A 29 5.56 -6.11 -4.76
CA HIS A 29 6.01 -7.36 -4.14
C HIS A 29 4.89 -8.09 -3.42
N CYS A 30 3.82 -7.38 -3.11
CA CYS A 30 2.66 -7.98 -2.48
C CYS A 30 1.39 -7.23 -2.87
N ALA A 31 0.28 -7.58 -2.27
CA ALA A 31 -0.99 -6.96 -2.59
C ALA A 31 -1.28 -5.83 -1.62
N ALA A 32 -1.55 -4.65 -2.17
CA ALA A 32 -1.82 -3.47 -1.35
C ALA A 32 -2.39 -2.36 -2.23
N ALA A 33 -3.20 -1.51 -1.63
CA ALA A 33 -3.78 -0.37 -2.33
C ALA A 33 -3.75 0.87 -1.44
N PHE A 34 -2.93 1.83 -1.84
CA PHE A 34 -2.77 3.07 -1.08
C PHE A 34 -2.32 4.19 -1.99
N HIS A 35 -2.40 5.42 -1.52
CA HIS A 35 -1.82 6.54 -2.25
C HIS A 35 -0.46 6.86 -1.64
N TRP A 36 0.56 7.03 -2.48
CA TRP A 36 1.93 7.19 -2.01
C TRP A 36 2.05 8.21 -0.88
N ARG A 37 1.53 9.41 -1.10
CA ARG A 37 1.69 10.51 -0.16
C ARG A 37 0.89 10.29 1.12
N CYS A 38 -0.11 9.44 1.04
CA CYS A 38 -0.93 9.11 2.20
C CYS A 38 -0.15 8.19 3.15
N HIS A 39 0.77 7.43 2.57
CA HIS A 39 1.64 6.57 3.35
C HIS A 39 2.95 7.28 3.68
N PHE A 40 3.58 7.84 2.66
CA PHE A 40 4.86 8.51 2.81
C PHE A 40 4.69 10.01 2.57
N PRO A 41 4.44 10.79 3.64
CA PRO A 41 4.35 12.24 3.55
C PRO A 41 5.64 12.94 3.95
N ALA A 42 6.67 12.14 4.24
CA ALA A 42 7.91 12.64 4.79
C ALA A 42 8.88 13.13 3.71
N GLY A 43 8.46 13.01 2.45
CA GLY A 43 9.30 13.46 1.36
C GLY A 43 10.04 12.31 0.70
N THR A 44 9.34 11.21 0.50
CA THR A 44 9.93 10.04 -0.12
C THR A 44 9.60 10.03 -1.61
N SER A 45 10.55 9.59 -2.43
CA SER A 45 10.38 9.59 -3.88
C SER A 45 9.72 8.29 -4.33
N ARG A 46 8.59 8.41 -5.00
CA ARG A 46 7.83 7.26 -5.47
C ARG A 46 8.56 6.54 -6.60
N PRO A 47 9.03 5.31 -6.35
CA PRO A 47 9.70 4.51 -7.37
C PRO A 47 8.73 3.98 -8.43
N GLY A 48 9.19 3.94 -9.67
CA GLY A 48 8.37 3.43 -10.74
C GLY A 48 8.64 1.96 -11.03
N THR A 49 9.73 1.44 -10.45
CA THR A 49 10.10 0.06 -10.63
C THR A 49 9.58 -0.82 -9.51
N GLY A 50 10.17 -0.66 -8.34
CA GLY A 50 9.77 -1.45 -7.20
C GLY A 50 8.97 -0.64 -6.19
N LEU A 51 7.70 -0.41 -6.50
CA LEU A 51 6.82 0.29 -5.58
C LEU A 51 6.51 -0.60 -4.40
N ARG A 52 6.81 -0.11 -3.20
CA ARG A 52 6.64 -0.90 -1.99
C ARG A 52 5.54 -0.32 -1.12
N CYS A 53 4.84 -1.20 -0.43
CA CYS A 53 3.89 -0.79 0.60
C CYS A 53 4.66 -0.55 1.90
N ARG A 54 3.97 -0.27 2.99
CA ARG A 54 4.64 -0.02 4.25
C ARG A 54 5.30 -1.29 4.76
N SER A 55 4.56 -2.39 4.67
CA SER A 55 5.05 -3.68 5.15
C SER A 55 6.34 -4.09 4.44
N CYS A 56 6.34 -4.02 3.11
CA CYS A 56 7.51 -4.45 2.34
C CYS A 56 8.69 -3.47 2.51
N SER A 57 8.40 -2.28 3.02
CA SER A 57 9.45 -1.31 3.31
C SER A 57 9.97 -1.49 4.73
N GLY A 58 9.28 -2.32 5.50
CA GLY A 58 9.67 -2.54 6.88
C GLY A 58 10.16 -3.95 7.12
N ASP A 59 9.28 -4.92 6.96
CA ASP A 59 9.64 -6.32 7.16
C ASP A 59 10.05 -6.95 5.84
N VAL A 60 11.24 -7.50 5.81
CA VAL A 60 11.76 -8.16 4.63
C VAL A 60 12.73 -9.27 5.03
N THR A 61 12.61 -10.42 4.37
CA THR A 61 13.48 -11.54 4.64
C THR A 61 14.84 -11.35 3.96
N PRO A 62 15.92 -11.27 4.74
CA PRO A 62 17.27 -11.10 4.20
C PRO A 62 17.78 -12.36 3.50
N ALA A 63 18.70 -12.17 2.57
CA ALA A 63 19.28 -13.27 1.83
C ALA A 63 20.52 -13.80 2.54
N PRO A 64 20.60 -15.13 2.74
CA PRO A 64 21.75 -15.75 3.40
C PRO A 64 23.05 -15.47 2.66
N VAL A 65 23.92 -14.69 3.28
CA VAL A 65 25.16 -14.27 2.65
C VAL A 65 26.33 -14.43 3.63
N GLU A 66 27.51 -14.72 3.11
CA GLU A 66 28.68 -14.91 3.95
C GLU A 66 29.56 -13.66 3.93
N GLY A 1 -20.74 -28.60 -3.12
CA GLY A 1 -19.85 -27.55 -2.55
C GLY A 1 -20.57 -26.60 -1.62
N ALA A 2 -21.88 -26.80 -1.46
CA ALA A 2 -22.72 -25.97 -0.59
C ALA A 2 -22.62 -24.49 -0.97
N MET A 3 -22.67 -24.21 -2.27
CA MET A 3 -22.58 -22.86 -2.77
C MET A 3 -23.39 -22.69 -4.05
N GLU A 4 -24.45 -21.90 -3.96
CA GLU A 4 -25.27 -21.59 -5.12
C GLU A 4 -24.69 -20.41 -5.89
N GLY A 5 -24.59 -19.28 -5.20
CA GLY A 5 -24.01 -18.08 -5.80
C GLY A 5 -23.10 -17.38 -4.82
N GLN A 6 -22.06 -18.07 -4.40
CA GLN A 6 -21.13 -17.54 -3.40
C GLN A 6 -19.83 -17.14 -4.08
N GLN A 7 -19.92 -16.17 -4.98
CA GLN A 7 -18.75 -15.67 -5.70
C GLN A 7 -18.66 -14.15 -5.58
N ASN A 8 -18.74 -13.65 -4.36
CA ASN A 8 -18.60 -12.23 -4.10
C ASN A 8 -17.15 -11.79 -4.28
N LEU A 9 -16.88 -11.07 -5.36
CA LEU A 9 -15.51 -10.64 -5.64
C LEU A 9 -15.16 -9.40 -4.83
N ALA A 10 -14.83 -9.63 -3.57
CA ALA A 10 -14.40 -8.56 -2.69
C ALA A 10 -13.03 -8.05 -3.09
N PRO A 11 -12.92 -6.73 -3.38
CA PRO A 11 -11.64 -6.12 -3.73
C PRO A 11 -10.64 -6.19 -2.59
N GLY A 12 -11.12 -5.88 -1.40
CA GLY A 12 -10.29 -6.00 -0.20
C GLY A 12 -9.30 -4.87 -0.05
N ALA A 13 -8.46 -4.69 -1.06
CA ALA A 13 -7.40 -3.70 -1.01
C ALA A 13 -7.92 -2.29 -1.31
N ARG A 14 -7.72 -1.39 -0.36
CA ARG A 14 -8.10 0.01 -0.52
C ARG A 14 -7.28 0.85 0.44
N CYS A 15 -6.93 2.07 0.02
CA CYS A 15 -6.17 2.97 0.86
C CYS A 15 -7.05 3.48 2.00
N GLY A 16 -6.83 2.92 3.19
CA GLY A 16 -7.67 3.23 4.33
C GLY A 16 -7.15 4.44 5.09
N VAL A 17 -6.02 4.95 4.67
CA VAL A 17 -5.44 6.14 5.28
C VAL A 17 -6.32 7.35 4.96
N CYS A 18 -7.00 7.29 3.82
CA CYS A 18 -7.93 8.33 3.44
C CYS A 18 -9.33 7.77 3.31
N GLY A 19 -9.43 6.54 2.77
CA GLY A 19 -10.72 5.90 2.60
C GLY A 19 -11.07 5.75 1.13
N ASP A 20 -10.23 6.31 0.27
CA ASP A 20 -10.48 6.28 -1.16
C ASP A 20 -9.49 5.34 -1.85
N GLY A 21 -9.95 4.68 -2.91
CA GLY A 21 -9.10 3.77 -3.66
C GLY A 21 -8.94 4.20 -5.11
N THR A 22 -9.28 5.45 -5.40
CA THR A 22 -9.24 5.97 -6.75
C THR A 22 -7.81 6.34 -7.15
N ASP A 23 -7.39 5.92 -8.35
CA ASP A 23 -6.02 6.13 -8.81
C ASP A 23 -5.05 5.65 -7.74
N VAL A 24 -5.19 4.41 -7.36
CA VAL A 24 -4.45 3.86 -6.24
C VAL A 24 -3.20 3.13 -6.72
N LEU A 25 -2.14 3.18 -5.92
CA LEU A 25 -0.92 2.48 -6.24
C LEU A 25 -0.99 1.06 -5.72
N ARG A 26 -0.41 0.14 -6.47
CA ARG A 26 -0.40 -1.26 -6.10
C ARG A 26 0.99 -1.67 -5.66
N CYS A 27 1.05 -2.55 -4.67
CA CYS A 27 2.34 -3.07 -4.21
C CYS A 27 2.87 -4.07 -5.22
N THR A 28 4.17 -3.99 -5.49
CA THR A 28 4.80 -4.91 -6.42
C THR A 28 5.33 -6.14 -5.68
N HIS A 29 5.52 -6.00 -4.38
CA HIS A 29 6.06 -7.09 -3.57
C HIS A 29 4.95 -7.94 -2.99
N CYS A 30 3.76 -7.36 -2.86
CA CYS A 30 2.60 -8.09 -2.40
C CYS A 30 1.34 -7.47 -2.99
N ALA A 31 0.18 -7.81 -2.46
CA ALA A 31 -1.07 -7.24 -2.93
C ALA A 31 -1.57 -6.19 -1.93
N ALA A 32 -1.60 -4.94 -2.37
CA ALA A 32 -2.05 -3.85 -1.52
C ALA A 32 -2.38 -2.62 -2.34
N ALA A 33 -3.41 -1.90 -1.95
CA ALA A 33 -3.80 -0.66 -2.60
C ALA A 33 -3.54 0.51 -1.66
N PHE A 34 -2.65 1.40 -2.06
CA PHE A 34 -2.25 2.51 -1.21
C PHE A 34 -1.92 3.73 -2.04
N HIS A 35 -2.02 4.90 -1.43
CA HIS A 35 -1.60 6.14 -2.08
C HIS A 35 -0.26 6.56 -1.50
N TRP A 36 0.67 6.89 -2.38
CA TRP A 36 2.02 7.31 -1.98
C TRP A 36 1.95 8.52 -1.05
N ARG A 37 1.06 9.45 -1.36
CA ARG A 37 0.94 10.68 -0.58
C ARG A 37 0.28 10.41 0.78
N CYS A 38 -0.61 9.44 0.84
CA CYS A 38 -1.26 9.07 2.09
C CYS A 38 -0.30 8.35 3.02
N HIS A 39 0.73 7.74 2.45
CA HIS A 39 1.73 7.02 3.23
C HIS A 39 2.93 7.90 3.52
N PHE A 40 3.50 8.46 2.48
CA PHE A 40 4.74 9.23 2.59
C PHE A 40 4.49 10.70 2.27
N PRO A 41 5.17 11.60 2.99
CA PRO A 41 5.12 13.04 2.71
C PRO A 41 5.62 13.35 1.31
N ALA A 42 5.15 14.47 0.78
CA ALA A 42 5.40 14.85 -0.61
C ALA A 42 6.89 15.05 -0.92
N GLY A 43 7.70 15.16 0.13
CA GLY A 43 9.12 15.31 -0.04
C GLY A 43 9.83 13.97 -0.18
N THR A 44 9.06 12.89 -0.19
CA THR A 44 9.60 11.55 -0.38
C THR A 44 9.56 11.20 -1.87
N SER A 45 10.65 10.61 -2.36
CA SER A 45 10.76 10.31 -3.78
C SER A 45 10.19 8.93 -4.11
N ARG A 46 9.33 8.89 -5.12
CA ARG A 46 8.67 7.65 -5.52
C ARG A 46 9.61 6.80 -6.39
N PRO A 47 9.96 5.60 -5.91
CA PRO A 47 10.88 4.71 -6.62
C PRO A 47 10.28 4.10 -7.88
N GLY A 48 11.10 3.90 -8.89
CA GLY A 48 10.65 3.26 -10.10
C GLY A 48 10.97 1.77 -10.09
N THR A 49 11.75 1.35 -9.10
CA THR A 49 12.14 -0.04 -8.97
C THR A 49 11.21 -0.82 -8.06
N GLY A 50 9.91 -0.67 -8.29
CA GLY A 50 8.93 -1.39 -7.52
C GLY A 50 8.32 -0.57 -6.40
N LEU A 51 7.00 -0.45 -6.41
CA LEU A 51 6.29 0.27 -5.37
C LEU A 51 6.03 -0.64 -4.17
N ARG A 52 6.41 -0.17 -2.99
CA ARG A 52 6.25 -0.95 -1.77
C ARG A 52 5.15 -0.36 -0.90
N CYS A 53 4.28 -1.22 -0.40
CA CYS A 53 3.28 -0.83 0.58
C CYS A 53 3.96 -0.60 1.92
N ARG A 54 3.20 -0.21 2.94
CA ARG A 54 3.78 0.12 4.24
C ARG A 54 4.58 -1.05 4.82
N SER A 55 4.04 -2.25 4.70
CA SER A 55 4.68 -3.44 5.25
C SER A 55 5.98 -3.78 4.50
N CYS A 56 5.89 -3.84 3.16
CA CYS A 56 7.05 -4.21 2.35
C CYS A 56 8.15 -3.14 2.38
N SER A 57 7.80 -1.94 2.81
CA SER A 57 8.78 -0.87 2.93
C SER A 57 9.26 -0.73 4.37
N GLY A 58 8.88 -1.68 5.21
CA GLY A 58 9.30 -1.65 6.59
C GLY A 58 10.63 -2.36 6.78
N ASP A 59 10.91 -3.31 5.91
CA ASP A 59 12.14 -4.10 6.01
C ASP A 59 13.20 -3.59 5.05
N VAL A 60 13.15 -2.29 4.76
CA VAL A 60 14.13 -1.68 3.88
C VAL A 60 15.33 -1.19 4.69
N THR A 61 16.45 -0.99 4.02
CA THR A 61 17.64 -0.51 4.70
C THR A 61 17.97 0.91 4.28
N PRO A 62 17.68 1.90 5.14
CA PRO A 62 18.07 3.29 4.91
C PRO A 62 19.57 3.47 5.13
N ALA A 63 20.21 4.20 4.23
CA ALA A 63 21.63 4.45 4.33
C ALA A 63 21.93 5.51 5.37
N PRO A 64 22.65 5.14 6.45
CA PRO A 64 22.95 6.06 7.54
C PRO A 64 23.98 7.12 7.15
N VAL A 65 23.61 8.38 7.36
CA VAL A 65 24.51 9.49 7.09
C VAL A 65 25.35 9.79 8.33
N GLU A 66 26.42 9.03 8.50
CA GLU A 66 27.30 9.20 9.64
C GLU A 66 28.42 10.17 9.30
N GLY A 1 -5.73 -4.70 20.45
CA GLY A 1 -6.08 -4.20 19.10
C GLY A 1 -7.13 -3.11 19.14
N ALA A 2 -6.94 -2.08 18.32
CA ALA A 2 -7.88 -0.97 18.28
C ALA A 2 -8.50 -0.85 16.89
N MET A 3 -9.82 -0.99 16.84
CA MET A 3 -10.56 -0.87 15.59
C MET A 3 -11.01 0.57 15.36
N GLU A 4 -10.25 1.51 15.92
CA GLU A 4 -10.57 2.92 15.80
C GLU A 4 -9.88 3.54 14.60
N GLY A 5 -8.60 3.20 14.44
CA GLY A 5 -7.85 3.69 13.30
C GLY A 5 -6.53 2.97 13.13
N GLN A 6 -6.58 1.65 13.17
CA GLN A 6 -5.37 0.84 13.06
C GLN A 6 -5.62 -0.41 12.21
N GLN A 7 -6.44 -1.31 12.72
CA GLN A 7 -6.72 -2.57 12.04
C GLN A 7 -7.93 -2.43 11.12
N ASN A 8 -8.21 -1.20 10.73
CA ASN A 8 -9.35 -0.91 9.86
C ASN A 8 -8.91 -1.04 8.40
N LEU A 9 -8.83 -2.28 7.94
CA LEU A 9 -8.41 -2.56 6.57
C LEU A 9 -9.55 -2.26 5.60
N ALA A 10 -9.20 -1.75 4.43
CA ALA A 10 -10.19 -1.37 3.43
C ALA A 10 -10.59 -2.57 2.59
N PRO A 11 -11.90 -2.86 2.51
CA PRO A 11 -12.43 -3.93 1.68
C PRO A 11 -12.25 -3.64 0.19
N GLY A 12 -11.42 -4.45 -0.46
CA GLY A 12 -11.18 -4.27 -1.88
C GLY A 12 -9.96 -3.45 -2.17
N ALA A 13 -9.75 -3.11 -3.43
CA ALA A 13 -8.62 -2.28 -3.83
C ALA A 13 -8.90 -0.82 -3.52
N ARG A 14 -8.78 -0.47 -2.25
CA ARG A 14 -9.04 0.89 -1.79
C ARG A 14 -7.95 1.31 -0.82
N CYS A 15 -7.49 2.54 -0.93
CA CYS A 15 -6.52 3.08 0.00
C CYS A 15 -7.21 3.43 1.32
N GLY A 16 -7.00 2.58 2.31
CA GLY A 16 -7.69 2.71 3.57
C GLY A 16 -7.08 3.74 4.49
N VAL A 17 -6.01 4.36 4.02
CA VAL A 17 -5.35 5.40 4.78
C VAL A 17 -6.14 6.70 4.71
N CYS A 18 -6.84 6.90 3.61
CA CYS A 18 -7.67 8.08 3.45
C CYS A 18 -9.15 7.69 3.33
N GLY A 19 -9.44 6.76 2.43
CA GLY A 19 -10.81 6.31 2.25
C GLY A 19 -11.19 6.18 0.79
N ASP A 20 -10.36 6.72 -0.09
CA ASP A 20 -10.65 6.69 -1.53
C ASP A 20 -9.80 5.66 -2.25
N GLY A 21 -10.34 5.12 -3.33
CA GLY A 21 -9.63 4.14 -4.12
C GLY A 21 -9.27 4.68 -5.49
N THR A 22 -9.32 5.99 -5.64
CA THR A 22 -9.00 6.63 -6.91
C THR A 22 -7.50 6.67 -7.14
N ASP A 23 -7.04 5.97 -8.18
CA ASP A 23 -5.61 5.93 -8.55
C ASP A 23 -4.77 5.45 -7.37
N VAL A 24 -4.98 4.20 -6.98
CA VAL A 24 -4.23 3.62 -5.87
C VAL A 24 -3.01 2.87 -6.38
N LEU A 25 -1.89 3.10 -5.72
CA LEU A 25 -0.67 2.39 -6.03
C LEU A 25 -0.71 1.00 -5.43
N ARG A 26 -0.09 0.06 -6.11
CA ARG A 26 -0.15 -1.34 -5.72
C ARG A 26 1.23 -1.81 -5.29
N CYS A 27 1.27 -2.63 -4.25
CA CYS A 27 2.52 -3.19 -3.79
C CYS A 27 3.01 -4.19 -4.82
N THR A 28 4.23 -4.00 -5.29
CA THR A 28 4.80 -4.86 -6.31
C THR A 28 5.32 -6.17 -5.71
N HIS A 29 5.27 -6.27 -4.38
CA HIS A 29 5.74 -7.46 -3.69
C HIS A 29 4.58 -8.22 -3.04
N CYS A 30 3.49 -7.52 -2.76
CA CYS A 30 2.34 -8.15 -2.13
C CYS A 30 1.06 -7.45 -2.57
N ALA A 31 -0.06 -7.80 -1.96
CA ALA A 31 -1.34 -7.23 -2.33
C ALA A 31 -1.72 -6.09 -1.40
N ALA A 32 -1.80 -4.89 -1.95
CA ALA A 32 -2.14 -3.71 -1.18
C ALA A 32 -2.52 -2.55 -2.10
N ALA A 33 -3.49 -1.77 -1.66
CA ALA A 33 -3.91 -0.59 -2.40
C ALA A 33 -3.78 0.64 -1.53
N PHE A 34 -2.91 1.55 -1.93
CA PHE A 34 -2.61 2.73 -1.12
C PHE A 34 -2.14 3.87 -1.99
N HIS A 35 -2.15 5.07 -1.46
CA HIS A 35 -1.60 6.22 -2.17
C HIS A 35 -0.20 6.53 -1.65
N TRP A 36 0.67 6.99 -2.53
CA TRP A 36 2.01 7.39 -2.13
C TRP A 36 1.96 8.38 -0.98
N ARG A 37 1.22 9.47 -1.16
CA ARG A 37 1.18 10.56 -0.19
C ARG A 37 0.47 10.16 1.10
N CYS A 38 -0.34 9.11 1.03
CA CYS A 38 -1.01 8.61 2.21
C CYS A 38 -0.05 7.81 3.10
N HIS A 39 1.04 7.34 2.50
CA HIS A 39 2.08 6.64 3.24
C HIS A 39 3.28 7.54 3.48
N PHE A 40 3.78 8.13 2.40
CA PHE A 40 4.93 8.98 2.43
C PHE A 40 4.52 10.42 2.10
N PRO A 41 4.85 11.38 2.97
CA PRO A 41 4.54 12.79 2.74
C PRO A 41 5.04 13.26 1.39
N ALA A 42 4.32 14.22 0.80
CA ALA A 42 4.55 14.68 -0.56
C ALA A 42 5.97 15.20 -0.78
N GLY A 43 6.67 15.51 0.30
CA GLY A 43 8.06 15.93 0.22
C GLY A 43 9.00 14.77 -0.09
N THR A 44 8.44 13.57 -0.19
CA THR A 44 9.20 12.37 -0.51
C THR A 44 9.05 12.03 -1.99
N SER A 45 10.11 11.57 -2.63
CA SER A 45 10.09 11.29 -4.05
C SER A 45 9.63 9.86 -4.32
N ARG A 46 8.59 9.74 -5.13
CA ARG A 46 8.05 8.45 -5.50
C ARG A 46 8.88 7.81 -6.60
N PRO A 47 9.29 6.54 -6.42
CA PRO A 47 10.03 5.80 -7.44
C PRO A 47 9.17 5.52 -8.66
N GLY A 48 9.81 5.34 -9.80
CA GLY A 48 9.07 5.13 -11.03
C GLY A 48 8.75 3.66 -11.26
N THR A 49 9.33 2.79 -10.46
CA THR A 49 9.08 1.37 -10.55
C THR A 49 7.96 0.95 -9.59
N GLY A 50 7.89 -0.34 -9.27
CA GLY A 50 6.86 -0.84 -8.39
C GLY A 50 6.95 -0.26 -6.99
N LEU A 51 5.80 -0.02 -6.39
CA LEU A 51 5.73 0.57 -5.06
C LEU A 51 5.72 -0.52 -3.98
N ARG A 52 6.37 -0.24 -2.87
CA ARG A 52 6.34 -1.14 -1.73
C ARG A 52 5.45 -0.57 -0.64
N CYS A 53 4.57 -1.41 -0.09
CA CYS A 53 3.74 -0.99 1.02
C CYS A 53 4.60 -0.89 2.28
N ARG A 54 4.11 -0.24 3.33
CA ARG A 54 4.96 0.07 4.49
C ARG A 54 5.60 -1.20 5.06
N SER A 55 4.87 -2.31 5.03
CA SER A 55 5.36 -3.57 5.53
C SER A 55 6.55 -4.08 4.69
N CYS A 56 6.38 -4.12 3.38
CA CYS A 56 7.44 -4.58 2.49
C CYS A 56 8.57 -3.55 2.38
N SER A 57 8.28 -2.32 2.78
CA SER A 57 9.26 -1.24 2.73
C SER A 57 10.23 -1.34 3.91
N GLY A 58 9.87 -2.15 4.90
CA GLY A 58 10.72 -2.29 6.06
C GLY A 58 10.53 -3.62 6.74
N ASP A 59 11.44 -4.54 6.47
CA ASP A 59 11.37 -5.88 7.05
C ASP A 59 12.09 -5.94 8.38
N VAL A 60 11.32 -6.16 9.44
CA VAL A 60 11.88 -6.33 10.77
C VAL A 60 12.17 -7.81 11.00
N THR A 61 13.07 -8.34 10.18
CA THR A 61 13.42 -9.74 10.21
C THR A 61 14.54 -9.98 11.22
N PRO A 62 14.26 -10.73 12.29
CA PRO A 62 15.24 -11.04 13.33
C PRO A 62 16.22 -12.12 12.90
N ALA A 63 17.37 -12.16 13.54
CA ALA A 63 18.37 -13.17 13.26
C ALA A 63 17.96 -14.50 13.89
N PRO A 64 17.81 -15.55 13.06
CA PRO A 64 17.40 -16.87 13.53
C PRO A 64 18.54 -17.58 14.29
N VAL A 65 18.75 -17.17 15.53
CA VAL A 65 19.79 -17.73 16.37
C VAL A 65 19.20 -18.61 17.47
N GLU A 66 17.91 -18.91 17.34
CA GLU A 66 17.21 -19.68 18.35
C GLU A 66 16.61 -20.94 17.74
N GLY A 1 -26.81 -1.29 16.89
CA GLY A 1 -27.21 -1.85 15.58
C GLY A 1 -26.21 -2.87 15.07
N ALA A 2 -25.98 -2.87 13.77
CA ALA A 2 -25.05 -3.78 13.15
C ALA A 2 -24.14 -3.04 12.19
N MET A 3 -22.84 -3.11 12.43
CA MET A 3 -21.86 -2.44 11.59
C MET A 3 -21.87 -3.04 10.18
N GLU A 4 -22.17 -2.19 9.21
CA GLU A 4 -22.23 -2.62 7.82
C GLU A 4 -21.08 -2.02 7.03
N GLY A 5 -20.07 -2.83 6.78
CA GLY A 5 -18.88 -2.36 6.08
C GLY A 5 -18.16 -1.29 6.86
N GLN A 6 -18.11 -1.45 8.17
CA GLN A 6 -17.47 -0.48 9.04
C GLN A 6 -16.35 -1.13 9.84
N GLN A 7 -16.35 -2.45 9.88
CA GLN A 7 -15.35 -3.20 10.60
C GLN A 7 -14.83 -4.34 9.73
N ASN A 8 -13.52 -4.58 9.78
CA ASN A 8 -12.89 -5.65 9.01
C ASN A 8 -13.02 -5.37 7.52
N LEU A 9 -12.48 -4.25 7.10
CA LEU A 9 -12.56 -3.82 5.71
C LEU A 9 -11.65 -4.66 4.83
N ALA A 10 -12.11 -4.95 3.62
CA ALA A 10 -11.35 -5.76 2.68
C ALA A 10 -10.16 -4.98 2.12
N PRO A 11 -8.95 -5.56 2.18
CA PRO A 11 -7.74 -4.92 1.65
C PRO A 11 -7.70 -4.90 0.13
N GLY A 12 -8.67 -4.21 -0.46
CA GLY A 12 -8.74 -4.12 -1.91
C GLY A 12 -8.21 -2.81 -2.43
N ALA A 13 -8.80 -2.33 -3.52
CA ALA A 13 -8.38 -1.08 -4.13
C ALA A 13 -8.99 0.10 -3.40
N ARG A 14 -8.44 0.41 -2.24
CA ARG A 14 -8.94 1.52 -1.43
C ARG A 14 -7.88 1.98 -0.45
N CYS A 15 -7.65 3.29 -0.43
CA CYS A 15 -6.69 3.88 0.50
C CYS A 15 -7.30 3.98 1.89
N GLY A 16 -6.74 3.23 2.84
CA GLY A 16 -7.28 3.21 4.18
C GLY A 16 -7.14 4.54 4.90
N VAL A 17 -6.28 5.40 4.38
CA VAL A 17 -6.08 6.72 4.96
C VAL A 17 -7.16 7.69 4.49
N CYS A 18 -7.63 7.50 3.27
CA CYS A 18 -8.62 8.41 2.69
C CYS A 18 -10.03 7.84 2.73
N GLY A 19 -10.16 6.55 2.46
CA GLY A 19 -11.46 5.94 2.35
C GLY A 19 -11.85 5.74 0.90
N ASP A 20 -11.20 6.50 0.03
CA ASP A 20 -11.43 6.40 -1.41
C ASP A 20 -10.44 5.44 -2.05
N GLY A 21 -10.85 4.81 -3.14
CA GLY A 21 -9.97 3.89 -3.83
C GLY A 21 -9.62 4.37 -5.22
N THR A 22 -9.76 5.67 -5.43
CA THR A 22 -9.46 6.28 -6.72
C THR A 22 -7.95 6.52 -6.88
N ASP A 23 -7.41 6.02 -8.00
CA ASP A 23 -6.01 6.22 -8.34
C ASP A 23 -5.09 5.73 -7.22
N VAL A 24 -5.11 4.43 -6.99
CA VAL A 24 -4.36 3.83 -5.91
C VAL A 24 -3.16 3.04 -6.44
N LEU A 25 -2.09 3.05 -5.67
CA LEU A 25 -0.87 2.34 -6.03
C LEU A 25 -0.82 1.00 -5.31
N ARG A 26 -0.29 -0.01 -5.99
CA ARG A 26 -0.15 -1.34 -5.43
C ARG A 26 1.31 -1.66 -5.16
N CYS A 27 1.57 -2.54 -4.21
CA CYS A 27 2.91 -3.02 -3.97
C CYS A 27 3.33 -3.94 -5.12
N THR A 28 4.59 -3.88 -5.51
CA THR A 28 5.08 -4.74 -6.58
C THR A 28 5.51 -6.09 -6.01
N HIS A 29 5.47 -6.20 -4.69
CA HIS A 29 5.82 -7.45 -4.02
C HIS A 29 4.63 -8.00 -3.24
N CYS A 30 3.58 -7.20 -3.12
CA CYS A 30 2.39 -7.61 -2.39
C CYS A 30 1.16 -7.02 -3.05
N ALA A 31 0.00 -7.42 -2.57
CA ALA A 31 -1.24 -6.86 -3.03
C ALA A 31 -1.79 -5.91 -1.97
N ALA A 32 -1.80 -4.63 -2.30
CA ALA A 32 -2.29 -3.60 -1.41
C ALA A 32 -2.42 -2.29 -2.17
N ALA A 33 -3.55 -1.65 -2.02
CA ALA A 33 -3.81 -0.41 -2.73
C ALA A 33 -3.80 0.77 -1.76
N PHE A 34 -2.94 1.72 -2.04
CA PHE A 34 -2.80 2.90 -1.19
C PHE A 34 -2.24 4.06 -1.99
N HIS A 35 -2.42 5.27 -1.48
CA HIS A 35 -1.80 6.43 -2.08
C HIS A 35 -0.43 6.61 -1.46
N TRP A 36 0.57 6.83 -2.31
CA TRP A 36 1.95 6.95 -1.88
C TRP A 36 2.14 8.12 -0.92
N ARG A 37 1.36 9.17 -1.12
CA ARG A 37 1.44 10.37 -0.27
C ARG A 37 0.74 10.12 1.07
N CYS A 38 -0.03 9.05 1.15
CA CYS A 38 -0.74 8.72 2.37
C CYS A 38 0.09 7.76 3.22
N HIS A 39 1.00 7.04 2.57
CA HIS A 39 1.92 6.16 3.27
C HIS A 39 3.25 6.87 3.56
N PHE A 40 3.62 7.79 2.67
CA PHE A 40 4.87 8.54 2.81
C PHE A 40 4.61 10.02 2.62
N PRO A 41 5.51 10.89 3.12
CA PRO A 41 5.44 12.32 2.89
C PRO A 41 5.64 12.65 1.42
N ALA A 42 5.13 13.82 1.01
CA ALA A 42 5.13 14.22 -0.40
C ALA A 42 6.54 14.49 -0.92
N GLY A 43 7.50 14.55 0.00
CA GLY A 43 8.88 14.71 -0.41
C GLY A 43 9.52 13.38 -0.77
N THR A 44 8.84 12.30 -0.45
CA THR A 44 9.34 10.96 -0.73
C THR A 44 8.91 10.50 -2.12
N SER A 45 9.89 10.22 -2.96
CA SER A 45 9.62 9.79 -4.33
C SER A 45 9.47 8.28 -4.41
N ARG A 46 8.49 7.83 -5.18
CA ARG A 46 8.23 6.42 -5.33
C ARG A 46 9.32 5.76 -6.17
N PRO A 47 9.93 4.69 -5.64
CA PRO A 47 11.09 4.04 -6.26
C PRO A 47 10.75 3.30 -7.55
N GLY A 48 11.66 3.40 -8.52
CA GLY A 48 11.48 2.71 -9.78
C GLY A 48 11.96 1.27 -9.70
N THR A 49 12.43 0.89 -8.52
CA THR A 49 12.88 -0.47 -8.27
C THR A 49 11.72 -1.32 -7.78
N GLY A 50 10.55 -0.70 -7.71
CA GLY A 50 9.37 -1.41 -7.28
C GLY A 50 8.60 -0.64 -6.23
N LEU A 51 7.30 -0.51 -6.41
CA LEU A 51 6.44 0.16 -5.46
C LEU A 51 6.35 -0.67 -4.19
N ARG A 52 6.71 -0.09 -3.06
CA ARG A 52 6.80 -0.82 -1.82
C ARG A 52 5.70 -0.41 -0.85
N CYS A 53 5.02 -1.41 -0.30
CA CYS A 53 4.02 -1.19 0.72
C CYS A 53 4.69 -0.87 2.05
N ARG A 54 3.91 -0.71 3.11
CA ARG A 54 4.48 -0.31 4.40
C ARG A 54 5.40 -1.40 4.96
N SER A 55 5.04 -2.66 4.77
CA SER A 55 5.86 -3.76 5.26
C SER A 55 7.17 -3.85 4.46
N CYS A 56 7.08 -3.65 3.15
CA CYS A 56 8.27 -3.66 2.30
C CYS A 56 9.15 -2.45 2.58
N SER A 57 8.55 -1.38 3.10
CA SER A 57 9.31 -0.19 3.46
C SER A 57 9.74 -0.23 4.91
N GLY A 58 9.38 -1.32 5.60
CA GLY A 58 9.73 -1.49 6.99
C GLY A 58 11.16 -1.96 7.15
N ASP A 59 12.09 -1.16 6.66
CA ASP A 59 13.50 -1.49 6.72
C ASP A 59 14.11 -0.97 8.01
N VAL A 60 14.86 -1.81 8.68
CA VAL A 60 15.53 -1.42 9.92
C VAL A 60 16.95 -0.96 9.64
N THR A 61 17.06 0.18 8.97
CA THR A 61 18.34 0.75 8.58
C THR A 61 19.24 0.95 9.81
N PRO A 62 20.40 0.28 9.83
CA PRO A 62 21.35 0.35 10.95
C PRO A 62 22.06 1.70 11.02
N ALA A 63 22.33 2.15 12.24
CA ALA A 63 23.05 3.41 12.44
C ALA A 63 24.54 3.20 12.24
N PRO A 64 25.17 4.06 11.42
CA PRO A 64 26.61 3.97 11.15
C PRO A 64 27.46 4.39 12.35
N VAL A 65 27.61 3.49 13.31
CA VAL A 65 28.42 3.75 14.49
C VAL A 65 29.85 3.31 14.26
N GLU A 66 30.75 4.26 14.10
CA GLU A 66 32.14 3.97 13.82
C GLU A 66 32.94 3.92 15.12
N GLY A 1 -19.88 8.02 -16.12
CA GLY A 1 -20.09 8.47 -14.72
C GLY A 1 -19.93 7.34 -13.73
N ALA A 2 -20.38 7.57 -12.50
CA ALA A 2 -20.25 6.59 -11.44
C ALA A 2 -21.41 5.59 -11.49
N MET A 3 -22.49 5.97 -12.17
CA MET A 3 -23.65 5.11 -12.30
C MET A 3 -23.36 3.90 -13.19
N GLU A 4 -22.30 4.01 -13.97
CA GLU A 4 -21.85 2.90 -14.79
C GLU A 4 -21.31 1.77 -13.91
N GLY A 5 -20.93 2.13 -12.69
CA GLY A 5 -20.41 1.17 -11.76
C GLY A 5 -19.00 1.50 -11.33
N GLN A 6 -18.82 1.91 -10.09
CA GLN A 6 -17.51 2.29 -9.59
C GLN A 6 -17.22 1.65 -8.23
N GLN A 7 -18.25 1.52 -7.39
CA GLN A 7 -18.08 1.01 -6.04
C GLN A 7 -17.73 -0.47 -6.04
N ASN A 8 -18.12 -1.16 -7.11
CA ASN A 8 -17.83 -2.57 -7.26
C ASN A 8 -16.51 -2.76 -8.00
N LEU A 9 -15.84 -1.65 -8.29
CA LEU A 9 -14.55 -1.68 -8.96
C LEU A 9 -13.45 -1.35 -7.97
N ALA A 10 -13.64 -1.81 -6.74
CA ALA A 10 -12.67 -1.59 -5.67
C ALA A 10 -11.50 -2.57 -5.82
N PRO A 11 -10.27 -2.06 -5.92
CA PRO A 11 -9.06 -2.86 -6.14
C PRO A 11 -8.64 -3.67 -4.92
N GLY A 12 -9.57 -4.42 -4.35
CA GLY A 12 -9.27 -5.23 -3.17
C GLY A 12 -9.15 -4.41 -1.91
N ALA A 13 -8.17 -3.53 -1.89
CA ALA A 13 -7.93 -2.66 -0.76
C ALA A 13 -8.15 -1.20 -1.15
N ARG A 14 -8.18 -0.33 -0.16
CA ARG A 14 -8.36 1.09 -0.39
C ARG A 14 -7.40 1.88 0.47
N CYS A 15 -7.11 3.11 0.08
CA CYS A 15 -6.29 3.98 0.89
C CYS A 15 -7.03 4.36 2.15
N GLY A 16 -6.63 3.76 3.27
CA GLY A 16 -7.32 4.00 4.54
C GLY A 16 -7.18 5.44 5.00
N VAL A 17 -6.17 6.11 4.48
CA VAL A 17 -5.94 7.51 4.80
C VAL A 17 -7.00 8.40 4.17
N CYS A 18 -7.46 8.00 2.99
CA CYS A 18 -8.45 8.79 2.26
C CYS A 18 -9.84 8.19 2.39
N GLY A 19 -9.91 6.87 2.46
CA GLY A 19 -11.18 6.19 2.46
C GLY A 19 -11.65 5.89 1.04
N ASP A 20 -10.70 5.90 0.12
CA ASP A 20 -11.01 5.77 -1.31
C ASP A 20 -9.98 4.89 -1.99
N GLY A 21 -10.38 4.26 -3.10
CA GLY A 21 -9.47 3.40 -3.83
C GLY A 21 -9.42 3.77 -5.30
N THR A 22 -9.79 5.00 -5.62
CA THR A 22 -9.77 5.49 -6.99
C THR A 22 -8.35 5.90 -7.37
N ASP A 23 -7.86 5.37 -8.49
CA ASP A 23 -6.49 5.64 -8.94
C ASP A 23 -5.51 5.31 -7.83
N VAL A 24 -5.51 4.06 -7.43
CA VAL A 24 -4.75 3.63 -6.29
C VAL A 24 -3.45 2.96 -6.73
N LEU A 25 -2.42 3.06 -5.91
CA LEU A 25 -1.14 2.45 -6.22
C LEU A 25 -1.08 1.05 -5.64
N ARG A 26 -0.43 0.16 -6.38
CA ARG A 26 -0.34 -1.24 -5.99
C ARG A 26 1.08 -1.57 -5.54
N CYS A 27 1.21 -2.56 -4.67
CA CYS A 27 2.52 -3.00 -4.24
C CYS A 27 3.07 -3.99 -5.24
N THR A 28 4.28 -3.75 -5.72
CA THR A 28 4.88 -4.64 -6.71
C THR A 28 5.49 -5.86 -6.03
N HIS A 29 5.48 -5.86 -4.71
CA HIS A 29 6.06 -6.96 -3.95
C HIS A 29 4.99 -7.83 -3.33
N CYS A 30 3.82 -7.25 -3.05
CA CYS A 30 2.73 -7.99 -2.45
C CYS A 30 1.39 -7.40 -2.88
N ALA A 31 0.34 -7.70 -2.14
CA ALA A 31 -0.99 -7.20 -2.46
C ALA A 31 -1.37 -6.07 -1.51
N ALA A 32 -1.55 -4.87 -2.08
CA ALA A 32 -1.93 -3.71 -1.29
C ALA A 32 -2.41 -2.59 -2.20
N ALA A 33 -3.28 -1.75 -1.68
CA ALA A 33 -3.82 -0.63 -2.43
C ALA A 33 -3.84 0.63 -1.57
N PHE A 34 -3.02 1.60 -1.92
CA PHE A 34 -2.88 2.82 -1.15
C PHE A 34 -2.35 3.94 -2.04
N HIS A 35 -2.24 5.13 -1.48
CA HIS A 35 -1.58 6.23 -2.18
C HIS A 35 -0.25 6.53 -1.52
N TRP A 36 0.81 6.67 -2.29
CA TRP A 36 2.16 6.78 -1.73
C TRP A 36 2.26 7.89 -0.70
N ARG A 37 1.85 9.10 -1.08
CA ARG A 37 1.97 10.27 -0.20
C ARG A 37 1.19 10.08 1.10
N CYS A 38 0.16 9.26 1.04
CA CYS A 38 -0.68 9.00 2.20
C CYS A 38 0.00 8.03 3.16
N HIS A 39 0.91 7.24 2.64
CA HIS A 39 1.65 6.27 3.44
C HIS A 39 2.99 6.84 3.87
N PHE A 40 3.59 7.64 3.00
CA PHE A 40 4.88 8.25 3.27
C PHE A 40 4.81 9.77 3.10
N PRO A 41 4.22 10.48 4.08
CA PRO A 41 4.03 11.93 4.01
C PRO A 41 5.25 12.69 4.50
N ALA A 42 6.36 11.99 4.64
CA ALA A 42 7.60 12.58 5.15
C ALA A 42 8.37 13.25 4.03
N GLY A 43 7.80 13.27 2.83
CA GLY A 43 8.49 13.84 1.68
C GLY A 43 9.24 12.77 0.92
N THR A 44 8.99 11.53 1.28
CA THR A 44 9.64 10.40 0.64
C THR A 44 9.17 10.26 -0.80
N SER A 45 10.11 10.10 -1.72
CA SER A 45 9.80 9.98 -3.13
C SER A 45 9.56 8.52 -3.48
N ARG A 46 8.51 8.28 -4.26
CA ARG A 46 8.13 6.92 -4.61
C ARG A 46 9.10 6.31 -5.61
N PRO A 47 9.52 5.06 -5.37
CA PRO A 47 10.43 4.36 -6.26
C PRO A 47 9.77 3.95 -7.57
N GLY A 48 10.46 4.23 -8.67
CA GLY A 48 9.97 3.80 -9.97
C GLY A 48 10.36 2.37 -10.25
N THR A 49 11.29 1.87 -9.44
CA THR A 49 11.77 0.50 -9.56
C THR A 49 10.98 -0.44 -8.65
N GLY A 50 9.66 -0.31 -8.70
CA GLY A 50 8.81 -1.17 -7.90
C GLY A 50 8.22 -0.44 -6.70
N LEU A 51 6.94 -0.14 -6.79
CA LEU A 51 6.22 0.54 -5.71
C LEU A 51 6.10 -0.40 -4.50
N ARG A 52 6.57 0.07 -3.35
CA ARG A 52 6.58 -0.73 -2.14
C ARG A 52 5.58 -0.19 -1.13
N CYS A 53 4.82 -1.09 -0.52
CA CYS A 53 3.91 -0.69 0.56
C CYS A 53 4.70 -0.49 1.85
N ARG A 54 4.02 -0.14 2.93
CA ARG A 54 4.69 0.12 4.20
C ARG A 54 5.41 -1.13 4.70
N SER A 55 4.71 -2.27 4.66
CA SER A 55 5.25 -3.52 5.14
C SER A 55 6.50 -3.93 4.36
N CYS A 56 6.43 -3.84 3.03
CA CYS A 56 7.57 -4.21 2.18
C CYS A 56 8.71 -3.19 2.28
N SER A 57 8.38 -1.96 2.68
CA SER A 57 9.41 -0.94 2.85
C SER A 57 10.11 -1.09 4.19
N GLY A 58 9.51 -1.88 5.07
CA GLY A 58 10.11 -2.16 6.35
C GLY A 58 10.45 -3.62 6.50
N ASP A 59 10.65 -4.29 5.37
CA ASP A 59 10.96 -5.71 5.37
C ASP A 59 12.46 -5.93 5.46
N VAL A 60 12.90 -6.37 6.62
CA VAL A 60 14.29 -6.75 6.80
C VAL A 60 14.40 -8.27 6.72
N THR A 61 14.89 -8.75 5.59
CA THR A 61 14.98 -10.19 5.35
C THR A 61 16.18 -10.78 6.09
N PRO A 62 15.92 -11.63 7.09
CA PRO A 62 16.99 -12.32 7.81
C PRO A 62 17.54 -13.49 7.01
N ALA A 63 18.83 -13.72 7.08
CA ALA A 63 19.44 -14.82 6.36
C ALA A 63 19.58 -16.03 7.28
N PRO A 64 18.89 -17.13 6.97
CA PRO A 64 18.99 -18.36 7.74
C PRO A 64 20.30 -19.07 7.47
N VAL A 65 21.09 -19.27 8.51
CA VAL A 65 22.38 -19.95 8.37
C VAL A 65 22.24 -21.42 8.72
N GLU A 66 23.33 -22.16 8.56
CA GLU A 66 23.32 -23.59 8.81
C GLU A 66 23.62 -23.86 10.28
N GLY A 1 -17.72 -9.76 7.42
CA GLY A 1 -17.80 -9.36 8.84
C GLY A 1 -19.18 -9.63 9.41
N ALA A 2 -19.41 -9.25 10.67
CA ALA A 2 -20.68 -9.49 11.32
C ALA A 2 -21.81 -8.75 10.61
N MET A 3 -21.58 -7.48 10.29
CA MET A 3 -22.55 -6.69 9.54
C MET A 3 -21.92 -6.16 8.26
N GLU A 4 -22.39 -6.63 7.12
CA GLU A 4 -21.84 -6.22 5.84
C GLU A 4 -22.50 -4.93 5.37
N GLY A 5 -21.75 -3.85 5.42
CA GLY A 5 -22.26 -2.57 4.99
C GLY A 5 -21.18 -1.52 4.95
N GLN A 6 -20.42 -1.41 6.05
CA GLN A 6 -19.32 -0.47 6.14
C GLN A 6 -18.26 -0.79 5.09
N GLN A 7 -17.82 -2.04 5.08
CA GLN A 7 -16.82 -2.49 4.12
C GLN A 7 -17.49 -3.02 2.86
N ASN A 8 -18.37 -2.22 2.27
CA ASN A 8 -19.04 -2.61 1.04
C ASN A 8 -18.06 -2.62 -0.12
N LEU A 9 -17.03 -1.78 -0.01
CA LEU A 9 -15.94 -1.78 -0.97
C LEU A 9 -14.68 -2.33 -0.31
N ALA A 10 -14.36 -3.57 -0.67
CA ALA A 10 -13.20 -4.26 -0.13
C ALA A 10 -11.91 -3.53 -0.51
N PRO A 11 -10.87 -3.64 0.34
CA PRO A 11 -9.58 -2.98 0.11
C PRO A 11 -8.76 -3.62 -1.02
N GLY A 12 -9.43 -3.91 -2.14
CA GLY A 12 -8.73 -4.40 -3.30
C GLY A 12 -8.07 -3.26 -4.05
N ALA A 13 -8.84 -2.24 -4.35
CA ALA A 13 -8.31 -1.01 -4.90
C ALA A 13 -8.91 0.18 -4.16
N ARG A 14 -8.45 0.38 -2.93
CA ARG A 14 -9.00 1.40 -2.06
C ARG A 14 -7.98 1.81 -1.01
N CYS A 15 -7.66 3.09 -0.96
CA CYS A 15 -6.70 3.61 0.00
C CYS A 15 -7.27 3.54 1.40
N GLY A 16 -6.73 2.64 2.21
CA GLY A 16 -7.23 2.43 3.56
C GLY A 16 -7.05 3.66 4.45
N VAL A 17 -6.17 4.56 4.03
CA VAL A 17 -5.93 5.79 4.77
C VAL A 17 -7.03 6.82 4.49
N CYS A 18 -7.50 6.87 3.25
CA CYS A 18 -8.49 7.88 2.86
C CYS A 18 -9.90 7.32 2.89
N GLY A 19 -10.04 6.05 2.55
CA GLY A 19 -11.36 5.46 2.44
C GLY A 19 -11.87 5.48 1.01
N ASP A 20 -11.07 6.06 0.13
CA ASP A 20 -11.42 6.14 -1.29
C ASP A 20 -10.41 5.40 -2.14
N GLY A 21 -10.86 4.88 -3.28
CA GLY A 21 -9.99 4.06 -4.09
C GLY A 21 -9.70 4.67 -5.44
N THR A 22 -9.79 5.99 -5.54
CA THR A 22 -9.50 6.67 -6.79
C THR A 22 -7.99 6.82 -6.97
N ASP A 23 -7.46 6.18 -8.02
CA ASP A 23 -6.05 6.24 -8.38
C ASP A 23 -5.14 5.84 -7.21
N VAL A 24 -5.21 4.57 -6.82
CA VAL A 24 -4.36 4.06 -5.76
C VAL A 24 -3.13 3.37 -6.34
N LEU A 25 -2.06 3.36 -5.57
CA LEU A 25 -0.85 2.64 -5.96
C LEU A 25 -0.92 1.21 -5.48
N ARG A 26 -0.13 0.35 -6.10
CA ARG A 26 -0.14 -1.08 -5.79
C ARG A 26 1.24 -1.55 -5.38
N CYS A 27 1.29 -2.48 -4.43
CA CYS A 27 2.55 -3.05 -4.00
C CYS A 27 2.96 -4.16 -4.96
N THR A 28 4.22 -4.17 -5.35
CA THR A 28 4.72 -5.17 -6.29
C THR A 28 5.12 -6.45 -5.58
N HIS A 29 5.24 -6.38 -4.26
CA HIS A 29 5.66 -7.54 -3.49
C HIS A 29 4.48 -8.18 -2.77
N CYS A 30 3.41 -7.42 -2.57
CA CYS A 30 2.22 -7.95 -1.92
C CYS A 30 1.00 -7.20 -2.43
N ALA A 31 -0.12 -7.36 -1.75
CA ALA A 31 -1.35 -6.67 -2.12
C ALA A 31 -1.61 -5.50 -1.17
N ALA A 32 -1.58 -4.29 -1.71
CA ALA A 32 -1.81 -3.10 -0.92
C ALA A 32 -2.31 -1.97 -1.82
N ALA A 33 -3.34 -1.29 -1.37
CA ALA A 33 -3.91 -0.18 -2.12
C ALA A 33 -3.85 1.11 -1.30
N PHE A 34 -3.08 2.07 -1.79
CA PHE A 34 -2.89 3.32 -1.08
C PHE A 34 -2.40 4.40 -2.04
N HIS A 35 -2.71 5.64 -1.73
CA HIS A 35 -2.12 6.75 -2.48
C HIS A 35 -0.75 7.04 -1.89
N TRP A 36 0.23 7.26 -2.75
CA TRP A 36 1.63 7.46 -2.31
C TRP A 36 1.72 8.39 -1.11
N ARG A 37 1.11 9.56 -1.22
CA ARG A 37 1.19 10.61 -0.21
C ARG A 37 0.73 10.13 1.17
N CYS A 38 -0.26 9.26 1.17
CA CYS A 38 -0.90 8.80 2.40
C CYS A 38 0.03 7.89 3.20
N HIS A 39 0.99 7.30 2.51
CA HIS A 39 1.99 6.46 3.15
C HIS A 39 3.32 7.21 3.27
N PHE A 40 3.75 7.79 2.16
CA PHE A 40 5.04 8.46 2.08
C PHE A 40 4.84 9.92 1.67
N PRO A 41 5.15 10.87 2.58
CA PRO A 41 4.95 12.30 2.33
C PRO A 41 5.96 12.89 1.34
N ALA A 42 5.95 14.20 1.18
CA ALA A 42 6.82 14.89 0.22
C ALA A 42 8.30 14.59 0.49
N GLY A 43 8.62 14.32 1.74
CA GLY A 43 10.00 14.02 2.11
C GLY A 43 10.49 12.71 1.54
N THR A 44 9.57 11.93 0.97
CA THR A 44 9.93 10.69 0.33
C THR A 44 9.43 10.68 -1.12
N SER A 45 10.38 10.60 -2.05
CA SER A 45 10.04 10.60 -3.47
C SER A 45 9.78 9.19 -3.96
N ARG A 46 9.00 9.06 -5.02
CA ARG A 46 8.59 7.77 -5.53
C ARG A 46 9.76 7.03 -6.16
N PRO A 47 9.96 5.76 -5.78
CA PRO A 47 11.03 4.93 -6.34
C PRO A 47 10.75 4.54 -7.78
N GLY A 48 11.82 4.40 -8.56
CA GLY A 48 11.67 3.97 -9.95
C GLY A 48 11.62 2.47 -10.05
N THR A 49 11.76 1.80 -8.91
CA THR A 49 11.72 0.36 -8.85
C THR A 49 10.32 -0.13 -8.51
N GLY A 50 10.21 -1.41 -8.18
CA GLY A 50 8.93 -1.95 -7.76
C GLY A 50 8.42 -1.25 -6.53
N LEU A 51 7.19 -0.77 -6.60
CA LEU A 51 6.59 -0.01 -5.51
C LEU A 51 6.38 -0.91 -4.30
N ARG A 52 6.97 -0.52 -3.18
CA ARG A 52 6.84 -1.27 -1.95
C ARG A 52 5.95 -0.53 -0.98
N CYS A 53 5.04 -1.26 -0.34
CA CYS A 53 4.25 -0.71 0.74
C CYS A 53 5.12 -0.62 2.00
N ARG A 54 4.60 0.00 3.05
CA ARG A 54 5.37 0.24 4.27
C ARG A 54 5.96 -1.07 4.81
N SER A 55 5.17 -2.13 4.76
CA SER A 55 5.60 -3.41 5.29
C SER A 55 6.73 -4.01 4.45
N CYS A 56 6.59 -3.99 3.14
CA CYS A 56 7.58 -4.59 2.26
C CYS A 56 8.87 -3.75 2.20
N SER A 57 8.79 -2.50 2.61
CA SER A 57 9.98 -1.66 2.71
C SER A 57 10.66 -1.84 4.06
N GLY A 58 9.99 -2.54 4.96
CA GLY A 58 10.55 -2.79 6.28
C GLY A 58 10.47 -4.26 6.66
N ASP A 59 9.47 -4.61 7.47
CA ASP A 59 9.27 -6.00 7.86
C ASP A 59 7.84 -6.43 7.51
N VAL A 60 7.69 -7.66 7.08
CA VAL A 60 6.39 -8.18 6.69
C VAL A 60 5.87 -9.18 7.71
N THR A 61 4.60 -9.05 8.05
CA THR A 61 3.96 -9.99 8.97
C THR A 61 2.85 -10.76 8.26
N PRO A 62 2.93 -12.09 8.25
CA PRO A 62 1.96 -12.95 7.58
C PRO A 62 0.57 -12.84 8.22
N ALA A 63 -0.45 -12.89 7.40
CA ALA A 63 -1.82 -12.85 7.88
C ALA A 63 -2.14 -14.13 8.64
N PRO A 64 -2.76 -14.01 9.83
CA PRO A 64 -3.03 -15.15 10.70
C PRO A 64 -4.19 -16.01 10.19
N VAL A 65 -4.07 -16.50 8.98
CA VAL A 65 -5.10 -17.32 8.37
C VAL A 65 -4.88 -18.78 8.71
N GLU A 66 -5.28 -19.15 9.92
CA GLU A 66 -5.15 -20.52 10.39
C GLU A 66 -6.52 -21.10 10.68
N GLY A 1 -23.59 13.07 -1.92
CA GLY A 1 -22.22 12.53 -2.12
C GLY A 1 -22.12 11.08 -1.72
N ALA A 2 -21.17 10.36 -2.30
CA ALA A 2 -21.00 8.95 -2.00
C ALA A 2 -19.54 8.62 -1.73
N MET A 3 -19.19 8.62 -0.45
CA MET A 3 -17.84 8.27 -0.05
C MET A 3 -17.68 6.76 0.00
N GLU A 4 -18.43 6.14 0.91
CA GLU A 4 -18.40 4.70 1.05
C GLU A 4 -19.59 4.23 1.89
N GLY A 5 -19.63 4.65 3.14
CA GLY A 5 -20.70 4.28 4.02
C GLY A 5 -20.26 4.20 5.46
N GLN A 6 -20.92 3.34 6.23
CA GLN A 6 -20.59 3.16 7.65
C GLN A 6 -19.51 2.10 7.81
N GLN A 7 -19.23 1.38 6.73
CA GLN A 7 -18.18 0.37 6.73
C GLN A 7 -16.82 1.03 6.75
N ASN A 8 -16.23 1.11 7.94
CA ASN A 8 -14.92 1.76 8.11
C ASN A 8 -13.79 0.78 7.79
N LEU A 9 -14.14 -0.44 7.46
CA LEU A 9 -13.17 -1.44 7.08
C LEU A 9 -12.83 -1.28 5.60
N ALA A 10 -11.54 -1.28 5.28
CA ALA A 10 -11.09 -1.12 3.91
C ALA A 10 -11.43 -2.37 3.10
N PRO A 11 -12.18 -2.20 2.00
CA PRO A 11 -12.62 -3.31 1.13
C PRO A 11 -11.49 -3.89 0.27
N GLY A 12 -10.36 -4.19 0.89
CA GLY A 12 -9.24 -4.76 0.19
C GLY A 12 -8.54 -3.76 -0.73
N ALA A 13 -9.07 -3.61 -1.93
CA ALA A 13 -8.49 -2.72 -2.92
C ALA A 13 -9.01 -1.30 -2.74
N ARG A 14 -8.50 -0.63 -1.71
CA ARG A 14 -8.89 0.74 -1.42
C ARG A 14 -7.95 1.34 -0.38
N CYS A 15 -7.52 2.57 -0.61
CA CYS A 15 -6.63 3.26 0.31
C CYS A 15 -7.44 3.77 1.50
N GLY A 16 -7.30 3.09 2.63
CA GLY A 16 -8.06 3.43 3.82
C GLY A 16 -7.44 4.56 4.59
N VAL A 17 -6.24 4.97 4.18
CA VAL A 17 -5.54 6.05 4.86
C VAL A 17 -6.22 7.39 4.61
N CYS A 18 -6.85 7.53 3.44
CA CYS A 18 -7.60 8.73 3.14
C CYS A 18 -9.09 8.41 3.05
N GLY A 19 -9.40 7.27 2.45
CA GLY A 19 -10.78 6.85 2.32
C GLY A 19 -11.17 6.63 0.87
N ASP A 20 -10.30 7.03 -0.04
CA ASP A 20 -10.55 6.88 -1.47
C ASP A 20 -9.69 5.78 -2.05
N GLY A 21 -10.28 4.99 -2.94
CA GLY A 21 -9.53 3.98 -3.66
C GLY A 21 -9.34 4.36 -5.10
N THR A 22 -9.81 5.55 -5.44
CA THR A 22 -9.68 6.09 -6.78
C THR A 22 -8.24 6.46 -7.08
N ASP A 23 -7.74 6.03 -8.24
CA ASP A 23 -6.36 6.25 -8.64
C ASP A 23 -5.43 5.68 -7.58
N VAL A 24 -5.68 4.44 -7.21
CA VAL A 24 -4.95 3.79 -6.14
C VAL A 24 -3.72 3.06 -6.69
N LEU A 25 -2.69 2.95 -5.87
CA LEU A 25 -1.46 2.27 -6.27
C LEU A 25 -1.43 0.87 -5.71
N ARG A 26 -0.60 0.02 -6.29
CA ARG A 26 -0.49 -1.37 -5.87
C ARG A 26 0.95 -1.70 -5.59
N CYS A 27 1.21 -2.41 -4.49
CA CYS A 27 2.56 -2.83 -4.19
C CYS A 27 3.03 -3.86 -5.21
N THR A 28 4.31 -3.80 -5.57
CA THR A 28 4.89 -4.73 -6.51
C THR A 28 5.41 -5.97 -5.80
N HIS A 29 5.70 -5.83 -4.52
CA HIS A 29 6.23 -6.94 -3.72
C HIS A 29 5.13 -7.66 -2.98
N CYS A 30 4.07 -6.95 -2.64
CA CYS A 30 2.96 -7.52 -1.89
C CYS A 30 1.65 -7.02 -2.48
N ALA A 31 0.55 -7.42 -1.87
CA ALA A 31 -0.77 -7.03 -2.33
C ALA A 31 -1.35 -5.96 -1.42
N ALA A 32 -1.54 -4.77 -1.97
CA ALA A 32 -2.06 -3.65 -1.21
C ALA A 32 -2.44 -2.50 -2.13
N ALA A 33 -3.65 -1.99 -1.94
CA ALA A 33 -4.11 -0.82 -2.67
C ALA A 33 -4.05 0.40 -1.75
N PHE A 34 -3.16 1.31 -2.07
CA PHE A 34 -2.92 2.47 -1.23
C PHE A 34 -2.36 3.61 -2.07
N HIS A 35 -2.22 4.78 -1.46
CA HIS A 35 -1.56 5.89 -2.12
C HIS A 35 -0.23 6.15 -1.43
N TRP A 36 0.79 6.37 -2.24
CA TRP A 36 2.14 6.64 -1.76
C TRP A 36 2.16 7.92 -0.92
N ARG A 37 1.36 8.89 -1.33
CA ARG A 37 1.25 10.17 -0.62
C ARG A 37 0.54 9.99 0.72
N CYS A 38 -0.31 8.98 0.81
CA CYS A 38 -1.04 8.70 2.05
C CYS A 38 -0.18 7.86 2.99
N HIS A 39 0.75 7.09 2.42
CA HIS A 39 1.60 6.23 3.22
C HIS A 39 2.87 6.95 3.65
N PHE A 40 3.42 7.75 2.74
CA PHE A 40 4.64 8.49 3.04
C PHE A 40 4.41 9.98 2.79
N PRO A 41 3.63 10.65 3.66
CA PRO A 41 3.24 12.05 3.47
C PRO A 41 4.38 13.03 3.79
N ALA A 42 5.56 12.49 4.05
CA ALA A 42 6.72 13.32 4.36
C ALA A 42 7.38 13.83 3.08
N GLY A 43 6.79 13.52 1.94
CA GLY A 43 7.34 13.96 0.67
C GLY A 43 8.40 13.00 0.16
N THR A 44 8.22 11.72 0.47
CA THR A 44 9.13 10.70 0.00
C THR A 44 9.00 10.54 -1.52
N SER A 45 10.10 10.19 -2.18
CA SER A 45 10.10 10.11 -3.62
C SER A 45 9.63 8.74 -4.09
N ARG A 46 8.57 8.74 -4.89
CA ARG A 46 8.01 7.52 -5.42
C ARG A 46 8.97 6.85 -6.39
N PRO A 47 9.39 5.61 -6.08
CA PRO A 47 10.26 4.83 -6.97
C PRO A 47 9.51 4.33 -8.20
N GLY A 48 10.20 4.30 -9.33
CA GLY A 48 9.57 3.86 -10.57
C GLY A 48 9.93 2.44 -10.92
N THR A 49 10.90 1.87 -10.21
CA THR A 49 11.35 0.51 -10.47
C THR A 49 10.66 -0.49 -9.54
N GLY A 50 9.66 -0.03 -8.81
CA GLY A 50 8.97 -0.90 -7.89
C GLY A 50 8.33 -0.13 -6.75
N LEU A 51 7.02 -0.20 -6.65
CA LEU A 51 6.29 0.50 -5.61
C LEU A 51 6.16 -0.42 -4.39
N ARG A 52 6.64 0.05 -3.24
CA ARG A 52 6.59 -0.75 -2.02
C ARG A 52 5.61 -0.17 -1.02
N CYS A 53 5.01 -1.06 -0.23
CA CYS A 53 4.06 -0.67 0.79
C CYS A 53 4.71 -0.69 2.16
N ARG A 54 3.95 -0.38 3.20
CA ARG A 54 4.52 -0.20 4.54
C ARG A 54 5.27 -1.44 5.04
N SER A 55 4.73 -2.62 4.74
CA SER A 55 5.33 -3.87 5.22
C SER A 55 6.72 -4.09 4.65
N CYS A 56 6.81 -4.10 3.33
CA CYS A 56 8.06 -4.41 2.64
C CYS A 56 9.07 -3.27 2.76
N SER A 57 8.58 -2.05 2.97
CA SER A 57 9.44 -0.89 3.05
C SER A 57 9.66 -0.47 4.50
N GLY A 58 9.42 -1.39 5.42
CA GLY A 58 9.59 -1.07 6.82
C GLY A 58 9.77 -2.29 7.68
N ASP A 59 10.78 -3.09 7.38
CA ASP A 59 11.09 -4.26 8.20
C ASP A 59 12.07 -3.88 9.30
N VAL A 60 11.54 -3.25 10.34
CA VAL A 60 12.35 -2.84 11.48
C VAL A 60 12.37 -3.93 12.53
N THR A 61 13.55 -4.48 12.81
CA THR A 61 13.68 -5.51 13.81
C THR A 61 13.59 -4.90 15.21
N PRO A 62 12.77 -5.50 16.09
CA PRO A 62 12.61 -5.01 17.47
C PRO A 62 13.91 -5.09 18.26
N ALA A 63 14.20 -4.03 18.99
CA ALA A 63 15.44 -3.93 19.75
C ALA A 63 15.50 -5.02 20.82
N PRO A 64 16.61 -5.77 20.88
CA PRO A 64 16.78 -6.85 21.85
C PRO A 64 16.77 -6.34 23.29
N VAL A 65 15.67 -6.58 23.98
CA VAL A 65 15.50 -6.13 25.34
C VAL A 65 15.29 -7.31 26.29
N GLU A 66 16.01 -7.31 27.39
CA GLU A 66 15.87 -8.36 28.38
C GLU A 66 15.02 -7.88 29.55
N GLY A 1 -23.80 -24.38 -13.95
CA GLY A 1 -24.43 -23.79 -12.74
C GLY A 1 -24.81 -22.34 -12.96
N ALA A 2 -25.67 -21.82 -12.11
CA ALA A 2 -26.15 -20.46 -12.23
C ALA A 2 -25.06 -19.46 -11.85
N MET A 3 -24.18 -19.87 -10.95
CA MET A 3 -23.05 -19.05 -10.56
C MET A 3 -21.77 -19.59 -11.20
N GLU A 4 -21.65 -19.35 -12.50
CA GLU A 4 -20.52 -19.85 -13.27
C GLU A 4 -19.30 -18.95 -13.08
N GLY A 5 -19.55 -17.69 -12.74
CA GLY A 5 -18.48 -16.75 -12.52
C GLY A 5 -17.64 -17.11 -11.31
N GLN A 6 -16.32 -17.06 -11.47
CA GLN A 6 -15.40 -17.43 -10.41
C GLN A 6 -15.38 -16.36 -9.32
N GLN A 7 -15.18 -15.11 -9.74
CA GLN A 7 -15.21 -13.95 -8.85
C GLN A 7 -14.21 -14.07 -7.70
N ASN A 8 -13.05 -13.44 -7.87
CA ASN A 8 -12.03 -13.43 -6.84
C ASN A 8 -12.41 -12.43 -5.74
N LEU A 9 -12.33 -12.88 -4.50
CA LEU A 9 -12.73 -12.05 -3.36
C LEU A 9 -11.55 -11.22 -2.87
N ALA A 10 -11.26 -10.15 -3.60
CA ALA A 10 -10.16 -9.26 -3.26
C ALA A 10 -10.63 -8.19 -2.28
N PRO A 11 -9.75 -7.74 -1.36
CA PRO A 11 -10.05 -6.68 -0.41
C PRO A 11 -10.35 -5.35 -1.09
N GLY A 12 -9.98 -5.27 -2.36
CA GLY A 12 -10.29 -4.10 -3.16
C GLY A 12 -9.08 -3.23 -3.40
N ALA A 13 -9.26 -2.23 -4.25
CA ALA A 13 -8.20 -1.27 -4.52
C ALA A 13 -8.59 0.08 -3.95
N ARG A 14 -8.49 0.21 -2.64
CA ARG A 14 -8.93 1.40 -1.94
C ARG A 14 -7.92 1.79 -0.86
N CYS A 15 -7.53 3.07 -0.86
CA CYS A 15 -6.60 3.59 0.14
C CYS A 15 -7.27 3.63 1.51
N GLY A 16 -6.81 2.79 2.42
CA GLY A 16 -7.40 2.70 3.75
C GLY A 16 -7.25 4.00 4.54
N VAL A 17 -6.32 4.83 4.11
CA VAL A 17 -6.09 6.12 4.76
C VAL A 17 -7.17 7.12 4.35
N CYS A 18 -7.68 6.97 3.14
CA CYS A 18 -8.65 7.93 2.60
C CYS A 18 -10.06 7.34 2.50
N GLY A 19 -10.13 6.02 2.49
CA GLY A 19 -11.40 5.35 2.28
C GLY A 19 -11.85 5.46 0.83
N ASP A 20 -10.88 5.75 -0.03
CA ASP A 20 -11.14 5.96 -1.44
C ASP A 20 -10.02 5.34 -2.28
N GLY A 21 -10.35 4.83 -3.45
CA GLY A 21 -9.36 4.17 -4.28
C GLY A 21 -9.14 4.83 -5.62
N THR A 22 -9.31 6.15 -5.68
CA THR A 22 -9.05 6.89 -6.91
C THR A 22 -7.54 7.03 -7.12
N ASP A 23 -7.05 6.52 -8.26
CA ASP A 23 -5.62 6.51 -8.57
C ASP A 23 -4.83 5.86 -7.45
N VAL A 24 -5.23 4.66 -7.08
CA VAL A 24 -4.64 3.99 -5.94
C VAL A 24 -3.42 3.18 -6.36
N LEU A 25 -2.39 3.21 -5.54
CA LEU A 25 -1.15 2.50 -5.84
C LEU A 25 -1.22 1.08 -5.32
N ARG A 26 -0.56 0.17 -6.03
CA ARG A 26 -0.52 -1.23 -5.67
C ARG A 26 0.90 -1.62 -5.26
N CYS A 27 1.02 -2.59 -4.37
CA CYS A 27 2.33 -3.07 -3.96
C CYS A 27 2.81 -4.13 -4.93
N THR A 28 4.07 -4.04 -5.32
CA THR A 28 4.65 -5.00 -6.25
C THR A 28 5.09 -6.27 -5.53
N HIS A 29 5.24 -6.16 -4.22
CA HIS A 29 5.73 -7.28 -3.42
C HIS A 29 4.60 -8.00 -2.71
N CYS A 30 3.48 -7.33 -2.51
CA CYS A 30 2.32 -7.95 -1.87
C CYS A 30 1.05 -7.30 -2.40
N ALA A 31 -0.06 -7.52 -1.71
CA ALA A 31 -1.34 -6.95 -2.11
C ALA A 31 -1.67 -5.76 -1.23
N ALA A 32 -1.73 -4.58 -1.82
CA ALA A 32 -2.00 -3.36 -1.07
C ALA A 32 -2.54 -2.27 -1.97
N ALA A 33 -3.41 -1.44 -1.40
CA ALA A 33 -3.98 -0.31 -2.12
C ALA A 33 -3.89 0.93 -1.25
N PHE A 34 -3.07 1.88 -1.68
CA PHE A 34 -2.84 3.09 -0.91
C PHE A 34 -2.34 4.19 -1.84
N HIS A 35 -2.38 5.42 -1.37
CA HIS A 35 -1.75 6.51 -2.09
C HIS A 35 -0.38 6.74 -1.52
N TRP A 36 0.61 6.97 -2.37
CA TRP A 36 1.99 7.16 -1.93
C TRP A 36 2.08 8.12 -0.74
N ARG A 37 1.48 9.29 -0.90
CA ARG A 37 1.57 10.35 0.10
C ARG A 37 0.80 10.02 1.37
N CYS A 38 0.07 8.93 1.35
CA CYS A 38 -0.70 8.49 2.51
C CYS A 38 0.12 7.55 3.38
N HIS A 39 1.15 6.96 2.78
CA HIS A 39 2.08 6.12 3.54
C HIS A 39 3.38 6.85 3.77
N PHE A 40 3.80 7.65 2.81
CA PHE A 40 5.04 8.40 2.90
C PHE A 40 4.76 9.89 2.75
N PRO A 41 5.54 10.75 3.42
CA PRO A 41 5.42 12.19 3.29
C PRO A 41 5.76 12.67 1.89
N ALA A 42 5.29 13.86 1.55
CA ALA A 42 5.44 14.41 0.20
C ALA A 42 6.90 14.71 -0.13
N GLY A 43 7.76 14.61 0.87
CA GLY A 43 9.18 14.80 0.65
C GLY A 43 9.84 13.54 0.12
N THR A 44 9.08 12.45 0.09
CA THR A 44 9.57 11.18 -0.42
C THR A 44 9.11 10.99 -1.86
N SER A 45 10.04 10.60 -2.72
CA SER A 45 9.73 10.40 -4.13
C SER A 45 9.27 8.96 -4.37
N ARG A 46 8.30 8.81 -5.25
CA ARG A 46 7.74 7.49 -5.56
C ARG A 46 8.64 6.74 -6.54
N PRO A 47 9.03 5.51 -6.20
CA PRO A 47 9.80 4.64 -7.09
C PRO A 47 9.07 4.41 -8.41
N GLY A 48 9.81 4.50 -9.50
CA GLY A 48 9.23 4.28 -10.82
C GLY A 48 9.06 2.81 -11.12
N THR A 49 9.85 1.99 -10.47
CA THR A 49 9.76 0.56 -10.62
C THR A 49 9.93 -0.12 -9.26
N GLY A 50 9.08 -1.10 -8.98
CA GLY A 50 9.16 -1.80 -7.72
C GLY A 50 8.56 -1.01 -6.58
N LEU A 51 7.31 -0.58 -6.76
CA LEU A 51 6.62 0.16 -5.72
C LEU A 51 6.32 -0.76 -4.54
N ARG A 52 6.80 -0.39 -3.37
CA ARG A 52 6.65 -1.22 -2.19
C ARG A 52 5.85 -0.48 -1.11
N CYS A 53 4.93 -1.19 -0.48
CA CYS A 53 4.15 -0.62 0.60
C CYS A 53 5.01 -0.49 1.85
N ARG A 54 4.48 0.20 2.87
CA ARG A 54 5.23 0.50 4.08
C ARG A 54 5.91 -0.74 4.67
N SER A 55 5.15 -1.82 4.80
CA SER A 55 5.67 -3.05 5.37
C SER A 55 6.80 -3.64 4.51
N CYS A 56 6.58 -3.69 3.20
CA CYS A 56 7.57 -4.28 2.30
C CYS A 56 8.81 -3.39 2.14
N SER A 57 8.63 -2.08 2.22
CA SER A 57 9.73 -1.15 2.04
C SER A 57 10.56 -1.01 3.32
N GLY A 58 10.01 -1.49 4.43
CA GLY A 58 10.70 -1.40 5.69
C GLY A 58 11.37 -2.70 6.07
N ASP A 59 11.86 -2.77 7.30
CA ASP A 59 12.51 -3.98 7.78
C ASP A 59 11.77 -4.54 8.97
N VAL A 60 11.41 -5.81 8.89
CA VAL A 60 10.75 -6.48 10.00
C VAL A 60 11.76 -7.31 10.77
N THR A 61 11.88 -7.04 12.05
CA THR A 61 12.80 -7.76 12.91
C THR A 61 12.02 -8.64 13.88
N PRO A 62 12.00 -9.96 13.63
CA PRO A 62 11.33 -10.92 14.51
C PRO A 62 12.12 -11.15 15.80
N ALA A 63 11.41 -11.37 16.90
CA ALA A 63 12.04 -11.57 18.19
C ALA A 63 12.42 -13.03 18.40
N PRO A 64 13.71 -13.31 18.60
CA PRO A 64 14.21 -14.67 18.79
C PRO A 64 13.87 -15.24 20.16
N VAL A 65 12.61 -15.60 20.34
CA VAL A 65 12.14 -16.14 21.60
C VAL A 65 12.25 -17.67 21.61
N GLU A 66 13.48 -18.16 21.53
CA GLU A 66 13.73 -19.59 21.54
C GLU A 66 14.19 -20.03 22.92
N GLY A 1 -21.25 -11.68 22.72
CA GLY A 1 -20.92 -11.00 21.44
C GLY A 1 -19.97 -11.81 20.60
N ALA A 2 -20.29 -11.97 19.33
CA ALA A 2 -19.47 -12.76 18.43
C ALA A 2 -18.56 -11.87 17.59
N MET A 3 -18.64 -10.57 17.81
CA MET A 3 -17.79 -9.62 17.12
C MET A 3 -16.39 -9.64 17.75
N GLU A 4 -15.63 -10.64 17.39
CA GLU A 4 -14.29 -10.82 17.92
C GLU A 4 -13.27 -11.02 16.79
N GLY A 5 -12.04 -11.31 17.15
CA GLY A 5 -11.03 -11.56 16.15
C GLY A 5 -9.64 -11.23 16.66
N GLN A 6 -8.79 -10.76 15.76
CA GLN A 6 -7.43 -10.38 16.11
C GLN A 6 -6.84 -9.49 15.01
N GLN A 7 -6.59 -10.09 13.86
CA GLN A 7 -6.13 -9.33 12.70
C GLN A 7 -7.23 -9.28 11.66
N ASN A 8 -8.31 -8.59 11.98
CA ASN A 8 -9.48 -8.54 11.11
C ASN A 8 -9.33 -7.46 10.06
N LEU A 9 -8.35 -7.63 9.18
CA LEU A 9 -8.18 -6.71 8.06
C LEU A 9 -9.13 -7.09 6.93
N ALA A 10 -9.98 -6.16 6.56
CA ALA A 10 -10.96 -6.39 5.50
C ALA A 10 -10.27 -6.72 4.18
N PRO A 11 -10.69 -7.82 3.52
CA PRO A 11 -10.17 -8.20 2.20
C PRO A 11 -10.56 -7.19 1.12
N GLY A 12 -9.90 -6.05 1.13
CA GLY A 12 -10.13 -5.03 0.14
C GLY A 12 -8.95 -4.10 0.01
N ALA A 13 -8.45 -3.93 -1.20
CA ALA A 13 -7.30 -3.08 -1.44
C ALA A 13 -7.73 -1.63 -1.59
N ARG A 14 -7.72 -0.89 -0.49
CA ARG A 14 -8.12 0.50 -0.48
C ARG A 14 -7.18 1.31 0.39
N CYS A 15 -7.07 2.61 0.11
CA CYS A 15 -6.26 3.50 0.94
C CYS A 15 -7.01 3.77 2.23
N GLY A 16 -6.56 3.15 3.33
CA GLY A 16 -7.23 3.28 4.61
C GLY A 16 -7.29 4.70 5.11
N VAL A 17 -6.35 5.52 4.66
CA VAL A 17 -6.31 6.93 5.06
C VAL A 17 -7.46 7.71 4.41
N CYS A 18 -7.86 7.29 3.22
CA CYS A 18 -8.83 8.03 2.45
C CYS A 18 -10.17 7.31 2.34
N GLY A 19 -10.18 6.02 2.61
CA GLY A 19 -11.36 5.21 2.40
C GLY A 19 -11.70 5.14 0.93
N ASP A 20 -10.66 5.28 0.11
CA ASP A 20 -10.83 5.43 -1.34
C ASP A 20 -9.72 4.70 -2.08
N GLY A 21 -10.03 4.20 -3.26
CA GLY A 21 -9.04 3.51 -4.07
C GLY A 21 -8.96 4.12 -5.46
N THR A 22 -9.33 5.38 -5.59
CA THR A 22 -9.26 6.08 -6.86
C THR A 22 -7.84 6.55 -7.14
N ASP A 23 -7.33 6.23 -8.33
CA ASP A 23 -5.98 6.61 -8.70
C ASP A 23 -5.00 6.08 -7.66
N VAL A 24 -5.12 4.79 -7.39
CA VAL A 24 -4.40 4.18 -6.31
C VAL A 24 -3.17 3.43 -6.81
N LEU A 25 -2.15 3.36 -5.98
CA LEU A 25 -0.94 2.62 -6.30
C LEU A 25 -1.07 1.20 -5.79
N ARG A 26 -0.51 0.26 -6.55
CA ARG A 26 -0.57 -1.15 -6.19
C ARG A 26 0.81 -1.64 -5.80
N CYS A 27 0.89 -2.31 -4.66
CA CYS A 27 2.16 -2.88 -4.22
C CYS A 27 2.57 -4.01 -5.15
N THR A 28 3.83 -4.03 -5.55
CA THR A 28 4.35 -5.06 -6.45
C THR A 28 4.93 -6.22 -5.65
N HIS A 29 5.17 -5.99 -4.37
CA HIS A 29 5.73 -7.02 -3.52
C HIS A 29 4.66 -7.73 -2.72
N CYS A 30 3.50 -7.11 -2.61
CA CYS A 30 2.37 -7.71 -1.93
C CYS A 30 1.07 -7.17 -2.53
N ALA A 31 -0.04 -7.48 -1.91
CA ALA A 31 -1.32 -6.99 -2.36
C ALA A 31 -1.77 -5.83 -1.48
N ALA A 32 -1.84 -4.64 -2.09
CA ALA A 32 -2.22 -3.44 -1.36
C ALA A 32 -2.42 -2.29 -2.32
N ALA A 33 -3.47 -1.53 -2.09
CA ALA A 33 -3.75 -0.34 -2.87
C ALA A 33 -3.74 0.87 -1.97
N PHE A 34 -2.77 1.74 -2.16
CA PHE A 34 -2.63 2.93 -1.32
C PHE A 34 -2.11 4.08 -2.14
N HIS A 35 -2.37 5.30 -1.69
CA HIS A 35 -1.78 6.48 -2.31
C HIS A 35 -0.46 6.76 -1.64
N TRP A 36 0.60 6.92 -2.42
CA TRP A 36 1.97 7.03 -1.89
C TRP A 36 2.04 8.03 -0.73
N ARG A 37 1.56 9.24 -0.98
CA ARG A 37 1.70 10.35 -0.03
C ARG A 37 0.89 10.14 1.24
N CYS A 38 -0.03 9.19 1.22
CA CYS A 38 -0.85 8.89 2.37
C CYS A 38 -0.09 8.01 3.37
N HIS A 39 0.93 7.32 2.87
CA HIS A 39 1.80 6.51 3.72
C HIS A 39 3.13 7.19 3.92
N PHE A 40 3.69 7.72 2.84
CA PHE A 40 4.99 8.34 2.87
C PHE A 40 4.88 9.84 2.68
N PRO A 41 5.68 10.62 3.43
CA PRO A 41 5.71 12.08 3.31
C PRO A 41 6.21 12.50 1.94
N ALA A 42 5.88 13.72 1.56
CA ALA A 42 6.16 14.24 0.22
C ALA A 42 7.65 14.34 -0.05
N GLY A 43 8.46 14.22 0.99
CA GLY A 43 9.91 14.19 0.81
C GLY A 43 10.36 12.86 0.23
N THR A 44 9.65 11.80 0.57
CA THR A 44 9.97 10.48 0.07
C THR A 44 9.56 10.35 -1.39
N SER A 45 10.46 9.84 -2.22
CA SER A 45 10.23 9.77 -3.64
C SER A 45 9.53 8.45 -4.02
N ARG A 46 8.51 8.56 -4.86
CA ARG A 46 7.78 7.39 -5.34
C ARG A 46 8.61 6.65 -6.39
N PRO A 47 9.07 5.44 -6.05
CA PRO A 47 9.98 4.67 -6.90
C PRO A 47 9.30 4.13 -8.15
N GLY A 48 9.99 4.26 -9.27
CA GLY A 48 9.48 3.72 -10.53
C GLY A 48 9.98 2.31 -10.77
N THR A 49 10.77 1.80 -9.84
CA THR A 49 11.28 0.45 -9.91
C THR A 49 10.89 -0.36 -8.68
N GLY A 50 9.68 -0.90 -8.70
CA GLY A 50 9.21 -1.70 -7.59
C GLY A 50 8.48 -0.89 -6.54
N LEU A 51 7.18 -0.73 -6.73
CA LEU A 51 6.36 0.01 -5.78
C LEU A 51 6.09 -0.87 -4.56
N ARG A 52 6.46 -0.39 -3.39
CA ARG A 52 6.32 -1.19 -2.19
C ARG A 52 5.71 -0.36 -1.06
N CYS A 53 4.75 -0.96 -0.37
CA CYS A 53 4.09 -0.33 0.76
C CYS A 53 5.02 -0.28 1.96
N ARG A 54 4.61 0.39 3.04
CA ARG A 54 5.51 0.57 4.20
C ARG A 54 5.89 -0.77 4.83
N SER A 55 4.97 -1.73 4.78
CA SER A 55 5.25 -3.06 5.27
C SER A 55 6.38 -3.69 4.45
N CYS A 56 6.31 -3.50 3.14
CA CYS A 56 7.32 -4.02 2.22
C CYS A 56 8.63 -3.23 2.27
N SER A 57 8.55 -1.94 2.58
CA SER A 57 9.73 -1.07 2.53
C SER A 57 10.64 -1.34 3.73
N GLY A 58 10.10 -2.02 4.72
CA GLY A 58 10.89 -2.43 5.86
C GLY A 58 10.70 -3.91 6.12
N ASP A 59 10.97 -4.35 7.33
CA ASP A 59 10.75 -5.74 7.69
C ASP A 59 9.77 -5.85 8.84
N VAL A 60 8.77 -6.70 8.66
CA VAL A 60 7.75 -6.90 9.67
C VAL A 60 8.06 -8.13 10.51
N THR A 61 9.33 -8.28 10.87
CA THR A 61 9.79 -9.44 11.61
C THR A 61 9.31 -9.39 13.07
N PRO A 62 8.48 -10.35 13.47
CA PRO A 62 8.04 -10.47 14.85
C PRO A 62 9.06 -11.23 15.70
N ALA A 63 9.26 -10.76 16.92
CA ALA A 63 10.20 -11.41 17.83
C ALA A 63 9.60 -12.69 18.39
N PRO A 64 10.27 -13.83 18.18
CA PRO A 64 9.77 -15.13 18.63
C PRO A 64 9.77 -15.26 20.15
N VAL A 65 8.67 -14.87 20.76
CA VAL A 65 8.51 -14.98 22.20
C VAL A 65 7.91 -16.32 22.59
N GLU A 66 8.31 -16.82 23.74
CA GLU A 66 7.86 -18.11 24.23
C GLU A 66 6.58 -17.95 25.03
N GLY A 1 -16.61 4.47 -18.65
CA GLY A 1 -17.17 5.27 -17.53
C GLY A 1 -18.22 4.51 -16.74
N ALA A 2 -19.43 4.43 -17.29
CA ALA A 2 -20.53 3.77 -16.60
C ALA A 2 -20.78 2.38 -17.15
N MET A 3 -19.82 1.48 -16.93
CA MET A 3 -19.97 0.10 -17.38
C MET A 3 -19.73 -0.87 -16.23
N GLU A 4 -19.88 -0.39 -15.01
CA GLU A 4 -19.68 -1.22 -13.83
C GLU A 4 -20.97 -1.92 -13.44
N GLY A 5 -21.41 -2.85 -14.28
CA GLY A 5 -22.61 -3.61 -13.99
C GLY A 5 -22.39 -4.65 -12.92
N GLN A 6 -21.15 -5.11 -12.81
CA GLN A 6 -20.79 -6.07 -11.78
C GLN A 6 -20.27 -5.34 -10.56
N GLN A 7 -19.36 -4.39 -10.79
CA GLN A 7 -18.80 -3.54 -9.73
C GLN A 7 -18.27 -4.39 -8.57
N ASN A 8 -17.14 -5.02 -8.78
CA ASN A 8 -16.56 -5.91 -7.78
C ASN A 8 -15.54 -5.19 -6.92
N LEU A 9 -15.48 -5.56 -5.66
CA LEU A 9 -14.58 -4.92 -4.72
C LEU A 9 -13.67 -5.94 -4.06
N ALA A 10 -12.37 -5.81 -4.29
CA ALA A 10 -11.38 -6.65 -3.65
C ALA A 10 -11.23 -6.27 -2.18
N PRO A 11 -10.97 -7.28 -1.31
CA PRO A 11 -10.87 -7.08 0.15
C PRO A 11 -9.95 -5.95 0.56
N GLY A 12 -10.54 -4.79 0.83
CA GLY A 12 -9.80 -3.66 1.35
C GLY A 12 -8.92 -3.02 0.31
N ALA A 13 -9.25 -3.20 -0.97
CA ALA A 13 -8.44 -2.62 -2.04
C ALA A 13 -8.81 -1.15 -2.25
N ARG A 14 -8.41 -0.34 -1.30
CA ARG A 14 -8.65 1.11 -1.31
C ARG A 14 -7.70 1.74 -0.29
N CYS A 15 -7.38 3.01 -0.47
CA CYS A 15 -6.54 3.72 0.48
C CYS A 15 -7.24 3.80 1.82
N GLY A 16 -6.75 3.05 2.80
CA GLY A 16 -7.40 2.99 4.10
C GLY A 16 -7.40 4.32 4.84
N VAL A 17 -6.59 5.24 4.36
CA VAL A 17 -6.51 6.57 4.95
C VAL A 17 -7.64 7.45 4.42
N CYS A 18 -8.05 7.21 3.18
CA CYS A 18 -9.03 8.05 2.52
C CYS A 18 -10.38 7.35 2.37
N GLY A 19 -10.35 6.01 2.32
CA GLY A 19 -11.54 5.24 2.06
C GLY A 19 -11.88 5.23 0.58
N ASP A 20 -10.85 5.42 -0.23
CA ASP A 20 -11.03 5.57 -1.67
C ASP A 20 -9.90 4.87 -2.44
N GLY A 21 -10.25 4.26 -3.56
CA GLY A 21 -9.27 3.56 -4.36
C GLY A 21 -9.01 4.24 -5.69
N THR A 22 -9.42 5.50 -5.79
CA THR A 22 -9.20 6.28 -6.98
C THR A 22 -7.77 6.80 -7.02
N ASP A 23 -7.08 6.59 -8.13
CA ASP A 23 -5.68 7.00 -8.28
C ASP A 23 -4.81 6.36 -7.21
N VAL A 24 -5.10 5.10 -6.93
CA VAL A 24 -4.44 4.38 -5.87
C VAL A 24 -3.19 3.69 -6.39
N LEU A 25 -2.20 3.52 -5.53
CA LEU A 25 -0.99 2.81 -5.88
C LEU A 25 -1.02 1.40 -5.32
N ARG A 26 -0.35 0.50 -5.99
CA ARG A 26 -0.38 -0.91 -5.62
C ARG A 26 1.03 -1.39 -5.29
N CYS A 27 1.14 -2.22 -4.26
CA CYS A 27 2.41 -2.83 -3.92
C CYS A 27 2.72 -3.92 -4.95
N THR A 28 3.99 -4.06 -5.31
CA THR A 28 4.39 -5.08 -6.26
C THR A 28 4.91 -6.32 -5.53
N HIS A 29 5.31 -6.14 -4.28
CA HIS A 29 5.85 -7.23 -3.48
C HIS A 29 4.73 -7.93 -2.72
N CYS A 30 3.61 -7.21 -2.55
CA CYS A 30 2.43 -7.79 -1.94
C CYS A 30 1.21 -7.06 -2.50
N ALA A 31 0.03 -7.39 -1.99
CA ALA A 31 -1.19 -6.76 -2.46
C ALA A 31 -1.65 -5.70 -1.47
N ALA A 32 -1.64 -4.46 -1.91
CA ALA A 32 -2.06 -3.34 -1.08
C ALA A 32 -2.36 -2.12 -1.94
N ALA A 33 -3.46 -1.45 -1.64
CA ALA A 33 -3.86 -0.24 -2.34
C ALA A 33 -3.76 0.95 -1.42
N PHE A 34 -2.93 1.92 -1.79
CA PHE A 34 -2.72 3.11 -0.98
C PHE A 34 -2.23 4.26 -1.84
N HIS A 35 -2.55 5.48 -1.44
CA HIS A 35 -1.98 6.66 -2.09
C HIS A 35 -0.60 6.92 -1.50
N TRP A 36 0.37 7.22 -2.35
CA TRP A 36 1.75 7.40 -1.88
C TRP A 36 1.82 8.35 -0.69
N ARG A 37 1.25 9.54 -0.83
CA ARG A 37 1.35 10.59 0.18
C ARG A 37 0.61 10.23 1.47
N CYS A 38 -0.25 9.24 1.40
CA CYS A 38 -1.03 8.81 2.55
C CYS A 38 -0.25 7.82 3.40
N HIS A 39 0.75 7.19 2.79
CA HIS A 39 1.61 6.25 3.50
C HIS A 39 2.99 6.84 3.73
N PHE A 40 3.54 7.44 2.70
CA PHE A 40 4.88 8.00 2.74
C PHE A 40 4.84 9.51 2.56
N PRO A 41 5.76 10.23 3.23
CA PRO A 41 5.89 11.67 3.08
C PRO A 41 6.11 12.08 1.62
N ALA A 42 5.55 13.21 1.25
CA ALA A 42 5.56 13.70 -0.12
C ALA A 42 6.98 13.99 -0.61
N GLY A 43 7.92 14.09 0.32
CA GLY A 43 9.30 14.31 -0.05
C GLY A 43 9.98 13.03 -0.52
N THR A 44 9.39 11.89 -0.17
CA THR A 44 9.91 10.59 -0.58
C THR A 44 9.61 10.35 -2.06
N SER A 45 10.50 9.64 -2.73
CA SER A 45 10.38 9.43 -4.17
C SER A 45 9.53 8.21 -4.47
N ARG A 46 8.46 8.42 -5.22
CA ARG A 46 7.55 7.34 -5.59
C ARG A 46 8.21 6.40 -6.59
N PRO A 47 8.35 5.11 -6.25
CA PRO A 47 8.92 4.11 -7.15
C PRO A 47 8.06 3.90 -8.39
N GLY A 48 8.69 3.91 -9.55
CA GLY A 48 7.99 3.64 -10.79
C GLY A 48 7.89 2.16 -11.05
N THR A 49 8.99 1.46 -10.83
CA THR A 49 9.00 0.02 -10.94
C THR A 49 9.28 -0.61 -9.58
N GLY A 50 8.52 -1.65 -9.25
CA GLY A 50 8.68 -2.31 -7.97
C GLY A 50 8.30 -1.41 -6.81
N LEU A 51 7.03 -1.03 -6.75
CA LEU A 51 6.54 -0.17 -5.69
C LEU A 51 6.35 -0.98 -4.41
N ARG A 52 6.87 -0.45 -3.31
CA ARG A 52 6.82 -1.15 -2.03
C ARG A 52 5.96 -0.39 -1.04
N CYS A 53 5.07 -1.11 -0.36
CA CYS A 53 4.30 -0.54 0.73
C CYS A 53 5.18 -0.42 1.96
N ARG A 54 4.65 0.11 3.07
CA ARG A 54 5.46 0.38 4.26
C ARG A 54 6.15 -0.88 4.77
N SER A 55 5.44 -2.00 4.75
CA SER A 55 5.97 -3.25 5.24
C SER A 55 7.08 -3.78 4.33
N CYS A 56 6.82 -3.80 3.03
CA CYS A 56 7.78 -4.30 2.06
C CYS A 56 8.96 -3.34 1.89
N SER A 57 8.76 -2.09 2.31
CA SER A 57 9.81 -1.08 2.21
C SER A 57 10.66 -1.06 3.48
N GLY A 58 10.43 -2.03 4.35
CA GLY A 58 11.20 -2.14 5.57
C GLY A 58 12.32 -3.14 5.45
N ASP A 59 12.56 -3.88 6.52
CA ASP A 59 13.61 -4.89 6.54
C ASP A 59 13.02 -6.24 6.89
N VAL A 60 13.54 -7.29 6.28
CA VAL A 60 13.06 -8.64 6.54
C VAL A 60 13.94 -9.33 7.56
N THR A 61 13.31 -9.90 8.57
CA THR A 61 14.05 -10.56 9.64
C THR A 61 14.05 -12.06 9.44
N PRO A 62 15.22 -12.70 9.64
CA PRO A 62 15.34 -14.16 9.58
C PRO A 62 14.74 -14.82 10.82
N ALA A 63 13.95 -15.86 10.61
CA ALA A 63 13.30 -16.56 11.71
C ALA A 63 14.33 -17.27 12.58
N PRO A 64 14.36 -16.97 13.89
CA PRO A 64 15.29 -17.58 14.84
C PRO A 64 14.93 -19.04 15.13
N VAL A 65 15.31 -19.93 14.23
CA VAL A 65 14.95 -21.33 14.33
C VAL A 65 16.12 -22.18 14.80
N GLU A 66 17.26 -21.56 15.01
CA GLU A 66 18.45 -22.27 15.46
C GLU A 66 18.86 -21.79 16.85
N GLY A 1 -20.81 -22.26 11.45
CA GLY A 1 -20.38 -21.64 12.73
C GLY A 1 -20.27 -20.14 12.63
N ALA A 2 -20.95 -19.44 13.52
CA ALA A 2 -20.91 -17.98 13.53
C ALA A 2 -19.63 -17.45 14.14
N MET A 3 -19.26 -16.24 13.77
CA MET A 3 -18.03 -15.62 14.28
C MET A 3 -18.23 -14.11 14.39
N GLU A 4 -18.05 -13.58 15.59
CA GLU A 4 -18.21 -12.14 15.83
C GLU A 4 -16.96 -11.37 15.40
N GLY A 5 -16.54 -11.59 14.16
CA GLY A 5 -15.37 -10.92 13.65
C GLY A 5 -15.70 -9.83 12.66
N GLN A 6 -15.24 -8.63 12.95
CA GLN A 6 -15.43 -7.50 12.05
C GLN A 6 -14.14 -7.26 11.27
N GLN A 7 -13.14 -8.07 11.57
CA GLN A 7 -11.86 -8.00 10.89
C GLN A 7 -11.86 -8.92 9.68
N ASN A 8 -10.69 -9.03 9.04
CA ASN A 8 -10.52 -9.89 7.87
C ASN A 8 -11.32 -9.38 6.68
N LEU A 9 -11.63 -8.08 6.72
CA LEU A 9 -12.41 -7.46 5.66
C LEU A 9 -11.55 -6.46 4.89
N ALA A 10 -10.93 -6.94 3.82
CA ALA A 10 -10.10 -6.10 2.99
C ALA A 10 -10.98 -5.18 2.14
N PRO A 11 -10.73 -3.86 2.19
CA PRO A 11 -11.51 -2.87 1.43
C PRO A 11 -11.35 -3.00 -0.08
N GLY A 12 -10.46 -3.89 -0.50
CA GLY A 12 -10.20 -4.09 -1.91
C GLY A 12 -9.22 -3.07 -2.44
N ALA A 13 -9.59 -2.39 -3.51
CA ALA A 13 -8.74 -1.35 -4.07
C ALA A 13 -9.08 -0.01 -3.44
N ARG A 14 -8.68 0.18 -2.19
CA ARG A 14 -8.94 1.41 -1.47
C ARG A 14 -7.78 1.73 -0.53
N CYS A 15 -7.31 2.96 -0.59
CA CYS A 15 -6.27 3.46 0.30
C CYS A 15 -6.80 3.46 1.74
N GLY A 16 -6.21 2.62 2.59
CA GLY A 16 -6.70 2.45 3.95
C GLY A 16 -6.73 3.74 4.74
N VAL A 17 -5.93 4.71 4.33
CA VAL A 17 -5.88 6.00 5.00
C VAL A 17 -7.05 6.87 4.57
N CYS A 18 -7.52 6.67 3.35
CA CYS A 18 -8.55 7.54 2.78
C CYS A 18 -9.91 6.86 2.69
N GLY A 19 -9.91 5.54 2.50
CA GLY A 19 -11.14 4.82 2.23
C GLY A 19 -11.49 4.85 0.77
N ASP A 20 -10.75 5.67 0.03
CA ASP A 20 -10.97 5.87 -1.40
C ASP A 20 -9.89 5.17 -2.22
N GLY A 21 -10.26 4.70 -3.40
CA GLY A 21 -9.30 4.04 -4.26
C GLY A 21 -9.17 4.72 -5.61
N THR A 22 -9.43 6.02 -5.66
CA THR A 22 -9.29 6.78 -6.88
C THR A 22 -7.81 7.07 -7.16
N ASP A 23 -7.32 6.55 -8.28
CA ASP A 23 -5.90 6.62 -8.62
C ASP A 23 -5.07 6.05 -7.47
N VAL A 24 -5.25 4.76 -7.23
CA VAL A 24 -4.59 4.10 -6.12
C VAL A 24 -3.34 3.39 -6.60
N LEU A 25 -2.36 3.27 -5.72
CA LEU A 25 -1.13 2.57 -6.04
C LEU A 25 -1.14 1.20 -5.37
N ARG A 26 -0.59 0.22 -6.05
CA ARG A 26 -0.53 -1.14 -5.53
C ARG A 26 0.90 -1.55 -5.28
N CYS A 27 1.12 -2.23 -4.16
CA CYS A 27 2.43 -2.78 -3.84
C CYS A 27 2.83 -3.78 -4.93
N THR A 28 4.10 -3.76 -5.31
CA THR A 28 4.59 -4.67 -6.32
C THR A 28 5.10 -5.96 -5.70
N HIS A 29 5.36 -5.91 -4.40
CA HIS A 29 5.88 -7.08 -3.70
C HIS A 29 4.76 -7.86 -3.05
N CYS A 30 3.65 -7.19 -2.80
CA CYS A 30 2.49 -7.84 -2.21
C CYS A 30 1.23 -7.11 -2.67
N ALA A 31 0.10 -7.43 -2.06
CA ALA A 31 -1.16 -6.83 -2.43
C ALA A 31 -1.56 -5.75 -1.43
N ALA A 32 -1.62 -4.51 -1.90
CA ALA A 32 -1.99 -3.37 -1.05
C ALA A 32 -2.31 -2.15 -1.90
N ALA A 33 -3.53 -1.63 -1.73
CA ALA A 33 -3.97 -0.44 -2.44
C ALA A 33 -3.87 0.78 -1.52
N PHE A 34 -3.04 1.74 -1.90
CA PHE A 34 -2.86 2.95 -1.11
C PHE A 34 -2.32 4.08 -1.98
N HIS A 35 -2.39 5.31 -1.48
CA HIS A 35 -1.78 6.43 -2.17
C HIS A 35 -0.39 6.67 -1.58
N TRP A 36 0.56 7.01 -2.43
CA TRP A 36 1.95 7.20 -2.01
C TRP A 36 2.04 8.31 -0.96
N ARG A 37 1.36 9.43 -1.22
CA ARG A 37 1.41 10.59 -0.34
C ARG A 37 0.79 10.30 1.03
N CYS A 38 0.06 9.19 1.12
CA CYS A 38 -0.60 8.80 2.35
C CYS A 38 0.31 7.93 3.20
N HIS A 39 1.30 7.33 2.56
CA HIS A 39 2.26 6.48 3.25
C HIS A 39 3.58 7.20 3.48
N PHE A 40 4.02 7.95 2.48
CA PHE A 40 5.29 8.65 2.55
C PHE A 40 5.10 10.11 2.21
N PRO A 41 6.07 10.97 2.59
CA PRO A 41 6.01 12.40 2.30
C PRO A 41 5.96 12.69 0.80
N ALA A 42 5.26 13.75 0.43
CA ALA A 42 5.08 14.13 -0.96
C ALA A 42 6.41 14.58 -1.58
N GLY A 43 7.34 14.97 -0.72
CA GLY A 43 8.66 15.34 -1.20
C GLY A 43 9.54 14.13 -1.44
N THR A 44 9.04 12.96 -1.06
CA THR A 44 9.77 11.72 -1.25
C THR A 44 9.33 11.04 -2.54
N SER A 45 10.29 10.57 -3.32
CA SER A 45 10.01 9.95 -4.60
C SER A 45 9.78 8.45 -4.41
N ARG A 46 8.95 7.88 -5.28
CA ARG A 46 8.63 6.47 -5.22
C ARG A 46 9.73 5.65 -5.87
N PRO A 47 10.03 4.47 -5.32
CA PRO A 47 11.06 3.57 -5.87
C PRO A 47 10.71 3.08 -7.26
N GLY A 48 11.67 3.17 -8.17
CA GLY A 48 11.45 2.76 -9.54
C GLY A 48 11.64 1.28 -9.75
N THR A 49 11.99 0.58 -8.69
CA THR A 49 12.14 -0.87 -8.74
C THR A 49 10.82 -1.55 -8.41
N GLY A 50 9.87 -0.77 -7.94
CA GLY A 50 8.58 -1.31 -7.57
C GLY A 50 7.97 -0.58 -6.39
N LEU A 51 6.69 -0.30 -6.47
CA LEU A 51 5.96 0.39 -5.42
C LEU A 51 5.92 -0.46 -4.16
N ARG A 52 6.41 0.12 -3.06
CA ARG A 52 6.50 -0.61 -1.79
C ARG A 52 5.45 -0.09 -0.81
N CYS A 53 4.79 -1.02 -0.12
CA CYS A 53 3.83 -0.65 0.92
C CYS A 53 4.55 -0.48 2.25
N ARG A 54 3.81 -0.18 3.32
CA ARG A 54 4.45 0.09 4.61
C ARG A 54 5.16 -1.16 5.15
N SER A 55 4.54 -2.32 4.98
CA SER A 55 5.11 -3.57 5.49
C SER A 55 6.37 -3.95 4.71
N CYS A 56 6.29 -3.92 3.39
CA CYS A 56 7.43 -4.30 2.55
C CYS A 56 8.57 -3.27 2.69
N SER A 57 8.23 -1.99 2.76
CA SER A 57 9.23 -0.95 2.87
C SER A 57 9.78 -0.88 4.29
N GLY A 58 9.08 -1.55 5.22
CA GLY A 58 9.52 -1.59 6.60
C GLY A 58 10.78 -2.41 6.78
N ASP A 59 11.19 -3.10 5.72
CA ASP A 59 12.40 -3.92 5.78
C ASP A 59 13.61 -3.07 5.39
N VAL A 60 13.31 -1.87 4.91
CA VAL A 60 14.35 -0.93 4.53
C VAL A 60 14.67 -0.01 5.71
N THR A 61 15.30 -0.57 6.72
CA THR A 61 15.66 0.17 7.92
C THR A 61 17.17 0.10 8.14
N PRO A 62 17.81 1.24 8.40
CA PRO A 62 19.27 1.31 8.61
C PRO A 62 19.72 0.46 9.80
N ALA A 63 20.79 -0.29 9.59
CA ALA A 63 21.31 -1.20 10.61
C ALA A 63 21.97 -0.45 11.74
N PRO A 64 21.53 -0.69 12.99
CA PRO A 64 22.08 -0.04 14.17
C PRO A 64 23.50 -0.56 14.50
N VAL A 65 24.49 0.27 14.24
CA VAL A 65 25.87 -0.09 14.54
C VAL A 65 26.47 0.90 15.54
N GLU A 66 25.59 1.70 16.13
CA GLU A 66 26.01 2.73 17.06
C GLU A 66 24.98 2.88 18.19
N GLY A 1 -13.79 -27.46 -10.83
CA GLY A 1 -13.87 -27.75 -9.38
C GLY A 1 -12.50 -27.87 -8.75
N ALA A 2 -12.46 -28.30 -7.48
CA ALA A 2 -11.22 -28.47 -6.74
C ALA A 2 -10.41 -27.17 -6.70
N MET A 3 -11.11 -26.06 -6.60
CA MET A 3 -10.47 -24.75 -6.59
C MET A 3 -10.11 -24.35 -5.17
N GLU A 4 -8.86 -23.98 -4.96
CA GLU A 4 -8.42 -23.51 -3.65
C GLU A 4 -8.70 -22.01 -3.52
N GLY A 5 -8.74 -21.52 -2.31
CA GLY A 5 -9.00 -20.11 -2.08
C GLY A 5 -7.88 -19.41 -1.36
N GLN A 6 -7.32 -18.40 -2.00
CA GLN A 6 -6.21 -17.66 -1.42
C GLN A 6 -6.62 -16.20 -1.15
N GLN A 7 -7.93 -16.01 -1.01
CA GLN A 7 -8.52 -14.70 -0.74
C GLN A 7 -8.20 -13.73 -1.88
N ASN A 8 -8.76 -14.01 -3.05
CA ASN A 8 -8.54 -13.17 -4.21
C ASN A 8 -9.31 -11.86 -4.09
N LEU A 9 -10.39 -11.88 -3.33
CA LEU A 9 -11.19 -10.69 -3.08
C LEU A 9 -10.76 -10.06 -1.76
N ALA A 10 -9.84 -9.10 -1.84
CA ALA A 10 -9.30 -8.46 -0.65
C ALA A 10 -10.39 -7.67 0.08
N PRO A 11 -10.41 -7.76 1.42
CA PRO A 11 -11.36 -7.01 2.24
C PRO A 11 -11.04 -5.51 2.28
N GLY A 12 -11.35 -4.85 1.17
CA GLY A 12 -11.12 -3.42 1.10
C GLY A 12 -9.83 -3.08 0.38
N ALA A 13 -9.86 -3.09 -0.94
CA ALA A 13 -8.71 -2.68 -1.72
C ALA A 13 -8.77 -1.18 -1.98
N ARG A 14 -8.51 -0.41 -0.92
CA ARG A 14 -8.57 1.04 -0.98
C ARG A 14 -7.56 1.64 -0.03
N CYS A 15 -7.28 2.92 -0.22
CA CYS A 15 -6.41 3.65 0.69
C CYS A 15 -7.10 3.83 2.04
N GLY A 16 -6.63 3.11 3.04
CA GLY A 16 -7.25 3.16 4.36
C GLY A 16 -7.19 4.54 4.99
N VAL A 17 -6.31 5.38 4.45
CA VAL A 17 -6.19 6.74 4.94
C VAL A 17 -7.33 7.60 4.42
N CYS A 18 -7.84 7.26 3.24
CA CYS A 18 -8.87 8.06 2.59
C CYS A 18 -10.23 7.36 2.57
N GLY A 19 -10.22 6.03 2.56
CA GLY A 19 -11.45 5.27 2.40
C GLY A 19 -11.83 5.17 0.95
N ASP A 20 -10.96 5.69 0.09
CA ASP A 20 -11.19 5.76 -1.34
C ASP A 20 -10.04 5.08 -2.08
N GLY A 21 -10.29 4.57 -3.27
CA GLY A 21 -9.26 3.86 -4.00
C GLY A 21 -9.14 4.31 -5.45
N THR A 22 -9.49 5.56 -5.73
CA THR A 22 -9.33 6.08 -7.08
C THR A 22 -7.87 6.44 -7.32
N ASP A 23 -7.37 6.04 -8.50
CA ASP A 23 -5.99 6.33 -8.88
C ASP A 23 -5.04 5.83 -7.80
N VAL A 24 -5.30 4.63 -7.31
CA VAL A 24 -4.59 4.10 -6.18
C VAL A 24 -3.35 3.34 -6.63
N LEU A 25 -2.31 3.34 -5.81
CA LEU A 25 -1.08 2.65 -6.13
C LEU A 25 -1.11 1.26 -5.52
N ARG A 26 -0.56 0.31 -6.25
CA ARG A 26 -0.53 -1.08 -5.82
C ARG A 26 0.88 -1.49 -5.45
N CYS A 27 1.00 -2.33 -4.42
CA CYS A 27 2.30 -2.83 -4.01
C CYS A 27 2.78 -3.87 -5.02
N THR A 28 4.08 -3.92 -5.23
CA THR A 28 4.68 -4.84 -6.19
C THR A 28 5.07 -6.16 -5.52
N HIS A 29 5.50 -6.07 -4.27
CA HIS A 29 5.96 -7.26 -3.56
C HIS A 29 4.82 -7.95 -2.83
N CYS A 30 3.69 -7.26 -2.70
CA CYS A 30 2.52 -7.86 -2.12
C CYS A 30 1.26 -7.19 -2.69
N ALA A 31 0.11 -7.49 -2.13
CA ALA A 31 -1.14 -6.92 -2.58
C ALA A 31 -1.61 -5.84 -1.62
N ALA A 32 -1.66 -4.61 -2.10
CA ALA A 32 -2.07 -3.48 -1.27
C ALA A 32 -2.46 -2.30 -2.14
N ALA A 33 -3.47 -1.57 -1.70
CA ALA A 33 -3.92 -0.37 -2.38
C ALA A 33 -3.74 0.84 -1.47
N PHE A 34 -2.84 1.73 -1.86
CA PHE A 34 -2.55 2.91 -1.06
C PHE A 34 -2.14 4.07 -1.95
N HIS A 35 -2.35 5.29 -1.46
CA HIS A 35 -1.85 6.47 -2.15
C HIS A 35 -0.47 6.81 -1.61
N TRP A 36 0.48 7.10 -2.48
CA TRP A 36 1.86 7.38 -2.06
C TRP A 36 1.90 8.39 -0.92
N ARG A 37 1.25 9.54 -1.15
CA ARG A 37 1.28 10.65 -0.19
C ARG A 37 0.69 10.24 1.16
N CYS A 38 -0.24 9.31 1.13
CA CYS A 38 -0.95 8.91 2.33
C CYS A 38 -0.14 7.93 3.16
N HIS A 39 0.81 7.26 2.53
CA HIS A 39 1.62 6.27 3.22
C HIS A 39 3.03 6.80 3.46
N PHE A 40 3.51 7.63 2.55
CA PHE A 40 4.87 8.14 2.62
C PHE A 40 4.88 9.66 2.55
N PRO A 41 5.78 10.30 3.32
CA PRO A 41 5.97 11.76 3.27
C PRO A 41 6.55 12.19 1.94
N ALA A 42 6.28 13.44 1.58
CA ALA A 42 6.62 13.98 0.27
C ALA A 42 8.13 14.00 0.02
N GLY A 43 8.91 13.90 1.09
CA GLY A 43 10.35 13.85 0.97
C GLY A 43 10.84 12.50 0.45
N THR A 44 9.96 11.52 0.44
CA THR A 44 10.29 10.20 -0.08
C THR A 44 10.03 10.16 -1.57
N SER A 45 11.00 9.68 -2.33
CA SER A 45 10.90 9.68 -3.78
C SER A 45 10.22 8.40 -4.24
N ARG A 46 9.34 8.53 -5.22
CA ARG A 46 8.61 7.39 -5.75
C ARG A 46 9.56 6.47 -6.51
N PRO A 47 9.75 5.24 -6.02
CA PRO A 47 10.69 4.28 -6.60
C PRO A 47 10.27 3.80 -7.98
N GLY A 48 11.24 3.70 -8.88
CA GLY A 48 10.98 3.21 -10.21
C GLY A 48 11.21 1.72 -10.32
N THR A 49 11.70 1.13 -9.25
CA THR A 49 11.97 -0.30 -9.20
C THR A 49 10.74 -1.07 -8.74
N GLY A 50 9.73 -0.35 -8.27
CA GLY A 50 8.51 -0.98 -7.82
C GLY A 50 7.96 -0.33 -6.57
N LEU A 51 6.65 -0.15 -6.54
CA LEU A 51 5.96 0.40 -5.38
C LEU A 51 5.99 -0.59 -4.23
N ARG A 52 6.51 -0.16 -3.09
CA ARG A 52 6.57 -1.00 -1.91
C ARG A 52 5.81 -0.36 -0.76
N CYS A 53 4.85 -1.10 -0.21
CA CYS A 53 4.04 -0.60 0.89
C CYS A 53 4.86 -0.56 2.18
N ARG A 54 4.21 -0.18 3.28
CA ARG A 54 4.88 0.06 4.56
C ARG A 54 5.72 -1.14 4.99
N SER A 55 5.12 -2.33 4.95
CA SER A 55 5.80 -3.54 5.38
C SER A 55 6.93 -3.93 4.42
N CYS A 56 6.67 -3.80 3.12
CA CYS A 56 7.62 -4.24 2.10
C CYS A 56 8.84 -3.30 2.03
N SER A 57 8.66 -2.03 2.36
CA SER A 57 9.76 -1.07 2.33
C SER A 57 10.20 -0.70 3.74
N GLY A 58 9.71 -1.44 4.73
CA GLY A 58 9.98 -1.10 6.10
C GLY A 58 10.78 -2.16 6.82
N ASP A 59 10.92 -1.99 8.12
CA ASP A 59 11.66 -2.94 8.95
C ASP A 59 10.69 -3.84 9.68
N VAL A 60 10.47 -5.03 9.15
CA VAL A 60 9.52 -5.95 9.75
C VAL A 60 9.97 -7.40 9.55
N THR A 61 9.77 -8.22 10.56
CA THR A 61 10.02 -9.64 10.46
C THR A 61 8.70 -10.40 10.44
N PRO A 62 8.28 -10.87 9.25
CA PRO A 62 7.03 -11.61 9.09
C PRO A 62 7.17 -13.05 9.56
N ALA A 63 6.10 -13.58 10.12
CA ALA A 63 6.08 -14.97 10.56
C ALA A 63 5.14 -15.78 9.66
N PRO A 64 5.62 -16.90 9.11
CA PRO A 64 4.82 -17.74 8.20
C PRO A 64 3.78 -18.58 8.93
N VAL A 65 3.21 -18.03 9.98
CA VAL A 65 2.21 -18.73 10.78
C VAL A 65 0.82 -18.38 10.27
N GLU A 66 0.34 -19.15 9.31
CA GLU A 66 -0.94 -18.89 8.69
C GLU A 66 -1.87 -20.09 8.89
N GLY A 1 -16.23 -25.29 1.82
CA GLY A 1 -17.28 -25.17 0.78
C GLY A 1 -17.56 -23.74 0.41
N ALA A 2 -18.35 -23.54 -0.64
CA ALA A 2 -18.68 -22.21 -1.14
C ALA A 2 -17.42 -21.41 -1.44
N MET A 3 -16.68 -21.87 -2.45
CA MET A 3 -15.42 -21.23 -2.84
C MET A 3 -15.67 -19.80 -3.29
N GLU A 4 -15.05 -18.85 -2.56
CA GLU A 4 -15.18 -17.42 -2.84
C GLU A 4 -16.58 -16.91 -2.49
N GLY A 5 -17.46 -17.81 -2.08
CA GLY A 5 -18.81 -17.44 -1.72
C GLY A 5 -18.92 -17.06 -0.26
N GLN A 6 -17.87 -17.37 0.50
CA GLN A 6 -17.83 -17.02 1.92
C GLN A 6 -17.24 -15.63 2.09
N GLN A 7 -16.79 -15.04 0.99
CA GLN A 7 -16.17 -13.72 1.03
C GLN A 7 -17.22 -12.63 1.04
N ASN A 8 -17.96 -12.54 2.14
CA ASN A 8 -18.96 -11.49 2.31
C ASN A 8 -18.28 -10.13 2.29
N LEU A 9 -17.14 -10.04 2.97
CA LEU A 9 -16.34 -8.83 2.97
C LEU A 9 -15.44 -8.81 1.74
N ALA A 10 -15.74 -7.93 0.80
CA ALA A 10 -14.98 -7.84 -0.42
C ALA A 10 -13.69 -7.05 -0.20
N PRO A 11 -12.52 -7.65 -0.49
CA PRO A 11 -11.23 -6.97 -0.37
C PRO A 11 -11.06 -5.88 -1.42
N GLY A 12 -11.69 -4.74 -1.18
CA GLY A 12 -11.59 -3.63 -2.11
C GLY A 12 -10.25 -2.94 -2.03
N ALA A 13 -9.68 -2.65 -3.19
CA ALA A 13 -8.41 -1.94 -3.26
C ALA A 13 -8.62 -0.46 -2.94
N ARG A 14 -8.54 -0.13 -1.66
CA ARG A 14 -8.78 1.24 -1.20
C ARG A 14 -7.68 1.71 -0.26
N CYS A 15 -7.33 2.98 -0.37
CA CYS A 15 -6.40 3.62 0.54
C CYS A 15 -7.03 3.73 1.93
N GLY A 16 -6.45 3.03 2.90
CA GLY A 16 -7.02 2.97 4.24
C GLY A 16 -7.18 4.33 4.89
N VAL A 17 -6.35 5.27 4.50
CA VAL A 17 -6.41 6.62 5.05
C VAL A 17 -7.61 7.38 4.48
N CYS A 18 -7.94 7.11 3.22
CA CYS A 18 -8.92 7.89 2.51
C CYS A 18 -10.27 7.18 2.37
N GLY A 19 -10.22 5.87 2.16
CA GLY A 19 -11.43 5.12 1.92
C GLY A 19 -11.72 4.99 0.44
N ASP A 20 -10.93 5.69 -0.36
CA ASP A 20 -11.09 5.66 -1.81
C ASP A 20 -10.00 4.82 -2.44
N GLY A 21 -10.31 4.19 -3.56
CA GLY A 21 -9.34 3.44 -4.30
C GLY A 21 -8.98 4.14 -5.60
N THR A 22 -9.49 5.35 -5.76
CA THR A 22 -9.22 6.15 -6.94
C THR A 22 -7.74 6.56 -6.97
N ASP A 23 -7.11 6.40 -8.14
CA ASP A 23 -5.69 6.68 -8.34
C ASP A 23 -4.82 6.14 -7.21
N VAL A 24 -5.15 4.93 -6.77
CA VAL A 24 -4.46 4.30 -5.66
C VAL A 24 -3.27 3.49 -6.17
N LEU A 25 -2.18 3.51 -5.43
CA LEU A 25 -1.00 2.73 -5.79
C LEU A 25 -1.10 1.33 -5.21
N ARG A 26 -0.51 0.38 -5.92
CA ARG A 26 -0.57 -1.01 -5.53
C ARG A 26 0.83 -1.54 -5.29
N CYS A 27 0.98 -2.34 -4.24
CA CYS A 27 2.26 -2.94 -3.93
C CYS A 27 2.60 -3.98 -5.01
N THR A 28 3.84 -4.00 -5.45
CA THR A 28 4.25 -4.93 -6.49
C THR A 28 4.79 -6.22 -5.89
N HIS A 29 5.10 -6.18 -4.59
CA HIS A 29 5.63 -7.35 -3.91
C HIS A 29 4.54 -8.09 -3.14
N CYS A 30 3.45 -7.40 -2.86
CA CYS A 30 2.31 -8.01 -2.19
C CYS A 30 1.04 -7.29 -2.62
N ALA A 31 -0.06 -7.52 -1.90
CA ALA A 31 -1.31 -6.89 -2.25
C ALA A 31 -1.63 -5.75 -1.28
N ALA A 32 -1.67 -4.53 -1.79
CA ALA A 32 -1.95 -3.36 -0.98
C ALA A 32 -2.33 -2.16 -1.85
N ALA A 33 -3.32 -1.41 -1.40
CA ALA A 33 -3.76 -0.21 -2.11
C ALA A 33 -3.62 1.01 -1.21
N PHE A 34 -2.72 1.89 -1.59
CA PHE A 34 -2.47 3.10 -0.81
C PHE A 34 -2.01 4.23 -1.73
N HIS A 35 -2.35 5.46 -1.37
CA HIS A 35 -1.83 6.61 -2.08
C HIS A 35 -0.42 6.90 -1.60
N TRP A 36 0.48 7.21 -2.51
CA TRP A 36 1.87 7.46 -2.13
C TRP A 36 1.95 8.48 -1.00
N ARG A 37 1.28 9.61 -1.21
CA ARG A 37 1.34 10.73 -0.26
C ARG A 37 0.69 10.39 1.08
N CYS A 38 -0.07 9.31 1.11
CA CYS A 38 -0.75 8.89 2.33
C CYS A 38 0.15 7.98 3.18
N HIS A 39 1.14 7.38 2.54
CA HIS A 39 2.10 6.54 3.23
C HIS A 39 3.47 7.23 3.34
N PHE A 40 3.89 7.84 2.25
CA PHE A 40 5.19 8.47 2.18
C PHE A 40 5.04 9.96 1.86
N PRO A 41 5.37 10.84 2.81
CA PRO A 41 5.25 12.30 2.63
C PRO A 41 6.23 12.85 1.59
N ALA A 42 6.28 14.16 1.44
CA ALA A 42 7.09 14.81 0.41
C ALA A 42 8.57 14.41 0.51
N GLY A 43 9.02 14.05 1.70
CA GLY A 43 10.40 13.66 1.89
C GLY A 43 10.80 12.45 1.07
N THR A 44 9.83 11.62 0.72
CA THR A 44 10.09 10.43 -0.06
C THR A 44 9.57 10.59 -1.50
N SER A 45 10.45 10.37 -2.46
CA SER A 45 10.08 10.47 -3.86
C SER A 45 9.58 9.10 -4.34
N ARG A 46 8.52 9.11 -5.14
CA ARG A 46 7.93 7.87 -5.61
C ARG A 46 8.78 7.23 -6.71
N PRO A 47 9.14 5.95 -6.53
CA PRO A 47 9.93 5.21 -7.52
C PRO A 47 9.10 4.85 -8.75
N GLY A 48 9.78 4.69 -9.88
CA GLY A 48 9.10 4.33 -11.10
C GLY A 48 8.84 2.84 -11.18
N THR A 49 9.64 2.08 -10.46
CA THR A 49 9.48 0.64 -10.39
C THR A 49 9.76 0.16 -8.96
N GLY A 50 9.26 -1.03 -8.63
CA GLY A 50 9.45 -1.56 -7.30
C GLY A 50 8.63 -0.82 -6.27
N LEU A 51 7.33 -0.77 -6.47
CA LEU A 51 6.44 -0.10 -5.55
C LEU A 51 6.26 -0.97 -4.30
N ARG A 52 6.60 -0.43 -3.15
CA ARG A 52 6.56 -1.19 -1.92
C ARG A 52 5.68 -0.50 -0.89
N CYS A 53 4.81 -1.28 -0.28
CA CYS A 53 3.95 -0.80 0.79
C CYS A 53 4.77 -0.64 2.07
N ARG A 54 4.11 -0.36 3.19
CA ARG A 54 4.81 -0.11 4.45
C ARG A 54 5.65 -1.31 4.87
N SER A 55 5.04 -2.50 4.83
CA SER A 55 5.71 -3.71 5.26
C SER A 55 6.86 -4.09 4.33
N CYS A 56 6.60 -4.06 3.02
CA CYS A 56 7.63 -4.44 2.04
C CYS A 56 8.74 -3.40 1.97
N SER A 57 8.46 -2.17 2.39
CA SER A 57 9.46 -1.11 2.36
C SER A 57 10.06 -0.92 3.76
N GLY A 58 9.81 -1.87 4.63
CA GLY A 58 10.37 -1.82 5.96
C GLY A 58 11.80 -2.32 5.98
N ASP A 59 12.05 -3.39 5.24
CA ASP A 59 13.38 -3.95 5.14
C ASP A 59 14.08 -3.42 3.88
N VAL A 60 15.40 -3.37 3.93
CA VAL A 60 16.18 -2.92 2.80
C VAL A 60 16.67 -4.09 1.98
N THR A 61 16.20 -4.18 0.74
CA THR A 61 16.64 -5.24 -0.16
C THR A 61 18.10 -5.06 -0.56
N PRO A 62 18.96 -6.01 -0.14
CA PRO A 62 20.39 -5.93 -0.42
C PRO A 62 20.72 -6.39 -1.84
N ALA A 63 21.75 -5.79 -2.41
CA ALA A 63 22.19 -6.14 -3.74
C ALA A 63 23.53 -6.86 -3.68
N PRO A 64 23.72 -7.90 -4.51
CA PRO A 64 24.95 -8.68 -4.55
C PRO A 64 26.11 -7.96 -5.25
N VAL A 65 26.13 -6.64 -5.12
CA VAL A 65 27.20 -5.84 -5.69
C VAL A 65 28.33 -5.69 -4.68
N GLU A 66 29.35 -6.51 -4.82
CA GLU A 66 30.45 -6.50 -3.88
C GLU A 66 31.75 -6.16 -4.60
N GLY A 1 -13.27 -0.59 3.76
CA GLY A 1 -13.95 -0.70 2.44
C GLY A 1 -15.09 0.29 2.31
N ALA A 2 -15.70 0.34 1.14
CA ALA A 2 -16.82 1.24 0.92
C ALA A 2 -18.01 0.51 0.30
N MET A 3 -17.89 0.13 -0.96
CA MET A 3 -18.95 -0.58 -1.65
C MET A 3 -18.59 -2.05 -1.84
N GLU A 4 -17.30 -2.31 -2.04
CA GLU A 4 -16.82 -3.67 -2.23
C GLU A 4 -16.49 -4.33 -0.90
N GLY A 5 -17.52 -4.86 -0.24
CA GLY A 5 -17.32 -5.50 1.04
C GLY A 5 -18.62 -5.93 1.67
N GLN A 6 -18.53 -6.50 2.86
CA GLN A 6 -19.71 -6.97 3.58
C GLN A 6 -19.77 -6.34 4.96
N GLN A 7 -18.96 -5.30 5.16
CA GLN A 7 -18.84 -4.62 6.45
C GLN A 7 -18.38 -5.59 7.53
N ASN A 8 -17.34 -6.35 7.23
CA ASN A 8 -16.79 -7.32 8.17
C ASN A 8 -15.31 -7.56 7.89
N LEU A 9 -15.02 -7.97 6.68
CA LEU A 9 -13.64 -8.27 6.29
C LEU A 9 -13.09 -7.16 5.40
N ALA A 10 -11.98 -6.58 5.81
CA ALA A 10 -11.29 -5.59 5.01
C ALA A 10 -10.60 -6.26 3.83
N PRO A 11 -10.93 -5.82 2.60
CA PRO A 11 -10.37 -6.44 1.38
C PRO A 11 -8.86 -6.33 1.28
N GLY A 12 -8.29 -5.42 2.07
CA GLY A 12 -6.85 -5.26 2.10
C GLY A 12 -6.35 -4.34 1.00
N ALA A 13 -6.83 -4.56 -0.21
CA ALA A 13 -6.43 -3.74 -1.34
C ALA A 13 -7.29 -2.48 -1.43
N ARG A 14 -7.03 -1.55 -0.52
CA ARG A 14 -7.68 -0.25 -0.51
C ARG A 14 -6.99 0.64 0.51
N CYS A 15 -6.69 1.85 0.10
CA CYS A 15 -5.99 2.78 0.97
C CYS A 15 -6.93 3.28 2.06
N GLY A 16 -6.75 2.76 3.27
CA GLY A 16 -7.58 3.17 4.38
C GLY A 16 -7.07 4.44 5.02
N VAL A 17 -5.89 4.86 4.59
CA VAL A 17 -5.29 6.09 5.10
C VAL A 17 -6.18 7.29 4.78
N CYS A 18 -6.59 7.39 3.53
CA CYS A 18 -7.54 8.42 3.13
C CYS A 18 -8.94 7.84 3.08
N GLY A 19 -9.03 6.55 2.80
CA GLY A 19 -10.31 5.87 2.77
C GLY A 19 -10.80 5.68 1.35
N ASP A 20 -9.97 6.06 0.39
CA ASP A 20 -10.34 6.00 -1.01
C ASP A 20 -9.36 5.12 -1.79
N GLY A 21 -9.88 4.41 -2.78
CA GLY A 21 -9.04 3.56 -3.61
C GLY A 21 -9.03 4.00 -5.07
N THR A 22 -9.44 5.25 -5.30
CA THR A 22 -9.52 5.78 -6.65
C THR A 22 -8.13 6.20 -7.16
N ASP A 23 -7.73 5.61 -8.29
CA ASP A 23 -6.41 5.88 -8.88
C ASP A 23 -5.32 5.64 -7.85
N VAL A 24 -5.38 4.47 -7.24
CA VAL A 24 -4.49 4.11 -6.17
C VAL A 24 -3.25 3.38 -6.71
N LEU A 25 -2.16 3.43 -5.97
CA LEU A 25 -0.95 2.71 -6.36
C LEU A 25 -1.01 1.29 -5.84
N ARG A 26 -0.44 0.36 -6.58
CA ARG A 26 -0.50 -1.05 -6.22
C ARG A 26 0.87 -1.54 -5.78
N CYS A 27 0.89 -2.35 -4.73
CA CYS A 27 2.14 -2.92 -4.25
C CYS A 27 2.65 -3.95 -5.26
N THR A 28 3.95 -3.95 -5.49
CA THR A 28 4.56 -4.88 -6.42
C THR A 28 5.10 -6.12 -5.69
N HIS A 29 5.40 -5.97 -4.41
CA HIS A 29 5.96 -7.06 -3.63
C HIS A 29 4.85 -7.89 -2.98
N CYS A 30 3.67 -7.30 -2.88
CA CYS A 30 2.50 -8.00 -2.40
C CYS A 30 1.27 -7.36 -3.03
N ALA A 31 0.10 -7.74 -2.59
CA ALA A 31 -1.12 -7.16 -3.10
C ALA A 31 -1.69 -6.17 -2.09
N ALA A 32 -1.68 -4.89 -2.45
CA ALA A 32 -2.16 -3.84 -1.57
C ALA A 32 -2.38 -2.56 -2.37
N ALA A 33 -3.38 -1.80 -1.98
CA ALA A 33 -3.66 -0.52 -2.61
C ALA A 33 -3.31 0.61 -1.67
N PHE A 34 -2.43 1.48 -2.11
CA PHE A 34 -1.99 2.58 -1.28
C PHE A 34 -1.61 3.77 -2.15
N HIS A 35 -1.90 4.96 -1.68
CA HIS A 35 -1.43 6.17 -2.33
C HIS A 35 -0.09 6.55 -1.74
N TRP A 36 0.84 6.98 -2.58
CA TRP A 36 2.15 7.40 -2.12
C TRP A 36 2.00 8.57 -1.15
N ARG A 37 1.15 9.51 -1.51
CA ARG A 37 0.95 10.71 -0.71
C ARG A 37 0.31 10.40 0.65
N CYS A 38 -0.43 9.30 0.70
CA CYS A 38 -1.07 8.90 1.94
C CYS A 38 -0.09 8.15 2.84
N HIS A 39 0.93 7.57 2.24
CA HIS A 39 1.89 6.75 2.97
C HIS A 39 3.18 7.51 3.27
N PHE A 40 3.65 8.27 2.29
CA PHE A 40 4.92 8.98 2.42
C PHE A 40 4.72 10.47 2.14
N PRO A 41 5.27 11.32 3.02
CA PRO A 41 5.31 12.76 2.81
C PRO A 41 6.17 13.12 1.59
N ALA A 42 6.02 14.35 1.12
CA ALA A 42 6.70 14.83 -0.09
C ALA A 42 8.22 14.89 0.09
N GLY A 43 8.69 14.59 1.30
CA GLY A 43 10.11 14.48 1.54
C GLY A 43 10.71 13.28 0.83
N THR A 44 9.91 12.24 0.65
CA THR A 44 10.35 11.05 -0.04
C THR A 44 9.83 11.05 -1.48
N SER A 45 10.69 10.69 -2.43
CA SER A 45 10.36 10.74 -3.84
C SER A 45 9.73 9.43 -4.29
N ARG A 46 8.71 9.52 -5.14
CA ARG A 46 8.02 8.34 -5.65
C ARG A 46 8.79 7.74 -6.83
N PRO A 47 9.25 6.49 -6.68
CA PRO A 47 9.92 5.77 -7.76
C PRO A 47 8.96 5.34 -8.86
N GLY A 48 9.49 5.09 -10.04
CA GLY A 48 8.67 4.62 -11.14
C GLY A 48 8.55 3.11 -11.13
N THR A 49 9.43 2.46 -10.38
CA THR A 49 9.41 1.01 -10.25
C THR A 49 9.79 0.60 -8.83
N GLY A 50 9.19 -0.48 -8.34
CA GLY A 50 9.49 -0.96 -7.01
C GLY A 50 8.64 -0.30 -5.95
N LEU A 51 7.34 -0.25 -6.18
CA LEU A 51 6.41 0.31 -5.21
C LEU A 51 6.07 -0.73 -4.15
N ARG A 52 6.34 -0.39 -2.91
CA ARG A 52 6.07 -1.30 -1.81
C ARG A 52 5.22 -0.60 -0.75
N CYS A 53 4.22 -1.31 -0.27
CA CYS A 53 3.29 -0.77 0.72
C CYS A 53 3.99 -0.67 2.08
N ARG A 54 3.29 -0.15 3.09
CA ARG A 54 3.92 0.11 4.39
C ARG A 54 4.50 -1.17 5.00
N SER A 55 3.77 -2.28 4.89
CA SER A 55 4.24 -3.55 5.43
C SER A 55 5.51 -4.00 4.72
N CYS A 56 5.52 -3.85 3.39
CA CYS A 56 6.68 -4.18 2.58
C CYS A 56 7.80 -3.15 2.77
N SER A 57 7.44 -1.98 3.24
CA SER A 57 8.37 -0.88 3.37
C SER A 57 9.21 -1.04 4.64
N GLY A 58 8.77 -1.92 5.52
CA GLY A 58 9.52 -2.20 6.72
C GLY A 58 10.49 -3.33 6.52
N ASP A 59 11.65 -3.25 7.12
CA ASP A 59 12.65 -4.30 6.99
C ASP A 59 12.45 -5.35 8.07
N VAL A 60 12.86 -6.57 7.78
CA VAL A 60 12.71 -7.65 8.74
C VAL A 60 13.99 -8.48 8.80
N THR A 61 14.52 -8.61 10.01
CA THR A 61 15.67 -9.46 10.25
C THR A 61 15.24 -10.92 10.40
N PRO A 62 15.66 -11.79 9.47
CA PRO A 62 15.31 -13.21 9.50
C PRO A 62 15.75 -13.89 10.79
N ALA A 63 14.86 -14.67 11.37
CA ALA A 63 15.14 -15.34 12.63
C ALA A 63 15.57 -16.78 12.37
N PRO A 64 16.56 -17.29 13.14
CA PRO A 64 17.04 -18.66 12.99
C PRO A 64 16.06 -19.68 13.57
N VAL A 65 14.86 -19.72 12.99
CA VAL A 65 13.83 -20.64 13.43
C VAL A 65 12.92 -21.03 12.26
N GLU A 66 12.72 -22.33 12.08
CA GLU A 66 11.83 -22.82 11.03
C GLU A 66 10.43 -23.03 11.57
N GLY A 1 -5.72 -20.27 -8.46
CA GLY A 1 -7.20 -20.34 -8.54
C GLY A 1 -7.85 -20.02 -7.22
N ALA A 2 -7.76 -18.75 -6.80
CA ALA A 2 -8.30 -18.33 -5.53
C ALA A 2 -9.83 -18.39 -5.52
N MET A 3 -10.46 -17.57 -6.34
CA MET A 3 -11.91 -17.51 -6.40
C MET A 3 -12.39 -17.17 -7.81
N GLU A 4 -11.69 -17.71 -8.80
CA GLU A 4 -12.05 -17.51 -10.20
C GLU A 4 -13.50 -17.93 -10.46
N GLY A 5 -14.24 -17.07 -11.13
CA GLY A 5 -15.65 -17.31 -11.35
C GLY A 5 -16.49 -16.48 -10.41
N GLN A 6 -15.93 -16.18 -9.25
CA GLN A 6 -16.57 -15.31 -8.28
C GLN A 6 -16.00 -13.91 -8.40
N GLN A 7 -14.70 -13.80 -8.17
CA GLN A 7 -13.99 -12.52 -8.23
C GLN A 7 -14.69 -11.50 -7.35
N ASN A 8 -14.79 -11.82 -6.07
CA ASN A 8 -15.47 -10.95 -5.11
C ASN A 8 -14.60 -9.76 -4.76
N LEU A 9 -15.10 -8.57 -5.06
CA LEU A 9 -14.38 -7.32 -4.78
C LEU A 9 -14.11 -7.18 -3.28
N ALA A 10 -12.86 -7.37 -2.91
CA ALA A 10 -12.46 -7.28 -1.51
C ALA A 10 -12.08 -5.85 -1.17
N PRO A 11 -12.43 -5.39 0.05
CA PRO A 11 -12.15 -4.02 0.51
C PRO A 11 -10.66 -3.77 0.70
N GLY A 12 -9.85 -4.80 0.48
CA GLY A 12 -8.41 -4.67 0.56
C GLY A 12 -7.87 -3.72 -0.49
N ALA A 13 -8.53 -3.69 -1.64
CA ALA A 13 -8.16 -2.77 -2.69
C ALA A 13 -8.80 -1.41 -2.44
N ARG A 14 -8.26 -0.70 -1.44
CA ARG A 14 -8.78 0.60 -1.05
C ARG A 14 -7.81 1.25 -0.07
N CYS A 15 -7.43 2.49 -0.36
CA CYS A 15 -6.50 3.22 0.48
C CYS A 15 -7.20 3.65 1.77
N GLY A 16 -6.91 2.93 2.85
CA GLY A 16 -7.62 3.13 4.10
C GLY A 16 -7.22 4.38 4.84
N VAL A 17 -6.04 4.89 4.54
CA VAL A 17 -5.54 6.10 5.20
C VAL A 17 -6.47 7.29 4.95
N CYS A 18 -7.01 7.38 3.75
CA CYS A 18 -7.91 8.47 3.42
C CYS A 18 -9.33 7.96 3.27
N GLY A 19 -9.50 6.88 2.52
CA GLY A 19 -10.82 6.31 2.31
C GLY A 19 -11.10 6.03 0.85
N ASP A 20 -10.31 6.63 -0.03
CA ASP A 20 -10.53 6.47 -1.47
C ASP A 20 -9.81 5.23 -2.01
N GLY A 21 -10.48 4.54 -2.92
CA GLY A 21 -9.87 3.41 -3.61
C GLY A 21 -9.58 3.75 -5.06
N THR A 22 -9.98 4.95 -5.46
CA THR A 22 -9.73 5.44 -6.81
C THR A 22 -8.31 5.99 -6.94
N ASP A 23 -7.64 5.65 -8.04
CA ASP A 23 -6.32 6.19 -8.37
C ASP A 23 -5.28 5.74 -7.35
N VAL A 24 -5.33 4.46 -7.01
CA VAL A 24 -4.44 3.90 -6.02
C VAL A 24 -3.20 3.30 -6.65
N LEU A 25 -2.13 3.22 -5.86
CA LEU A 25 -0.92 2.54 -6.26
C LEU A 25 -0.93 1.14 -5.68
N ARG A 26 -0.37 0.20 -6.43
CA ARG A 26 -0.43 -1.20 -6.05
C ARG A 26 0.96 -1.70 -5.68
N CYS A 27 1.08 -2.38 -4.55
CA CYS A 27 2.35 -2.95 -4.14
C CYS A 27 2.77 -4.03 -5.12
N THR A 28 4.05 -4.02 -5.47
CA THR A 28 4.59 -4.99 -6.42
C THR A 28 5.05 -6.25 -5.70
N HIS A 29 5.41 -6.10 -4.43
CA HIS A 29 5.94 -7.21 -3.64
C HIS A 29 4.81 -7.97 -2.93
N CYS A 30 3.67 -7.31 -2.76
CA CYS A 30 2.51 -7.96 -2.15
C CYS A 30 1.25 -7.33 -2.70
N ALA A 31 0.12 -7.58 -2.06
CA ALA A 31 -1.15 -7.04 -2.48
C ALA A 31 -1.57 -5.90 -1.57
N ALA A 32 -1.62 -4.71 -2.11
CA ALA A 32 -2.01 -3.53 -1.34
C ALA A 32 -2.35 -2.37 -2.27
N ALA A 33 -3.49 -1.77 -2.03
CA ALA A 33 -3.91 -0.60 -2.80
C ALA A 33 -3.92 0.64 -1.92
N PHE A 34 -3.01 1.56 -2.21
CA PHE A 34 -2.81 2.71 -1.35
C PHE A 34 -2.30 3.89 -2.16
N HIS A 35 -2.39 5.08 -1.60
CA HIS A 35 -1.80 6.26 -2.21
C HIS A 35 -0.45 6.53 -1.57
N TRP A 36 0.52 6.87 -2.41
CA TRP A 36 1.87 7.18 -1.93
C TRP A 36 1.82 8.38 -0.99
N ARG A 37 1.03 9.39 -1.36
CA ARG A 37 0.91 10.60 -0.53
C ARG A 37 0.31 10.28 0.84
N CYS A 38 -0.60 9.32 0.87
CA CYS A 38 -1.23 8.92 2.11
C CYS A 38 -0.27 8.10 2.98
N HIS A 39 0.74 7.51 2.36
CA HIS A 39 1.69 6.68 3.07
C HIS A 39 2.97 7.44 3.41
N PHE A 40 3.44 8.25 2.48
CA PHE A 40 4.69 8.98 2.63
C PHE A 40 4.51 10.41 2.12
N PRO A 41 5.11 11.39 2.81
CA PRO A 41 5.05 12.80 2.40
C PRO A 41 6.02 13.10 1.26
N ALA A 42 5.99 14.34 0.77
CA ALA A 42 6.84 14.75 -0.34
C ALA A 42 8.32 14.61 -0.01
N GLY A 43 8.64 14.61 1.28
CA GLY A 43 10.00 14.39 1.70
C GLY A 43 10.54 13.04 1.25
N THR A 44 9.67 12.04 1.25
CA THR A 44 10.05 10.70 0.81
C THR A 44 9.90 10.59 -0.70
N SER A 45 10.94 10.07 -1.35
CA SER A 45 10.95 9.97 -2.80
C SER A 45 10.32 8.67 -3.28
N ARG A 46 9.73 8.69 -4.46
CA ARG A 46 8.99 7.56 -4.99
C ARG A 46 9.85 6.75 -5.97
N PRO A 47 9.90 5.43 -5.80
CA PRO A 47 10.61 4.55 -6.72
C PRO A 47 9.88 4.43 -8.06
N GLY A 48 10.64 4.41 -9.14
CA GLY A 48 10.05 4.33 -10.47
C GLY A 48 9.70 2.90 -10.84
N THR A 49 10.33 1.96 -10.16
CA THR A 49 10.07 0.55 -10.36
C THR A 49 10.11 -0.19 -9.03
N GLY A 50 9.17 -1.10 -8.82
CA GLY A 50 9.12 -1.86 -7.59
C GLY A 50 8.46 -1.07 -6.47
N LEU A 51 7.25 -0.59 -6.74
CA LEU A 51 6.49 0.16 -5.75
C LEU A 51 6.23 -0.71 -4.52
N ARG A 52 6.65 -0.23 -3.35
CA ARG A 52 6.49 -0.98 -2.13
C ARG A 52 5.49 -0.30 -1.19
N CYS A 53 4.68 -1.10 -0.52
CA CYS A 53 3.81 -0.59 0.52
C CYS A 53 4.63 -0.37 1.79
N ARG A 54 3.99 0.10 2.86
CA ARG A 54 4.71 0.43 4.09
C ARG A 54 5.43 -0.80 4.65
N SER A 55 4.72 -1.92 4.66
CA SER A 55 5.26 -3.16 5.20
C SER A 55 6.46 -3.64 4.40
N CYS A 56 6.33 -3.68 3.07
CA CYS A 56 7.42 -4.13 2.20
C CYS A 56 8.56 -3.11 2.16
N SER A 57 8.28 -1.89 2.57
CA SER A 57 9.28 -0.83 2.61
C SER A 57 10.18 -1.00 3.83
N GLY A 58 9.77 -1.85 4.76
CA GLY A 58 10.54 -2.07 5.96
C GLY A 58 10.67 -3.55 6.27
N ASP A 59 11.20 -3.83 7.45
CA ASP A 59 11.36 -5.20 7.91
C ASP A 59 11.22 -5.26 9.42
N VAL A 60 10.60 -6.32 9.90
CA VAL A 60 10.40 -6.50 11.33
C VAL A 60 11.30 -7.62 11.83
N THR A 61 12.52 -7.26 12.18
CA THR A 61 13.48 -8.23 12.67
C THR A 61 13.22 -8.57 14.13
N PRO A 62 12.98 -9.85 14.44
CA PRO A 62 12.68 -10.29 15.79
C PRO A 62 13.89 -10.28 16.70
N ALA A 63 13.73 -9.74 17.88
CA ALA A 63 14.81 -9.66 18.85
C ALA A 63 14.55 -10.61 20.01
N PRO A 64 15.55 -11.44 20.35
CA PRO A 64 15.46 -12.32 21.51
C PRO A 64 15.34 -11.54 22.81
N VAL A 65 14.12 -11.27 23.23
CA VAL A 65 13.87 -10.54 24.46
C VAL A 65 13.78 -11.51 25.63
N GLU A 66 14.94 -11.96 26.08
CA GLU A 66 15.03 -12.90 27.18
C GLU A 66 15.09 -12.15 28.49
N GLY A 1 -19.23 -10.12 -22.33
CA GLY A 1 -18.81 -11.53 -22.53
C GLY A 1 -18.63 -12.25 -21.21
N ALA A 2 -17.65 -13.14 -21.15
CA ALA A 2 -17.40 -13.92 -19.94
C ALA A 2 -16.75 -13.06 -18.85
N MET A 3 -16.02 -12.04 -19.27
CA MET A 3 -15.40 -11.12 -18.33
C MET A 3 -16.42 -10.12 -17.81
N GLU A 4 -17.21 -10.55 -16.84
CA GLU A 4 -18.24 -9.71 -16.27
C GLU A 4 -18.26 -9.89 -14.76
N GLY A 5 -18.44 -8.79 -14.04
CA GLY A 5 -18.47 -8.85 -12.59
C GLY A 5 -18.02 -7.55 -11.96
N GLN A 6 -18.98 -6.81 -11.41
CA GLN A 6 -18.68 -5.53 -10.76
C GLN A 6 -17.91 -5.74 -9.47
N GLN A 7 -17.96 -6.97 -8.95
CA GLN A 7 -17.24 -7.32 -7.74
C GLN A 7 -16.19 -8.38 -8.03
N ASN A 8 -15.78 -8.45 -9.29
CA ASN A 8 -14.70 -9.35 -9.69
C ASN A 8 -13.42 -8.93 -9.01
N LEU A 9 -13.20 -7.62 -8.96
CA LEU A 9 -12.11 -7.05 -8.20
C LEU A 9 -12.67 -6.30 -7.01
N ALA A 10 -13.01 -7.04 -5.96
CA ALA A 10 -13.60 -6.47 -4.77
C ALA A 10 -12.62 -5.53 -4.07
N PRO A 11 -13.07 -4.33 -3.64
CA PRO A 11 -12.23 -3.35 -2.95
C PRO A 11 -11.85 -3.79 -1.53
N GLY A 12 -11.26 -4.97 -1.41
CA GLY A 12 -10.75 -5.42 -0.13
C GLY A 12 -9.51 -4.65 0.26
N ALA A 13 -8.82 -4.13 -0.74
CA ALA A 13 -7.69 -3.24 -0.52
C ALA A 13 -8.06 -1.83 -0.93
N ARG A 14 -8.06 -0.92 0.02
CA ARG A 14 -8.45 0.45 -0.22
C ARG A 14 -7.70 1.36 0.75
N CYS A 15 -7.33 2.55 0.28
CA CYS A 15 -6.60 3.49 1.13
C CYS A 15 -7.49 3.94 2.28
N GLY A 16 -7.19 3.45 3.48
CA GLY A 16 -7.96 3.80 4.66
C GLY A 16 -7.74 5.24 5.08
N VAL A 17 -6.73 5.87 4.49
CA VAL A 17 -6.44 7.27 4.74
C VAL A 17 -7.42 8.15 3.97
N CYS A 18 -7.90 7.65 2.86
CA CYS A 18 -8.82 8.41 2.01
C CYS A 18 -10.23 7.83 2.03
N GLY A 19 -10.33 6.51 2.09
CA GLY A 19 -11.61 5.85 1.99
C GLY A 19 -11.95 5.58 0.54
N ASP A 20 -10.98 5.82 -0.33
CA ASP A 20 -11.17 5.67 -1.78
C ASP A 20 -10.12 4.76 -2.38
N GLY A 21 -10.46 4.13 -3.48
CA GLY A 21 -9.50 3.32 -4.21
C GLY A 21 -9.26 3.86 -5.60
N THR A 22 -9.66 5.11 -5.80
CA THR A 22 -9.49 5.77 -7.09
C THR A 22 -8.06 6.28 -7.27
N ASP A 23 -7.43 5.88 -8.37
CA ASP A 23 -6.06 6.25 -8.68
C ASP A 23 -5.14 5.88 -7.52
N VAL A 24 -5.33 4.67 -7.02
CA VAL A 24 -4.59 4.19 -5.87
C VAL A 24 -3.39 3.38 -6.36
N LEU A 25 -2.33 3.34 -5.56
CA LEU A 25 -1.13 2.62 -5.97
C LEU A 25 -1.14 1.22 -5.39
N ARG A 26 -0.57 0.30 -6.15
CA ARG A 26 -0.50 -1.11 -5.76
C ARG A 26 0.92 -1.47 -5.36
N CYS A 27 1.05 -2.42 -4.45
CA CYS A 27 2.36 -2.89 -4.05
C CYS A 27 2.84 -3.95 -5.04
N THR A 28 4.11 -3.90 -5.39
CA THR A 28 4.65 -4.78 -6.41
C THR A 28 5.12 -6.12 -5.83
N HIS A 29 5.25 -6.20 -4.50
CA HIS A 29 5.70 -7.41 -3.87
C HIS A 29 4.56 -8.05 -3.07
N CYS A 30 3.56 -7.25 -2.71
CA CYS A 30 2.39 -7.78 -2.01
C CYS A 30 1.13 -7.12 -2.55
N ALA A 31 0.00 -7.45 -1.97
CA ALA A 31 -1.28 -6.93 -2.41
C ALA A 31 -1.73 -5.82 -1.48
N ALA A 32 -1.80 -4.61 -2.02
CA ALA A 32 -2.15 -3.44 -1.23
C ALA A 32 -2.60 -2.29 -2.13
N ALA A 33 -3.52 -1.50 -1.63
CA ALA A 33 -4.00 -0.33 -2.34
C ALA A 33 -3.86 0.89 -1.43
N PHE A 34 -2.96 1.78 -1.80
CA PHE A 34 -2.71 2.97 -1.02
C PHE A 34 -2.07 4.04 -1.90
N HIS A 35 -2.41 5.29 -1.68
CA HIS A 35 -1.71 6.38 -2.32
C HIS A 35 -0.36 6.55 -1.65
N TRP A 36 0.67 6.82 -2.42
CA TRP A 36 2.02 6.91 -1.87
C TRP A 36 2.07 7.91 -0.72
N ARG A 37 1.55 9.11 -0.98
CA ARG A 37 1.58 10.20 -0.01
C ARG A 37 0.79 9.89 1.26
N CYS A 38 -0.05 8.88 1.18
CA CYS A 38 -0.88 8.48 2.31
C CYS A 38 -0.10 7.57 3.25
N HIS A 39 0.96 6.95 2.74
CA HIS A 39 1.83 6.11 3.55
C HIS A 39 3.20 6.78 3.77
N PHE A 40 3.58 7.65 2.86
CA PHE A 40 4.85 8.34 2.92
C PHE A 40 4.67 9.83 2.66
N PRO A 41 5.37 10.68 3.43
CA PRO A 41 5.35 12.13 3.21
C PRO A 41 5.86 12.49 1.82
N ALA A 42 5.30 13.58 1.28
CA ALA A 42 5.55 13.99 -0.10
C ALA A 42 7.02 14.29 -0.38
N GLY A 43 7.79 14.53 0.68
CA GLY A 43 9.21 14.77 0.52
C GLY A 43 9.96 13.51 0.19
N THR A 44 9.38 12.37 0.54
CA THR A 44 9.99 11.08 0.27
C THR A 44 9.71 10.66 -1.17
N SER A 45 10.69 10.01 -1.79
CA SER A 45 10.58 9.67 -3.21
C SER A 45 9.92 8.31 -3.38
N ARG A 46 8.95 8.26 -4.28
CA ARG A 46 8.29 7.00 -4.61
C ARG A 46 9.18 6.16 -5.52
N PRO A 47 9.40 4.88 -5.16
CA PRO A 47 10.28 4.00 -5.93
C PRO A 47 9.74 3.76 -7.34
N GLY A 48 10.63 3.89 -8.32
CA GLY A 48 10.26 3.61 -9.69
C GLY A 48 10.56 2.17 -10.04
N THR A 49 11.47 1.57 -9.29
CA THR A 49 11.84 0.18 -9.48
C THR A 49 10.96 -0.73 -8.64
N GLY A 50 9.64 -0.56 -8.78
CA GLY A 50 8.72 -1.34 -8.00
C GLY A 50 8.16 -0.57 -6.83
N LEU A 51 6.88 -0.21 -6.92
CA LEU A 51 6.21 0.48 -5.84
C LEU A 51 6.06 -0.47 -4.64
N ARG A 52 6.58 -0.06 -3.49
CA ARG A 52 6.59 -0.91 -2.32
C ARG A 52 5.89 -0.22 -1.16
N CYS A 53 5.04 -0.97 -0.46
CA CYS A 53 4.38 -0.47 0.73
C CYS A 53 5.36 -0.45 1.89
N ARG A 54 5.12 0.34 2.93
CA ARG A 54 6.14 0.54 3.97
C ARG A 54 6.59 -0.78 4.59
N SER A 55 5.67 -1.75 4.65
CA SER A 55 5.99 -3.07 5.20
C SER A 55 7.02 -3.79 4.32
N CYS A 56 6.80 -3.77 3.00
CA CYS A 56 7.72 -4.43 2.07
C CYS A 56 9.03 -3.66 1.94
N SER A 57 8.98 -2.37 2.24
CA SER A 57 10.16 -1.52 2.17
C SER A 57 11.06 -1.73 3.39
N GLY A 58 10.65 -2.62 4.28
CA GLY A 58 11.42 -2.90 5.48
C GLY A 58 11.32 -1.79 6.49
N ASP A 59 12.47 -1.29 6.92
CA ASP A 59 12.50 -0.15 7.83
C ASP A 59 12.55 1.14 7.01
N VAL A 60 11.76 2.11 7.41
CA VAL A 60 11.71 3.39 6.72
C VAL A 60 12.67 4.37 7.37
N THR A 61 13.49 5.02 6.55
CA THR A 61 14.42 6.01 7.04
C THR A 61 13.77 7.39 7.05
N PRO A 62 13.63 8.01 8.23
CA PRO A 62 13.03 9.34 8.36
C PRO A 62 13.72 10.37 7.49
N ALA A 63 12.92 11.18 6.81
CA ALA A 63 13.45 12.22 5.93
C ALA A 63 14.05 13.36 6.75
N PRO A 64 15.27 13.78 6.41
CA PRO A 64 15.96 14.86 7.13
C PRO A 64 15.31 16.22 6.90
N VAL A 65 14.33 16.54 7.74
CA VAL A 65 13.65 17.83 7.66
C VAL A 65 14.22 18.81 8.68
N GLU A 66 15.35 18.45 9.27
CA GLU A 66 15.99 19.29 10.26
C GLU A 66 17.50 19.17 10.13
N GLY A 1 -21.67 -13.65 -14.24
CA GLY A 1 -21.16 -12.38 -14.84
C GLY A 1 -21.75 -11.16 -14.16
N ALA A 2 -23.01 -10.88 -14.49
CA ALA A 2 -23.75 -9.76 -13.88
C ALA A 2 -22.98 -8.45 -14.01
N MET A 3 -22.60 -8.10 -15.22
CA MET A 3 -21.87 -6.87 -15.47
C MET A 3 -22.66 -5.97 -16.42
N GLU A 4 -22.39 -4.69 -16.38
CA GLU A 4 -23.10 -3.71 -17.20
C GLU A 4 -22.28 -2.44 -17.34
N GLY A 5 -21.64 -2.03 -16.26
CA GLY A 5 -20.83 -0.83 -16.28
C GLY A 5 -20.50 -0.37 -14.88
N GLN A 6 -19.72 0.72 -14.78
CA GLN A 6 -19.31 1.28 -13.49
C GLN A 6 -18.57 0.25 -12.66
N GLN A 7 -17.63 -0.44 -13.30
CA GLN A 7 -16.87 -1.49 -12.67
C GLN A 7 -15.38 -1.16 -12.71
N ASN A 8 -15.08 0.11 -12.93
CA ASN A 8 -13.70 0.57 -13.04
C ASN A 8 -12.94 0.29 -11.75
N LEU A 9 -13.50 0.73 -10.64
CA LEU A 9 -12.91 0.46 -9.34
C LEU A 9 -13.06 -1.00 -8.99
N ALA A 10 -11.97 -1.76 -9.09
CA ALA A 10 -11.99 -3.17 -8.77
C ALA A 10 -12.16 -3.38 -7.27
N PRO A 11 -13.20 -4.12 -6.86
CA PRO A 11 -13.44 -4.43 -5.45
C PRO A 11 -12.35 -5.34 -4.87
N GLY A 12 -11.47 -4.76 -4.07
CA GLY A 12 -10.40 -5.53 -3.49
C GLY A 12 -9.71 -4.79 -2.37
N ALA A 13 -9.18 -3.62 -2.69
CA ALA A 13 -8.50 -2.80 -1.72
C ALA A 13 -8.52 -1.34 -2.15
N ARG A 14 -8.36 -0.45 -1.18
CA ARG A 14 -8.36 0.99 -1.45
C ARG A 14 -7.57 1.71 -0.36
N CYS A 15 -7.26 2.97 -0.58
CA CYS A 15 -6.52 3.74 0.41
C CYS A 15 -7.36 3.96 1.65
N GLY A 16 -7.04 3.24 2.72
CA GLY A 16 -7.81 3.30 3.94
C GLY A 16 -7.80 4.68 4.57
N VAL A 17 -6.71 5.40 4.36
CA VAL A 17 -6.55 6.75 4.90
C VAL A 17 -7.55 7.72 4.27
N CYS A 18 -7.90 7.46 3.01
CA CYS A 18 -8.81 8.32 2.28
C CYS A 18 -10.22 7.75 2.22
N GLY A 19 -10.30 6.43 2.10
CA GLY A 19 -11.58 5.78 1.93
C GLY A 19 -11.88 5.55 0.47
N ASP A 20 -10.96 6.01 -0.39
CA ASP A 20 -11.15 5.92 -1.84
C ASP A 20 -10.03 5.12 -2.47
N GLY A 21 -10.37 4.38 -3.52
CA GLY A 21 -9.38 3.68 -4.30
C GLY A 21 -9.09 4.41 -5.60
N THR A 22 -9.54 5.65 -5.67
CA THR A 22 -9.30 6.50 -6.83
C THR A 22 -7.80 6.75 -7.02
N ASP A 23 -7.28 6.34 -8.18
CA ASP A 23 -5.86 6.48 -8.48
C ASP A 23 -5.00 5.91 -7.37
N VAL A 24 -5.30 4.68 -7.00
CA VAL A 24 -4.62 4.03 -5.90
C VAL A 24 -3.39 3.28 -6.40
N LEU A 25 -2.34 3.25 -5.58
CA LEU A 25 -1.12 2.56 -5.94
C LEU A 25 -1.13 1.15 -5.36
N ARG A 26 -0.56 0.22 -6.12
CA ARG A 26 -0.53 -1.17 -5.73
C ARG A 26 0.89 -1.55 -5.30
N CYS A 27 1.00 -2.45 -4.34
CA CYS A 27 2.31 -2.92 -3.92
C CYS A 27 2.78 -3.98 -4.91
N THR A 28 4.06 -3.93 -5.26
CA THR A 28 4.61 -4.85 -6.24
C THR A 28 5.22 -6.09 -5.58
N HIS A 29 5.41 -6.02 -4.27
CA HIS A 29 5.95 -7.15 -3.53
C HIS A 29 4.87 -7.89 -2.77
N CYS A 30 3.73 -7.24 -2.58
CA CYS A 30 2.59 -7.87 -1.92
C CYS A 30 1.30 -7.27 -2.46
N ALA A 31 0.19 -7.55 -1.80
CA ALA A 31 -1.09 -7.03 -2.22
C ALA A 31 -1.53 -5.89 -1.31
N ALA A 32 -1.63 -4.69 -1.87
CA ALA A 32 -2.01 -3.51 -1.12
C ALA A 32 -2.50 -2.41 -2.04
N ALA A 33 -3.35 -1.55 -1.51
CA ALA A 33 -3.85 -0.39 -2.24
C ALA A 33 -3.80 0.83 -1.35
N PHE A 34 -2.94 1.77 -1.71
CA PHE A 34 -2.77 2.99 -0.94
C PHE A 34 -2.23 4.09 -1.83
N HIS A 35 -2.34 5.33 -1.38
CA HIS A 35 -1.71 6.44 -2.09
C HIS A 35 -0.35 6.68 -1.49
N TRP A 36 0.64 6.96 -2.32
CA TRP A 36 2.01 7.14 -1.86
C TRP A 36 2.09 8.12 -0.68
N ARG A 37 1.51 9.30 -0.87
CA ARG A 37 1.60 10.38 0.12
C ARG A 37 0.77 10.09 1.37
N CYS A 38 -0.03 9.05 1.32
CA CYS A 38 -0.87 8.69 2.45
C CYS A 38 -0.15 7.70 3.37
N HIS A 39 0.84 7.01 2.82
CA HIS A 39 1.64 6.06 3.60
C HIS A 39 3.04 6.61 3.86
N PHE A 40 3.62 7.25 2.85
CA PHE A 40 4.98 7.74 2.92
C PHE A 40 5.01 9.27 2.86
N PRO A 41 5.99 9.89 3.53
CA PRO A 41 6.16 11.35 3.53
C PRO A 41 6.57 11.88 2.15
N ALA A 42 6.24 13.13 1.91
CA ALA A 42 6.45 13.78 0.61
C ALA A 42 7.94 13.93 0.30
N GLY A 43 8.78 13.73 1.31
CA GLY A 43 10.21 13.77 1.10
C GLY A 43 10.72 12.51 0.44
N THR A 44 9.84 11.52 0.29
CA THR A 44 10.20 10.29 -0.37
C THR A 44 9.66 10.29 -1.81
N SER A 45 10.51 9.97 -2.76
CA SER A 45 10.12 9.95 -4.15
C SER A 45 9.56 8.59 -4.52
N ARG A 46 8.39 8.59 -5.15
CA ARG A 46 7.69 7.36 -5.47
C ARG A 46 8.40 6.60 -6.59
N PRO A 47 8.86 5.38 -6.30
CA PRO A 47 9.60 4.55 -7.25
C PRO A 47 8.72 4.04 -8.38
N GLY A 48 9.20 4.18 -9.61
CA GLY A 48 8.47 3.70 -10.77
C GLY A 48 8.73 2.24 -11.02
N THR A 49 9.86 1.75 -10.52
CA THR A 49 10.26 0.39 -10.75
C THR A 49 10.09 -0.45 -9.49
N GLY A 50 8.86 -0.54 -9.01
CA GLY A 50 8.59 -1.32 -7.83
C GLY A 50 8.02 -0.49 -6.70
N LEU A 51 6.71 -0.26 -6.75
CA LEU A 51 6.02 0.47 -5.69
C LEU A 51 5.85 -0.44 -4.47
N ARG A 52 6.27 0.04 -3.31
CA ARG A 52 6.25 -0.79 -2.11
C ARG A 52 5.46 -0.15 -0.98
N CYS A 53 4.80 -0.98 -0.19
CA CYS A 53 4.14 -0.54 1.04
C CYS A 53 5.17 -0.48 2.16
N ARG A 54 4.75 -0.12 3.37
CA ARG A 54 5.72 0.09 4.45
C ARG A 54 6.46 -1.21 4.80
N SER A 55 5.74 -2.32 4.83
CA SER A 55 6.32 -3.59 5.24
C SER A 55 7.34 -4.09 4.22
N CYS A 56 7.02 -3.94 2.95
CA CYS A 56 7.92 -4.37 1.88
C CYS A 56 9.13 -3.43 1.77
N SER A 57 9.04 -2.26 2.38
CA SER A 57 10.14 -1.31 2.39
C SER A 57 10.94 -1.45 3.70
N GLY A 58 10.37 -2.15 4.66
CA GLY A 58 10.98 -2.27 5.97
C GLY A 58 10.18 -1.56 7.02
N ASP A 59 9.23 -2.28 7.63
CA ASP A 59 8.35 -1.69 8.64
C ASP A 59 8.97 -1.83 10.02
N VAL A 60 10.08 -2.54 10.09
CA VAL A 60 10.82 -2.67 11.33
C VAL A 60 11.84 -1.56 11.42
N THR A 61 11.36 -0.38 11.81
CA THR A 61 12.20 0.80 11.89
C THR A 61 13.33 0.60 12.89
N PRO A 62 14.59 0.66 12.42
CA PRO A 62 15.76 0.45 13.27
C PRO A 62 15.94 1.58 14.28
N ALA A 63 16.24 1.21 15.51
CA ALA A 63 16.49 2.20 16.55
C ALA A 63 17.90 2.77 16.41
N PRO A 64 18.02 4.11 16.44
CA PRO A 64 19.33 4.77 16.35
C PRO A 64 20.29 4.27 17.43
N VAL A 65 21.27 3.50 17.00
CA VAL A 65 22.24 2.94 17.91
C VAL A 65 23.49 3.82 17.96
N GLU A 66 24.17 3.80 19.09
CA GLU A 66 25.38 4.59 19.25
C GLU A 66 26.60 3.68 19.08
N GLY A 1 -10.15 -19.46 18.99
CA GLY A 1 -11.40 -19.11 18.27
C GLY A 1 -11.95 -17.77 18.70
N ALA A 2 -13.26 -17.59 18.53
CA ALA A 2 -13.95 -16.37 18.93
C ALA A 2 -13.36 -15.15 18.23
N MET A 3 -13.20 -15.25 16.92
CA MET A 3 -12.65 -14.16 16.12
C MET A 3 -13.78 -13.25 15.65
N GLU A 4 -14.46 -12.61 16.60
CA GLU A 4 -15.58 -11.76 16.28
C GLU A 4 -15.13 -10.32 16.01
N GLY A 5 -15.71 -9.71 15.00
CA GLY A 5 -15.41 -8.34 14.69
C GLY A 5 -14.60 -8.19 13.42
N GLN A 6 -13.36 -8.69 13.45
CA GLN A 6 -12.44 -8.59 12.31
C GLN A 6 -12.23 -7.13 11.92
N GLN A 7 -12.14 -6.26 12.92
CA GLN A 7 -11.98 -4.83 12.69
C GLN A 7 -10.53 -4.48 12.40
N ASN A 8 -9.66 -5.48 12.43
CA ASN A 8 -8.26 -5.31 12.06
C ASN A 8 -8.02 -5.85 10.66
N LEU A 9 -9.09 -6.30 10.02
CA LEU A 9 -9.01 -6.85 8.68
C LEU A 9 -9.20 -5.75 7.65
N ALA A 10 -8.35 -5.73 6.64
CA ALA A 10 -8.44 -4.73 5.58
C ALA A 10 -9.50 -5.13 4.57
N PRO A 11 -10.23 -4.14 4.00
CA PRO A 11 -11.25 -4.39 2.97
C PRO A 11 -10.64 -4.79 1.63
N GLY A 12 -9.79 -5.81 1.65
CA GLY A 12 -9.11 -6.25 0.45
C GLY A 12 -7.93 -5.38 0.12
N ALA A 13 -8.18 -4.29 -0.59
CA ALA A 13 -7.14 -3.35 -0.96
C ALA A 13 -7.72 -1.95 -1.09
N ARG A 14 -7.39 -1.08 -0.15
CA ARG A 14 -7.94 0.27 -0.12
C ARG A 14 -7.09 1.16 0.79
N CYS A 15 -6.92 2.42 0.39
CA CYS A 15 -6.16 3.38 1.18
C CYS A 15 -6.89 3.67 2.49
N GLY A 16 -6.24 3.36 3.60
CA GLY A 16 -6.84 3.59 4.90
C GLY A 16 -6.92 5.06 5.27
N VAL A 17 -6.14 5.86 4.56
CA VAL A 17 -6.10 7.29 4.79
C VAL A 17 -7.25 7.99 4.06
N CYS A 18 -7.66 7.45 2.92
CA CYS A 18 -8.71 8.09 2.12
C CYS A 18 -10.04 7.33 2.19
N GLY A 19 -9.97 6.02 2.40
CA GLY A 19 -11.15 5.19 2.34
C GLY A 19 -11.55 4.95 0.89
N ASP A 20 -10.61 5.21 0.00
CA ASP A 20 -10.86 5.18 -1.44
C ASP A 20 -9.69 4.53 -2.16
N GLY A 21 -9.96 3.95 -3.33
CA GLY A 21 -8.92 3.31 -4.11
C GLY A 21 -8.82 3.86 -5.52
N THR A 22 -9.28 5.10 -5.70
CA THR A 22 -9.21 5.75 -7.00
C THR A 22 -7.83 6.35 -7.22
N ASP A 23 -7.24 6.08 -8.39
CA ASP A 23 -5.88 6.55 -8.70
C ASP A 23 -4.90 6.06 -7.64
N VAL A 24 -5.13 4.85 -7.17
CA VAL A 24 -4.37 4.30 -6.08
C VAL A 24 -3.14 3.55 -6.60
N LEU A 25 -2.13 3.38 -5.75
CA LEU A 25 -0.95 2.62 -6.12
C LEU A 25 -1.07 1.19 -5.64
N ARG A 26 -0.51 0.27 -6.40
CA ARG A 26 -0.55 -1.14 -6.07
C ARG A 26 0.84 -1.61 -5.68
N CYS A 27 0.94 -2.31 -4.55
CA CYS A 27 2.22 -2.87 -4.13
C CYS A 27 2.63 -3.97 -5.11
N THR A 28 3.88 -3.93 -5.56
CA THR A 28 4.38 -4.90 -6.52
C THR A 28 4.90 -6.14 -5.80
N HIS A 29 5.17 -6.02 -4.51
CA HIS A 29 5.73 -7.12 -3.74
C HIS A 29 4.65 -7.87 -2.98
N CYS A 30 3.51 -7.22 -2.78
CA CYS A 30 2.38 -7.87 -2.14
C CYS A 30 1.09 -7.24 -2.66
N ALA A 31 -0.01 -7.49 -1.97
CA ALA A 31 -1.29 -6.93 -2.36
C ALA A 31 -1.65 -5.78 -1.42
N ALA A 32 -1.70 -4.57 -1.97
CA ALA A 32 -2.02 -3.39 -1.19
C ALA A 32 -2.31 -2.20 -2.09
N ALA A 33 -3.40 -1.51 -1.81
CA ALA A 33 -3.79 -0.31 -2.54
C ALA A 33 -3.67 0.90 -1.64
N PHE A 34 -2.74 1.77 -1.97
CA PHE A 34 -2.52 2.97 -1.17
C PHE A 34 -1.96 4.08 -2.05
N HIS A 35 -2.32 5.32 -1.77
CA HIS A 35 -1.69 6.45 -2.43
C HIS A 35 -0.35 6.71 -1.77
N TRP A 36 0.68 6.94 -2.55
CA TRP A 36 2.04 7.07 -2.02
C TRP A 36 2.10 8.08 -0.88
N ARG A 37 1.57 9.27 -1.13
CA ARG A 37 1.67 10.39 -0.20
C ARG A 37 0.85 10.14 1.07
N CYS A 38 -0.07 9.20 1.00
CA CYS A 38 -0.90 8.86 2.16
C CYS A 38 -0.11 8.00 3.15
N HIS A 39 0.91 7.34 2.65
CA HIS A 39 1.76 6.50 3.48
C HIS A 39 3.08 7.18 3.76
N PHE A 40 3.71 7.64 2.69
CA PHE A 40 5.02 8.26 2.78
C PHE A 40 4.89 9.75 2.56
N PRO A 41 5.33 10.56 3.54
CA PRO A 41 5.27 12.02 3.46
C PRO A 41 5.95 12.57 2.22
N ALA A 42 5.62 13.82 1.91
CA ALA A 42 6.00 14.47 0.65
C ALA A 42 7.51 14.53 0.47
N GLY A 43 8.25 14.37 1.55
CA GLY A 43 9.70 14.39 1.48
C GLY A 43 10.28 13.04 1.07
N THR A 44 9.40 12.10 0.75
CA THR A 44 9.83 10.78 0.29
C THR A 44 9.45 10.57 -1.17
N SER A 45 10.40 10.07 -1.95
CA SER A 45 10.21 9.91 -3.38
C SER A 45 9.61 8.54 -3.69
N ARG A 46 8.75 8.50 -4.70
CA ARG A 46 8.07 7.28 -5.11
C ARG A 46 8.93 6.50 -6.10
N PRO A 47 9.28 5.24 -5.80
CA PRO A 47 10.04 4.38 -6.70
C PRO A 47 9.21 3.98 -7.92
N GLY A 48 9.81 4.11 -9.09
CA GLY A 48 9.12 3.78 -10.33
C GLY A 48 9.43 2.36 -10.78
N THR A 49 10.47 1.77 -10.20
CA THR A 49 10.88 0.43 -10.58
C THR A 49 10.16 -0.63 -9.75
N GLY A 50 9.47 -0.19 -8.71
CA GLY A 50 8.77 -1.11 -7.84
C GLY A 50 8.08 -0.39 -6.72
N LEU A 51 6.77 -0.58 -6.61
CA LEU A 51 5.98 0.10 -5.60
C LEU A 51 5.92 -0.75 -4.34
N ARG A 52 6.36 -0.17 -3.23
CA ARG A 52 6.37 -0.89 -1.96
C ARG A 52 5.44 -0.22 -0.96
N CYS A 53 4.57 -1.02 -0.36
CA CYS A 53 3.69 -0.54 0.69
C CYS A 53 4.48 -0.36 1.99
N ARG A 54 3.76 -0.12 3.09
CA ARG A 54 4.39 0.14 4.37
C ARG A 54 5.30 -1.01 4.79
N SER A 55 4.77 -2.23 4.78
CA SER A 55 5.50 -3.39 5.25
C SER A 55 6.66 -3.74 4.31
N CYS A 56 6.42 -3.70 3.01
CA CYS A 56 7.44 -4.08 2.03
C CYS A 56 8.56 -3.06 1.94
N SER A 57 8.31 -1.86 2.44
CA SER A 57 9.31 -0.79 2.39
C SER A 57 10.21 -0.84 3.62
N GLY A 58 10.07 -1.90 4.40
CA GLY A 58 10.89 -2.06 5.59
C GLY A 58 11.13 -3.50 5.92
N ASP A 59 11.96 -3.74 6.93
CA ASP A 59 12.24 -5.08 7.41
C ASP A 59 12.13 -5.12 8.92
N VAL A 60 10.95 -5.46 9.42
CA VAL A 60 10.69 -5.45 10.84
C VAL A 60 11.04 -6.80 11.46
N THR A 61 12.17 -6.88 12.11
CA THR A 61 12.60 -8.08 12.80
C THR A 61 11.69 -8.36 14.00
N PRO A 62 11.18 -9.60 14.11
CA PRO A 62 10.31 -9.99 15.22
C PRO A 62 11.02 -9.89 16.57
N ALA A 63 10.33 -9.33 17.55
CA ALA A 63 10.88 -9.15 18.88
C ALA A 63 10.95 -10.48 19.62
N PRO A 64 12.17 -10.89 20.05
CA PRO A 64 12.34 -12.10 20.84
C PRO A 64 11.88 -11.89 22.27
N VAL A 65 11.09 -12.82 22.78
CA VAL A 65 10.57 -12.74 24.14
C VAL A 65 11.29 -13.73 25.05
N GLU A 66 12.08 -14.61 24.47
CA GLU A 66 12.83 -15.58 25.25
C GLU A 66 14.27 -15.10 25.42
N GLY A 1 -18.09 -24.07 8.29
CA GLY A 1 -16.94 -23.13 8.28
C GLY A 1 -17.27 -21.85 7.55
N ALA A 2 -16.26 -21.21 6.99
CA ALA A 2 -16.45 -19.98 6.25
C ALA A 2 -16.92 -20.29 4.83
N MET A 3 -18.16 -19.94 4.53
CA MET A 3 -18.72 -20.21 3.21
C MET A 3 -18.33 -19.11 2.23
N GLU A 4 -17.67 -19.51 1.16
CA GLU A 4 -17.23 -18.59 0.13
C GLU A 4 -17.75 -19.04 -1.22
N GLY A 5 -17.98 -18.08 -2.12
CA GLY A 5 -18.53 -18.39 -3.42
C GLY A 5 -19.61 -17.41 -3.81
N GLN A 6 -20.65 -17.35 -3.00
CA GLN A 6 -21.72 -16.37 -3.18
C GLN A 6 -21.18 -14.98 -2.87
N GLN A 7 -20.23 -14.92 -1.94
CA GLN A 7 -19.56 -13.69 -1.59
C GLN A 7 -18.13 -13.74 -2.08
N ASN A 8 -17.59 -12.59 -2.43
CA ASN A 8 -16.22 -12.51 -2.92
C ASN A 8 -15.44 -11.45 -2.16
N LEU A 9 -14.40 -11.87 -1.47
CA LEU A 9 -13.58 -10.96 -0.69
C LEU A 9 -12.50 -10.35 -1.56
N ALA A 10 -12.58 -9.04 -1.78
CA ALA A 10 -11.60 -8.32 -2.58
C ALA A 10 -10.27 -8.23 -1.83
N PRO A 11 -9.14 -8.28 -2.56
CA PRO A 11 -7.79 -8.26 -1.97
C PRO A 11 -7.49 -6.96 -1.22
N GLY A 12 -8.35 -5.96 -1.41
CA GLY A 12 -8.19 -4.70 -0.70
C GLY A 12 -7.68 -3.59 -1.58
N ALA A 13 -8.57 -3.02 -2.39
CA ALA A 13 -8.21 -1.91 -3.25
C ALA A 13 -8.79 -0.62 -2.69
N ARG A 14 -8.17 -0.12 -1.63
CA ARG A 14 -8.65 1.10 -0.98
C ARG A 14 -7.55 1.73 -0.11
N CYS A 15 -7.32 3.01 -0.30
CA CYS A 15 -6.38 3.74 0.54
C CYS A 15 -6.98 3.92 1.93
N GLY A 16 -6.41 3.23 2.92
CA GLY A 16 -6.94 3.25 4.27
C GLY A 16 -6.91 4.64 4.89
N VAL A 17 -6.01 5.48 4.40
CA VAL A 17 -5.90 6.84 4.89
C VAL A 17 -7.07 7.70 4.40
N CYS A 18 -7.58 7.37 3.22
CA CYS A 18 -8.62 8.16 2.59
C CYS A 18 -9.99 7.50 2.68
N GLY A 19 -10.04 6.22 2.38
CA GLY A 19 -11.31 5.51 2.31
C GLY A 19 -11.72 5.27 0.87
N ASP A 20 -10.97 5.85 -0.06
CA ASP A 20 -11.25 5.70 -1.48
C ASP A 20 -10.19 4.83 -2.14
N GLY A 21 -10.58 4.20 -3.24
CA GLY A 21 -9.65 3.42 -4.01
C GLY A 21 -9.37 4.08 -5.35
N THR A 22 -9.82 5.32 -5.48
CA THR A 22 -9.59 6.10 -6.68
C THR A 22 -8.10 6.41 -6.84
N ASP A 23 -7.60 6.24 -8.07
CA ASP A 23 -6.20 6.45 -8.42
C ASP A 23 -5.26 5.90 -7.35
N VAL A 24 -5.52 4.66 -6.95
CA VAL A 24 -4.77 4.03 -5.88
C VAL A 24 -3.54 3.30 -6.45
N LEU A 25 -2.47 3.28 -5.69
CA LEU A 25 -1.24 2.62 -6.12
C LEU A 25 -1.18 1.22 -5.54
N ARG A 26 -0.39 0.36 -6.19
CA ARG A 26 -0.32 -1.04 -5.82
C ARG A 26 1.10 -1.44 -5.44
N CYS A 27 1.22 -2.28 -4.42
CA CYS A 27 2.50 -2.85 -4.06
C CYS A 27 2.91 -3.87 -5.11
N THR A 28 4.18 -3.90 -5.48
CA THR A 28 4.66 -4.85 -6.47
C THR A 28 5.18 -6.12 -5.80
N HIS A 29 5.53 -6.01 -4.52
CA HIS A 29 6.08 -7.15 -3.79
C HIS A 29 4.95 -7.95 -3.14
N CYS A 30 3.82 -7.29 -2.92
CA CYS A 30 2.66 -7.96 -2.36
C CYS A 30 1.40 -7.26 -2.85
N ALA A 31 0.28 -7.53 -2.20
CA ALA A 31 -0.98 -6.92 -2.58
C ALA A 31 -1.35 -5.82 -1.58
N ALA A 32 -1.38 -4.59 -2.06
CA ALA A 32 -1.75 -3.45 -1.23
C ALA A 32 -2.15 -2.26 -2.10
N ALA A 33 -3.19 -1.56 -1.68
CA ALA A 33 -3.67 -0.40 -2.39
C ALA A 33 -3.64 0.82 -1.49
N PHE A 34 -2.87 1.82 -1.88
CA PHE A 34 -2.73 3.04 -1.12
C PHE A 34 -2.22 4.17 -2.00
N HIS A 35 -2.38 5.40 -1.56
CA HIS A 35 -1.76 6.53 -2.23
C HIS A 35 -0.40 6.78 -1.60
N TRP A 36 0.62 6.95 -2.43
CA TRP A 36 1.98 7.13 -1.98
C TRP A 36 2.10 8.36 -1.07
N ARG A 37 1.34 9.40 -1.40
CA ARG A 37 1.35 10.63 -0.61
C ARG A 37 0.72 10.41 0.76
N CYS A 38 -0.07 9.36 0.88
CA CYS A 38 -0.76 9.07 2.12
C CYS A 38 0.08 8.16 3.01
N HIS A 39 0.99 7.43 2.41
CA HIS A 39 1.89 6.58 3.17
C HIS A 39 3.18 7.33 3.51
N PHE A 40 3.65 8.11 2.56
CA PHE A 40 4.88 8.86 2.74
C PHE A 40 4.67 10.34 2.45
N PRO A 41 3.99 11.06 3.37
CA PRO A 41 3.70 12.49 3.22
C PRO A 41 4.91 13.36 3.53
N ALA A 42 6.01 12.71 3.90
CA ALA A 42 7.23 13.40 4.28
C ALA A 42 8.04 13.81 3.05
N GLY A 43 7.50 13.54 1.87
CA GLY A 43 8.18 13.89 0.64
C GLY A 43 9.09 12.79 0.15
N THR A 44 8.79 11.56 0.55
CA THR A 44 9.54 10.40 0.10
C THR A 44 9.34 10.20 -1.40
N SER A 45 10.40 9.81 -2.08
CA SER A 45 10.35 9.69 -3.53
C SER A 45 9.86 8.30 -3.92
N ARG A 46 8.92 8.27 -4.85
CA ARG A 46 8.33 7.03 -5.34
C ARG A 46 9.35 6.25 -6.18
N PRO A 47 9.71 5.04 -5.75
CA PRO A 47 10.67 4.20 -6.46
C PRO A 47 10.11 3.65 -7.77
N GLY A 48 10.89 3.77 -8.83
CA GLY A 48 10.49 3.22 -10.11
C GLY A 48 10.89 1.78 -10.25
N THR A 49 11.70 1.31 -9.30
CA THR A 49 12.17 -0.06 -9.30
C THR A 49 11.25 -0.98 -8.50
N GLY A 50 9.96 -0.63 -8.46
CA GLY A 50 9.00 -1.43 -7.73
C GLY A 50 8.35 -0.67 -6.60
N LEU A 51 7.03 -0.57 -6.65
CA LEU A 51 6.28 0.16 -5.64
C LEU A 51 6.19 -0.66 -4.35
N ARG A 52 6.56 -0.06 -3.23
CA ARG A 52 6.59 -0.77 -1.96
C ARG A 52 5.53 -0.22 -1.01
N CYS A 53 4.87 -1.14 -0.30
CA CYS A 53 3.93 -0.76 0.75
C CYS A 53 4.68 -0.62 2.07
N ARG A 54 3.98 -0.35 3.17
CA ARG A 54 4.66 -0.12 4.44
C ARG A 54 5.33 -1.41 4.96
N SER A 55 4.67 -2.54 4.79
CA SER A 55 5.21 -3.81 5.27
C SER A 55 6.46 -4.19 4.48
N CYS A 56 6.40 -4.08 3.17
CA CYS A 56 7.54 -4.42 2.31
C CYS A 56 8.68 -3.41 2.44
N SER A 57 8.37 -2.23 2.97
CA SER A 57 9.40 -1.20 3.17
C SER A 57 9.95 -1.23 4.59
N GLY A 58 9.25 -1.94 5.47
CA GLY A 58 9.66 -1.99 6.86
C GLY A 58 10.33 -3.31 7.19
N ASP A 59 11.62 -3.39 6.95
CA ASP A 59 12.38 -4.61 7.20
C ASP A 59 12.93 -4.61 8.62
N VAL A 60 13.00 -5.78 9.21
CA VAL A 60 13.50 -5.92 10.57
C VAL A 60 14.94 -6.44 10.55
N THR A 61 15.81 -5.79 11.29
CA THR A 61 17.19 -6.25 11.41
C THR A 61 17.29 -7.39 12.42
N PRO A 62 17.82 -8.53 11.99
CA PRO A 62 17.93 -9.72 12.84
C PRO A 62 18.88 -9.48 14.01
N ALA A 63 18.47 -9.86 15.20
CA ALA A 63 19.28 -9.68 16.39
C ALA A 63 20.30 -10.81 16.50
N PRO A 64 21.55 -10.47 16.83
CA PRO A 64 22.62 -11.45 16.97
C PRO A 64 22.57 -12.17 18.33
N VAL A 65 21.37 -12.54 18.74
CA VAL A 65 21.18 -13.16 20.04
C VAL A 65 21.29 -14.68 19.92
N GLU A 66 22.38 -15.22 20.46
CA GLU A 66 22.61 -16.65 20.41
C GLU A 66 22.32 -17.27 21.78
N GLY A 1 -31.09 -17.15 3.85
CA GLY A 1 -31.46 -15.79 3.40
C GLY A 1 -30.80 -15.44 2.09
N ALA A 2 -31.07 -14.24 1.60
CA ALA A 2 -30.50 -13.77 0.35
C ALA A 2 -29.12 -13.14 0.58
N MET A 3 -28.89 -12.67 1.79
CA MET A 3 -27.64 -12.02 2.13
C MET A 3 -26.52 -13.06 2.23
N GLU A 4 -25.48 -12.85 1.45
CA GLU A 4 -24.34 -13.76 1.43
C GLU A 4 -23.18 -13.14 2.20
N GLY A 5 -22.83 -11.92 1.83
CA GLY A 5 -21.73 -11.23 2.46
C GLY A 5 -21.40 -9.94 1.74
N GLN A 6 -22.21 -8.92 1.97
CA GLN A 6 -22.00 -7.62 1.34
C GLN A 6 -20.78 -6.95 1.95
N GLN A 7 -20.48 -7.29 3.20
CA GLN A 7 -19.32 -6.74 3.91
C GLN A 7 -18.05 -7.50 3.55
N ASN A 8 -18.12 -8.31 2.50
CA ASN A 8 -16.94 -9.03 2.02
C ASN A 8 -16.25 -8.22 0.92
N LEU A 9 -16.62 -6.95 0.82
CA LEU A 9 -16.03 -6.05 -0.17
C LEU A 9 -14.55 -5.86 0.13
N ALA A 10 -13.72 -6.55 -0.64
CA ALA A 10 -12.28 -6.50 -0.45
C ALA A 10 -11.72 -5.16 -0.87
N PRO A 11 -10.94 -4.50 0.02
CA PRO A 11 -10.28 -3.22 -0.29
C PRO A 11 -9.13 -3.38 -1.29
N GLY A 12 -9.41 -4.00 -2.42
CA GLY A 12 -8.40 -4.14 -3.47
C GLY A 12 -8.14 -2.82 -4.15
N ALA A 13 -9.17 -1.98 -4.20
CA ALA A 13 -9.04 -0.64 -4.73
C ALA A 13 -9.55 0.35 -3.69
N ARG A 14 -8.74 0.58 -2.66
CA ARG A 14 -9.13 1.45 -1.57
C ARG A 14 -7.94 1.81 -0.69
N CYS A 15 -7.55 3.07 -0.71
CA CYS A 15 -6.49 3.57 0.15
C CYS A 15 -6.97 3.55 1.60
N GLY A 16 -6.23 2.85 2.45
CA GLY A 16 -6.63 2.66 3.83
C GLY A 16 -6.74 3.96 4.61
N VAL A 17 -6.02 4.98 4.17
CA VAL A 17 -6.03 6.27 4.82
C VAL A 17 -7.20 7.13 4.35
N CYS A 18 -7.59 6.95 3.10
CA CYS A 18 -8.62 7.79 2.50
C CYS A 18 -9.99 7.11 2.50
N GLY A 19 -10.00 5.82 2.20
CA GLY A 19 -11.26 5.11 2.03
C GLY A 19 -11.64 5.04 0.57
N ASP A 20 -11.02 5.89 -0.23
CA ASP A 20 -11.28 5.96 -1.66
C ASP A 20 -10.27 5.11 -2.42
N GLY A 21 -10.71 4.56 -3.55
CA GLY A 21 -9.82 3.79 -4.39
C GLY A 21 -9.48 4.55 -5.66
N THR A 22 -9.75 5.84 -5.65
CA THR A 22 -9.46 6.70 -6.79
C THR A 22 -7.96 6.99 -6.85
N ASP A 23 -7.36 6.68 -8.01
CA ASP A 23 -5.91 6.84 -8.21
C ASP A 23 -5.13 6.08 -7.15
N VAL A 24 -5.56 4.86 -6.86
CA VAL A 24 -4.95 4.08 -5.81
C VAL A 24 -3.78 3.27 -6.35
N LEU A 25 -2.69 3.27 -5.61
CA LEU A 25 -1.49 2.57 -6.03
C LEU A 25 -1.46 1.17 -5.43
N ARG A 26 -0.72 0.29 -6.07
CA ARG A 26 -0.64 -1.10 -5.65
C ARG A 26 0.80 -1.49 -5.34
N CYS A 27 0.98 -2.41 -4.41
CA CYS A 27 2.31 -2.85 -4.04
C CYS A 27 2.82 -3.88 -5.04
N THR A 28 4.12 -3.84 -5.31
CA THR A 28 4.72 -4.75 -6.27
C THR A 28 5.17 -6.04 -5.59
N HIS A 29 5.37 -5.99 -4.29
CA HIS A 29 5.86 -7.16 -3.56
C HIS A 29 4.73 -7.87 -2.83
N CYS A 30 3.61 -7.18 -2.66
CA CYS A 30 2.44 -7.77 -2.02
C CYS A 30 1.18 -7.11 -2.57
N ALA A 31 0.05 -7.39 -1.93
CA ALA A 31 -1.22 -6.82 -2.34
C ALA A 31 -1.64 -5.71 -1.36
N ALA A 32 -1.68 -4.48 -1.84
CA ALA A 32 -2.04 -3.35 -0.99
C ALA A 32 -2.55 -2.19 -1.84
N ALA A 33 -3.66 -1.62 -1.42
CA ALA A 33 -4.23 -0.44 -2.09
C ALA A 33 -4.02 0.79 -1.21
N PHE A 34 -3.19 1.70 -1.68
CA PHE A 34 -2.88 2.90 -0.92
C PHE A 34 -2.36 3.99 -1.85
N HIS A 35 -2.34 5.22 -1.35
CA HIS A 35 -1.69 6.30 -2.10
C HIS A 35 -0.29 6.50 -1.53
N TRP A 36 0.68 6.73 -2.39
CA TRP A 36 2.07 6.90 -1.95
C TRP A 36 2.16 8.00 -0.91
N ARG A 37 1.51 9.13 -1.19
CA ARG A 37 1.54 10.29 -0.31
C ARG A 37 0.86 10.03 1.03
N CYS A 38 0.04 8.99 1.08
CA CYS A 38 -0.68 8.65 2.30
C CYS A 38 0.17 7.77 3.20
N HIS A 39 1.19 7.14 2.63
CA HIS A 39 2.14 6.36 3.41
C HIS A 39 3.42 7.16 3.64
N PHE A 40 3.85 7.89 2.62
CA PHE A 40 5.06 8.69 2.69
C PHE A 40 4.76 10.13 2.30
N PRO A 41 5.43 11.12 2.92
CA PRO A 41 5.26 12.53 2.59
C PRO A 41 5.57 12.80 1.13
N ALA A 42 4.97 13.87 0.59
CA ALA A 42 5.07 14.20 -0.83
C ALA A 42 6.51 14.54 -1.23
N GLY A 43 7.38 14.71 -0.25
CA GLY A 43 8.78 14.97 -0.54
C GLY A 43 9.57 13.68 -0.65
N THR A 44 8.91 12.55 -0.44
CA THR A 44 9.56 11.26 -0.55
C THR A 44 9.44 10.73 -1.98
N SER A 45 10.49 10.13 -2.47
CA SER A 45 10.54 9.66 -3.85
C SER A 45 9.98 8.25 -3.96
N ARG A 46 9.11 8.04 -4.94
CA ARG A 46 8.47 6.76 -5.15
C ARG A 46 9.30 5.87 -6.06
N PRO A 47 9.49 4.60 -5.68
CA PRO A 47 10.15 3.61 -6.53
C PRO A 47 9.38 3.38 -7.82
N GLY A 48 10.10 3.39 -8.93
CA GLY A 48 9.47 3.31 -10.24
C GLY A 48 9.06 1.90 -10.62
N THR A 49 9.98 0.96 -10.52
CA THR A 49 9.72 -0.41 -10.97
C THR A 49 9.27 -1.28 -9.80
N GLY A 50 9.54 -0.83 -8.59
CA GLY A 50 9.20 -1.61 -7.42
C GLY A 50 8.49 -0.78 -6.37
N LEU A 51 7.27 -0.34 -6.67
CA LEU A 51 6.46 0.41 -5.71
C LEU A 51 6.19 -0.47 -4.49
N ARG A 52 6.58 0.02 -3.32
CA ARG A 52 6.51 -0.79 -2.10
C ARG A 52 5.64 -0.11 -1.06
N CYS A 53 4.85 -0.91 -0.35
CA CYS A 53 4.03 -0.42 0.75
C CYS A 53 4.89 -0.28 2.01
N ARG A 54 4.27 0.06 3.13
CA ARG A 54 5.01 0.30 4.38
C ARG A 54 5.75 -0.94 4.82
N SER A 55 5.06 -2.07 4.87
CA SER A 55 5.64 -3.31 5.36
C SER A 55 6.78 -3.77 4.47
N CYS A 56 6.59 -3.72 3.15
CA CYS A 56 7.60 -4.18 2.21
C CYS A 56 8.80 -3.23 2.17
N SER A 57 8.61 -1.99 2.62
CA SER A 57 9.70 -1.02 2.65
C SER A 57 10.54 -1.18 3.91
N GLY A 58 10.02 -1.94 4.87
CA GLY A 58 10.76 -2.21 6.08
C GLY A 58 11.09 -3.67 6.21
N ASP A 59 11.92 -4.02 7.17
CA ASP A 59 12.28 -5.41 7.38
C ASP A 59 11.56 -5.98 8.60
N VAL A 60 10.69 -6.94 8.36
CA VAL A 60 9.98 -7.62 9.43
C VAL A 60 10.80 -8.83 9.87
N THR A 61 11.86 -8.56 10.60
CA THR A 61 12.79 -9.60 11.01
C THR A 61 12.54 -10.06 12.44
N PRO A 62 11.95 -11.25 12.61
CA PRO A 62 11.73 -11.84 13.93
C PRO A 62 13.05 -12.27 14.58
N ALA A 63 13.19 -11.95 15.86
CA ALA A 63 14.38 -12.32 16.60
C ALA A 63 14.53 -13.83 16.67
N PRO A 64 15.65 -14.37 16.15
CA PRO A 64 15.90 -15.82 16.10
C PRO A 64 15.97 -16.45 17.49
N VAL A 65 14.85 -16.94 17.97
CA VAL A 65 14.78 -17.59 19.26
C VAL A 65 14.67 -19.10 19.10
N GLU A 66 15.08 -19.83 20.13
CA GLU A 66 14.98 -21.27 20.13
C GLU A 66 13.68 -21.70 20.82
N GLY A 1 -7.49 -24.19 3.83
CA GLY A 1 -8.66 -23.29 3.68
C GLY A 1 -8.86 -22.43 4.92
N ALA A 2 -9.99 -21.73 4.96
CA ALA A 2 -10.32 -20.84 6.08
C ALA A 2 -9.24 -19.77 6.26
N MET A 3 -8.81 -19.19 5.14
CA MET A 3 -7.75 -18.21 5.16
C MET A 3 -8.28 -16.84 5.59
N GLU A 4 -9.55 -16.56 5.27
CA GLU A 4 -10.18 -15.29 5.61
C GLU A 4 -9.29 -14.11 5.23
N GLY A 5 -9.09 -13.94 3.93
CA GLY A 5 -8.26 -12.85 3.44
C GLY A 5 -9.04 -11.57 3.34
N GLN A 6 -9.48 -11.06 4.48
CA GLN A 6 -10.26 -9.83 4.51
C GLN A 6 -9.98 -9.08 5.81
N GLN A 7 -8.70 -8.85 6.08
CA GLN A 7 -8.29 -8.10 7.26
C GLN A 7 -8.43 -6.61 6.99
N ASN A 8 -9.59 -6.07 7.35
CA ASN A 8 -9.91 -4.66 7.09
C ASN A 8 -9.82 -4.37 5.59
N LEU A 9 -10.35 -5.29 4.79
CA LEU A 9 -10.25 -5.18 3.35
C LEU A 9 -11.57 -4.69 2.76
N ALA A 10 -11.48 -3.73 1.86
CA ALA A 10 -12.65 -3.22 1.16
C ALA A 10 -12.90 -4.04 -0.10
N PRO A 11 -14.17 -4.23 -0.48
CA PRO A 11 -14.54 -4.96 -1.70
C PRO A 11 -14.23 -4.17 -2.97
N GLY A 12 -13.04 -3.61 -3.02
CA GLY A 12 -12.63 -2.79 -4.15
C GLY A 12 -11.29 -2.15 -3.89
N ALA A 13 -10.72 -1.55 -4.92
CA ALA A 13 -9.41 -0.93 -4.83
C ALA A 13 -9.50 0.45 -4.19
N ARG A 14 -9.58 0.49 -2.87
CA ARG A 14 -9.65 1.76 -2.15
C ARG A 14 -8.53 1.85 -1.11
N CYS A 15 -7.98 3.05 -0.98
CA CYS A 15 -6.93 3.33 -0.02
C CYS A 15 -7.54 3.70 1.33
N GLY A 16 -7.49 2.78 2.28
CA GLY A 16 -8.17 2.95 3.55
C GLY A 16 -7.57 4.04 4.42
N VAL A 17 -6.35 4.45 4.11
CA VAL A 17 -5.67 5.48 4.89
C VAL A 17 -6.41 6.82 4.78
N CYS A 18 -7.06 7.04 3.65
CA CYS A 18 -7.84 8.25 3.45
C CYS A 18 -9.31 7.93 3.23
N GLY A 19 -9.56 6.89 2.42
CA GLY A 19 -10.92 6.52 2.11
C GLY A 19 -11.20 6.57 0.62
N ASP A 20 -10.26 7.16 -0.12
CA ASP A 20 -10.43 7.33 -1.56
C ASP A 20 -9.87 6.14 -2.32
N GLY A 21 -10.57 5.77 -3.38
CA GLY A 21 -10.10 4.71 -4.24
C GLY A 21 -9.68 5.24 -5.59
N THR A 22 -9.47 6.55 -5.64
CA THR A 22 -9.05 7.20 -6.86
C THR A 22 -7.56 6.93 -7.13
N ASP A 23 -7.29 6.23 -8.22
CA ASP A 23 -5.91 5.90 -8.63
C ASP A 23 -5.07 5.40 -7.47
N VAL A 24 -5.36 4.20 -7.01
CA VAL A 24 -4.60 3.61 -5.92
C VAL A 24 -3.41 2.84 -6.46
N LEU A 25 -2.33 2.85 -5.71
CA LEU A 25 -1.11 2.18 -6.11
C LEU A 25 -1.06 0.79 -5.51
N ARG A 26 -0.45 -0.14 -6.21
CA ARG A 26 -0.34 -1.52 -5.77
C ARG A 26 1.09 -1.82 -5.34
N CYS A 27 1.24 -2.65 -4.33
CA CYS A 27 2.55 -3.06 -3.89
C CYS A 27 3.11 -4.09 -4.87
N THR A 28 4.38 -3.93 -5.25
CA THR A 28 5.00 -4.84 -6.19
C THR A 28 5.57 -6.06 -5.49
N HIS A 29 5.55 -6.04 -4.16
CA HIS A 29 6.10 -7.15 -3.39
C HIS A 29 4.98 -7.92 -2.67
N CYS A 30 3.83 -7.28 -2.52
CA CYS A 30 2.69 -7.93 -1.90
C CYS A 30 1.40 -7.33 -2.44
N ALA A 31 0.26 -7.70 -1.86
CA ALA A 31 -1.04 -7.25 -2.35
C ALA A 31 -1.64 -6.19 -1.43
N ALA A 32 -1.81 -4.98 -1.96
CA ALA A 32 -2.39 -3.89 -1.18
C ALA A 32 -2.78 -2.72 -2.09
N ALA A 33 -3.90 -2.08 -1.79
CA ALA A 33 -4.32 -0.87 -2.49
C ALA A 33 -4.17 0.34 -1.59
N PHE A 34 -3.32 1.28 -1.99
CA PHE A 34 -3.01 2.43 -1.15
C PHE A 34 -2.40 3.56 -1.96
N HIS A 35 -2.40 4.75 -1.39
CA HIS A 35 -1.70 5.87 -1.98
C HIS A 35 -0.33 6.01 -1.34
N TRP A 36 0.67 6.33 -2.16
CA TRP A 36 2.01 6.60 -1.66
C TRP A 36 1.97 7.81 -0.73
N ARG A 37 1.21 8.83 -1.14
CA ARG A 37 1.09 10.07 -0.38
C ARG A 37 0.43 9.83 0.98
N CYS A 38 -0.33 8.75 1.09
CA CYS A 38 -1.03 8.43 2.32
C CYS A 38 -0.13 7.62 3.27
N HIS A 39 0.88 6.97 2.71
CA HIS A 39 1.79 6.17 3.53
C HIS A 39 3.07 6.94 3.82
N PHE A 40 3.54 7.68 2.82
CA PHE A 40 4.76 8.46 2.95
C PHE A 40 4.53 9.86 2.43
N PRO A 41 5.24 10.87 2.97
CA PRO A 41 5.12 12.24 2.53
C PRO A 41 5.62 12.41 1.09
N ALA A 42 4.91 13.21 0.31
CA ALA A 42 5.20 13.41 -1.10
C ALA A 42 6.56 14.07 -1.32
N GLY A 43 7.18 14.53 -0.23
CA GLY A 43 8.53 15.02 -0.30
C GLY A 43 9.50 13.91 -0.66
N THR A 44 9.12 12.69 -0.31
CA THR A 44 9.86 11.52 -0.68
C THR A 44 9.40 11.03 -2.06
N SER A 45 10.34 10.76 -2.93
CA SER A 45 10.02 10.39 -4.29
C SER A 45 9.82 8.88 -4.40
N ARG A 46 8.59 8.50 -4.72
CA ARG A 46 8.21 7.10 -4.83
C ARG A 46 9.07 6.37 -5.87
N PRO A 47 9.52 5.16 -5.54
CA PRO A 47 10.43 4.38 -6.38
C PRO A 47 9.76 3.89 -7.67
N GLY A 48 10.47 4.05 -8.78
CA GLY A 48 9.96 3.61 -10.07
C GLY A 48 10.27 2.14 -10.32
N THR A 49 11.13 1.59 -9.49
CA THR A 49 11.53 0.19 -9.62
C THR A 49 10.59 -0.72 -8.83
N GLY A 50 9.47 -0.17 -8.40
CA GLY A 50 8.49 -0.95 -7.68
C GLY A 50 7.94 -0.23 -6.47
N LEU A 51 6.65 0.06 -6.50
CA LEU A 51 5.99 0.73 -5.40
C LEU A 51 5.89 -0.22 -4.21
N ARG A 52 6.37 0.23 -3.07
CA ARG A 52 6.43 -0.61 -1.88
C ARG A 52 5.53 -0.06 -0.78
N CYS A 53 4.71 -0.94 -0.20
CA CYS A 53 3.93 -0.58 0.98
C CYS A 53 4.87 -0.49 2.18
N ARG A 54 4.36 -0.07 3.34
CA ARG A 54 5.24 0.26 4.46
C ARG A 54 6.12 -0.92 4.88
N SER A 55 5.56 -2.13 4.92
CA SER A 55 6.32 -3.30 5.35
C SER A 55 7.39 -3.67 4.32
N CYS A 56 7.01 -3.73 3.04
CA CYS A 56 7.95 -4.10 1.99
C CYS A 56 8.95 -2.97 1.72
N SER A 57 8.62 -1.76 2.15
CA SER A 57 9.48 -0.60 1.95
C SER A 57 10.53 -0.52 3.05
N GLY A 58 10.32 -1.29 4.11
CA GLY A 58 11.26 -1.28 5.22
C GLY A 58 12.44 -2.19 4.97
N ASP A 59 13.63 -1.62 4.95
CA ASP A 59 14.85 -2.39 4.73
C ASP A 59 15.39 -2.89 6.07
N VAL A 60 16.48 -3.62 6.04
CA VAL A 60 17.07 -4.17 7.24
C VAL A 60 18.40 -3.49 7.56
N THR A 61 18.37 -2.59 8.52
CA THR A 61 19.56 -1.90 8.95
C THR A 61 20.21 -2.63 10.13
N PRO A 62 21.45 -3.07 9.96
CA PRO A 62 22.17 -3.80 11.01
C PRO A 62 22.34 -2.98 12.27
N ALA A 63 22.23 -3.62 13.42
CA ALA A 63 22.39 -2.95 14.70
C ALA A 63 23.87 -2.69 14.97
N PRO A 64 24.19 -1.50 15.50
CA PRO A 64 25.58 -1.11 15.79
C PRO A 64 26.14 -1.83 17.01
N VAL A 65 26.14 -3.15 16.96
CA VAL A 65 26.68 -3.97 18.03
C VAL A 65 27.72 -4.93 17.48
N GLU A 66 28.79 -5.12 18.22
CA GLU A 66 29.86 -6.01 17.81
C GLU A 66 29.71 -7.35 18.52
N GLY A 1 -30.63 -3.29 13.52
CA GLY A 1 -29.25 -3.71 13.87
C GLY A 1 -28.42 -4.03 12.64
N ALA A 2 -27.46 -3.17 12.34
CA ALA A 2 -26.60 -3.34 11.19
C ALA A 2 -25.21 -2.81 11.48
N MET A 3 -24.26 -3.71 11.66
CA MET A 3 -22.89 -3.33 11.94
C MET A 3 -22.07 -3.30 10.66
N GLU A 4 -21.98 -4.45 10.01
CA GLU A 4 -21.25 -4.56 8.75
C GLU A 4 -22.21 -4.63 7.57
N GLY A 5 -23.46 -5.00 7.85
CA GLY A 5 -24.44 -5.17 6.80
C GLY A 5 -25.06 -3.86 6.35
N GLN A 6 -24.27 -3.07 5.63
CA GLN A 6 -24.76 -1.81 5.10
C GLN A 6 -25.03 -1.94 3.60
N GLN A 7 -24.82 -3.16 3.10
CA GLN A 7 -25.07 -3.48 1.69
C GLN A 7 -24.15 -2.70 0.77
N ASN A 8 -23.01 -2.29 1.29
CA ASN A 8 -22.00 -1.60 0.51
C ASN A 8 -20.94 -2.59 0.05
N LEU A 9 -20.79 -2.72 -1.26
CA LEU A 9 -19.81 -3.65 -1.81
C LEU A 9 -18.42 -3.06 -1.77
N ALA A 10 -17.84 -2.99 -0.58
CA ALA A 10 -16.49 -2.53 -0.41
C ALA A 10 -15.52 -3.62 -0.85
N PRO A 11 -14.63 -3.32 -1.82
CA PRO A 11 -13.71 -4.31 -2.40
C PRO A 11 -12.60 -4.71 -1.45
N GLY A 12 -12.45 -3.97 -0.35
CA GLY A 12 -11.37 -4.23 0.59
C GLY A 12 -10.07 -3.59 0.13
N ALA A 13 -9.76 -3.79 -1.15
CA ALA A 13 -8.58 -3.20 -1.76
C ALA A 13 -8.82 -1.71 -2.04
N ARG A 14 -8.74 -0.92 -0.98
CA ARG A 14 -8.92 0.52 -1.07
C ARG A 14 -8.00 1.21 -0.08
N CYS A 15 -7.50 2.38 -0.47
CA CYS A 15 -6.64 3.17 0.41
C CYS A 15 -7.46 3.66 1.61
N GLY A 16 -7.26 3.01 2.75
CA GLY A 16 -8.10 3.25 3.90
C GLY A 16 -7.65 4.43 4.72
N VAL A 17 -6.46 4.92 4.43
CA VAL A 17 -5.92 6.07 5.13
C VAL A 17 -6.75 7.31 4.83
N CYS A 18 -7.13 7.48 3.57
CA CYS A 18 -7.91 8.63 3.17
C CYS A 18 -9.38 8.24 2.94
N GLY A 19 -9.58 7.05 2.39
CA GLY A 19 -10.92 6.58 2.11
C GLY A 19 -11.19 6.48 0.63
N ASP A 20 -10.24 6.94 -0.18
CA ASP A 20 -10.39 6.92 -1.63
C ASP A 20 -9.60 5.77 -2.24
N GLY A 21 -10.23 5.07 -3.18
CA GLY A 21 -9.55 4.03 -3.92
C GLY A 21 -9.29 4.47 -5.35
N THR A 22 -9.69 5.70 -5.65
CA THR A 22 -9.47 6.28 -6.96
C THR A 22 -7.99 6.56 -7.18
N ASP A 23 -7.48 6.15 -8.35
CA ASP A 23 -6.08 6.37 -8.72
C ASP A 23 -5.16 5.78 -7.65
N VAL A 24 -5.46 4.55 -7.26
CA VAL A 24 -4.76 3.90 -6.16
C VAL A 24 -3.54 3.14 -6.67
N LEU A 25 -2.52 3.05 -5.83
CA LEU A 25 -1.29 2.37 -6.19
C LEU A 25 -1.27 0.96 -5.60
N ARG A 26 -0.55 0.07 -6.26
CA ARG A 26 -0.47 -1.32 -5.84
C ARG A 26 0.95 -1.67 -5.42
N CYS A 27 1.08 -2.49 -4.38
CA CYS A 27 2.39 -2.92 -3.93
C CYS A 27 2.95 -3.97 -4.89
N THR A 28 4.28 -3.97 -5.05
CA THR A 28 4.95 -4.90 -5.94
C THR A 28 5.26 -6.22 -5.25
N HIS A 29 5.65 -6.16 -3.98
CA HIS A 29 6.05 -7.36 -3.24
C HIS A 29 4.87 -8.00 -2.53
N CYS A 30 3.75 -7.28 -2.46
CA CYS A 30 2.53 -7.83 -1.90
C CYS A 30 1.34 -7.17 -2.55
N ALA A 31 0.14 -7.55 -2.15
CA ALA A 31 -1.07 -6.99 -2.72
C ALA A 31 -1.67 -6.00 -1.74
N ALA A 32 -1.71 -4.74 -2.14
CA ALA A 32 -2.25 -3.68 -1.30
C ALA A 32 -2.63 -2.48 -2.16
N ALA A 33 -3.79 -1.91 -1.87
CA ALA A 33 -4.24 -0.70 -2.55
C ALA A 33 -4.08 0.48 -1.62
N PHE A 34 -3.17 1.38 -1.97
CA PHE A 34 -2.89 2.54 -1.15
C PHE A 34 -2.33 3.65 -2.01
N HIS A 35 -2.41 4.88 -1.53
CA HIS A 35 -1.78 6.00 -2.21
C HIS A 35 -0.41 6.24 -1.63
N TRP A 36 0.51 6.69 -2.45
CA TRP A 36 1.87 6.96 -2.01
C TRP A 36 1.87 7.96 -0.86
N ARG A 37 1.22 9.11 -1.09
CA ARG A 37 1.22 10.20 -0.12
C ARG A 37 0.53 9.82 1.18
N CYS A 38 -0.54 9.03 1.09
CA CYS A 38 -1.29 8.64 2.27
C CYS A 38 -0.47 7.76 3.19
N HIS A 39 0.54 7.10 2.63
CA HIS A 39 1.43 6.26 3.42
C HIS A 39 2.74 6.98 3.69
N PHE A 40 3.38 7.43 2.63
CA PHE A 40 4.68 8.07 2.73
C PHE A 40 4.52 9.57 2.48
N PRO A 41 5.07 10.40 3.38
CA PRO A 41 5.01 11.86 3.25
C PRO A 41 5.61 12.34 1.94
N ALA A 42 5.28 13.58 1.58
CA ALA A 42 5.65 14.15 0.29
C ALA A 42 7.17 14.32 0.16
N GLY A 43 7.88 14.15 1.27
CA GLY A 43 9.32 14.18 1.23
C GLY A 43 9.90 12.88 0.69
N THR A 44 9.07 11.85 0.64
CA THR A 44 9.48 10.55 0.14
C THR A 44 9.21 10.47 -1.36
N SER A 45 10.24 10.14 -2.13
CA SER A 45 10.11 10.07 -3.57
C SER A 45 9.68 8.67 -4.01
N ARG A 46 8.71 8.63 -4.92
CA ARG A 46 8.16 7.37 -5.40
C ARG A 46 9.16 6.63 -6.29
N PRO A 47 9.49 5.37 -5.94
CA PRO A 47 10.45 4.56 -6.68
C PRO A 47 9.90 4.07 -8.03
N GLY A 48 10.77 4.03 -9.03
CA GLY A 48 10.37 3.55 -10.33
C GLY A 48 10.76 2.11 -10.58
N THR A 49 11.58 1.57 -9.68
CA THR A 49 12.04 0.20 -9.79
C THR A 49 11.07 -0.76 -9.09
N GLY A 50 10.03 -0.19 -8.52
CA GLY A 50 9.06 -0.98 -7.80
C GLY A 50 8.50 -0.25 -6.60
N LEU A 51 7.20 -0.03 -6.59
CA LEU A 51 6.55 0.68 -5.51
C LEU A 51 6.14 -0.29 -4.40
N ARG A 52 6.61 -0.03 -3.20
CA ARG A 52 6.41 -0.93 -2.09
C ARG A 52 5.69 -0.25 -0.93
N CYS A 53 4.82 -1.00 -0.27
CA CYS A 53 4.13 -0.52 0.92
C CYS A 53 5.10 -0.49 2.09
N ARG A 54 4.76 0.19 3.19
CA ARG A 54 5.70 0.39 4.30
C ARG A 54 6.28 -0.93 4.79
N SER A 55 5.49 -1.99 4.76
CA SER A 55 5.93 -3.29 5.22
C SER A 55 7.03 -3.83 4.30
N CYS A 56 6.78 -3.80 3.00
CA CYS A 56 7.73 -4.31 2.02
C CYS A 56 8.95 -3.39 1.86
N SER A 57 8.76 -2.10 2.14
CA SER A 57 9.85 -1.14 2.00
C SER A 57 10.65 -1.01 3.29
N GLY A 58 10.25 -1.78 4.30
CA GLY A 58 10.93 -1.73 5.58
C GLY A 58 11.99 -2.80 5.69
N ASP A 59 12.82 -2.91 4.66
CA ASP A 59 13.87 -3.91 4.63
C ASP A 59 15.24 -3.23 4.73
N VAL A 60 15.24 -2.01 5.25
CA VAL A 60 16.47 -1.24 5.36
C VAL A 60 17.15 -1.53 6.69
N THR A 61 17.69 -2.74 6.80
CA THR A 61 18.36 -3.17 8.00
C THR A 61 19.87 -3.21 7.79
N PRO A 62 20.64 -2.52 8.64
CA PRO A 62 22.09 -2.51 8.53
C PRO A 62 22.71 -3.84 8.95
N ALA A 63 23.65 -4.32 8.15
CA ALA A 63 24.31 -5.58 8.42
C ALA A 63 25.10 -5.51 9.72
N PRO A 64 24.87 -6.46 10.63
CA PRO A 64 25.59 -6.53 11.91
C PRO A 64 27.05 -6.96 11.71
N VAL A 65 27.91 -6.00 11.43
CA VAL A 65 29.31 -6.28 11.18
C VAL A 65 30.11 -6.22 12.47
N GLU A 66 30.62 -7.37 12.89
CA GLU A 66 31.38 -7.47 14.13
C GLU A 66 32.43 -8.56 14.01
N GLY A 1 -13.35 -16.23 -16.88
CA GLY A 1 -12.60 -15.63 -15.75
C GLY A 1 -13.49 -14.87 -14.81
N ALA A 2 -13.75 -13.62 -15.14
CA ALA A 2 -14.53 -12.74 -14.26
C ALA A 2 -16.03 -13.00 -14.41
N MET A 3 -16.55 -13.91 -13.60
CA MET A 3 -17.97 -14.19 -13.56
C MET A 3 -18.62 -13.25 -12.54
N GLU A 4 -18.10 -13.31 -11.32
CA GLU A 4 -18.55 -12.46 -10.23
C GLU A 4 -20.05 -12.63 -9.98
N GLY A 5 -20.43 -13.86 -9.68
CA GLY A 5 -21.79 -14.14 -9.30
C GLY A 5 -21.89 -14.41 -7.81
N GLN A 6 -20.76 -14.70 -7.20
CA GLN A 6 -20.70 -14.98 -5.77
C GLN A 6 -19.68 -14.08 -5.08
N GLN A 7 -19.36 -12.97 -5.75
CA GLN A 7 -18.39 -11.99 -5.25
C GLN A 7 -17.04 -12.63 -4.99
N ASN A 8 -16.27 -12.85 -6.06
CA ASN A 8 -14.96 -13.45 -5.93
C ASN A 8 -13.89 -12.36 -5.86
N LEU A 9 -13.95 -11.45 -6.81
CA LEU A 9 -13.04 -10.30 -6.83
C LEU A 9 -13.39 -9.37 -5.68
N ALA A 10 -12.48 -9.25 -4.72
CA ALA A 10 -12.72 -8.44 -3.55
C ALA A 10 -12.46 -6.97 -3.85
N PRO A 11 -13.39 -6.09 -3.43
CA PRO A 11 -13.24 -4.64 -3.59
C PRO A 11 -12.17 -4.06 -2.66
N GLY A 12 -10.96 -4.58 -2.79
CA GLY A 12 -9.87 -4.16 -1.93
C GLY A 12 -9.00 -3.11 -2.57
N ALA A 13 -9.51 -2.45 -3.60
CA ALA A 13 -8.76 -1.39 -4.24
C ALA A 13 -9.24 -0.04 -3.75
N ARG A 14 -8.89 0.27 -2.50
CA ARG A 14 -9.27 1.51 -1.86
C ARG A 14 -8.21 1.90 -0.84
N CYS A 15 -7.73 3.14 -0.90
CA CYS A 15 -6.75 3.62 0.05
C CYS A 15 -7.33 3.61 1.45
N GLY A 16 -6.78 2.74 2.30
CA GLY A 16 -7.32 2.56 3.64
C GLY A 16 -7.31 3.84 4.45
N VAL A 17 -6.44 4.76 4.08
CA VAL A 17 -6.34 6.04 4.76
C VAL A 17 -7.45 7.00 4.32
N CYS A 18 -7.86 6.88 3.07
CA CYS A 18 -8.84 7.81 2.51
C CYS A 18 -10.22 7.19 2.35
N GLY A 19 -10.26 5.99 1.80
CA GLY A 19 -11.52 5.35 1.48
C GLY A 19 -11.74 5.25 -0.01
N ASP A 20 -11.07 6.14 -0.75
CA ASP A 20 -11.20 6.20 -2.20
C ASP A 20 -10.20 5.30 -2.89
N GLY A 21 -10.55 4.82 -4.08
CA GLY A 21 -9.65 4.00 -4.85
C GLY A 21 -9.11 4.74 -6.07
N THR A 22 -9.43 6.02 -6.14
CA THR A 22 -8.96 6.85 -7.25
C THR A 22 -7.46 7.11 -7.12
N ASP A 23 -6.72 6.84 -8.20
CA ASP A 23 -5.27 7.04 -8.24
C ASP A 23 -4.57 6.24 -7.15
N VAL A 24 -5.06 5.02 -6.93
CA VAL A 24 -4.55 4.20 -5.85
C VAL A 24 -3.36 3.36 -6.32
N LEU A 25 -2.44 3.10 -5.41
CA LEU A 25 -1.24 2.34 -5.72
C LEU A 25 -1.25 1.03 -4.96
N ARG A 26 -0.66 -0.01 -5.56
CA ARG A 26 -0.59 -1.32 -4.94
C ARG A 26 0.87 -1.71 -4.74
N CYS A 27 1.16 -2.49 -3.70
CA CYS A 27 2.52 -3.00 -3.52
C CYS A 27 2.81 -4.03 -4.62
N THR A 28 4.01 -3.99 -5.17
CA THR A 28 4.41 -4.94 -6.20
C THR A 28 4.92 -6.25 -5.56
N HIS A 29 4.84 -6.32 -4.23
CA HIS A 29 5.22 -7.53 -3.52
C HIS A 29 4.11 -7.98 -2.59
N CYS A 30 3.08 -7.15 -2.45
CA CYS A 30 1.96 -7.43 -1.56
C CYS A 30 0.67 -6.91 -2.15
N ALA A 31 -0.41 -7.15 -1.47
CA ALA A 31 -1.69 -6.58 -1.84
C ALA A 31 -2.02 -5.45 -0.89
N ALA A 32 -2.02 -4.23 -1.41
CA ALA A 32 -2.32 -3.06 -0.61
C ALA A 32 -2.62 -1.87 -1.50
N ALA A 33 -3.86 -1.42 -1.48
CA ALA A 33 -4.27 -0.24 -2.21
C ALA A 33 -4.18 0.99 -1.32
N PHE A 34 -3.25 1.86 -1.65
CA PHE A 34 -3.05 3.09 -0.89
C PHE A 34 -2.44 4.15 -1.79
N HIS A 35 -2.61 5.41 -1.41
CA HIS A 35 -1.93 6.48 -2.10
C HIS A 35 -0.56 6.66 -1.48
N TRP A 36 0.47 6.88 -2.29
CA TRP A 36 1.84 6.97 -1.78
C TRP A 36 1.94 7.92 -0.59
N ARG A 37 1.39 9.13 -0.76
CA ARG A 37 1.49 10.18 0.25
C ARG A 37 0.71 9.85 1.51
N CYS A 38 -0.11 8.80 1.45
CA CYS A 38 -0.92 8.40 2.59
C CYS A 38 -0.19 7.41 3.46
N HIS A 39 0.81 6.74 2.89
CA HIS A 39 1.66 5.84 3.66
C HIS A 39 3.00 6.51 3.96
N PHE A 40 3.50 7.29 3.01
CA PHE A 40 4.79 7.92 3.13
C PHE A 40 4.67 9.43 2.95
N PRO A 41 5.54 10.21 3.61
CA PRO A 41 5.62 11.65 3.39
C PRO A 41 5.89 11.98 1.94
N ALA A 42 5.30 13.06 1.48
CA ALA A 42 5.38 13.47 0.08
C ALA A 42 6.80 13.79 -0.34
N GLY A 43 7.69 13.97 0.63
CA GLY A 43 9.09 14.19 0.34
C GLY A 43 9.77 12.92 -0.13
N THR A 44 9.23 11.77 0.25
CA THR A 44 9.77 10.49 -0.14
C THR A 44 9.43 10.19 -1.59
N SER A 45 10.39 9.70 -2.35
CA SER A 45 10.23 9.52 -3.78
C SER A 45 9.63 8.16 -4.11
N ARG A 46 8.58 8.18 -4.91
CA ARG A 46 7.89 6.97 -5.32
C ARG A 46 8.77 6.16 -6.27
N PRO A 47 9.12 4.92 -5.88
CA PRO A 47 10.03 4.07 -6.65
C PRO A 47 9.39 3.58 -7.95
N GLY A 48 10.14 3.70 -9.04
CA GLY A 48 9.67 3.21 -10.32
C GLY A 48 10.05 1.76 -10.53
N THR A 49 10.90 1.26 -9.65
CA THR A 49 11.36 -0.13 -9.71
C THR A 49 10.43 -1.03 -8.90
N GLY A 50 9.15 -0.72 -8.94
CA GLY A 50 8.18 -1.46 -8.18
C GLY A 50 7.69 -0.70 -6.97
N LEU A 51 6.38 -0.51 -6.88
CA LEU A 51 5.79 0.18 -5.76
C LEU A 51 5.91 -0.68 -4.51
N ARG A 52 6.54 -0.14 -3.48
CA ARG A 52 6.81 -0.91 -2.28
C ARG A 52 6.05 -0.35 -1.08
N CYS A 53 5.34 -1.23 -0.39
CA CYS A 53 4.60 -0.85 0.81
C CYS A 53 5.57 -0.62 1.96
N ARG A 54 5.08 -0.15 3.11
CA ARG A 54 5.97 0.32 4.19
C ARG A 54 6.93 -0.78 4.64
N SER A 55 6.43 -2.02 4.67
CA SER A 55 7.26 -3.14 5.08
C SER A 55 8.33 -3.43 4.03
N CYS A 56 7.95 -3.31 2.76
CA CYS A 56 8.87 -3.57 1.67
C CYS A 56 9.91 -2.46 1.52
N SER A 57 9.53 -1.23 1.82
CA SER A 57 10.44 -0.10 1.73
C SER A 57 11.29 0.02 2.99
N GLY A 58 10.87 -0.67 4.04
CA GLY A 58 11.64 -0.71 5.26
C GLY A 58 12.63 -1.85 5.23
N ASP A 59 12.12 -3.06 5.08
CA ASP A 59 12.96 -4.23 4.92
C ASP A 59 13.20 -4.48 3.44
N VAL A 60 14.26 -3.89 2.92
CA VAL A 60 14.55 -3.97 1.50
C VAL A 60 15.42 -5.19 1.21
N THR A 61 14.80 -6.22 0.66
CA THR A 61 15.49 -7.45 0.31
C THR A 61 15.69 -7.55 -1.19
N PRO A 62 16.94 -7.38 -1.67
CA PRO A 62 17.27 -7.48 -3.09
C PRO A 62 16.89 -8.84 -3.66
N ALA A 63 16.38 -8.84 -4.89
CA ALA A 63 15.95 -10.06 -5.55
C ALA A 63 17.11 -11.02 -5.72
N PRO A 64 16.88 -12.32 -5.45
CA PRO A 64 17.91 -13.34 -5.55
C PRO A 64 18.21 -13.72 -6.99
N VAL A 65 18.83 -12.80 -7.71
CA VAL A 65 19.19 -13.03 -9.11
C VAL A 65 20.59 -13.65 -9.18
N GLU A 66 20.67 -14.81 -9.77
CA GLU A 66 21.94 -15.51 -9.92
C GLU A 66 22.30 -15.60 -11.40
#